data_4A98
#
_entry.id   4A98
#
_cell.length_a   106.400
_cell.length_b   268.200
_cell.length_c   111.400
_cell.angle_alpha   90.00
_cell.angle_beta   108.10
_cell.angle_gamma   90.00
#
_symmetry.space_group_name_H-M   'P 1 21 1'
#
loop_
_entity.id
_entity.type
_entity.pdbx_description
1 polymer 'CYS-LOOP LIGAND-GATED ION CHANNEL'
2 non-polymer 7-BROMO-1-[2-(DIETHYLAMINO)ETHYL]-5-(2-FLUOROPHENYL)-1,3-DIHYDRO-2H-1,4-BENZODIAZEPIN-2-ONE
#
_entity_poly.entity_id   1
_entity_poly.type   'polypeptide(L)'
_entity_poly.pdbx_seq_one_letter_code
;PVDVSVSIFINKIYGVNTLEQTYKVDGYIVAQWTGKPRKTPGDKPLIVENTQIERWINNGLWVPALEFINVVGSPDTGNK
RLMLFPDGRVIYNARFLGSFSNDMDFRLFPFDRQQFVLELEPFSYNNQQLRFSDIQVYTENIDNEEIDEWWIRGKASTHI
SDIRYDHLSSVQPNQNEFSRITVRIDAVRNPSYYLWSFILPLGLIIAASWSVFWLESFSERLQTSFTLMLTVVAYAFYTS
NILPRLPYTTVIDQMIIAGYGSIFAAILLIIFAHHRQANGVEDDLLIQRCRLAFPLGFLAIGCVLVI
;
_entity_poly.pdbx_strand_id   A,B,C,D,E,F,G,H,I,J
#
# COMPACT_ATOMS: atom_id res chain seq x y z
N PRO A 1 -11.24 -23.90 54.38
CA PRO A 1 -11.10 -22.65 53.63
C PRO A 1 -10.40 -22.89 52.29
N VAL A 2 -11.12 -22.60 51.19
CA VAL A 2 -10.62 -22.78 49.82
C VAL A 2 -9.62 -21.66 49.50
N ASP A 3 -8.37 -22.03 49.19
CA ASP A 3 -7.31 -21.08 48.83
C ASP A 3 -7.40 -20.78 47.34
N VAL A 4 -7.67 -19.51 46.99
CA VAL A 4 -7.83 -19.07 45.61
C VAL A 4 -6.71 -18.08 45.24
N SER A 5 -5.93 -18.43 44.19
CA SER A 5 -4.84 -17.61 43.67
C SER A 5 -5.36 -16.79 42.49
N VAL A 6 -5.33 -15.46 42.62
CA VAL A 6 -5.84 -14.54 41.61
C VAL A 6 -4.69 -13.81 40.88
N SER A 7 -4.89 -13.52 39.58
CA SER A 7 -3.94 -12.80 38.73
C SER A 7 -4.71 -11.88 37.78
N ILE A 8 -4.48 -10.56 37.91
CA ILE A 8 -5.14 -9.53 37.11
C ILE A 8 -4.16 -9.02 36.05
N PHE A 9 -4.61 -8.94 34.78
CA PHE A 9 -3.81 -8.46 33.66
C PHE A 9 -4.43 -7.19 33.10
N ILE A 10 -3.90 -6.01 33.48
CA ILE A 10 -4.41 -4.71 33.02
C ILE A 10 -3.96 -4.46 31.57
N ASN A 11 -4.93 -4.16 30.67
CA ASN A 11 -4.65 -3.86 29.26
C ASN A 11 -4.75 -2.38 28.97
N LYS A 12 -5.81 -1.71 29.49
CA LYS A 12 -6.06 -0.29 29.24
C LYS A 12 -6.89 0.35 30.35
N ILE A 13 -6.44 1.52 30.82
CA ILE A 13 -7.15 2.37 31.78
C ILE A 13 -7.44 3.66 31.03
N TYR A 14 -8.72 3.90 30.73
CA TYR A 14 -9.17 5.04 29.92
C TYR A 14 -10.54 5.55 30.42
N GLY A 15 -11.04 6.60 29.74
CA GLY A 15 -12.34 7.21 30.00
C GLY A 15 -12.60 7.62 31.43
N VAL A 16 -11.87 8.64 31.90
CA VAL A 16 -12.00 9.15 33.27
C VAL A 16 -13.17 10.14 33.32
N ASN A 17 -14.21 9.79 34.10
CA ASN A 17 -15.39 10.64 34.32
C ASN A 17 -15.13 11.41 35.62
N THR A 18 -14.82 12.70 35.48
CA THR A 18 -14.47 13.59 36.60
C THR A 18 -15.63 13.82 37.58
N LEU A 19 -16.85 14.02 37.07
CA LEU A 19 -18.02 14.27 37.91
C LEU A 19 -18.46 13.01 38.69
N GLU A 20 -18.48 11.84 38.02
CA GLU A 20 -18.89 10.57 38.62
C GLU A 20 -17.74 9.89 39.39
N GLN A 21 -16.48 10.35 39.19
CA GLN A 21 -15.25 9.80 39.80
C GLN A 21 -15.12 8.31 39.39
N THR A 22 -15.22 8.08 38.06
CA THR A 22 -15.21 6.77 37.41
C THR A 22 -14.11 6.70 36.32
N TYR A 23 -13.62 5.48 36.06
CA TYR A 23 -12.60 5.16 35.05
C TYR A 23 -12.83 3.74 34.51
N LYS A 24 -12.67 3.56 33.19
CA LYS A 24 -12.88 2.27 32.52
C LYS A 24 -11.60 1.45 32.51
N VAL A 25 -11.68 0.17 32.91
CA VAL A 25 -10.53 -0.75 32.98
C VAL A 25 -10.83 -2.02 32.17
N ASP A 26 -9.94 -2.35 31.22
CA ASP A 26 -10.00 -3.55 30.38
C ASP A 26 -8.89 -4.49 30.80
N GLY A 27 -9.22 -5.76 31.03
CA GLY A 27 -8.24 -6.75 31.46
C GLY A 27 -8.72 -8.18 31.50
N TYR A 28 -7.96 -9.04 32.22
CA TYR A 28 -8.25 -10.47 32.39
C TYR A 28 -8.14 -10.90 33.86
N ILE A 29 -9.09 -11.75 34.32
CA ILE A 29 -9.08 -12.30 35.69
C ILE A 29 -8.70 -13.77 35.59
N VAL A 30 -7.72 -14.21 36.39
CA VAL A 30 -7.29 -15.61 36.42
C VAL A 30 -7.39 -16.10 37.86
N ALA A 31 -8.41 -16.93 38.16
CA ALA A 31 -8.63 -17.50 39.48
C ALA A 31 -8.31 -18.99 39.47
N GLN A 32 -7.53 -19.45 40.47
CA GLN A 32 -7.13 -20.85 40.57
C GLN A 32 -7.36 -21.40 41.98
N TRP A 33 -8.03 -22.56 42.06
CA TRP A 33 -8.30 -23.28 43.31
C TRP A 33 -8.19 -24.78 43.06
N THR A 34 -7.68 -25.53 44.06
CA THR A 34 -7.52 -26.98 43.94
C THR A 34 -8.74 -27.68 44.54
N GLY A 35 -9.40 -28.49 43.71
CA GLY A 35 -10.59 -29.25 44.10
C GLY A 35 -10.33 -30.74 44.15
N LYS A 36 -11.39 -31.54 43.95
CA LYS A 36 -11.32 -33.00 43.96
C LYS A 36 -10.78 -33.51 42.61
N PRO A 37 -9.90 -34.54 42.58
CA PRO A 37 -9.36 -35.03 41.29
C PRO A 37 -10.45 -35.49 40.32
N ARG A 38 -10.25 -35.19 39.03
CA ARG A 38 -11.17 -35.50 37.93
C ARG A 38 -10.56 -36.49 36.94
N LYS A 39 -11.41 -37.06 36.07
CA LYS A 39 -10.99 -37.99 35.02
C LYS A 39 -11.18 -37.29 33.66
N THR A 40 -10.17 -36.51 33.26
CA THR A 40 -10.16 -35.74 32.00
C THR A 40 -9.89 -36.67 30.80
N PRO A 41 -10.45 -36.37 29.59
CA PRO A 41 -10.19 -37.24 28.42
C PRO A 41 -8.69 -37.42 28.18
N GLY A 42 -8.27 -38.69 28.15
CA GLY A 42 -6.87 -39.06 28.03
C GLY A 42 -6.22 -38.91 29.38
N ASP A 43 -5.55 -37.77 29.60
CA ASP A 43 -4.90 -37.40 30.86
C ASP A 43 -4.55 -35.90 30.88
N LYS A 44 -4.54 -35.27 29.70
CA LYS A 44 -4.23 -33.84 29.56
C LYS A 44 -5.39 -32.96 30.11
N PRO A 45 -5.11 -31.73 30.63
CA PRO A 45 -6.19 -30.90 31.19
C PRO A 45 -7.27 -30.53 30.17
N LEU A 46 -8.54 -30.67 30.60
CA LEU A 46 -9.72 -30.37 29.77
C LEU A 46 -10.05 -28.88 29.77
N ILE A 47 -10.33 -28.33 28.57
CA ILE A 47 -10.68 -26.92 28.38
C ILE A 47 -12.20 -26.82 28.13
N VAL A 48 -12.86 -25.92 28.89
CA VAL A 48 -14.28 -25.64 28.81
C VAL A 48 -14.44 -24.16 28.44
N GLU A 49 -15.10 -23.86 27.30
CA GLU A 49 -15.26 -22.49 26.82
C GLU A 49 -16.70 -21.98 26.87
N ASN A 50 -16.84 -20.69 27.22
CA ASN A 50 -18.05 -19.85 27.31
C ASN A 50 -19.33 -20.59 27.73
N THR A 51 -20.19 -20.96 26.75
CA THR A 51 -21.50 -21.61 26.92
C THR A 51 -21.42 -22.90 27.75
N GLN A 52 -20.40 -23.72 27.49
CA GLN A 52 -20.20 -25.02 28.13
C GLN A 52 -19.88 -24.90 29.64
N ILE A 53 -19.38 -23.73 30.11
CA ILE A 53 -19.06 -23.49 31.53
C ILE A 53 -20.35 -23.58 32.36
N GLU A 54 -21.44 -22.96 31.86
CA GLU A 54 -22.77 -22.96 32.48
C GLU A 54 -23.34 -24.38 32.59
N ARG A 55 -23.09 -25.22 31.56
CA ARG A 55 -23.53 -26.62 31.50
C ARG A 55 -22.87 -27.47 32.59
N TRP A 56 -21.58 -27.21 32.88
CA TRP A 56 -20.79 -27.92 33.89
C TRP A 56 -21.23 -27.58 35.31
N ILE A 57 -21.62 -26.30 35.55
CA ILE A 57 -22.09 -25.79 36.84
C ILE A 57 -23.44 -26.47 37.18
N ASN A 58 -24.32 -26.63 36.17
CA ASN A 58 -25.63 -27.30 36.27
C ASN A 58 -25.46 -28.75 36.72
N ASN A 59 -24.38 -29.42 36.26
CA ASN A 59 -24.05 -30.79 36.61
C ASN A 59 -23.52 -30.88 38.05
N GLY A 60 -22.89 -29.80 38.52
CA GLY A 60 -22.36 -29.72 39.88
C GLY A 60 -20.99 -29.11 40.07
N LEU A 61 -20.49 -28.34 39.08
CA LEU A 61 -19.18 -27.69 39.21
C LEU A 61 -19.30 -26.45 40.08
N TRP A 62 -18.43 -26.35 41.09
CA TRP A 62 -18.41 -25.20 41.99
C TRP A 62 -17.53 -24.12 41.40
N VAL A 63 -18.16 -23.05 40.90
CA VAL A 63 -17.47 -21.88 40.35
C VAL A 63 -17.93 -20.68 41.20
N PRO A 64 -17.08 -20.17 42.11
CA PRO A 64 -17.52 -19.06 42.98
C PRO A 64 -17.64 -17.73 42.25
N ALA A 65 -18.67 -16.95 42.63
CA ALA A 65 -18.90 -15.63 42.06
C ALA A 65 -18.06 -14.61 42.79
N LEU A 66 -17.00 -14.11 42.11
CA LEU A 66 -16.10 -13.11 42.67
C LEU A 66 -16.54 -11.75 42.13
N GLU A 67 -16.99 -10.87 43.04
CA GLU A 67 -17.51 -9.55 42.66
C GLU A 67 -16.48 -8.43 42.80
N PHE A 68 -16.53 -7.48 41.85
CA PHE A 68 -15.75 -6.26 41.86
C PHE A 68 -16.53 -5.25 42.70
N ILE A 69 -16.02 -4.96 43.92
CA ILE A 69 -16.66 -4.09 44.90
C ILE A 69 -16.86 -2.66 44.36
N ASN A 70 -15.83 -2.09 43.73
CA ASN A 70 -15.86 -0.71 43.24
C ASN A 70 -16.39 -0.55 41.79
N VAL A 71 -16.91 -1.63 41.17
CA VAL A 71 -17.44 -1.54 39.79
C VAL A 71 -18.82 -0.84 39.80
N VAL A 72 -19.09 -0.07 38.75
CA VAL A 72 -20.34 0.67 38.54
C VAL A 72 -21.24 -0.22 37.66
N GLY A 73 -22.21 -0.86 38.29
CA GLY A 73 -23.14 -1.78 37.64
C GLY A 73 -22.52 -3.14 37.41
N SER A 74 -22.76 -3.72 36.23
CA SER A 74 -22.22 -5.03 35.87
C SER A 74 -21.20 -4.88 34.73
N PRO A 75 -20.00 -5.49 34.84
CA PRO A 75 -19.00 -5.33 33.77
C PRO A 75 -19.27 -6.20 32.54
N ASP A 76 -18.74 -5.76 31.39
CA ASP A 76 -18.84 -6.46 30.12
C ASP A 76 -17.82 -7.59 30.09
N THR A 77 -18.29 -8.82 30.37
CA THR A 77 -17.45 -10.01 30.39
C THR A 77 -17.35 -10.57 28.97
N GLY A 78 -16.11 -10.74 28.49
CA GLY A 78 -15.82 -11.26 27.17
C GLY A 78 -15.81 -12.77 27.16
N ASN A 79 -14.72 -13.36 26.61
CA ASN A 79 -14.56 -14.81 26.53
C ASN A 79 -14.28 -15.41 27.90
N LYS A 80 -14.96 -16.53 28.22
CA LYS A 80 -14.83 -17.27 29.47
C LYS A 80 -14.12 -18.60 29.21
N ARG A 81 -13.31 -19.07 30.17
CA ARG A 81 -12.56 -20.31 30.04
C ARG A 81 -12.38 -21.03 31.38
N LEU A 82 -12.60 -22.35 31.37
CA LEU A 82 -12.40 -23.22 32.52
C LEU A 82 -11.42 -24.32 32.17
N MET A 83 -10.24 -24.33 32.83
CA MET A 83 -9.24 -25.35 32.59
C MET A 83 -9.26 -26.33 33.75
N LEU A 84 -9.87 -27.50 33.52
CA LEU A 84 -10.01 -28.56 34.53
C LEU A 84 -8.87 -29.55 34.40
N PHE A 85 -8.11 -29.72 35.49
CA PHE A 85 -6.96 -30.61 35.56
C PHE A 85 -7.30 -31.95 36.22
N PRO A 86 -6.63 -33.07 35.84
CA PRO A 86 -6.95 -34.37 36.47
C PRO A 86 -6.54 -34.46 37.94
N ASP A 87 -5.53 -33.65 38.36
CA ASP A 87 -5.05 -33.64 39.74
C ASP A 87 -6.03 -32.92 40.68
N GLY A 88 -6.97 -32.14 40.11
CA GLY A 88 -8.00 -31.46 40.88
C GLY A 88 -8.14 -29.96 40.66
N ARG A 89 -7.00 -29.25 40.47
CA ARG A 89 -6.95 -27.79 40.31
C ARG A 89 -7.82 -27.30 39.14
N VAL A 90 -8.55 -26.20 39.37
CA VAL A 90 -9.48 -25.56 38.42
C VAL A 90 -9.02 -24.12 38.17
N ILE A 91 -8.82 -23.74 36.90
CA ILE A 91 -8.39 -22.40 36.51
C ILE A 91 -9.49 -21.69 35.69
N TYR A 92 -9.98 -20.55 36.20
CA TYR A 92 -11.00 -19.74 35.54
C TYR A 92 -10.35 -18.51 34.92
N ASN A 93 -10.45 -18.36 33.59
CA ASN A 93 -9.89 -17.23 32.84
C ASN A 93 -10.99 -16.54 32.05
N ALA A 94 -11.14 -15.21 32.24
CA ALA A 94 -12.16 -14.43 31.53
C ALA A 94 -11.72 -12.97 31.33
N ARG A 95 -11.99 -12.43 30.13
CA ARG A 95 -11.70 -11.02 29.82
C ARG A 95 -12.83 -10.16 30.36
N PHE A 96 -12.49 -8.99 30.92
CA PHE A 96 -13.48 -8.08 31.50
C PHE A 96 -13.24 -6.63 31.11
N LEU A 97 -14.32 -5.85 31.08
CA LEU A 97 -14.33 -4.41 30.85
C LEU A 97 -15.40 -3.82 31.75
N GLY A 98 -14.96 -3.01 32.71
CA GLY A 98 -15.86 -2.40 33.67
C GLY A 98 -15.51 -0.97 34.04
N SER A 99 -16.52 -0.22 34.48
CA SER A 99 -16.38 1.17 34.93
C SER A 99 -16.20 1.13 36.45
N PHE A 100 -15.00 1.49 36.93
CA PHE A 100 -14.69 1.41 38.36
C PHE A 100 -14.69 2.79 39.02
N SER A 101 -15.13 2.85 40.28
CA SER A 101 -15.22 4.07 41.07
C SER A 101 -14.18 4.10 42.19
N ASN A 102 -13.68 5.31 42.50
CA ASN A 102 -12.70 5.61 43.55
C ASN A 102 -12.76 7.10 43.89
N ASP A 103 -12.44 7.47 45.14
CA ASP A 103 -12.39 8.86 45.61
C ASP A 103 -11.28 9.58 44.84
N MET A 104 -11.68 10.55 43.99
CA MET A 104 -10.73 11.26 43.15
C MET A 104 -10.78 12.77 43.38
N ASP A 105 -9.61 13.35 43.70
CA ASP A 105 -9.41 14.77 43.96
C ASP A 105 -8.81 15.43 42.71
N PHE A 106 -9.57 16.34 42.08
CA PHE A 106 -9.13 17.06 40.88
C PHE A 106 -8.95 18.56 41.19
N ARG A 107 -8.67 18.88 42.47
CA ARG A 107 -8.50 20.25 42.96
C ARG A 107 -7.31 20.97 42.32
N LEU A 108 -6.14 20.31 42.25
CA LEU A 108 -4.93 20.91 41.68
C LEU A 108 -4.72 20.49 40.21
N PHE A 109 -5.80 20.61 39.41
CA PHE A 109 -5.84 20.33 37.98
C PHE A 109 -5.05 21.43 37.22
N PRO A 110 -4.30 21.12 36.14
CA PRO A 110 -4.12 19.83 35.44
C PRO A 110 -2.97 18.98 35.98
N PHE A 111 -2.45 19.32 37.17
CA PHE A 111 -1.32 18.61 37.78
C PHE A 111 -1.85 17.60 38.83
N ASP A 112 -2.77 16.72 38.37
CA ASP A 112 -3.45 15.69 39.16
C ASP A 112 -2.59 14.48 39.48
N ARG A 113 -2.79 13.94 40.70
CA ARG A 113 -2.14 12.73 41.20
C ARG A 113 -3.26 11.78 41.57
N GLN A 114 -3.62 10.88 40.64
CA GLN A 114 -4.72 9.95 40.83
C GLN A 114 -4.28 8.50 40.82
N GLN A 115 -4.94 7.66 41.64
CA GLN A 115 -4.65 6.23 41.69
C GLN A 115 -5.89 5.42 41.33
N PHE A 116 -5.74 4.54 40.32
CA PHE A 116 -6.80 3.68 39.84
C PHE A 116 -6.82 2.41 40.68
N VAL A 117 -7.92 2.22 41.42
CA VAL A 117 -8.10 1.10 42.36
C VAL A 117 -9.05 0.03 41.79
N LEU A 118 -8.79 -1.23 42.13
CA LEU A 118 -9.57 -2.42 41.78
C LEU A 118 -9.76 -3.24 43.05
N GLU A 119 -11.02 -3.53 43.40
CA GLU A 119 -11.32 -4.28 44.63
C GLU A 119 -12.09 -5.56 44.32
N LEU A 120 -11.49 -6.73 44.64
CA LEU A 120 -12.09 -8.04 44.42
C LEU A 120 -12.43 -8.71 45.75
N GLU A 121 -13.61 -9.34 45.82
CA GLU A 121 -14.12 -10.02 47.03
C GLU A 121 -15.17 -11.07 46.64
N PRO A 122 -15.18 -12.29 47.28
CA PRO A 122 -16.23 -13.27 46.95
C PRO A 122 -17.60 -12.77 47.40
N PHE A 123 -18.62 -12.91 46.54
CA PHE A 123 -19.96 -12.40 46.78
C PHE A 123 -20.73 -13.15 47.88
N SER A 124 -20.53 -14.48 48.00
CA SER A 124 -21.30 -15.28 48.96
C SER A 124 -20.47 -15.94 50.06
N TYR A 125 -19.30 -16.47 49.72
CA TYR A 125 -18.45 -17.22 50.65
C TYR A 125 -17.52 -16.29 51.45
N ASN A 126 -17.51 -16.47 52.79
CA ASN A 126 -16.72 -15.68 53.73
C ASN A 126 -15.26 -16.18 53.79
N ASN A 127 -14.42 -15.54 54.65
CA ASN A 127 -12.99 -15.86 54.83
C ASN A 127 -12.73 -17.31 55.31
N GLN A 128 -13.69 -17.89 56.05
CA GLN A 128 -13.59 -19.26 56.58
C GLN A 128 -13.97 -20.28 55.49
N GLN A 129 -14.70 -19.84 54.44
CA GLN A 129 -15.11 -20.68 53.32
C GLN A 129 -14.17 -20.49 52.12
N LEU A 130 -13.90 -19.22 51.75
CA LEU A 130 -13.03 -18.85 50.64
C LEU A 130 -11.98 -17.83 51.09
N ARG A 131 -10.71 -18.15 50.85
CA ARG A 131 -9.57 -17.30 51.22
C ARG A 131 -8.71 -17.00 49.99
N PHE A 132 -8.28 -15.74 49.85
CA PHE A 132 -7.40 -15.34 48.75
C PHE A 132 -5.95 -15.60 49.16
N SER A 133 -5.34 -16.65 48.58
CA SER A 133 -3.97 -17.07 48.88
C SER A 133 -2.92 -16.03 48.47
N ASP A 134 -2.93 -15.62 47.18
CA ASP A 134 -1.99 -14.63 46.62
C ASP A 134 -2.57 -13.92 45.40
N ILE A 135 -2.09 -12.69 45.13
CA ILE A 135 -2.52 -11.89 43.99
C ILE A 135 -1.32 -11.14 43.36
N GLN A 136 -1.27 -11.15 42.02
CA GLN A 136 -0.23 -10.49 41.23
C GLN A 136 -0.85 -9.80 40.01
N VAL A 137 -0.51 -8.51 39.82
CA VAL A 137 -1.02 -7.67 38.73
C VAL A 137 0.06 -7.48 37.68
N TYR A 138 -0.33 -7.49 36.39
CA TYR A 138 0.59 -7.34 35.28
C TYR A 138 0.16 -6.17 34.39
N THR A 139 0.81 -5.02 34.59
CA THR A 139 0.61 -3.80 33.82
C THR A 139 1.62 -3.82 32.68
N GLU A 140 1.19 -4.38 31.52
CA GLU A 140 2.02 -4.52 30.32
C GLU A 140 2.00 -3.23 29.48
N ASN A 141 1.98 -2.07 30.17
CA ASN A 141 1.96 -0.73 29.57
C ASN A 141 3.34 -0.09 29.74
N ILE A 142 4.00 0.24 28.61
CA ILE A 142 5.33 0.84 28.56
C ILE A 142 5.51 1.68 27.30
N ASP A 143 6.35 2.75 27.39
CA ASP A 143 6.70 3.73 26.34
C ASP A 143 5.47 4.55 25.85
N ASN A 144 5.75 5.58 25.00
CA ASN A 144 4.77 6.49 24.38
C ASN A 144 3.89 7.18 25.44
N GLU A 145 4.53 7.79 26.46
CA GLU A 145 3.83 8.51 27.54
C GLU A 145 3.25 9.83 27.03
N GLU A 146 3.99 10.53 26.14
CA GLU A 146 3.62 11.82 25.54
C GLU A 146 2.37 11.73 24.64
N ILE A 147 2.00 10.51 24.21
CA ILE A 147 0.82 10.22 23.38
C ILE A 147 -0.39 9.94 24.28
N ASP A 148 -0.20 9.19 25.38
CA ASP A 148 -1.24 8.84 26.33
C ASP A 148 -1.61 10.02 27.23
N GLU A 149 -2.90 10.09 27.64
CA GLU A 149 -3.45 11.14 28.51
C GLU A 149 -2.89 11.07 29.93
N TRP A 150 -2.67 9.85 30.44
CA TRP A 150 -2.16 9.61 31.79
C TRP A 150 -0.80 8.91 31.77
N TRP A 151 0.04 9.25 32.77
CA TRP A 151 1.37 8.67 32.91
C TRP A 151 1.42 7.73 34.11
N ILE A 152 1.37 6.42 33.86
CA ILE A 152 1.44 5.38 34.88
C ILE A 152 2.85 5.42 35.48
N ARG A 153 2.95 5.61 36.80
CA ARG A 153 4.23 5.72 37.48
C ARG A 153 4.61 4.40 38.16
N GLY A 154 3.83 3.98 39.15
CA GLY A 154 4.05 2.73 39.87
C GLY A 154 3.70 1.53 39.02
N LYS A 155 4.39 0.39 39.26
CA LYS A 155 4.16 -0.85 38.53
C LYS A 155 2.77 -1.39 38.89
N ALA A 156 2.50 -1.59 40.20
CA ALA A 156 1.23 -2.06 40.80
C ALA A 156 1.37 -2.25 42.31
N SER A 157 0.35 -1.83 43.08
CA SER A 157 0.32 -2.01 44.54
C SER A 157 -0.82 -2.96 44.90
N THR A 158 -0.50 -4.05 45.60
CA THR A 158 -1.49 -5.06 46.01
C THR A 158 -1.60 -5.19 47.52
N HIS A 159 -2.80 -5.55 48.01
CA HIS A 159 -3.08 -5.75 49.43
C HIS A 159 -4.27 -6.70 49.64
N ILE A 160 -4.01 -7.86 50.29
CA ILE A 160 -5.04 -8.83 50.65
C ILE A 160 -5.34 -8.61 52.14
N SER A 161 -6.60 -8.30 52.45
CA SER A 161 -7.04 -8.01 53.81
C SER A 161 -8.42 -8.60 54.08
N ASP A 162 -8.73 -8.85 55.36
CA ASP A 162 -10.03 -9.38 55.78
C ASP A 162 -10.92 -8.23 56.22
N ILE A 163 -12.03 -8.02 55.49
CA ILE A 163 -12.99 -6.95 55.73
C ILE A 163 -14.14 -7.48 56.59
N ARG A 164 -14.41 -6.78 57.70
CA ARG A 164 -15.46 -7.09 58.66
C ARG A 164 -16.61 -6.11 58.47
N TYR A 165 -17.84 -6.65 58.31
CA TYR A 165 -19.04 -5.83 58.13
C TYR A 165 -19.79 -5.67 59.45
N ASP A 166 -20.27 -4.43 59.73
CA ASP A 166 -20.99 -4.08 60.95
C ASP A 166 -22.36 -4.76 61.01
N HIS A 167 -23.17 -4.61 59.93
CA HIS A 167 -24.51 -5.14 59.65
C HIS A 167 -25.57 -4.93 60.78
N LEU A 168 -25.22 -5.20 62.05
CA LEU A 168 -26.06 -5.12 63.27
C LEU A 168 -27.11 -6.25 63.27
N SER A 169 -27.08 -7.09 64.33
CA SER A 169 -27.93 -8.26 64.61
C SER A 169 -27.87 -9.31 63.46
N SER A 170 -28.84 -9.30 62.51
CA SER A 170 -28.98 -10.20 61.35
C SER A 170 -29.04 -11.71 61.77
N VAL A 171 -28.72 -12.63 60.82
CA VAL A 171 -28.74 -14.08 61.05
C VAL A 171 -27.32 -14.64 61.29
N GLN A 172 -26.31 -14.18 60.52
CA GLN A 172 -24.93 -14.61 60.65
C GLN A 172 -24.26 -13.98 61.90
N PRO A 173 -23.77 -14.79 62.87
CA PRO A 173 -23.16 -14.19 64.07
C PRO A 173 -21.67 -13.83 63.89
N ASN A 174 -20.75 -14.80 64.10
CA ASN A 174 -19.30 -14.61 63.99
C ASN A 174 -18.85 -14.50 62.52
N GLN A 175 -19.43 -15.32 61.62
CA GLN A 175 -19.11 -15.35 60.19
C GLN A 175 -19.57 -14.06 59.50
N ASN A 176 -18.72 -13.00 59.60
CA ASN A 176 -18.97 -11.69 59.02
C ASN A 176 -17.66 -11.05 58.49
N GLU A 177 -16.64 -11.90 58.22
CA GLU A 177 -15.34 -11.48 57.71
C GLU A 177 -15.11 -12.07 56.30
N PHE A 178 -14.71 -11.22 55.34
CA PHE A 178 -14.47 -11.59 53.94
C PHE A 178 -13.08 -11.14 53.46
N SER A 179 -12.36 -12.01 52.74
CA SER A 179 -11.04 -11.69 52.19
C SER A 179 -11.21 -10.80 50.94
N ARG A 180 -10.47 -9.66 50.89
CA ARG A 180 -10.58 -8.70 49.80
C ARG A 180 -9.21 -8.32 49.23
N ILE A 181 -9.10 -8.37 47.89
CA ILE A 181 -7.92 -7.97 47.12
C ILE A 181 -8.09 -6.51 46.72
N THR A 182 -7.09 -5.66 47.03
CA THR A 182 -7.12 -4.25 46.67
C THR A 182 -5.90 -3.96 45.81
N VAL A 183 -6.15 -3.56 44.56
CA VAL A 183 -5.13 -3.25 43.55
C VAL A 183 -5.09 -1.72 43.36
N ARG A 184 -3.89 -1.11 43.45
CA ARG A 184 -3.73 0.34 43.28
C ARG A 184 -2.66 0.65 42.24
N ILE A 185 -3.03 1.45 41.22
CA ILE A 185 -2.12 1.87 40.14
C ILE A 185 -2.08 3.41 40.13
N ASP A 186 -0.96 3.99 40.60
CA ASP A 186 -0.76 5.43 40.66
C ASP A 186 -0.43 6.01 39.29
N ALA A 187 -1.00 7.19 38.97
CA ALA A 187 -0.80 7.87 37.69
C ALA A 187 -0.82 9.40 37.82
N VAL A 188 -0.09 10.09 36.91
CA VAL A 188 0.02 11.54 36.84
C VAL A 188 -0.52 12.01 35.48
N ARG A 189 -1.37 13.05 35.46
CA ARG A 189 -1.97 13.61 34.26
C ARG A 189 -0.91 14.34 33.41
N ASN A 190 -1.02 14.21 32.07
CA ASN A 190 -0.14 14.87 31.09
C ASN A 190 -0.57 16.36 30.99
N PRO A 191 0.26 17.31 31.49
CA PRO A 191 -0.18 18.72 31.47
C PRO A 191 0.27 19.54 30.25
N SER A 192 0.93 18.89 29.27
CA SER A 192 1.47 19.52 28.05
C SER A 192 0.43 20.31 27.25
N TYR A 193 -0.82 19.80 27.15
CA TYR A 193 -1.87 20.50 26.41
C TYR A 193 -2.40 21.68 27.18
N TYR A 194 -2.78 21.48 28.45
CA TYR A 194 -3.37 22.49 29.32
C TYR A 194 -2.38 23.62 29.68
N LEU A 195 -1.07 23.34 29.72
CA LEU A 195 -0.06 24.37 30.02
C LEU A 195 0.13 25.32 28.85
N TRP A 196 0.24 24.78 27.63
CA TRP A 196 0.48 25.57 26.43
C TRP A 196 -0.80 26.18 25.84
N SER A 197 -1.94 25.45 25.85
CA SER A 197 -3.19 25.94 25.26
C SER A 197 -4.16 26.61 26.26
N PHE A 198 -3.92 26.52 27.58
CA PHE A 198 -4.82 27.15 28.54
C PHE A 198 -4.11 28.04 29.55
N ILE A 199 -3.01 27.57 30.17
CA ILE A 199 -2.26 28.34 31.19
C ILE A 199 -1.51 29.51 30.53
N LEU A 200 -0.69 29.21 29.49
CA LEU A 200 0.12 30.18 28.76
C LEU A 200 -0.72 31.31 28.11
N PRO A 201 -1.80 31.05 27.32
CA PRO A 201 -2.54 32.19 26.73
C PRO A 201 -3.30 33.01 27.78
N LEU A 202 -3.80 32.37 28.85
CA LEU A 202 -4.51 33.05 29.94
C LEU A 202 -3.57 34.02 30.65
N GLY A 203 -2.32 33.59 30.86
CA GLY A 203 -1.28 34.40 31.47
C GLY A 203 -1.02 35.68 30.71
N LEU A 204 -1.05 35.59 29.35
CA LEU A 204 -0.86 36.71 28.43
C LEU A 204 -2.05 37.67 28.49
N ILE A 205 -3.29 37.16 28.72
CA ILE A 205 -4.51 37.98 28.84
C ILE A 205 -4.39 38.88 30.08
N ILE A 206 -4.00 38.31 31.24
CA ILE A 206 -3.84 39.02 32.50
C ILE A 206 -2.66 40.00 32.41
N ALA A 207 -1.58 39.60 31.71
CA ALA A 207 -0.40 40.44 31.51
C ALA A 207 -0.75 41.66 30.65
N ALA A 208 -1.54 41.45 29.57
CA ALA A 208 -2.00 42.52 28.68
C ALA A 208 -3.09 43.36 29.37
N SER A 209 -3.77 42.80 30.39
CA SER A 209 -4.79 43.49 31.17
C SER A 209 -4.19 44.65 31.98
N TRP A 210 -2.92 44.50 32.41
CA TRP A 210 -2.17 45.49 33.19
C TRP A 210 -1.59 46.59 32.30
N SER A 211 -1.68 46.43 30.96
CA SER A 211 -1.17 47.42 30.01
C SER A 211 -2.19 48.54 29.75
N VAL A 212 -3.33 48.51 30.46
CA VAL A 212 -4.42 49.50 30.36
C VAL A 212 -3.98 50.84 31.02
N PHE A 213 -3.02 50.79 31.97
CA PHE A 213 -2.53 51.98 32.68
C PHE A 213 -1.54 52.77 31.84
N TRP A 214 -1.01 52.18 30.74
CA TRP A 214 -0.07 52.88 29.86
C TRP A 214 -0.81 53.83 28.90
N LEU A 215 -2.16 53.85 28.94
CA LEU A 215 -2.99 54.77 28.15
C LEU A 215 -2.94 56.16 28.76
N GLU A 216 -3.06 57.22 27.93
CA GLU A 216 -2.97 58.60 28.38
C GLU A 216 -4.29 59.14 28.96
N SER A 217 -5.38 59.15 28.16
CA SER A 217 -6.69 59.66 28.55
C SER A 217 -7.44 58.73 29.50
N PHE A 218 -8.25 59.31 30.42
CA PHE A 218 -9.08 58.60 31.40
C PHE A 218 -10.19 57.82 30.68
N SER A 219 -10.77 58.41 29.61
CA SER A 219 -11.81 57.81 28.78
C SER A 219 -11.27 56.56 28.09
N GLU A 220 -10.01 56.62 27.63
CA GLU A 220 -9.28 55.51 27.00
C GLU A 220 -9.01 54.41 28.02
N ARG A 221 -8.55 54.80 29.22
CA ARG A 221 -8.22 53.91 30.35
C ARG A 221 -9.44 53.15 30.87
N LEU A 222 -10.63 53.77 30.83
CA LEU A 222 -11.87 53.14 31.33
C LEU A 222 -12.53 52.26 30.27
N GLN A 223 -12.71 52.77 29.03
CA GLN A 223 -13.38 52.05 27.93
C GLN A 223 -12.63 50.75 27.52
N THR A 224 -11.29 50.73 27.64
CA THR A 224 -10.45 49.58 27.29
C THR A 224 -10.64 48.46 28.34
N SER A 225 -10.83 48.81 29.63
CA SER A 225 -11.03 47.83 30.70
C SER A 225 -12.38 47.07 30.56
N PHE A 226 -13.34 47.66 29.81
CA PHE A 226 -14.63 47.01 29.52
C PHE A 226 -14.44 45.91 28.47
N THR A 227 -13.53 46.16 27.49
CA THR A 227 -13.17 45.23 26.43
C THR A 227 -12.36 44.10 27.07
N LEU A 228 -11.50 44.46 28.06
CA LEU A 228 -10.67 43.55 28.85
C LEU A 228 -11.54 42.58 29.66
N MET A 229 -12.66 43.10 30.23
CA MET A 229 -13.65 42.36 31.00
C MET A 229 -14.32 41.32 30.09
N LEU A 230 -14.70 41.75 28.87
CA LEU A 230 -15.34 40.94 27.84
C LEU A 230 -14.39 39.83 27.34
N THR A 231 -13.07 40.08 27.35
CA THR A 231 -12.04 39.12 26.91
C THR A 231 -11.96 37.95 27.91
N VAL A 232 -12.05 38.25 29.23
CA VAL A 232 -12.00 37.24 30.29
C VAL A 232 -13.31 36.42 30.26
N VAL A 233 -14.47 37.07 29.98
CA VAL A 233 -15.78 36.40 29.86
C VAL A 233 -15.72 35.40 28.70
N ALA A 234 -15.16 35.84 27.54
CA ALA A 234 -14.99 35.02 26.34
C ALA A 234 -14.01 33.86 26.61
N TYR A 235 -12.99 34.09 27.46
CA TYR A 235 -12.00 33.08 27.80
C TYR A 235 -12.57 32.10 28.83
N ALA A 236 -13.33 32.59 29.84
CA ALA A 236 -13.96 31.79 30.89
C ALA A 236 -14.92 30.77 30.28
N PHE A 237 -15.57 31.16 29.17
CA PHE A 237 -16.49 30.34 28.40
C PHE A 237 -15.70 29.29 27.61
N TYR A 238 -14.57 29.71 26.98
CA TYR A 238 -13.67 28.83 26.22
C TYR A 238 -13.06 27.76 27.13
N THR A 239 -12.74 28.12 28.37
CA THR A 239 -12.15 27.24 29.38
C THR A 239 -13.17 26.19 29.82
N SER A 240 -14.30 26.63 30.42
CA SER A 240 -15.38 25.80 30.98
C SER A 240 -16.01 24.81 29.97
N ASN A 241 -16.05 25.16 28.67
CA ASN A 241 -16.64 24.31 27.62
C ASN A 241 -15.75 23.11 27.28
N ILE A 242 -14.41 23.27 27.34
CA ILE A 242 -13.44 22.22 27.01
C ILE A 242 -12.99 21.47 28.28
N LEU A 243 -12.71 22.22 29.38
CA LEU A 243 -12.27 21.67 30.66
C LEU A 243 -13.33 20.75 31.31
N PRO A 244 -12.91 19.72 32.09
CA PRO A 244 -13.89 18.80 32.69
C PRO A 244 -14.80 19.46 33.74
N ARG A 245 -16.07 19.02 33.78
CA ARG A 245 -17.08 19.50 34.70
C ARG A 245 -16.81 18.96 36.11
N LEU A 246 -16.70 19.87 37.10
CA LEU A 246 -16.39 19.53 38.48
C LEU A 246 -17.22 20.34 39.50
N PRO A 247 -17.49 19.83 40.73
CA PRO A 247 -18.26 20.60 41.71
C PRO A 247 -17.40 21.52 42.58
N TYR A 248 -16.13 21.76 42.17
CA TYR A 248 -15.18 22.63 42.88
C TYR A 248 -14.23 23.33 41.89
N THR A 249 -13.66 24.48 42.29
CA THR A 249 -12.76 25.30 41.48
C THR A 249 -11.34 24.69 41.41
N THR A 250 -10.75 24.72 40.21
CA THR A 250 -9.39 24.22 39.94
C THR A 250 -8.40 25.40 39.91
N VAL A 251 -7.11 25.13 39.60
CA VAL A 251 -6.05 26.15 39.51
C VAL A 251 -6.37 27.11 38.34
N ILE A 252 -6.82 26.55 37.20
CA ILE A 252 -7.20 27.29 36.00
C ILE A 252 -8.45 28.13 36.29
N ASP A 253 -9.43 27.54 37.04
CA ASP A 253 -10.66 28.23 37.43
C ASP A 253 -10.36 29.41 38.35
N GLN A 254 -9.39 29.24 39.28
CA GLN A 254 -8.96 30.27 40.23
C GLN A 254 -8.26 31.42 39.52
N MET A 255 -7.52 31.10 38.43
CA MET A 255 -6.81 32.08 37.60
C MET A 255 -7.79 33.02 36.90
N ILE A 256 -8.96 32.49 36.49
CA ILE A 256 -10.06 33.21 35.83
C ILE A 256 -10.64 34.25 36.81
N ILE A 257 -10.88 33.84 38.08
CA ILE A 257 -11.43 34.69 39.16
C ILE A 257 -10.45 35.83 39.43
N ALA A 258 -9.14 35.52 39.43
CA ALA A 258 -8.05 36.47 39.63
C ALA A 258 -7.99 37.51 38.50
N GLY A 259 -8.38 37.08 37.29
CA GLY A 259 -8.46 37.92 36.10
C GLY A 259 -9.58 38.93 36.20
N TYR A 260 -10.77 38.48 36.67
CA TYR A 260 -11.95 39.31 36.90
C TYR A 260 -11.67 40.36 37.97
N GLY A 261 -10.98 39.93 39.04
CA GLY A 261 -10.59 40.77 40.16
C GLY A 261 -9.61 41.85 39.79
N SER A 262 -8.61 41.50 38.94
CA SER A 262 -7.57 42.39 38.43
C SER A 262 -8.17 43.54 37.61
N ILE A 263 -9.20 43.24 36.79
CA ILE A 263 -9.89 44.21 35.95
C ILE A 263 -10.81 45.07 36.83
N PHE A 264 -11.53 44.45 37.78
CA PHE A 264 -12.43 45.19 38.68
C PHE A 264 -11.66 46.12 39.61
N ALA A 265 -10.45 45.71 40.06
CA ALA A 265 -9.58 46.53 40.91
C ALA A 265 -9.05 47.72 40.11
N ALA A 266 -8.78 47.50 38.80
CA ALA A 266 -8.32 48.52 37.87
C ALA A 266 -9.43 49.55 37.64
N ILE A 267 -10.69 49.08 37.42
CA ILE A 267 -11.89 49.91 37.21
C ILE A 267 -12.03 50.90 38.38
N LEU A 268 -11.92 50.40 39.63
CA LEU A 268 -12.03 51.20 40.85
C LEU A 268 -10.90 52.22 40.97
N LEU A 269 -9.66 51.82 40.66
CA LEU A 269 -8.48 52.69 40.73
C LEU A 269 -8.48 53.75 39.64
N ILE A 270 -8.96 53.43 38.42
CA ILE A 270 -9.02 54.37 37.29
C ILE A 270 -10.04 55.49 37.62
N ILE A 271 -11.17 55.12 38.27
CA ILE A 271 -12.20 56.08 38.71
C ILE A 271 -11.62 56.92 39.86
N PHE A 272 -10.90 56.26 40.80
CA PHE A 272 -10.25 56.87 41.97
C PHE A 272 -9.15 57.85 41.57
N ALA A 273 -8.45 57.58 40.45
CA ALA A 273 -7.38 58.45 39.94
C ALA A 273 -7.93 59.80 39.46
N HIS A 274 -8.98 59.74 38.64
CA HIS A 274 -9.64 60.89 38.02
C HIS A 274 -10.46 61.74 38.99
N HIS A 275 -11.16 61.12 39.97
CA HIS A 275 -12.05 61.85 40.87
C HIS A 275 -11.49 62.15 42.27
N ARG A 276 -10.40 61.47 42.73
CA ARG A 276 -9.77 61.86 44.00
C ARG A 276 -8.76 62.94 43.64
N GLN A 277 -9.28 64.16 43.43
CA GLN A 277 -8.56 65.33 42.95
C GLN A 277 -8.75 66.57 43.82
N ALA A 278 -8.10 67.67 43.40
CA ALA A 278 -8.19 68.98 44.06
C ALA A 278 -8.54 70.06 43.01
N ASN A 279 -9.21 69.64 41.91
CA ASN A 279 -9.64 70.51 40.80
C ASN A 279 -10.70 69.86 39.90
N GLY A 280 -10.44 68.62 39.46
CA GLY A 280 -11.32 67.86 38.58
C GLY A 280 -10.58 66.89 37.68
N VAL A 281 -9.49 67.36 37.02
CA VAL A 281 -8.69 66.55 36.10
C VAL A 281 -7.27 66.29 36.73
N GLU A 282 -7.24 66.07 38.06
CA GLU A 282 -5.99 65.76 38.78
C GLU A 282 -5.88 64.24 38.93
N ASP A 283 -5.29 63.60 37.91
CA ASP A 283 -5.05 62.16 37.88
C ASP A 283 -3.74 61.90 38.59
N ASP A 284 -3.77 61.10 39.68
CA ASP A 284 -2.62 60.80 40.52
C ASP A 284 -1.46 60.22 39.72
N LEU A 285 -0.42 61.05 39.47
CA LEU A 285 0.81 60.77 38.73
C LEU A 285 1.51 59.48 39.18
N LEU A 286 1.12 58.93 40.35
CA LEU A 286 1.67 57.69 40.92
C LEU A 286 0.65 56.54 40.85
N ILE A 287 -0.65 56.83 41.08
CA ILE A 287 -1.70 55.81 41.02
C ILE A 287 -2.06 55.52 39.54
N GLN A 288 -1.92 56.51 38.63
CA GLN A 288 -2.14 56.30 37.20
C GLN A 288 -0.93 55.53 36.65
N ARG A 289 0.20 55.60 37.38
CA ARG A 289 1.46 54.92 37.09
C ARG A 289 1.65 53.72 38.03
N CYS A 290 0.55 53.02 38.36
CA CYS A 290 0.56 51.81 39.16
C CYS A 290 0.83 50.60 38.23
N ARG A 291 1.41 50.90 37.05
CA ARG A 291 1.82 50.03 35.96
C ARG A 291 2.74 48.89 36.44
N LEU A 292 3.28 49.03 37.67
CA LEU A 292 4.17 48.07 38.32
C LEU A 292 3.73 47.77 39.76
N ALA A 293 2.76 48.55 40.32
CA ALA A 293 2.28 48.38 41.69
C ALA A 293 1.47 47.08 41.88
N PHE A 294 0.29 46.92 41.23
CA PHE A 294 -0.48 45.69 41.41
C PHE A 294 -0.09 44.56 40.40
N PRO A 295 0.56 44.79 39.21
CA PRO A 295 0.96 43.64 38.37
C PRO A 295 1.87 42.64 39.12
N LEU A 296 2.79 43.13 39.99
CA LEU A 296 3.63 42.26 40.82
C LEU A 296 2.85 41.84 42.09
N GLY A 297 1.81 42.60 42.43
CA GLY A 297 0.89 42.33 43.53
C GLY A 297 0.07 41.09 43.21
N PHE A 298 -0.20 40.86 41.90
CA PHE A 298 -0.89 39.69 41.37
C PHE A 298 -0.02 38.45 41.59
N LEU A 299 1.31 38.59 41.35
CA LEU A 299 2.32 37.55 41.57
C LEU A 299 2.37 37.17 43.04
N ALA A 300 2.23 38.17 43.95
CA ALA A 300 2.20 38.01 45.40
C ALA A 300 0.94 37.25 45.84
N ILE A 301 -0.19 37.42 45.11
CA ILE A 301 -1.45 36.71 45.36
C ILE A 301 -1.28 35.26 44.85
N GLY A 302 -0.56 35.10 43.75
CA GLY A 302 -0.23 33.80 43.15
C GLY A 302 0.62 32.94 44.05
N CYS A 303 1.49 33.59 44.85
CA CYS A 303 2.36 32.95 45.83
C CYS A 303 1.56 32.57 47.07
N VAL A 304 0.47 33.32 47.35
CA VAL A 304 -0.45 33.10 48.48
C VAL A 304 -1.32 31.85 48.16
N LEU A 305 -1.57 31.59 46.85
CA LEU A 305 -2.33 30.41 46.38
C LEU A 305 -1.54 29.12 46.63
N VAL A 306 -0.19 29.22 46.67
CA VAL A 306 0.75 28.13 46.96
C VAL A 306 0.64 27.76 48.46
N ILE A 307 0.54 28.79 49.34
CA ILE A 307 0.41 28.63 50.80
C ILE A 307 -1.00 28.16 51.12
N PRO B 1 -1.22 -30.20 16.22
CA PRO B 1 -1.53 -28.78 16.05
C PRO B 1 -2.55 -28.57 14.92
N VAL B 2 -3.73 -28.03 15.28
CA VAL B 2 -4.84 -27.78 14.34
C VAL B 2 -4.49 -26.56 13.48
N ASP B 3 -4.43 -26.75 12.15
CA ASP B 3 -4.15 -25.67 11.21
C ASP B 3 -5.45 -24.97 10.85
N VAL B 4 -5.55 -23.67 11.19
CA VAL B 4 -6.75 -22.86 10.95
C VAL B 4 -6.43 -21.75 9.95
N SER B 5 -7.18 -21.73 8.82
CA SER B 5 -7.07 -20.72 7.77
C SER B 5 -8.11 -19.64 8.00
N VAL B 6 -7.64 -18.39 8.19
CA VAL B 6 -8.49 -17.24 8.50
C VAL B 6 -8.58 -16.30 7.28
N SER B 7 -9.75 -15.64 7.11
CA SER B 7 -10.02 -14.66 6.06
C SER B 7 -10.91 -13.56 6.60
N ILE B 8 -10.39 -12.31 6.64
CA ILE B 8 -11.09 -11.14 7.15
C ILE B 8 -11.57 -10.29 5.97
N PHE B 9 -12.84 -9.89 5.99
CA PHE B 9 -13.45 -9.05 4.95
C PHE B 9 -13.86 -7.71 5.54
N ILE B 10 -13.03 -6.67 5.36
CA ILE B 10 -13.30 -5.32 5.88
C ILE B 10 -14.37 -4.63 5.03
N ASN B 11 -15.44 -4.14 5.68
CA ASN B 11 -16.54 -3.44 5.02
C ASN B 11 -16.45 -1.93 5.24
N LYS B 12 -16.19 -1.51 6.49
CA LYS B 12 -16.14 -0.09 6.86
C LYS B 12 -15.28 0.14 8.11
N ILE B 13 -14.39 1.16 8.03
CA ILE B 13 -13.56 1.64 9.13
C ILE B 13 -14.00 3.09 9.36
N TYR B 14 -14.67 3.33 10.49
CA TYR B 14 -15.25 4.62 10.83
C TYR B 14 -15.17 4.90 12.34
N GLY B 15 -15.68 6.06 12.76
CA GLY B 15 -15.75 6.49 14.15
C GLY B 15 -14.45 6.46 14.93
N VAL B 16 -13.51 7.34 14.55
CA VAL B 16 -12.20 7.41 15.20
C VAL B 16 -12.32 8.27 16.47
N ASN B 17 -12.07 7.65 17.65
CA ASN B 17 -12.06 8.32 18.94
C ASN B 17 -10.60 8.69 19.24
N THR B 18 -10.28 9.98 19.11
CA THR B 18 -8.93 10.52 19.28
C THR B 18 -8.39 10.38 20.70
N LEU B 19 -9.22 10.65 21.73
CA LEU B 19 -8.80 10.56 23.12
C LEU B 19 -8.58 9.12 23.58
N GLU B 20 -9.49 8.20 23.20
CA GLU B 20 -9.41 6.79 23.58
C GLU B 20 -8.50 5.98 22.64
N GLN B 21 -8.11 6.56 21.47
CA GLN B 21 -7.28 5.93 20.42
C GLN B 21 -7.99 4.64 19.95
N THR B 22 -9.28 4.80 19.57
CA THR B 22 -10.20 3.74 19.16
C THR B 22 -10.81 4.06 17.78
N TYR B 23 -11.21 3.00 17.04
CA TYR B 23 -11.83 3.05 15.71
C TYR B 23 -12.76 1.84 15.54
N LYS B 24 -13.95 2.06 14.93
CA LYS B 24 -14.95 1.02 14.71
C LYS B 24 -14.71 0.32 13.37
N VAL B 25 -14.72 -1.03 13.39
CA VAL B 25 -14.48 -1.87 12.20
C VAL B 25 -15.63 -2.86 12.02
N ASP B 26 -16.27 -2.85 10.82
CA ASP B 26 -17.35 -3.75 10.43
C ASP B 26 -16.82 -4.71 9.37
N GLY B 27 -17.05 -6.00 9.57
CA GLY B 27 -16.57 -7.02 8.64
C GLY B 27 -17.07 -8.42 8.88
N TYR B 28 -16.36 -9.42 8.28
CA TYR B 28 -16.68 -10.85 8.38
C TYR B 28 -15.41 -11.68 8.70
N ILE B 29 -15.53 -12.67 9.60
CA ILE B 29 -14.43 -13.59 9.95
C ILE B 29 -14.76 -14.94 9.34
N VAL B 30 -13.81 -15.55 8.62
CA VAL B 30 -13.98 -16.86 8.01
C VAL B 30 -12.83 -17.76 8.49
N ALA B 31 -13.13 -18.68 9.41
CA ALA B 31 -12.15 -19.62 9.96
C ALA B 31 -12.41 -21.03 9.43
N GLN B 32 -11.36 -21.72 8.96
CA GLN B 32 -11.48 -23.07 8.40
C GLN B 32 -10.43 -24.00 8.98
N TRP B 33 -10.89 -25.18 9.45
CA TRP B 33 -10.04 -26.24 10.00
C TRP B 33 -10.62 -27.61 9.58
N THR B 34 -9.75 -28.59 9.33
CA THR B 34 -10.21 -29.93 8.93
C THR B 34 -10.21 -30.86 10.14
N GLY B 35 -11.36 -31.48 10.38
CA GLY B 35 -11.57 -32.40 11.47
C GLY B 35 -11.84 -33.82 11.02
N LYS B 36 -12.65 -34.55 11.80
CA LYS B 36 -13.01 -35.94 11.51
C LYS B 36 -14.17 -35.99 10.51
N PRO B 37 -14.16 -36.91 9.50
CA PRO B 37 -15.26 -36.94 8.51
C PRO B 37 -16.64 -37.15 9.15
N ARG B 38 -17.64 -36.46 8.59
CA ARG B 38 -19.03 -36.48 9.05
C ARG B 38 -19.97 -37.10 8.01
N LYS B 39 -21.19 -37.45 8.45
CA LYS B 39 -22.23 -38.00 7.57
C LYS B 39 -23.34 -36.95 7.43
N THR B 40 -23.15 -36.04 6.46
CA THR B 40 -24.07 -34.93 6.17
C THR B 40 -25.30 -35.45 5.39
N PRO B 41 -26.52 -34.85 5.58
CA PRO B 41 -27.70 -35.32 4.82
C PRO B 41 -27.43 -35.32 3.31
N GLY B 42 -27.64 -36.48 2.70
CA GLY B 42 -27.36 -36.71 1.29
C GLY B 42 -25.88 -36.93 1.14
N ASP B 43 -25.15 -35.86 0.78
CA ASP B 43 -23.68 -35.85 0.63
C ASP B 43 -23.16 -34.42 0.55
N LYS B 44 -24.07 -33.45 0.27
CA LYS B 44 -23.73 -32.03 0.15
C LYS B 44 -23.41 -31.43 1.55
N PRO B 45 -22.53 -30.39 1.64
CA PRO B 45 -22.18 -29.84 2.96
C PRO B 45 -23.39 -29.25 3.71
N LEU B 46 -23.49 -29.58 5.01
CA LEU B 46 -24.57 -29.15 5.89
C LEU B 46 -24.30 -27.75 6.43
N ILE B 47 -25.34 -26.88 6.41
CA ILE B 47 -25.29 -25.50 6.90
C ILE B 47 -26.01 -25.42 8.25
N VAL B 48 -25.31 -24.84 9.24
CA VAL B 48 -25.81 -24.63 10.60
C VAL B 48 -25.82 -23.11 10.87
N GLU B 49 -27.00 -22.54 11.16
CA GLU B 49 -27.14 -21.09 11.38
C GLU B 49 -27.45 -20.72 12.83
N ASN B 50 -26.86 -19.59 13.26
CA ASN B 50 -26.97 -18.89 14.55
C ASN B 50 -27.24 -19.79 15.78
N THR B 51 -28.51 -19.90 16.22
CA THR B 51 -28.98 -20.64 17.40
C THR B 51 -28.54 -22.12 17.38
N GLN B 52 -28.62 -22.77 16.21
CA GLN B 52 -28.29 -24.19 16.04
C GLN B 52 -26.80 -24.49 16.23
N ILE B 53 -25.90 -23.49 16.09
CA ILE B 53 -24.45 -23.64 16.28
C ILE B 53 -24.17 -24.06 17.74
N GLU B 54 -24.83 -23.37 18.69
CA GLU B 54 -24.73 -23.62 20.13
C GLU B 54 -25.19 -25.05 20.48
N ARG B 55 -26.26 -25.54 19.80
CA ARG B 55 -26.83 -26.88 19.98
C ARG B 55 -25.84 -27.97 19.58
N TRP B 56 -25.07 -27.74 18.49
CA TRP B 56 -24.07 -28.67 17.96
C TRP B 56 -22.86 -28.78 18.89
N ILE B 57 -22.44 -27.65 19.51
CA ILE B 57 -21.31 -27.58 20.45
C ILE B 57 -21.64 -28.41 21.70
N ASN B 58 -22.90 -28.30 22.20
CA ASN B 58 -23.43 -29.04 23.35
C ASN B 58 -23.34 -30.55 23.13
N ASN B 59 -23.56 -30.99 21.86
CA ASN B 59 -23.49 -32.39 21.45
C ASN B 59 -22.03 -32.87 21.38
N GLY B 60 -21.10 -31.95 21.10
CA GLY B 60 -19.68 -32.25 21.04
C GLY B 60 -18.88 -31.64 19.91
N LEU B 61 -19.40 -30.59 19.25
CA LEU B 61 -18.67 -29.93 18.15
C LEU B 61 -17.61 -29.02 18.73
N TRP B 62 -16.36 -29.18 18.25
CA TRP B 62 -15.25 -28.34 18.69
C TRP B 62 -15.20 -27.07 17.85
N VAL B 63 -15.61 -25.94 18.45
CA VAL B 63 -15.57 -24.62 17.82
C VAL B 63 -14.67 -23.76 18.71
N PRO B 64 -13.42 -23.48 18.28
CA PRO B 64 -12.51 -22.71 19.14
C PRO B 64 -12.89 -21.23 19.24
N ALA B 65 -12.73 -20.65 20.44
CA ALA B 65 -13.03 -19.24 20.65
C ALA B 65 -11.81 -18.41 20.27
N LEU B 66 -11.92 -17.68 19.14
CA LEU B 66 -10.86 -16.82 18.64
C LEU B 66 -11.16 -15.39 19.09
N GLU B 67 -10.28 -14.84 19.93
CA GLU B 67 -10.48 -13.50 20.49
C GLU B 67 -9.72 -12.41 19.77
N PHE B 68 -10.36 -11.23 19.65
CA PHE B 68 -9.75 -10.01 19.11
C PHE B 68 -9.02 -9.35 20.27
N ILE B 69 -7.68 -9.39 20.24
CA ILE B 69 -6.79 -8.88 21.29
C ILE B 69 -6.98 -7.36 21.52
N ASN B 70 -7.03 -6.58 20.44
CA ASN B 70 -7.13 -5.12 20.51
C ASN B 70 -8.59 -4.59 20.55
N VAL B 71 -9.61 -5.46 20.66
CA VAL B 71 -11.00 -4.99 20.73
C VAL B 71 -11.30 -4.42 22.13
N VAL B 72 -12.15 -3.37 22.17
CA VAL B 72 -12.60 -2.68 23.39
C VAL B 72 -13.94 -3.32 23.80
N GLY B 73 -13.88 -4.16 24.81
CA GLY B 73 -15.03 -4.90 25.32
C GLY B 73 -15.36 -6.11 24.46
N SER B 74 -16.66 -6.35 24.23
CA SER B 74 -17.12 -7.45 23.40
C SER B 74 -17.74 -6.92 22.11
N PRO B 75 -17.38 -7.47 20.93
CA PRO B 75 -17.94 -6.93 19.67
C PRO B 75 -19.36 -7.41 19.40
N ASP B 76 -20.10 -6.63 18.58
CA ASP B 76 -21.46 -6.93 18.15
C ASP B 76 -21.40 -7.95 17.01
N THR B 77 -21.63 -9.23 17.37
CA THR B 77 -21.61 -10.34 16.41
C THR B 77 -22.98 -10.45 15.77
N GLY B 78 -23.01 -10.41 14.45
CA GLY B 78 -24.23 -10.52 13.65
C GLY B 78 -24.61 -11.96 13.42
N ASN B 79 -24.87 -12.31 12.14
CA ASN B 79 -25.24 -13.66 11.76
C ASN B 79 -24.04 -14.62 11.85
N LYS B 80 -24.27 -15.80 12.44
CA LYS B 80 -23.27 -16.86 12.59
C LYS B 80 -23.60 -18.02 11.65
N ARG B 81 -22.57 -18.70 11.13
CA ARG B 81 -22.74 -19.80 10.19
C ARG B 81 -21.66 -20.86 10.35
N LEU B 82 -22.07 -22.13 10.33
CA LEU B 82 -21.18 -23.28 10.38
C LEU B 82 -21.45 -24.17 9.18
N MET B 83 -20.46 -24.29 8.29
CA MET B 83 -20.59 -25.14 7.12
C MET B 83 -19.78 -26.42 7.36
N LEU B 84 -20.50 -27.50 7.67
CA LEU B 84 -19.92 -28.81 7.97
C LEU B 84 -19.88 -29.65 6.69
N PHE B 85 -18.68 -30.10 6.31
CA PHE B 85 -18.44 -30.89 5.11
C PHE B 85 -18.30 -32.38 5.45
N PRO B 86 -18.70 -33.30 4.52
CA PRO B 86 -18.59 -34.74 4.81
C PRO B 86 -17.13 -35.23 4.88
N ASP B 87 -16.20 -34.53 4.20
CA ASP B 87 -14.78 -34.89 4.20
C ASP B 87 -14.11 -34.55 5.55
N GLY B 88 -14.77 -33.69 6.34
CA GLY B 88 -14.30 -33.30 7.67
C GLY B 88 -14.22 -31.82 7.93
N ARG B 89 -13.67 -31.04 6.96
CA ARG B 89 -13.44 -29.58 7.06
C ARG B 89 -14.67 -28.82 7.57
N VAL B 90 -14.44 -27.89 8.51
CA VAL B 90 -15.45 -27.06 9.17
C VAL B 90 -15.15 -25.59 8.88
N ILE B 91 -16.13 -24.85 8.35
CA ILE B 91 -15.98 -23.42 8.03
C ILE B 91 -16.92 -22.60 8.91
N TYR B 92 -16.35 -21.67 9.69
CA TYR B 92 -17.11 -20.76 10.57
C TYR B 92 -17.12 -19.37 9.95
N ASN B 93 -18.32 -18.84 9.64
CA ASN B 93 -18.51 -17.51 9.05
C ASN B 93 -19.43 -16.70 9.93
N ALA B 94 -18.99 -15.49 10.33
CA ALA B 94 -19.79 -14.59 11.18
C ALA B 94 -19.46 -13.11 10.93
N ARG B 95 -20.50 -12.27 10.88
CA ARG B 95 -20.34 -10.83 10.71
C ARG B 95 -20.03 -10.22 12.07
N PHE B 96 -19.12 -9.24 12.11
CA PHE B 96 -18.72 -8.59 13.36
C PHE B 96 -18.62 -7.08 13.22
N LEU B 97 -18.83 -6.39 14.35
CA LEU B 97 -18.67 -4.95 14.50
C LEU B 97 -18.09 -4.70 15.88
N GLY B 98 -16.86 -4.19 15.91
CA GLY B 98 -16.16 -3.93 17.16
C GLY B 98 -15.34 -2.67 17.16
N SER B 99 -15.11 -2.12 18.37
CA SER B 99 -14.30 -0.93 18.60
C SER B 99 -12.87 -1.40 18.90
N PHE B 100 -11.93 -1.14 18.00
CA PHE B 100 -10.55 -1.60 18.16
C PHE B 100 -9.61 -0.48 18.57
N SER B 101 -8.60 -0.83 19.41
CA SER B 101 -7.61 0.10 19.93
C SER B 101 -6.22 -0.13 19.32
N ASN B 102 -5.46 0.96 19.15
CA ASN B 102 -4.10 0.99 18.61
C ASN B 102 -3.42 2.30 19.00
N ASP B 103 -2.08 2.29 19.15
CA ASP B 103 -1.30 3.49 19.47
C ASP B 103 -1.42 4.47 18.31
N MET B 104 -2.06 5.63 18.55
CA MET B 104 -2.31 6.60 17.49
C MET B 104 -1.72 7.97 17.85
N ASP B 105 -0.88 8.51 16.94
CA ASP B 105 -0.22 9.80 17.06
C ASP B 105 -0.97 10.83 16.21
N PHE B 106 -1.58 11.83 16.86
CA PHE B 106 -2.32 12.90 16.18
C PHE B 106 -1.60 14.25 16.34
N ARG B 107 -0.26 14.21 16.55
CA ARG B 107 0.58 15.39 16.76
C ARG B 107 0.59 16.34 15.56
N LEU B 108 0.77 15.80 14.34
CA LEU B 108 0.83 16.60 13.11
C LEU B 108 -0.54 16.64 12.39
N PHE B 109 -1.60 16.91 13.18
CA PHE B 109 -2.98 17.06 12.71
C PHE B 109 -3.11 18.38 11.91
N PRO B 110 -3.91 18.45 10.82
CA PRO B 110 -4.80 17.44 10.23
C PRO B 110 -4.10 16.54 9.19
N PHE B 111 -2.78 16.56 9.13
CA PHE B 111 -2.00 15.77 8.17
C PHE B 111 -1.50 14.46 8.83
N ASP B 112 -2.44 13.71 9.46
CA ASP B 112 -2.17 12.47 10.17
C ASP B 112 -1.92 11.28 9.25
N ARG B 113 -1.06 10.37 9.72
CA ARG B 113 -0.70 9.11 9.08
C ARG B 113 -1.01 8.03 10.09
N GLN B 114 -2.18 7.41 9.99
CA GLN B 114 -2.63 6.39 10.94
C GLN B 114 -2.85 5.03 10.30
N GLN B 115 -2.57 3.95 11.06
CA GLN B 115 -2.78 2.59 10.57
C GLN B 115 -3.76 1.85 11.49
N PHE B 116 -4.84 1.33 10.90
CA PHE B 116 -5.87 0.57 11.62
C PHE B 116 -5.43 -0.88 11.70
N VAL B 117 -5.22 -1.36 12.94
CA VAL B 117 -4.72 -2.69 13.24
C VAL B 117 -5.84 -3.59 13.79
N LEU B 118 -5.76 -4.90 13.46
CA LEU B 118 -6.65 -5.97 13.91
C LEU B 118 -5.79 -7.13 14.37
N GLU B 119 -5.98 -7.58 15.62
CA GLU B 119 -5.18 -8.67 16.18
C GLU B 119 -6.05 -9.84 16.62
N LEU B 120 -5.84 -11.01 15.98
CA LEU B 120 -6.58 -12.25 16.26
C LEU B 120 -5.68 -13.28 16.91
N GLU B 121 -6.19 -13.97 17.93
CA GLU B 121 -5.46 -14.99 18.69
C GLU B 121 -6.44 -15.97 19.39
N PRO B 122 -6.17 -17.30 19.41
CA PRO B 122 -7.09 -18.21 20.13
C PRO B 122 -7.05 -17.95 21.63
N PHE B 123 -8.22 -17.90 22.27
CA PHE B 123 -8.36 -17.58 23.69
C PHE B 123 -7.84 -18.66 24.64
N SER B 124 -7.99 -19.95 24.29
CA SER B 124 -7.60 -21.03 25.18
C SER B 124 -6.46 -21.92 24.67
N TYR B 125 -6.47 -22.26 23.37
CA TYR B 125 -5.50 -23.18 22.78
C TYR B 125 -4.24 -22.47 22.33
N ASN B 126 -3.06 -23.02 22.73
CA ASN B 126 -1.73 -22.49 22.43
C ASN B 126 -1.28 -22.90 21.00
N ASN B 127 -0.05 -22.48 20.59
CA ASN B 127 0.54 -22.75 19.27
C ASN B 127 0.71 -24.24 18.97
N GLN B 128 0.90 -25.07 20.00
CA GLN B 128 1.06 -26.52 19.87
C GLN B 128 -0.29 -27.22 19.70
N GLN B 129 -1.39 -26.55 20.11
CA GLN B 129 -2.75 -27.05 20.00
C GLN B 129 -3.45 -26.48 18.77
N LEU B 130 -3.38 -25.14 18.59
CA LEU B 130 -3.98 -24.41 17.48
C LEU B 130 -2.96 -23.50 16.81
N ARG B 131 -2.79 -23.66 15.50
CA ARG B 131 -1.86 -22.87 14.69
C ARG B 131 -2.59 -22.18 13.54
N PHE B 132 -2.25 -20.91 13.28
CA PHE B 132 -2.84 -20.18 12.16
C PHE B 132 -2.02 -20.44 10.90
N SER B 133 -2.57 -21.24 9.98
CA SER B 133 -1.91 -21.66 8.74
C SER B 133 -1.67 -20.48 7.78
N ASP B 134 -2.73 -19.72 7.44
CA ASP B 134 -2.64 -18.56 6.53
C ASP B 134 -3.77 -17.57 6.79
N ILE B 135 -3.54 -16.29 6.44
CA ILE B 135 -4.53 -15.22 6.59
C ILE B 135 -4.50 -14.27 5.39
N GLN B 136 -5.69 -13.89 4.91
CA GLN B 136 -5.86 -12.97 3.78
C GLN B 136 -7.02 -12.00 4.07
N VAL B 137 -6.74 -10.69 3.89
CA VAL B 137 -7.70 -9.60 4.14
C VAL B 137 -8.20 -9.05 2.81
N TYR B 138 -9.50 -8.73 2.75
CA TYR B 138 -10.13 -8.20 1.55
C TYR B 138 -10.80 -6.87 1.85
N THR B 139 -10.10 -5.77 1.52
CA THR B 139 -10.60 -4.41 1.69
C THR B 139 -11.23 -3.99 0.37
N GLU B 140 -12.53 -4.26 0.23
CA GLU B 140 -13.33 -3.99 -0.97
C GLU B 140 -13.74 -2.51 -1.03
N ASN B 141 -12.84 -1.62 -0.59
CA ASN B 141 -13.03 -0.17 -0.57
C ASN B 141 -12.20 0.47 -1.68
N ILE B 142 -12.88 1.18 -2.60
CA ILE B 142 -12.28 1.86 -3.75
C ILE B 142 -13.14 3.05 -4.20
N ASP B 143 -12.50 4.10 -4.77
CA ASP B 143 -13.10 5.35 -5.29
C ASP B 143 -13.79 6.20 -4.19
N ASN B 144 -14.20 7.44 -4.58
CA ASN B 144 -14.88 8.44 -3.74
C ASN B 144 -14.07 8.76 -2.46
N GLU B 145 -12.79 9.10 -2.63
CA GLU B 145 -11.88 9.43 -1.52
C GLU B 145 -12.21 10.80 -0.94
N GLU B 146 -12.57 11.78 -1.81
CA GLU B 146 -12.91 13.16 -1.46
C GLU B 146 -14.19 13.26 -0.61
N ILE B 147 -15.02 12.20 -0.60
CA ILE B 147 -16.27 12.10 0.17
C ILE B 147 -15.97 11.50 1.57
N ASP B 148 -15.09 10.48 1.62
CA ASP B 148 -14.71 9.81 2.86
C ASP B 148 -13.73 10.66 3.68
N GLU B 149 -13.80 10.52 5.02
CA GLU B 149 -12.95 11.23 5.99
C GLU B 149 -11.48 10.77 5.92
N TRP B 150 -11.27 9.47 5.69
CA TRP B 150 -9.93 8.87 5.60
C TRP B 150 -9.64 8.29 4.22
N TRP B 151 -8.37 8.36 3.82
CA TRP B 151 -7.92 7.85 2.52
C TRP B 151 -7.06 6.61 2.71
N ILE B 152 -7.65 5.42 2.47
CA ILE B 152 -6.96 4.13 2.57
C ILE B 152 -5.93 4.07 1.44
N ARG B 153 -4.66 3.81 1.79
CA ARG B 153 -3.58 3.79 0.81
C ARG B 153 -3.20 2.35 0.39
N GLY B 154 -2.65 1.58 1.33
CA GLY B 154 -2.25 0.20 1.09
C GLY B 154 -3.43 -0.75 0.95
N LYS B 155 -3.18 -1.95 0.40
CA LYS B 155 -4.21 -2.98 0.22
C LYS B 155 -4.60 -3.57 1.59
N ALA B 156 -3.60 -4.02 2.38
CA ALA B 156 -3.67 -4.60 3.74
C ALA B 156 -2.41 -5.42 4.02
N SER B 157 -1.78 -5.16 5.17
CA SER B 157 -0.55 -5.81 5.61
C SER B 157 -0.87 -6.88 6.65
N THR B 158 -0.39 -8.11 6.44
CA THR B 158 -0.64 -9.24 7.35
C THR B 158 0.65 -9.80 7.93
N HIS B 159 0.57 -10.34 9.16
CA HIS B 159 1.69 -10.94 9.86
C HIS B 159 1.24 -11.98 10.89
N ILE B 160 1.62 -13.27 10.67
CA ILE B 160 1.33 -14.36 11.60
C ILE B 160 2.63 -14.60 12.40
N SER B 161 2.54 -14.48 13.73
CA SER B 161 3.68 -14.62 14.64
C SER B 161 3.28 -15.34 15.92
N ASP B 162 4.26 -15.96 16.60
CA ASP B 162 4.05 -16.65 17.86
C ASP B 162 4.40 -15.71 19.02
N ILE B 163 3.39 -15.38 19.84
CA ILE B 163 3.54 -14.49 20.99
C ILE B 163 3.76 -15.33 22.25
N ARG B 164 4.84 -15.00 22.98
CA ARG B 164 5.23 -15.66 24.22
C ARG B 164 4.94 -14.74 25.40
N TYR B 165 4.18 -15.25 26.39
CA TYR B 165 3.82 -14.49 27.59
C TYR B 165 4.80 -14.77 28.72
N ASP B 166 5.21 -13.71 29.44
CA ASP B 166 6.16 -13.78 30.56
C ASP B 166 5.57 -14.54 31.75
N HIS B 167 4.35 -14.13 32.19
CA HIS B 167 3.50 -14.64 33.28
C HIS B 167 4.19 -14.82 34.65
N LEU B 168 5.40 -15.44 34.69
CA LEU B 168 6.22 -15.76 35.89
C LEU B 168 5.57 -16.90 36.70
N SER B 169 6.33 -18.00 36.88
CA SER B 169 5.99 -19.24 37.59
C SER B 169 4.72 -19.92 36.99
N SER B 170 3.52 -19.70 37.59
CA SER B 170 2.21 -20.25 37.21
C SER B 170 2.19 -21.81 37.16
N VAL B 171 1.24 -22.42 36.42
CA VAL B 171 1.08 -23.87 36.30
C VAL B 171 1.66 -24.39 34.96
N GLN B 172 1.43 -23.66 33.85
CA GLN B 172 1.92 -24.04 32.51
C GLN B 172 3.43 -23.72 32.39
N PRO B 173 4.29 -24.73 32.09
CA PRO B 173 5.73 -24.45 32.00
C PRO B 173 6.16 -23.95 30.61
N ASN B 174 6.43 -24.88 29.66
CA ASN B 174 6.87 -24.56 28.30
C ASN B 174 5.73 -24.01 27.42
N GLN B 175 4.51 -24.58 27.57
CA GLN B 175 3.31 -24.19 26.81
C GLN B 175 2.84 -22.78 27.23
N ASN B 176 3.47 -21.76 26.64
CA ASN B 176 3.18 -20.34 26.90
C ASN B 176 3.32 -19.51 25.60
N GLU B 177 3.22 -20.18 24.43
CA GLU B 177 3.33 -19.56 23.12
C GLU B 177 2.00 -19.69 22.35
N PHE B 178 1.51 -18.57 21.78
CA PHE B 178 0.25 -18.50 21.04
C PHE B 178 0.42 -17.84 19.67
N SER B 179 -0.19 -18.43 18.62
CA SER B 179 -0.13 -17.89 17.26
C SER B 179 -1.08 -16.69 17.15
N ARG B 180 -0.59 -15.55 16.63
CA ARG B 180 -1.37 -14.32 16.51
C ARG B 180 -1.30 -13.71 15.11
N ILE B 181 -2.48 -13.38 14.56
CA ILE B 181 -2.65 -12.71 13.26
C ILE B 181 -2.72 -11.20 13.52
N THR B 182 -1.88 -10.43 12.83
CA THR B 182 -1.85 -8.97 12.95
C THR B 182 -2.12 -8.38 11.56
N VAL B 183 -3.24 -7.66 11.44
CA VAL B 183 -3.68 -7.02 10.20
C VAL B 183 -3.47 -5.51 10.33
N ARG B 184 -2.81 -4.89 9.33
CA ARG B 184 -2.53 -3.45 9.35
C ARG B 184 -3.00 -2.77 8.05
N ILE B 185 -3.86 -1.74 8.19
CA ILE B 185 -4.40 -0.97 7.06
C ILE B 185 -4.00 0.50 7.24
N ASP B 186 -3.04 0.98 6.42
CA ASP B 186 -2.54 2.35 6.48
C ASP B 186 -3.52 3.33 5.82
N ALA B 187 -3.71 4.51 6.44
CA ALA B 187 -4.62 5.56 5.95
C ALA B 187 -4.13 6.98 6.26
N VAL B 188 -4.48 7.94 5.38
CA VAL B 188 -4.13 9.35 5.51
C VAL B 188 -5.43 10.17 5.65
N ARG B 189 -5.46 11.12 6.60
CA ARG B 189 -6.62 11.98 6.86
C ARG B 189 -6.82 12.99 5.72
N ASN B 190 -8.10 13.25 5.35
CA ASN B 190 -8.49 14.22 4.34
C ASN B 190 -8.39 15.63 4.97
N PRO B 191 -7.40 16.48 4.57
CA PRO B 191 -7.26 17.79 5.23
C PRO B 191 -7.98 18.95 4.52
N SER B 192 -8.73 18.67 3.44
CA SER B 192 -9.46 19.66 2.62
C SER B 192 -10.39 20.57 3.44
N TYR B 193 -11.06 20.03 4.48
CA TYR B 193 -11.95 20.85 5.32
C TYR B 193 -11.14 21.73 6.26
N TYR B 194 -10.19 21.13 7.00
CA TYR B 194 -9.36 21.82 7.99
C TYR B 194 -8.42 22.86 7.37
N LEU B 195 -7.99 22.67 6.11
CA LEU B 195 -7.10 23.64 5.45
C LEU B 195 -7.85 24.90 5.04
N TRP B 196 -9.04 24.73 4.43
CA TRP B 196 -9.85 25.83 3.95
C TRP B 196 -10.68 26.51 5.04
N SER B 197 -11.25 25.73 6.00
CA SER B 197 -12.11 26.29 7.06
C SER B 197 -11.39 26.58 8.38
N PHE B 198 -10.12 26.14 8.57
CA PHE B 198 -9.43 26.41 9.81
C PHE B 198 -8.04 27.02 9.62
N ILE B 199 -7.21 26.47 8.70
CA ILE B 199 -5.85 26.98 8.45
C ILE B 199 -5.91 28.34 7.73
N LEU B 200 -6.60 28.38 6.57
CA LEU B 200 -6.75 29.58 5.73
C LEU B 200 -7.35 30.79 6.49
N PRO B 201 -8.51 30.70 7.21
CA PRO B 201 -9.01 31.91 7.88
C PRO B 201 -8.13 32.35 9.04
N LEU B 202 -7.50 31.40 9.77
CA LEU B 202 -6.59 31.69 10.88
C LEU B 202 -5.39 32.48 10.37
N GLY B 203 -4.87 32.09 9.20
CA GLY B 203 -3.75 32.75 8.55
C GLY B 203 -4.03 34.21 8.26
N LEU B 204 -5.28 34.51 7.85
CA LEU B 204 -5.77 35.85 7.55
C LEU B 204 -5.88 36.70 8.83
N ILE B 205 -6.25 36.06 9.97
CA ILE B 205 -6.36 36.73 11.28
C ILE B 205 -4.99 37.26 11.71
N ILE B 206 -3.94 36.39 11.62
CA ILE B 206 -2.56 36.73 11.99
C ILE B 206 -1.99 37.76 11.01
N ALA B 207 -2.34 37.64 9.71
CA ALA B 207 -1.89 38.57 8.67
C ALA B 207 -2.48 39.97 8.92
N ALA B 208 -3.78 40.04 9.27
CA ALA B 208 -4.47 41.29 9.59
C ALA B 208 -4.03 41.83 10.96
N SER B 209 -3.49 40.95 11.83
CA SER B 209 -2.99 41.32 13.16
C SER B 209 -1.77 42.23 13.07
N TRP B 210 -0.92 42.03 12.03
CA TRP B 210 0.28 42.85 11.80
C TRP B 210 -0.06 44.21 11.18
N SER B 211 -1.30 44.39 10.68
CA SER B 211 -1.75 45.65 10.06
C SER B 211 -2.08 46.73 11.12
N VAL B 212 -1.87 46.41 12.42
CA VAL B 212 -2.11 47.31 13.55
C VAL B 212 -1.02 48.42 13.57
N PHE B 213 0.14 48.18 12.93
CA PHE B 213 1.28 49.09 12.84
C PHE B 213 1.11 50.13 11.73
N TRP B 214 0.01 50.04 10.95
CA TRP B 214 -0.28 51.00 9.88
C TRP B 214 -1.13 52.16 10.44
N LEU B 215 -1.55 52.06 11.71
CA LEU B 215 -2.32 53.09 12.42
C LEU B 215 -1.38 54.25 12.81
N GLU B 216 -1.92 55.48 12.85
CA GLU B 216 -1.14 56.68 13.16
C GLU B 216 -0.97 56.90 14.67
N SER B 217 -2.07 57.06 15.42
CA SER B 217 -2.07 57.34 16.85
C SER B 217 -1.73 56.09 17.70
N PHE B 218 -1.06 56.29 18.84
CA PHE B 218 -0.71 55.23 19.79
C PHE B 218 -1.98 54.64 20.40
N SER B 219 -2.94 55.52 20.78
CA SER B 219 -4.23 55.14 21.36
C SER B 219 -4.96 54.19 20.40
N GLU B 220 -4.88 54.47 19.09
CA GLU B 220 -5.46 53.65 18.02
C GLU B 220 -4.72 52.32 17.92
N ARG B 221 -3.36 52.36 17.94
CA ARG B 221 -2.47 51.20 17.85
C ARG B 221 -2.64 50.24 19.04
N LEU B 222 -2.91 50.78 20.25
CA LEU B 222 -3.08 49.97 21.45
C LEU B 222 -4.49 49.38 21.57
N GLN B 223 -5.55 50.20 21.41
CA GLN B 223 -6.94 49.77 21.54
C GLN B 223 -7.35 48.71 20.49
N THR B 224 -6.77 48.77 19.28
CA THR B 224 -7.05 47.82 18.19
C THR B 224 -6.45 46.43 18.52
N SER B 225 -5.26 46.39 19.16
CA SER B 225 -4.60 45.14 19.54
C SER B 225 -5.40 44.37 20.61
N PHE B 226 -6.28 45.06 21.38
CA PHE B 226 -7.14 44.43 22.38
C PHE B 226 -8.29 43.70 21.69
N THR B 227 -8.80 44.28 20.57
CA THR B 227 -9.85 43.71 19.72
C THR B 227 -9.25 42.51 19.00
N LEU B 228 -7.97 42.63 18.58
CA LEU B 228 -7.18 41.59 17.91
C LEU B 228 -6.99 40.38 18.83
N MET B 229 -6.73 40.65 20.14
CA MET B 229 -6.56 39.66 21.19
C MET B 229 -7.86 38.88 21.37
N LEU B 230 -9.00 39.60 21.41
CA LEU B 230 -10.36 39.07 21.56
C LEU B 230 -10.75 38.23 20.34
N THR B 231 -10.23 38.55 19.14
CA THR B 231 -10.49 37.82 17.91
C THR B 231 -9.85 36.43 17.96
N VAL B 232 -8.61 36.32 18.50
CA VAL B 232 -7.88 35.07 18.63
C VAL B 232 -8.56 34.22 19.73
N VAL B 233 -9.05 34.84 20.82
CA VAL B 233 -9.77 34.15 21.92
C VAL B 233 -11.06 33.54 21.34
N ALA B 234 -11.81 34.32 20.52
CA ALA B 234 -13.03 33.88 19.85
C ALA B 234 -12.74 32.77 18.85
N TYR B 235 -11.56 32.82 18.19
CA TYR B 235 -11.15 31.81 17.21
C TYR B 235 -10.66 30.54 17.91
N ALA B 236 -9.88 30.68 19.02
CA ALA B 236 -9.36 29.57 19.82
C ALA B 236 -10.50 28.72 20.37
N PHE B 237 -11.63 29.37 20.69
CA PHE B 237 -12.85 28.75 21.18
C PHE B 237 -13.54 28.02 20.02
N TYR B 238 -13.63 28.67 18.83
CA TYR B 238 -14.22 28.11 17.62
C TYR B 238 -13.45 26.86 17.16
N THR B 239 -12.11 26.87 17.32
CA THR B 239 -11.22 25.77 16.95
C THR B 239 -11.44 24.58 17.88
N SER B 240 -11.19 24.76 19.19
CA SER B 240 -11.27 23.75 20.25
C SER B 240 -12.65 23.05 20.37
N ASN B 241 -13.74 23.76 20.06
CA ASN B 241 -15.10 23.21 20.14
C ASN B 241 -15.40 22.20 19.01
N ILE B 242 -14.84 22.44 17.80
CA ILE B 242 -15.07 21.58 16.62
C ILE B 242 -13.95 20.52 16.50
N LEU B 243 -12.68 20.94 16.69
CA LEU B 243 -11.50 20.07 16.60
C LEU B 243 -11.52 18.94 17.65
N PRO B 244 -10.93 17.75 17.36
CA PRO B 244 -10.95 16.65 18.32
C PRO B 244 -10.15 16.92 19.59
N ARG B 245 -10.65 16.41 20.74
CA ARG B 245 -10.04 16.55 22.06
C ARG B 245 -8.81 15.65 22.15
N LEU B 246 -7.65 16.23 22.49
CA LEU B 246 -6.37 15.52 22.59
C LEU B 246 -5.53 15.96 23.81
N PRO B 247 -4.66 15.09 24.37
CA PRO B 247 -3.85 15.50 25.52
C PRO B 247 -2.52 16.18 25.14
N TYR B 248 -2.38 16.60 23.86
CA TYR B 248 -1.20 17.28 23.33
C TYR B 248 -1.58 18.29 22.23
N THR B 249 -0.73 19.31 22.02
CA THR B 249 -0.94 20.39 21.04
C THR B 249 -0.68 19.91 19.60
N THR B 250 -1.56 20.34 18.67
CA THR B 250 -1.48 20.02 17.24
C THR B 250 -0.86 21.22 16.49
N VAL B 251 -0.77 21.12 15.14
CA VAL B 251 -0.23 22.18 14.27
C VAL B 251 -1.15 23.41 14.35
N ILE B 252 -2.47 23.18 14.32
CA ILE B 252 -3.51 24.21 14.41
C ILE B 252 -3.47 24.85 15.82
N ASP B 253 -3.27 24.03 16.87
CA ASP B 253 -3.17 24.50 18.25
C ASP B 253 -1.94 25.38 18.43
N GLN B 254 -0.80 25.01 17.79
CA GLN B 254 0.47 25.75 17.83
C GLN B 254 0.34 27.10 17.12
N MET B 255 -0.46 27.16 16.05
CA MET B 255 -0.74 28.36 15.26
C MET B 255 -1.46 29.41 16.11
N ILE B 256 -2.38 28.95 16.99
CA ILE B 256 -3.17 29.76 17.92
C ILE B 256 -2.23 30.44 18.93
N ILE B 257 -1.26 29.67 19.50
CA ILE B 257 -0.28 30.15 20.48
C ILE B 257 0.60 31.22 19.82
N ALA B 258 0.96 31.01 18.53
CA ALA B 258 1.77 31.92 17.72
C ALA B 258 1.00 33.24 17.49
N GLY B 259 -0.32 33.15 17.40
CA GLY B 259 -1.21 34.29 17.23
C GLY B 259 -1.27 35.16 18.47
N TYR B 260 -1.37 34.52 19.66
CA TYR B 260 -1.37 35.18 20.97
C TYR B 260 -0.04 35.90 21.20
N GLY B 261 1.05 35.22 20.82
CA GLY B 261 2.42 35.73 20.94
C GLY B 261 2.68 36.95 20.07
N SER B 262 2.18 36.92 18.82
CA SER B 262 2.33 38.00 17.84
C SER B 262 1.62 39.28 18.31
N ILE B 263 0.46 39.14 18.98
CA ILE B 263 -0.32 40.27 19.51
C ILE B 263 0.37 40.78 20.79
N PHE B 264 0.84 39.86 21.67
CA PHE B 264 1.51 40.23 22.91
C PHE B 264 2.85 40.93 22.65
N ALA B 265 3.58 40.50 21.59
CA ALA B 265 4.84 41.12 21.19
C ALA B 265 4.59 42.54 20.69
N ALA B 266 3.45 42.72 19.97
CA ALA B 266 2.99 44.01 19.44
C ALA B 266 2.64 44.95 20.58
N ILE B 267 1.88 44.46 21.58
CA ILE B 267 1.45 45.20 22.79
C ILE B 267 2.69 45.80 23.47
N LEU B 268 3.75 44.99 23.68
CA LEU B 268 4.99 45.41 24.32
C LEU B 268 5.73 46.47 23.49
N LEU B 269 5.78 46.31 22.16
CA LEU B 269 6.44 47.24 21.26
C LEU B 269 5.69 48.57 21.14
N ILE B 270 4.34 48.53 21.09
CA ILE B 270 3.48 49.72 20.97
C ILE B 270 3.64 50.58 22.27
N ILE B 271 3.83 49.95 23.44
CA ILE B 271 4.06 50.62 24.71
C ILE B 271 5.49 51.20 24.71
N PHE B 272 6.49 50.38 24.33
CA PHE B 272 7.90 50.75 24.27
C PHE B 272 8.15 51.92 23.32
N ALA B 273 7.51 51.92 22.13
CA ALA B 273 7.66 52.98 21.13
C ALA B 273 7.21 54.34 21.68
N HIS B 274 6.08 54.38 22.39
CA HIS B 274 5.49 55.59 22.95
C HIS B 274 6.14 56.04 24.26
N HIS B 275 6.55 55.09 25.12
CA HIS B 275 7.10 55.43 26.45
C HIS B 275 8.64 55.57 26.46
N ARG B 276 9.37 54.90 25.55
CA ARG B 276 10.83 55.09 25.46
C ARG B 276 11.03 56.27 24.51
N GLN B 277 11.21 57.47 25.10
CA GLN B 277 11.30 58.72 24.36
C GLN B 277 12.32 59.70 24.97
N ALA B 278 12.43 60.91 24.36
CA ALA B 278 13.32 61.99 24.77
C ALA B 278 12.52 63.29 25.06
N ASN B 279 11.21 63.30 24.74
CA ASN B 279 10.31 64.44 24.94
C ASN B 279 8.97 64.04 25.56
N GLY B 280 8.38 62.94 25.09
CA GLY B 280 7.09 62.44 25.59
C GLY B 280 6.30 61.61 24.61
N VAL B 281 6.07 62.16 23.40
CA VAL B 281 5.31 61.49 22.33
C VAL B 281 6.28 61.04 21.21
N GLU B 282 7.60 60.97 21.51
CA GLU B 282 8.63 60.56 20.56
C GLU B 282 8.54 59.05 20.30
N ASP B 283 7.67 58.66 19.35
CA ASP B 283 7.51 57.27 18.94
C ASP B 283 8.67 56.96 17.99
N ASP B 284 9.70 56.23 18.48
CA ASP B 284 10.94 55.88 17.75
C ASP B 284 10.67 55.76 16.24
N LEU B 285 11.10 56.81 15.50
CA LEU B 285 10.92 57.05 14.05
C LEU B 285 11.07 55.81 13.14
N LEU B 286 11.79 54.76 13.60
CA LEU B 286 11.97 53.53 12.82
C LEU B 286 11.27 52.31 13.43
N ILE B 287 11.17 52.25 14.79
CA ILE B 287 10.53 51.13 15.49
C ILE B 287 9.00 51.17 15.32
N GLN B 288 8.42 52.38 15.10
CA GLN B 288 6.97 52.52 14.90
C GLN B 288 6.58 52.04 13.49
N ARG B 289 7.54 52.08 12.53
CA ARG B 289 7.35 51.62 11.16
C ARG B 289 7.95 50.21 10.97
N CYS B 290 7.64 49.31 11.92
CA CYS B 290 8.07 47.90 11.90
C CYS B 290 6.97 47.04 11.23
N ARG B 291 6.28 47.65 10.25
CA ARG B 291 5.20 47.10 9.43
C ARG B 291 5.70 45.94 8.55
N LEU B 292 7.02 45.78 8.47
CA LEU B 292 7.71 44.75 7.69
C LEU B 292 8.79 44.05 8.53
N ALA B 293 9.13 44.59 9.73
CA ALA B 293 10.17 44.03 10.60
C ALA B 293 9.77 42.68 11.22
N PHE B 294 8.71 42.61 12.05
CA PHE B 294 8.34 41.32 12.64
C PHE B 294 7.32 40.51 11.79
N PRO B 295 6.51 41.05 10.81
CA PRO B 295 5.65 40.16 10.00
C PRO B 295 6.46 39.10 9.26
N LEU B 296 7.67 39.45 8.72
CA LEU B 296 8.54 38.45 8.07
C LEU B 296 9.36 37.71 9.15
N GLY B 297 9.53 38.35 10.31
CA GLY B 297 10.21 37.80 11.47
C GLY B 297 9.40 36.67 12.08
N PHE B 298 8.06 36.75 11.94
CA PHE B 298 7.08 35.75 12.36
C PHE B 298 7.23 34.51 11.46
N LEU B 299 7.48 34.72 10.15
CA LEU B 299 7.72 33.68 9.16
C LEU B 299 9.03 32.95 9.45
N ALA B 300 10.05 33.70 9.95
CA ALA B 300 11.36 33.17 10.35
C ALA B 300 11.20 32.28 11.57
N ILE B 301 10.33 32.68 12.53
CA ILE B 301 10.01 31.93 13.74
C ILE B 301 9.15 30.70 13.33
N GLY B 302 8.32 30.89 12.30
CA GLY B 302 7.46 29.85 11.73
C GLY B 302 8.22 28.76 10.99
N CYS B 303 9.43 29.10 10.48
CA CYS B 303 10.32 28.17 9.78
C CYS B 303 11.19 27.38 10.77
N VAL B 304 11.41 27.95 11.98
CA VAL B 304 12.18 27.32 13.08
C VAL B 304 11.33 26.16 13.65
N LEU B 305 9.98 26.31 13.62
CA LEU B 305 9.02 25.32 14.10
C LEU B 305 8.97 24.06 13.21
N VAL B 306 9.59 24.09 12.00
CA VAL B 306 9.67 22.94 11.07
C VAL B 306 10.60 21.86 11.69
N ILE B 307 11.67 22.31 12.39
CA ILE B 307 12.66 21.45 13.08
C ILE B 307 11.97 20.68 14.21
N PRO C 1 -33.92 -24.57 -6.35
CA PRO C 1 -33.84 -23.18 -5.88
C PRO C 1 -35.14 -22.72 -5.25
N VAL C 2 -35.09 -22.38 -3.96
CA VAL C 2 -36.25 -21.93 -3.18
C VAL C 2 -36.60 -20.49 -3.58
N ASP C 3 -37.82 -20.28 -4.10
CA ASP C 3 -38.28 -18.95 -4.49
C ASP C 3 -38.88 -18.25 -3.27
N VAL C 4 -38.27 -17.12 -2.88
CA VAL C 4 -38.68 -16.35 -1.70
C VAL C 4 -39.20 -14.97 -2.15
N SER C 5 -40.48 -14.67 -1.79
CA SER C 5 -41.13 -13.39 -2.09
C SER C 5 -41.00 -12.49 -0.86
N VAL C 6 -40.34 -11.34 -1.03
CA VAL C 6 -40.07 -10.40 0.05
C VAL C 6 -40.92 -9.12 -0.12
N SER C 7 -41.34 -8.52 1.01
CA SER C 7 -42.12 -7.28 1.07
C SER C 7 -41.64 -6.45 2.25
N ILE C 8 -41.11 -5.25 1.96
CA ILE C 8 -40.59 -4.32 2.96
C ILE C 8 -41.60 -3.18 3.18
N PHE C 9 -41.91 -2.88 4.44
CA PHE C 9 -42.85 -1.82 4.81
C PHE C 9 -42.11 -0.74 5.60
N ILE C 10 -41.72 0.36 4.93
CA ILE C 10 -41.00 1.47 5.56
C ILE C 10 -41.96 2.31 6.41
N ASN C 11 -41.62 2.52 7.68
CA ASN C 11 -42.42 3.32 8.62
C ASN C 11 -41.81 4.69 8.84
N LYS C 12 -40.48 4.75 9.07
CA LYS C 12 -39.76 5.98 9.36
C LYS C 12 -38.29 5.91 8.98
N ILE C 13 -37.80 6.95 8.29
CA ILE C 13 -36.39 7.14 7.94
C ILE C 13 -35.97 8.42 8.65
N TYR C 14 -35.13 8.28 9.68
CA TYR C 14 -34.69 9.37 10.54
C TYR C 14 -33.23 9.18 10.99
N GLY C 15 -32.73 10.14 11.78
CA GLY C 15 -31.39 10.14 12.37
C GLY C 15 -30.26 9.96 11.38
N VAL C 16 -30.05 10.96 10.52
CA VAL C 16 -29.00 10.93 9.52
C VAL C 16 -27.67 11.36 10.16
N ASN C 17 -26.68 10.45 10.20
CA ASN C 17 -25.34 10.72 10.71
C ASN C 17 -24.47 11.07 9.52
N THR C 18 -24.15 12.36 9.37
CA THR C 18 -23.39 12.91 8.24
C THR C 18 -21.95 12.40 8.18
N LEU C 19 -21.26 12.30 9.33
CA LEU C 19 -19.87 11.84 9.38
C LEU C 19 -19.75 10.34 9.10
N GLU C 20 -20.64 9.52 9.67
CA GLU C 20 -20.64 8.07 9.51
C GLU C 20 -21.36 7.62 8.22
N GLN C 21 -22.13 8.54 7.57
CA GLN C 21 -22.93 8.30 6.36
C GLN C 21 -23.95 7.16 6.66
N THR C 22 -24.69 7.34 7.77
CA THR C 22 -25.66 6.39 8.33
C THR C 22 -27.04 7.06 8.50
N TYR C 23 -28.11 6.23 8.46
CA TYR C 23 -29.51 6.63 8.63
C TYR C 23 -30.30 5.48 9.26
N LYS C 24 -31.19 5.79 10.20
CA LYS C 24 -32.01 4.80 10.91
C LYS C 24 -33.31 4.55 10.15
N VAL C 25 -33.65 3.25 9.94
CA VAL C 25 -34.84 2.82 9.21
C VAL C 25 -35.67 1.85 10.08
N ASP C 26 -36.95 2.19 10.30
CA ASP C 26 -37.91 1.37 11.04
C ASP C 26 -38.93 0.80 10.06
N GLY C 27 -39.17 -0.51 10.12
CA GLY C 27 -40.10 -1.17 9.23
C GLY C 27 -40.42 -2.61 9.54
N TYR C 28 -40.96 -3.33 8.54
CA TYR C 28 -41.35 -4.75 8.63
C TYR C 28 -40.84 -5.55 7.42
N ILE C 29 -40.32 -6.78 7.67
CA ILE C 29 -39.87 -7.70 6.60
C ILE C 29 -40.89 -8.82 6.51
N VAL C 30 -41.36 -9.12 5.28
CA VAL C 30 -42.30 -10.21 5.06
C VAL C 30 -41.71 -11.13 4.00
N ALA C 31 -41.21 -12.31 4.42
CA ALA C 31 -40.62 -13.31 3.54
C ALA C 31 -41.56 -14.51 3.41
N GLN C 32 -41.80 -14.97 2.17
CA GLN C 32 -42.69 -16.09 1.89
C GLN C 32 -42.03 -17.09 0.94
N TRP C 33 -42.06 -18.38 1.33
CA TRP C 33 -41.55 -19.51 0.55
C TRP C 33 -42.48 -20.71 0.74
N THR C 34 -42.70 -21.51 -0.32
CA THR C 34 -43.58 -22.66 -0.19
C THR C 34 -42.74 -23.91 0.08
N GLY C 35 -43.00 -24.52 1.23
CA GLY C 35 -42.33 -25.74 1.68
C GLY C 35 -43.21 -26.97 1.52
N LYS C 36 -42.90 -28.02 2.30
CA LYS C 36 -43.63 -29.30 2.28
C LYS C 36 -44.95 -29.15 3.05
N PRO C 37 -46.08 -29.73 2.55
CA PRO C 37 -47.37 -29.57 3.27
C PRO C 37 -47.35 -30.05 4.71
N ARG C 38 -48.04 -29.32 5.60
CA ARG C 38 -48.11 -29.57 7.03
C ARG C 38 -49.53 -29.91 7.48
N LYS C 39 -49.67 -30.44 8.70
CA LYS C 39 -50.96 -30.78 9.32
C LYS C 39 -51.21 -29.80 10.47
N THR C 40 -51.77 -28.63 10.14
CA THR C 40 -52.07 -27.56 11.09
C THR C 40 -53.33 -27.90 11.91
N PRO C 41 -53.44 -27.45 13.20
CA PRO C 41 -54.65 -27.75 13.99
C PRO C 41 -55.92 -27.31 13.26
N GLY C 42 -56.83 -28.27 13.09
CA GLY C 42 -58.07 -28.06 12.34
C GLY C 42 -57.73 -28.13 10.86
N ASP C 43 -57.55 -26.95 10.23
CA ASP C 43 -57.17 -26.79 8.83
C ASP C 43 -56.70 -25.36 8.55
N LYS C 44 -57.03 -24.42 9.44
CA LYS C 44 -56.64 -23.01 9.32
C LYS C 44 -55.13 -22.82 9.57
N PRO C 45 -54.47 -21.80 8.94
CA PRO C 45 -53.02 -21.63 9.13
C PRO C 45 -52.62 -21.37 10.58
N LEU C 46 -51.55 -22.06 11.03
CA LEU C 46 -51.03 -21.98 12.38
C LEU C 46 -50.09 -20.78 12.53
N ILE C 47 -50.25 -20.02 13.64
CA ILE C 47 -49.46 -18.83 13.96
C ILE C 47 -48.45 -19.18 15.06
N VAL C 48 -47.17 -18.87 14.82
CA VAL C 48 -46.07 -19.10 15.76
C VAL C 48 -45.44 -17.73 16.10
N GLU C 49 -45.44 -17.34 17.38
CA GLU C 49 -44.94 -16.03 17.81
C GLU C 49 -43.64 -16.11 18.63
N ASN C 50 -42.76 -15.13 18.38
CA ASN C 50 -41.46 -14.83 19.00
C ASN C 50 -40.67 -16.07 19.49
N THR C 51 -40.73 -16.37 20.81
CA THR C 51 -40.00 -17.45 21.50
C THR C 51 -40.25 -18.82 20.86
N GLN C 52 -41.50 -19.11 20.48
CA GLN C 52 -41.90 -20.39 19.90
C GLN C 52 -41.29 -20.65 18.51
N ILE C 53 -40.85 -19.60 17.78
CA ILE C 53 -40.22 -19.73 16.45
C ILE C 53 -38.91 -20.52 16.59
N GLU C 54 -38.10 -20.19 17.62
CA GLU C 54 -36.83 -20.84 17.95
C GLU C 54 -37.04 -22.33 18.27
N ARG C 55 -38.15 -22.67 18.97
CA ARG C 55 -38.52 -24.03 19.35
C ARG C 55 -38.83 -24.89 18.14
N TRP C 56 -39.47 -24.31 17.11
CA TRP C 56 -39.84 -24.98 15.86
C TRP C 56 -38.61 -25.29 15.00
N ILE C 57 -37.61 -24.36 14.99
CA ILE C 57 -36.35 -24.50 14.24
C ILE C 57 -35.55 -25.68 14.82
N ASN C 58 -35.53 -25.80 16.17
CA ASN C 58 -34.86 -26.89 16.92
C ASN C 58 -35.42 -28.25 16.52
N ASN C 59 -36.75 -28.31 16.26
CA ASN C 59 -37.45 -29.52 15.83
C ASN C 59 -37.13 -29.86 14.37
N GLY C 60 -36.81 -28.85 13.56
CA GLY C 60 -36.43 -29.03 12.17
C GLY C 60 -37.01 -28.06 11.15
N LEU C 61 -37.53 -26.90 11.60
CA LEU C 61 -38.09 -25.90 10.67
C LEU C 61 -36.97 -25.14 10.00
N TRP C 62 -37.01 -25.07 8.66
CA TRP C 62 -36.02 -24.33 7.89
C TRP C 62 -36.45 -22.87 7.77
N VAL C 63 -35.76 -22.00 8.50
CA VAL C 63 -35.99 -20.55 8.47
C VAL C 63 -34.65 -19.92 8.04
N PRO C 64 -34.53 -19.48 6.78
CA PRO C 64 -33.24 -18.94 6.32
C PRO C 64 -32.92 -17.58 6.92
N ALA C 65 -31.63 -17.36 7.23
CA ALA C 65 -31.18 -16.10 7.78
C ALA C 65 -30.89 -15.12 6.65
N LEU C 66 -31.76 -14.11 6.51
CA LEU C 66 -31.64 -13.08 5.49
C LEU C 66 -30.96 -11.87 6.12
N GLU C 67 -29.75 -11.53 5.66
CA GLU C 67 -28.97 -10.45 6.23
C GLU C 67 -29.08 -9.14 5.45
N PHE C 68 -29.10 -8.02 6.19
CA PHE C 68 -29.07 -6.67 5.65
C PHE C 68 -27.61 -6.34 5.43
N ILE C 69 -27.17 -6.27 4.16
CA ILE C 69 -25.79 -6.05 3.74
C ILE C 69 -25.26 -4.69 4.23
N ASN C 70 -26.05 -3.62 4.08
CA ASN C 70 -25.65 -2.27 4.43
C ASN C 70 -25.97 -1.86 5.88
N VAL C 71 -26.49 -2.78 6.75
CA VAL C 71 -26.79 -2.43 8.14
C VAL C 71 -25.48 -2.37 8.97
N VAL C 72 -25.43 -1.42 9.92
CA VAL C 72 -24.32 -1.15 10.82
C VAL C 72 -24.57 -1.97 12.11
N GLY C 73 -23.84 -3.07 12.23
CA GLY C 73 -23.97 -4.00 13.36
C GLY C 73 -25.16 -4.93 13.20
N SER C 74 -25.89 -5.16 14.30
CA SER C 74 -27.08 -6.01 14.31
C SER C 74 -28.33 -5.14 14.57
N PRO C 75 -29.41 -5.29 13.77
CA PRO C 75 -30.59 -4.44 13.99
C PRO C 75 -31.46 -4.91 15.15
N ASP C 76 -32.25 -3.97 15.70
CA ASP C 76 -33.18 -4.22 16.80
C ASP C 76 -34.45 -4.86 16.23
N THR C 77 -34.54 -6.19 16.34
CA THR C 77 -35.68 -6.96 15.85
C THR C 77 -36.76 -6.96 16.93
N GLY C 78 -37.96 -6.51 16.54
CA GLY C 78 -39.12 -6.45 17.43
C GLY C 78 -39.85 -7.77 17.49
N ASN C 79 -41.17 -7.74 17.28
CA ASN C 79 -42.00 -8.93 17.30
C ASN C 79 -41.76 -9.80 16.07
N LYS C 80 -41.63 -11.11 16.28
CA LYS C 80 -41.41 -12.12 15.23
C LYS C 80 -42.68 -12.95 15.06
N ARG C 81 -42.97 -13.39 13.83
CA ARG C 81 -44.16 -14.18 13.52
C ARG C 81 -43.90 -15.17 12.38
N LEU C 82 -44.38 -16.41 12.57
CA LEU C 82 -44.33 -17.47 11.57
C LEU C 82 -45.73 -17.99 11.30
N MET C 83 -46.21 -17.79 10.07
CA MET C 83 -47.53 -18.26 9.68
C MET C 83 -47.36 -19.49 8.81
N LEU C 84 -47.59 -20.67 9.41
CA LEU C 84 -47.45 -21.97 8.75
C LEU C 84 -48.80 -22.41 8.18
N PHE C 85 -48.85 -22.63 6.86
CA PHE C 85 -50.04 -23.02 6.14
C PHE C 85 -50.07 -24.53 5.88
N PRO C 86 -51.28 -25.17 5.81
CA PRO C 86 -51.33 -26.63 5.56
C PRO C 86 -50.89 -27.02 4.14
N ASP C 87 -50.99 -26.08 3.16
CA ASP C 87 -50.59 -26.33 1.78
C ASP C 87 -49.05 -26.34 1.63
N GLY C 88 -48.34 -25.78 2.62
CA GLY C 88 -46.88 -25.77 2.65
C GLY C 88 -46.20 -24.44 2.74
N ARG C 89 -46.87 -23.34 2.32
CA ARG C 89 -46.27 -21.99 2.32
C ARG C 89 -46.02 -21.49 3.74
N VAL C 90 -44.82 -20.91 3.94
CA VAL C 90 -44.37 -20.38 5.22
C VAL C 90 -44.16 -18.86 5.07
N ILE C 91 -44.79 -18.06 5.95
CA ILE C 91 -44.67 -16.60 5.93
C ILE C 91 -44.00 -16.13 7.22
N TYR C 92 -42.85 -15.43 7.08
CA TYR C 92 -42.11 -14.87 8.20
C TYR C 92 -42.31 -13.36 8.23
N ASN C 93 -42.87 -12.85 9.34
CA ASN C 93 -43.12 -11.41 9.53
C ASN C 93 -42.43 -10.94 10.81
N ALA C 94 -41.61 -9.89 10.71
CA ALA C 94 -40.89 -9.33 11.85
C ALA C 94 -40.61 -7.84 11.69
N ARG C 95 -40.81 -7.07 12.78
CA ARG C 95 -40.53 -5.64 12.81
C ARG C 95 -39.03 -5.45 13.04
N PHE C 96 -38.43 -4.48 12.35
CA PHE C 96 -37.00 -4.21 12.47
C PHE C 96 -36.71 -2.72 12.57
N LEU C 97 -35.58 -2.40 13.23
CA LEU C 97 -35.02 -1.07 13.36
C LEU C 97 -33.50 -1.21 13.28
N GLY C 98 -32.92 -0.65 12.22
CA GLY C 98 -31.49 -0.73 11.99
C GLY C 98 -30.88 0.54 11.44
N SER C 99 -29.58 0.71 11.69
CA SER C 99 -28.78 1.83 11.20
C SER C 99 -28.13 1.38 9.90
N PHE C 100 -28.54 1.97 8.77
CA PHE C 100 -28.04 1.57 7.46
C PHE C 100 -27.05 2.57 6.88
N SER C 101 -26.03 2.05 6.17
CA SER C 101 -24.98 2.86 5.55
C SER C 101 -25.10 2.90 4.02
N ASN C 102 -24.72 4.05 3.43
CA ASN C 102 -24.72 4.32 2.00
C ASN C 102 -23.80 5.51 1.72
N ASP C 103 -23.19 5.54 0.50
CA ASP C 103 -22.31 6.63 0.08
C ASP C 103 -23.14 7.90 -0.04
N MET C 104 -22.86 8.87 0.83
CA MET C 104 -23.64 10.12 0.89
C MET C 104 -22.77 11.35 0.67
N ASP C 105 -23.15 12.17 -0.33
CA ASP C 105 -22.49 13.42 -0.71
C ASP C 105 -23.26 14.61 -0.12
N PHE C 106 -22.64 15.34 0.82
CA PHE C 106 -23.25 16.50 1.46
C PHE C 106 -22.50 17.79 1.06
N ARG C 107 -21.85 17.77 -0.13
CA ARG C 107 -21.07 18.89 -0.67
C ARG C 107 -21.90 20.15 -0.92
N LEU C 108 -23.07 20.00 -1.57
CA LEU C 108 -23.95 21.13 -1.89
C LEU C 108 -25.08 21.29 -0.84
N PHE C 109 -24.68 21.26 0.44
CA PHE C 109 -25.55 21.46 1.61
C PHE C 109 -25.99 22.93 1.67
N PRO C 110 -27.23 23.28 2.08
CA PRO C 110 -28.34 22.42 2.56
C PRO C 110 -29.26 21.90 1.45
N PHE C 111 -28.84 22.02 0.18
CA PHE C 111 -29.62 21.60 -0.97
C PHE C 111 -29.19 20.19 -1.42
N ASP C 112 -29.20 19.25 -0.47
CA ASP C 112 -28.81 17.85 -0.64
C ASP C 112 -29.79 17.03 -1.46
N ARG C 113 -29.26 16.04 -2.18
CA ARG C 113 -30.00 15.05 -2.96
C ARG C 113 -29.47 13.69 -2.52
N GLN C 114 -30.15 13.07 -1.54
CA GLN C 114 -29.71 11.80 -0.96
C GLN C 114 -30.72 10.68 -1.18
N GLN C 115 -30.21 9.45 -1.38
CA GLN C 115 -31.06 8.28 -1.55
C GLN C 115 -30.77 7.24 -0.47
N PHE C 116 -31.82 6.85 0.27
CA PHE C 116 -31.74 5.86 1.34
C PHE C 116 -31.88 4.47 0.73
N VAL C 117 -30.81 3.67 0.85
CA VAL C 117 -30.71 2.33 0.26
C VAL C 117 -30.86 1.24 1.34
N LEU C 118 -31.46 0.12 0.95
CA LEU C 118 -31.65 -1.10 1.75
C LEU C 118 -31.23 -2.30 0.91
N GLU C 119 -30.29 -3.10 1.42
CA GLU C 119 -29.77 -4.25 0.67
C GLU C 119 -30.00 -5.55 1.43
N LEU C 120 -30.80 -6.47 0.85
CA LEU C 120 -31.12 -7.77 1.43
C LEU C 120 -30.49 -8.90 0.63
N GLU C 121 -29.91 -9.88 1.33
CA GLU C 121 -29.24 -11.04 0.72
C GLU C 121 -29.20 -12.22 1.71
N PRO C 122 -29.43 -13.48 1.27
CA PRO C 122 -29.33 -14.62 2.21
C PRO C 122 -27.88 -14.80 2.68
N PHE C 123 -27.71 -15.02 3.99
CA PHE C 123 -26.39 -15.13 4.62
C PHE C 123 -25.63 -16.42 4.26
N SER C 124 -26.33 -17.56 4.08
CA SER C 124 -25.65 -18.82 3.83
C SER C 124 -25.97 -19.46 2.48
N TYR C 125 -27.23 -19.40 2.04
CA TYR C 125 -27.67 -20.05 0.80
C TYR C 125 -27.46 -19.17 -0.43
N ASN C 126 -26.84 -19.74 -1.49
CA ASN C 126 -26.54 -19.07 -2.75
C ASN C 126 -27.77 -19.00 -3.68
N ASN C 127 -27.61 -18.42 -4.90
CA ASN C 127 -28.66 -18.25 -5.90
C ASN C 127 -29.26 -19.59 -6.39
N GLN C 128 -28.47 -20.67 -6.37
CA GLN C 128 -28.91 -22.00 -6.79
C GLN C 128 -29.70 -22.69 -5.68
N GLN C 129 -29.54 -22.24 -4.42
CA GLN C 129 -30.23 -22.78 -3.24
C GLN C 129 -31.44 -21.90 -2.89
N LEU C 130 -31.24 -20.57 -2.81
CA LEU C 130 -32.26 -19.58 -2.48
C LEU C 130 -32.27 -18.45 -3.50
N ARG C 131 -33.45 -18.21 -4.10
CA ARG C 131 -33.66 -17.18 -5.11
C ARG C 131 -34.76 -16.22 -4.68
N PHE C 132 -34.55 -14.90 -4.88
CA PHE C 132 -35.57 -13.91 -4.57
C PHE C 132 -36.49 -13.75 -5.78
N SER C 133 -37.73 -14.27 -5.67
CA SER C 133 -38.72 -14.26 -6.74
C SER C 133 -39.20 -12.84 -7.09
N ASP C 134 -39.68 -12.08 -6.09
CA ASP C 134 -40.17 -10.70 -6.27
C ASP C 134 -40.07 -9.90 -4.98
N ILE C 135 -39.98 -8.56 -5.12
CA ILE C 135 -39.90 -7.65 -3.98
C ILE C 135 -40.73 -6.38 -4.25
N GLN C 136 -41.48 -5.94 -3.23
CA GLN C 136 -42.32 -4.73 -3.27
C GLN C 136 -42.20 -3.96 -1.95
N VAL C 137 -41.93 -2.65 -2.05
CA VAL C 137 -41.76 -1.74 -0.91
C VAL C 137 -42.99 -0.86 -0.77
N TYR C 138 -43.39 -0.61 0.48
CA TYR C 138 -44.56 0.21 0.78
C TYR C 138 -44.18 1.35 1.72
N THR C 139 -43.95 2.53 1.12
CA THR C 139 -43.61 3.75 1.86
C THR C 139 -44.92 4.50 2.12
N GLU C 140 -45.56 4.18 3.26
CA GLU C 140 -46.85 4.74 3.68
C GLU C 140 -46.68 6.15 4.29
N ASN C 141 -45.74 6.94 3.71
CA ASN C 141 -45.42 8.29 4.13
C ASN C 141 -45.98 9.28 3.11
N ILE C 142 -46.89 10.18 3.56
CA ILE C 142 -47.55 11.19 2.74
C ILE C 142 -47.96 12.41 3.56
N ASP C 143 -47.98 13.60 2.93
CA ASP C 143 -48.33 14.92 3.49
C ASP C 143 -47.36 15.38 4.61
N ASN C 144 -47.53 16.65 5.06
CA ASN C 144 -46.74 17.34 6.11
C ASN C 144 -45.23 17.30 5.82
N GLU C 145 -44.84 17.74 4.60
CA GLU C 145 -43.44 17.78 4.16
C GLU C 145 -42.69 18.91 4.86
N GLU C 146 -43.35 20.07 5.06
CA GLU C 146 -42.80 21.27 5.71
C GLU C 146 -42.46 21.05 7.19
N ILE C 147 -43.01 19.99 7.82
CA ILE C 147 -42.78 19.62 9.21
C ILE C 147 -41.57 18.65 9.29
N ASP C 148 -41.47 17.70 8.34
CA ASP C 148 -40.39 16.72 8.28
C ASP C 148 -39.09 17.34 7.76
N GLU C 149 -37.94 16.81 8.23
CA GLU C 149 -36.59 17.25 7.86
C GLU C 149 -36.26 16.93 6.40
N TRP C 150 -36.72 15.75 5.91
CA TRP C 150 -36.47 15.29 4.55
C TRP C 150 -37.76 15.17 3.75
N TRP C 151 -37.66 15.42 2.42
CA TRP C 151 -38.79 15.35 1.51
C TRP C 151 -38.63 14.15 0.57
N ILE C 152 -39.35 13.05 0.86
CA ILE C 152 -39.34 11.83 0.04
C ILE C 152 -40.00 12.16 -1.29
N ARG C 153 -39.29 11.90 -2.41
CA ARG C 153 -39.79 12.23 -3.74
C ARG C 153 -40.39 11.01 -4.44
N GLY C 154 -39.57 10.03 -4.80
CA GLY C 154 -40.02 8.81 -5.46
C GLY C 154 -40.80 7.88 -4.55
N LYS C 155 -41.55 6.93 -5.14
CA LYS C 155 -42.35 5.96 -4.37
C LYS C 155 -41.43 4.95 -3.68
N ALA C 156 -40.51 4.32 -4.47
CA ALA C 156 -39.49 3.34 -4.10
C ALA C 156 -38.93 2.65 -5.35
N SER C 157 -37.60 2.53 -5.43
CA SER C 157 -36.93 1.87 -6.55
C SER C 157 -36.39 0.52 -6.10
N THR C 158 -36.76 -0.57 -6.79
CA THR C 158 -36.33 -1.93 -6.45
C THR C 158 -35.51 -2.56 -7.58
N HIS C 159 -34.58 -3.45 -7.20
CA HIS C 159 -33.72 -4.18 -8.14
C HIS C 159 -33.22 -5.50 -7.54
N ILE C 160 -33.60 -6.63 -8.16
CA ILE C 160 -33.14 -7.96 -7.78
C ILE C 160 -32.04 -8.34 -8.76
N SER C 161 -30.83 -8.61 -8.25
CA SER C 161 -29.66 -8.95 -9.04
C SER C 161 -28.82 -10.04 -8.39
N ASP C 162 -28.02 -10.76 -9.19
CA ASP C 162 -27.15 -11.82 -8.70
C ASP C 162 -25.74 -11.24 -8.53
N ILE C 163 -25.25 -11.23 -7.27
CA ILE C 163 -23.93 -10.71 -6.91
C ILE C 163 -22.93 -11.88 -6.86
N ARG C 164 -21.82 -11.73 -7.60
CA ARG C 164 -20.73 -12.70 -7.69
C ARG C 164 -19.53 -12.21 -6.89
N TYR C 165 -19.05 -13.02 -5.93
CA TYR C 165 -17.91 -12.67 -5.08
C TYR C 165 -16.60 -13.23 -5.65
N ASP C 166 -15.52 -12.41 -5.59
CA ASP C 166 -14.18 -12.75 -6.08
C ASP C 166 -13.55 -13.84 -5.22
N HIS C 167 -13.53 -13.64 -3.88
CA HIS C 167 -13.03 -14.49 -2.78
C HIS C 167 -11.58 -15.03 -2.95
N LEU C 168 -11.22 -15.56 -4.15
CA LEU C 168 -9.93 -16.16 -4.52
C LEU C 168 -9.75 -17.52 -3.81
N SER C 169 -9.57 -18.59 -4.61
CA SER C 169 -9.39 -20.01 -4.24
C SER C 169 -10.58 -20.54 -3.39
N SER C 170 -10.45 -20.56 -2.04
CA SER C 170 -11.44 -21.03 -1.05
C SER C 170 -11.87 -22.51 -1.28
N VAL C 171 -13.04 -22.93 -0.76
CA VAL C 171 -13.57 -24.29 -0.89
C VAL C 171 -14.67 -24.37 -1.96
N GLN C 172 -15.57 -23.36 -2.03
CA GLN C 172 -16.68 -23.31 -3.00
C GLN C 172 -16.14 -22.90 -4.40
N PRO C 173 -16.32 -23.73 -5.45
CA PRO C 173 -15.79 -23.37 -6.77
C PRO C 173 -16.74 -22.48 -7.58
N ASN C 174 -17.73 -23.08 -8.30
CA ASN C 174 -18.70 -22.36 -9.14
C ASN C 174 -19.77 -21.64 -8.30
N GLN C 175 -20.24 -22.27 -7.20
CA GLN C 175 -21.26 -21.74 -6.30
C GLN C 175 -20.70 -20.52 -5.51
N ASN C 176 -20.74 -19.34 -6.16
CA ASN C 176 -20.25 -18.08 -5.61
C ASN C 176 -21.15 -16.89 -6.03
N GLU C 177 -22.42 -17.18 -6.42
CA GLU C 177 -23.41 -16.19 -6.84
C GLU C 177 -24.58 -16.16 -5.85
N PHE C 178 -24.97 -14.95 -5.40
CA PHE C 178 -26.06 -14.74 -4.43
C PHE C 178 -27.07 -13.71 -4.92
N SER C 179 -28.38 -13.99 -4.77
CA SER C 179 -29.46 -13.06 -5.17
C SER C 179 -29.58 -11.95 -4.13
N ARG C 180 -29.58 -10.68 -4.58
CA ARG C 180 -29.63 -9.52 -3.69
C ARG C 180 -30.73 -8.52 -4.10
N ILE C 181 -31.54 -8.10 -3.11
CA ILE C 181 -32.59 -7.10 -3.26
C ILE C 181 -32.00 -5.74 -2.89
N THR C 182 -32.13 -4.75 -3.78
CA THR C 182 -31.63 -3.39 -3.53
C THR C 182 -32.81 -2.44 -3.62
N VAL C 183 -33.12 -1.77 -2.50
CA VAL C 183 -34.22 -0.82 -2.35
C VAL C 183 -33.64 0.59 -2.28
N ARG C 184 -34.13 1.52 -3.12
CA ARG C 184 -33.64 2.90 -3.14
C ARG C 184 -34.80 3.89 -3.01
N ILE C 185 -34.71 4.79 -2.00
CA ILE C 185 -35.72 5.82 -1.73
C ILE C 185 -35.03 7.19 -1.81
N ASP C 186 -35.29 7.93 -2.90
CA ASP C 186 -34.71 9.26 -3.13
C ASP C 186 -35.39 10.32 -2.27
N ALA C 187 -34.59 11.25 -1.70
CA ALA C 187 -35.09 12.34 -0.84
C ALA C 187 -34.29 13.64 -0.99
N VAL C 188 -34.96 14.78 -0.76
CA VAL C 188 -34.38 16.13 -0.83
C VAL C 188 -34.51 16.78 0.56
N ARG C 189 -33.43 17.40 1.05
CA ARG C 189 -33.39 18.08 2.35
C ARG C 189 -34.23 19.36 2.32
N ASN C 190 -34.94 19.65 3.43
CA ASN C 190 -35.75 20.86 3.63
C ASN C 190 -34.80 22.02 3.96
N PRO C 191 -34.59 23.01 3.04
CA PRO C 191 -33.61 24.07 3.32
C PRO C 191 -34.21 25.34 3.95
N SER C 192 -35.53 25.34 4.26
CA SER C 192 -36.27 26.47 4.84
C SER C 192 -35.62 27.05 6.10
N TYR C 193 -35.06 26.20 6.99
CA TYR C 193 -34.41 26.66 8.21
C TYR C 193 -33.05 27.29 7.91
N TYR C 194 -32.21 26.57 7.16
CA TYR C 194 -30.85 26.97 6.80
C TYR C 194 -30.81 28.21 5.89
N LEU C 195 -31.84 28.42 5.05
CA LEU C 195 -31.88 29.58 4.16
C LEU C 195 -32.19 30.86 4.93
N TRP C 196 -33.20 30.81 5.81
CA TRP C 196 -33.64 31.96 6.59
C TRP C 196 -32.78 32.24 7.83
N SER C 197 -32.33 31.18 8.55
CA SER C 197 -31.53 31.35 9.78
C SER C 197 -30.01 31.31 9.57
N PHE C 198 -29.51 30.90 8.39
CA PHE C 198 -28.06 30.84 8.17
C PHE C 198 -27.61 31.57 6.90
N ILE C 199 -28.27 31.35 5.75
CA ILE C 199 -27.89 31.98 4.47
C ILE C 199 -28.23 33.49 4.51
N LEU C 200 -29.50 33.82 4.80
CA LEU C 200 -30.02 35.20 4.84
C LEU C 200 -29.25 36.09 5.85
N PRO C 201 -29.02 35.73 7.14
CA PRO C 201 -28.28 36.67 8.02
C PRO C 201 -26.81 36.81 7.64
N LEU C 202 -26.18 35.73 7.13
CA LEU C 202 -24.79 35.75 6.68
C LEU C 202 -24.63 36.71 5.50
N GLY C 203 -25.60 36.71 4.59
CA GLY C 203 -25.63 37.59 3.43
C GLY C 203 -25.63 39.05 3.83
N LEU C 204 -26.37 39.38 4.92
CA LEU C 204 -26.47 40.72 5.48
C LEU C 204 -25.15 41.15 6.13
N ILE C 205 -24.39 40.20 6.73
CA ILE C 205 -23.09 40.44 7.36
C ILE C 205 -22.09 40.92 6.29
N ILE C 206 -22.02 40.18 5.15
CA ILE C 206 -21.11 40.48 4.02
C ILE C 206 -21.54 41.78 3.35
N ALA C 207 -22.86 42.02 3.24
CA ALA C 207 -23.41 43.25 2.64
C ALA C 207 -23.04 44.47 3.50
N ALA C 208 -23.18 44.34 4.84
CA ALA C 208 -22.82 45.40 5.80
C ALA C 208 -21.30 45.55 5.90
N SER C 209 -20.54 44.50 5.52
CA SER C 209 -19.07 44.50 5.53
C SER C 209 -18.52 45.49 4.49
N TRP C 210 -19.25 45.67 3.36
CA TRP C 210 -18.86 46.57 2.29
C TRP C 210 -19.18 48.04 2.62
N SER C 211 -20.00 48.28 3.66
CA SER C 211 -20.40 49.62 4.08
C SER C 211 -19.28 50.32 4.89
N VAL C 212 -18.12 49.66 5.05
CA VAL C 212 -16.95 50.18 5.76
C VAL C 212 -16.26 51.31 4.95
N PHE C 213 -16.45 51.33 3.61
CA PHE C 213 -15.85 52.34 2.72
C PHE C 213 -16.61 53.66 2.76
N TRP C 214 -17.84 53.66 3.31
CA TRP C 214 -18.66 54.86 3.42
C TRP C 214 -18.19 55.76 4.58
N LEU C 215 -17.23 55.26 5.41
CA LEU C 215 -16.62 56.00 6.51
C LEU C 215 -15.66 57.07 5.97
N GLU C 216 -15.51 58.20 6.67
CA GLU C 216 -14.69 59.33 6.24
C GLU C 216 -13.20 59.14 6.58
N SER C 217 -12.85 58.99 7.88
CA SER C 217 -11.48 58.85 8.36
C SER C 217 -10.89 57.47 8.09
N PHE C 218 -9.57 57.41 7.84
CA PHE C 218 -8.81 56.17 7.60
C PHE C 218 -8.78 55.31 8.87
N SER C 219 -8.65 55.95 10.05
CA SER C 219 -8.64 55.30 11.37
C SER C 219 -9.98 54.60 11.61
N GLU C 220 -11.09 55.26 11.20
CA GLU C 220 -12.46 54.75 11.30
C GLU C 220 -12.63 53.56 10.34
N ARG C 221 -12.15 53.69 9.09
CA ARG C 221 -12.20 52.69 8.03
C ARG C 221 -11.44 51.40 8.41
N LEU C 222 -10.30 51.53 9.12
CA LEU C 222 -9.48 50.39 9.50
C LEU C 222 -9.98 49.70 10.78
N GLN C 223 -10.28 50.47 11.85
CA GLN C 223 -10.73 49.92 13.13
C GLN C 223 -12.08 49.19 13.03
N THR C 224 -12.97 49.61 12.12
CA THR C 224 -14.29 49.01 11.91
C THR C 224 -14.14 47.63 11.24
N SER C 225 -13.16 47.48 10.32
CA SER C 225 -12.92 46.21 9.62
C SER C 225 -12.40 45.12 10.58
N PHE C 226 -11.83 45.51 11.74
CA PHE C 226 -11.38 44.56 12.77
C PHE C 226 -12.59 44.00 13.53
N THR C 227 -13.62 44.84 13.74
CA THR C 227 -14.89 44.47 14.38
C THR C 227 -15.66 43.56 13.41
N LEU C 228 -15.56 43.89 12.09
CA LEU C 228 -16.16 43.13 10.98
C LEU C 228 -15.56 41.72 10.91
N MET C 229 -14.23 41.62 11.12
CA MET C 229 -13.46 40.38 11.13
C MET C 229 -13.95 39.49 12.29
N LEU C 230 -14.12 40.11 13.48
CA LEU C 230 -14.59 39.48 14.72
C LEU C 230 -16.03 38.99 14.57
N THR C 231 -16.86 39.68 13.74
CA THR C 231 -18.26 39.33 13.49
C THR C 231 -18.33 38.01 12.70
N VAL C 232 -17.45 37.84 11.70
CA VAL C 232 -17.40 36.64 10.86
C VAL C 232 -16.86 35.46 11.71
N VAL C 233 -15.88 35.71 12.63
CA VAL C 233 -15.31 34.70 13.53
C VAL C 233 -16.44 34.19 14.46
N ALA C 234 -17.24 35.14 15.02
CA ALA C 234 -18.38 34.84 15.89
C ALA C 234 -19.47 34.09 15.12
N TYR C 235 -19.65 34.39 13.82
CA TYR C 235 -20.64 33.74 12.97
C TYR C 235 -20.16 32.35 12.55
N ALA C 236 -18.87 32.21 12.17
CA ALA C 236 -18.26 30.94 11.77
C ALA C 236 -18.42 29.90 12.87
N PHE C 237 -18.30 30.36 14.14
CA PHE C 237 -18.45 29.55 15.35
C PHE C 237 -19.92 29.16 15.52
N TYR C 238 -20.85 30.12 15.31
CA TYR C 238 -22.31 29.92 15.41
C TYR C 238 -22.76 28.89 14.36
N THR C 239 -22.17 28.92 13.16
CA THR C 239 -22.49 28.03 12.05
C THR C 239 -22.02 26.60 12.37
N SER C 240 -20.69 26.41 12.57
CA SER C 240 -20.03 25.13 12.82
C SER C 240 -20.57 24.35 14.04
N ASN C 241 -21.05 25.06 15.08
CA ASN C 241 -21.60 24.44 16.29
C ASN C 241 -22.98 23.79 16.06
N ILE C 242 -23.82 24.39 15.19
CA ILE C 242 -25.17 23.92 14.88
C ILE C 242 -25.16 23.00 13.64
N LEU C 243 -24.43 23.40 12.57
CA LEU C 243 -24.33 22.66 11.31
C LEU C 243 -23.67 21.27 11.50
N PRO C 244 -24.03 20.26 10.65
CA PRO C 244 -23.44 18.93 10.80
C PRO C 244 -21.94 18.86 10.52
N ARG C 245 -21.23 18.01 11.28
CA ARG C 245 -19.79 17.79 11.15
C ARG C 245 -19.49 16.98 9.89
N LEU C 246 -18.61 17.52 9.02
CA LEU C 246 -18.25 16.89 7.74
C LEU C 246 -16.74 17.01 7.43
N PRO C 247 -16.15 16.06 6.64
CA PRO C 247 -14.72 16.17 6.33
C PRO C 247 -14.43 17.02 5.08
N TYR C 248 -15.43 17.80 4.61
CA TYR C 248 -15.31 18.69 3.44
C TYR C 248 -16.17 19.94 3.62
N THR C 249 -15.81 21.03 2.91
CA THR C 249 -16.50 22.32 2.96
C THR C 249 -17.81 22.31 2.16
N THR C 250 -18.86 22.93 2.74
CA THR C 250 -20.19 23.05 2.14
C THR C 250 -20.36 24.45 1.49
N VAL C 251 -21.56 24.75 0.96
CA VAL C 251 -21.88 26.04 0.34
C VAL C 251 -21.83 27.15 1.41
N ILE C 252 -22.38 26.86 2.61
CA ILE C 252 -22.41 27.76 3.76
C ILE C 252 -20.98 27.97 4.28
N ASP C 253 -20.16 26.89 4.31
CA ASP C 253 -18.76 26.94 4.75
C ASP C 253 -17.93 27.80 3.79
N GLN C 254 -18.21 27.69 2.47
CA GLN C 254 -17.54 28.47 1.41
C GLN C 254 -17.89 29.95 1.49
N MET C 255 -19.13 30.26 1.91
CA MET C 255 -19.63 31.62 2.09
C MET C 255 -18.86 32.35 3.20
N ILE C 256 -18.50 31.61 4.27
CA ILE C 256 -17.75 32.10 5.43
C ILE C 256 -16.33 32.50 4.97
N ILE C 257 -15.67 31.64 4.14
CA ILE C 257 -14.32 31.87 3.59
C ILE C 257 -14.33 33.13 2.73
N ALA C 258 -15.42 33.31 1.94
CA ALA C 258 -15.64 34.46 1.07
C ALA C 258 -15.80 35.75 1.90
N GLY C 259 -16.36 35.61 3.10
CA GLY C 259 -16.54 36.70 4.06
C GLY C 259 -15.22 37.18 4.63
N TYR C 260 -14.34 36.22 5.00
CA TYR C 260 -13.00 36.49 5.51
C TYR C 260 -12.14 37.19 4.45
N GLY C 261 -12.27 36.71 3.20
CA GLY C 261 -11.57 37.23 2.04
C GLY C 261 -11.97 38.64 1.70
N SER C 262 -13.30 38.93 1.77
CA SER C 262 -13.91 40.24 1.52
C SER C 262 -13.38 41.29 2.49
N ILE C 263 -13.20 40.92 3.77
CA ILE C 263 -12.69 41.80 4.83
C ILE C 263 -11.18 41.98 4.65
N PHE C 264 -10.44 40.89 4.37
CA PHE C 264 -8.99 40.95 4.17
C PHE C 264 -8.61 41.76 2.94
N ALA C 265 -9.43 41.70 1.87
CA ALA C 265 -9.23 42.48 0.64
C ALA C 265 -9.46 43.97 0.93
N ALA C 266 -10.45 44.26 1.81
CA ALA C 266 -10.78 45.61 2.27
C ALA C 266 -9.65 46.20 3.10
N ILE C 267 -9.07 45.39 4.03
CA ILE C 267 -7.94 45.75 4.91
C ILE C 267 -6.76 46.23 4.04
N LEU C 268 -6.41 45.45 2.99
CA LEU C 268 -5.32 45.74 2.08
C LEU C 268 -5.58 47.02 1.27
N LEU C 269 -6.82 47.22 0.79
CA LEU C 269 -7.22 48.38 0.01
C LEU C 269 -7.24 49.67 0.83
N ILE C 270 -7.69 49.60 2.11
CA ILE C 270 -7.75 50.76 3.02
C ILE C 270 -6.32 51.23 3.34
N ILE C 271 -5.37 50.28 3.54
CA ILE C 271 -3.96 50.57 3.81
C ILE C 271 -3.33 51.19 2.53
N PHE C 272 -3.60 50.58 1.35
CA PHE C 272 -3.08 51.03 0.06
C PHE C 272 -3.57 52.44 -0.29
N ALA C 273 -4.85 52.77 0.01
CA ALA C 273 -5.43 54.09 -0.27
C ALA C 273 -4.69 55.22 0.46
N HIS C 274 -4.39 55.00 1.76
CA HIS C 274 -3.73 55.97 2.63
C HIS C 274 -2.22 56.08 2.40
N HIS C 275 -1.52 54.95 2.13
CA HIS C 275 -0.07 54.94 2.01
C HIS C 275 0.45 55.09 0.57
N ARG C 276 -0.33 54.74 -0.47
CA ARG C 276 0.09 54.98 -1.85
C ARG C 276 -0.36 56.40 -2.17
N GLN C 277 0.54 57.36 -1.88
CA GLN C 277 0.29 58.80 -1.99
C GLN C 277 1.48 59.57 -2.58
N ALA C 278 1.32 60.90 -2.72
CA ALA C 278 2.32 61.83 -3.23
C ALA C 278 2.69 62.89 -2.17
N ASN C 279 1.91 62.95 -1.06
CA ASN C 279 2.13 63.89 0.04
C ASN C 279 2.14 63.19 1.43
N GLY C 280 1.13 62.36 1.69
CA GLY C 280 1.00 61.64 2.96
C GLY C 280 -0.39 61.11 3.22
N VAL C 281 -1.40 61.98 3.09
CA VAL C 281 -2.82 61.65 3.31
C VAL C 281 -3.59 61.76 1.96
N GLU C 282 -2.87 61.56 0.83
CA GLU C 282 -3.48 61.61 -0.51
C GLU C 282 -4.21 60.28 -0.77
N ASP C 283 -5.46 60.19 -0.31
CA ASP C 283 -6.29 59.00 -0.51
C ASP C 283 -6.87 59.05 -1.91
N ASP C 284 -6.56 58.03 -2.74
CA ASP C 284 -7.04 57.95 -4.13
C ASP C 284 -8.58 58.00 -4.14
N LEU C 285 -9.13 59.14 -4.59
CA LEU C 285 -10.56 59.48 -4.66
C LEU C 285 -11.40 58.41 -5.36
N LEU C 286 -10.79 57.56 -6.22
CA LEU C 286 -11.46 56.49 -6.93
C LEU C 286 -11.37 55.16 -6.16
N ILE C 287 -10.17 54.84 -5.60
CA ILE C 287 -9.95 53.59 -4.86
C ILE C 287 -10.62 53.66 -3.46
N GLN C 288 -10.80 54.88 -2.90
CA GLN C 288 -11.48 55.05 -1.60
C GLN C 288 -13.00 54.96 -1.82
N ARG C 289 -13.45 55.23 -3.05
CA ARG C 289 -14.84 55.17 -3.49
C ARG C 289 -15.11 53.84 -4.23
N CYS C 290 -14.53 52.74 -3.71
CA CYS C 290 -14.72 51.40 -4.28
C CYS C 290 -15.96 50.75 -3.62
N ARG C 291 -16.90 51.61 -3.18
CA ARG C 291 -18.19 51.31 -2.55
C ARG C 291 -19.11 50.51 -3.48
N LEU C 292 -18.78 50.47 -4.78
CA LEU C 292 -19.53 49.77 -5.82
C LEU C 292 -18.60 48.92 -6.71
N ALA C 293 -17.26 49.08 -6.56
CA ALA C 293 -16.26 48.36 -7.36
C ALA C 293 -16.22 46.85 -7.03
N PHE C 294 -15.81 46.46 -5.80
CA PHE C 294 -15.77 45.03 -5.46
C PHE C 294 -17.12 44.49 -4.90
N PRO C 295 -18.09 45.26 -4.34
CA PRO C 295 -19.37 44.64 -3.91
C PRO C 295 -20.06 43.90 -5.05
N LEU C 296 -20.07 44.46 -6.29
CA LEU C 296 -20.64 43.75 -7.45
C LEU C 296 -19.63 42.73 -7.99
N GLY C 297 -18.34 42.97 -7.71
CA GLY C 297 -17.25 42.08 -8.07
C GLY C 297 -17.30 40.80 -7.26
N PHE C 298 -17.87 40.89 -6.03
CA PHE C 298 -18.10 39.78 -5.11
C PHE C 298 -19.22 38.90 -5.68
N LEU C 299 -20.20 39.52 -6.36
CA LEU C 299 -21.31 38.82 -7.03
C LEU C 299 -20.77 38.07 -8.25
N ALA C 300 -19.78 38.65 -8.94
CA ALA C 300 -19.11 38.06 -10.10
C ALA C 300 -18.26 36.85 -9.67
N ILE C 301 -17.46 37.00 -8.58
CA ILE C 301 -16.61 35.95 -7.99
C ILE C 301 -17.52 34.87 -7.37
N GLY C 302 -18.63 35.28 -6.76
CA GLY C 302 -19.62 34.40 -6.15
C GLY C 302 -20.33 33.50 -7.13
N CYS C 303 -20.52 33.98 -8.38
CA CYS C 303 -21.16 33.21 -9.45
C CYS C 303 -20.14 32.26 -10.11
N VAL C 304 -18.83 32.56 -10.01
CA VAL C 304 -17.74 31.72 -10.54
C VAL C 304 -17.68 30.42 -9.69
N LEU C 305 -17.92 30.54 -8.37
CA LEU C 305 -17.95 29.41 -7.42
C LEU C 305 -19.07 28.41 -7.73
N VAL C 306 -20.18 28.90 -8.33
CA VAL C 306 -21.35 28.11 -8.74
C VAL C 306 -20.96 27.21 -9.94
N ILE C 307 -20.19 27.77 -10.91
CA ILE C 307 -19.71 27.07 -12.11
C ILE C 307 -18.62 26.08 -11.72
N PRO D 1 -64.02 -14.71 17.88
CA PRO D 1 -63.22 -13.51 18.16
C PRO D 1 -63.00 -13.33 19.66
N VAL D 2 -61.72 -13.37 20.08
CA VAL D 2 -61.32 -13.23 21.48
C VAL D 2 -61.45 -11.76 21.91
N ASP D 3 -62.29 -11.50 22.93
CA ASP D 3 -62.49 -10.14 23.46
C ASP D 3 -61.43 -9.86 24.51
N VAL D 4 -60.57 -8.84 24.24
CA VAL D 4 -59.48 -8.46 25.12
C VAL D 4 -59.71 -7.05 25.68
N SER D 5 -59.77 -6.94 27.02
CA SER D 5 -59.95 -5.68 27.74
C SER D 5 -58.58 -5.16 28.16
N VAL D 6 -58.22 -3.97 27.66
CA VAL D 6 -56.91 -3.35 27.92
C VAL D 6 -57.06 -2.15 28.86
N SER D 7 -56.03 -1.93 29.71
CA SER D 7 -55.96 -0.81 30.66
C SER D 7 -54.52 -0.31 30.73
N ILE D 8 -54.30 0.95 30.32
CA ILE D 8 -52.98 1.59 30.30
C ILE D 8 -52.86 2.55 31.48
N PHE D 9 -51.76 2.46 32.23
CA PHE D 9 -51.50 3.32 33.38
C PHE D 9 -50.28 4.18 33.12
N ILE D 10 -50.48 5.44 32.70
CA ILE D 10 -49.39 6.37 32.39
C ILE D 10 -48.77 6.88 33.70
N ASN D 11 -47.44 6.75 33.84
CA ASN D 11 -46.69 7.22 35.01
C ASN D 11 -45.95 8.51 34.72
N LYS D 12 -45.27 8.59 33.56
CA LYS D 12 -44.47 9.75 33.19
C LYS D 12 -44.31 9.86 31.67
N ILE D 13 -44.51 11.08 31.15
CA ILE D 13 -44.28 11.46 29.74
C ILE D 13 -43.18 12.51 29.79
N TYR D 14 -41.99 12.14 29.32
CA TYR D 14 -40.80 12.98 29.36
C TYR D 14 -39.92 12.78 28.11
N GLY D 15 -38.80 13.51 28.06
CA GLY D 15 -37.80 13.43 26.99
C GLY D 15 -38.33 13.60 25.59
N VAL D 16 -38.79 14.80 25.25
CA VAL D 16 -39.33 15.10 23.94
C VAL D 16 -38.18 15.43 22.98
N ASN D 17 -38.02 14.60 21.93
CA ASN D 17 -37.01 14.77 20.89
C ASN D 17 -37.69 15.50 19.74
N THR D 18 -37.39 16.79 19.59
CA THR D 18 -38.01 17.67 18.58
C THR D 18 -37.67 17.27 17.13
N LEU D 19 -36.40 16.89 16.86
CA LEU D 19 -35.98 16.51 15.52
C LEU D 19 -36.57 15.17 15.08
N GLU D 20 -36.56 14.17 15.99
CA GLU D 20 -37.07 12.83 15.71
C GLU D 20 -38.59 12.73 15.88
N GLN D 21 -39.23 13.75 16.53
CA GLN D 21 -40.67 13.81 16.85
C GLN D 21 -41.04 12.59 17.72
N THR D 22 -40.26 12.42 18.80
CA THR D 22 -40.33 11.30 19.74
C THR D 22 -40.50 11.80 21.19
N TYR D 23 -41.12 10.97 22.06
CA TYR D 23 -41.35 11.22 23.48
C TYR D 23 -41.34 9.89 24.24
N LYS D 24 -40.72 9.88 25.43
CA LYS D 24 -40.61 8.67 26.27
C LYS D 24 -41.82 8.55 27.19
N VAL D 25 -42.43 7.35 27.23
CA VAL D 25 -43.61 7.07 28.06
C VAL D 25 -43.34 5.85 28.95
N ASP D 26 -43.52 6.02 30.28
CA ASP D 26 -43.38 4.97 31.28
C ASP D 26 -44.76 4.63 31.83
N GLY D 27 -45.09 3.34 31.86
CA GLY D 27 -46.39 2.89 32.34
C GLY D 27 -46.57 1.40 32.51
N TYR D 28 -47.83 0.96 32.59
CA TYR D 28 -48.23 -0.45 32.76
C TYR D 28 -49.34 -0.85 31.77
N ILE D 29 -49.23 -2.06 31.18
CA ILE D 29 -50.26 -2.61 30.27
C ILE D 29 -50.97 -3.73 31.01
N VAL D 30 -52.31 -3.70 31.01
CA VAL D 30 -53.13 -4.74 31.65
C VAL D 30 -54.10 -5.27 30.60
N ALA D 31 -53.82 -6.49 30.10
CA ALA D 31 -54.67 -7.15 29.11
C ALA D 31 -55.41 -8.32 29.74
N GLN D 32 -56.72 -8.42 29.49
CA GLN D 32 -57.56 -9.47 30.06
C GLN D 32 -58.43 -10.12 29.00
N TRP D 33 -58.42 -11.45 28.95
CA TRP D 33 -59.22 -12.28 28.05
C TRP D 33 -59.68 -13.54 28.79
N THR D 34 -60.91 -14.00 28.50
CA THR D 34 -61.47 -15.18 29.15
C THR D 34 -61.18 -16.40 28.27
N GLY D 35 -60.40 -17.32 28.83
CA GLY D 35 -60.02 -18.55 28.16
C GLY D 35 -60.82 -19.74 28.63
N LYS D 36 -60.22 -20.93 28.55
CA LYS D 36 -60.86 -22.16 29.01
C LYS D 36 -60.60 -22.31 30.51
N PRO D 37 -61.64 -22.63 31.32
CA PRO D 37 -61.44 -22.71 32.77
C PRO D 37 -60.39 -23.74 33.19
N ARG D 38 -59.46 -23.30 34.06
CA ARG D 38 -58.32 -24.06 34.57
C ARG D 38 -58.59 -24.64 35.97
N LYS D 39 -57.60 -25.41 36.51
CA LYS D 39 -57.63 -25.98 37.85
C LYS D 39 -56.38 -25.51 38.59
N THR D 40 -56.49 -24.35 39.26
CA THR D 40 -55.44 -23.65 40.01
C THR D 40 -55.21 -24.29 41.38
N PRO D 41 -53.98 -24.24 41.96
CA PRO D 41 -53.75 -24.83 43.29
C PRO D 41 -54.73 -24.28 44.33
N GLY D 42 -55.45 -25.19 44.98
CA GLY D 42 -56.49 -24.84 45.94
C GLY D 42 -57.73 -24.45 45.15
N ASP D 43 -57.93 -23.14 44.96
CA ASP D 43 -59.03 -22.55 44.19
C ASP D 43 -58.75 -21.07 43.88
N LYS D 44 -57.81 -20.46 44.62
CA LYS D 44 -57.43 -19.06 44.44
C LYS D 44 -56.65 -18.86 43.12
N PRO D 45 -56.74 -17.66 42.47
CA PRO D 45 -56.03 -17.46 41.20
C PRO D 45 -54.51 -17.60 41.32
N LEU D 46 -53.91 -18.34 40.37
CA LEU D 46 -52.48 -18.61 40.31
C LEU D 46 -51.72 -17.45 39.67
N ILE D 47 -50.59 -17.06 40.29
CA ILE D 47 -49.73 -15.97 39.84
C ILE D 47 -48.46 -16.56 39.20
N VAL D 48 -48.14 -16.10 37.97
CA VAL D 48 -46.97 -16.53 37.19
C VAL D 48 -46.12 -15.27 36.94
N GLU D 49 -44.86 -15.27 37.40
CA GLU D 49 -43.97 -14.11 37.27
C GLU D 49 -42.80 -14.34 36.31
N ASN D 50 -42.46 -13.27 35.56
CA ASN D 50 -41.38 -13.08 34.59
C ASN D 50 -40.96 -14.36 33.80
N THR D 51 -39.88 -15.03 34.24
CA THR D 51 -39.28 -16.22 33.62
C THR D 51 -40.28 -17.37 33.42
N GLN D 52 -41.14 -17.61 34.42
CA GLN D 52 -42.12 -18.69 34.42
C GLN D 52 -43.23 -18.50 33.36
N ILE D 53 -43.47 -17.26 32.89
CA ILE D 53 -44.49 -16.95 31.87
C ILE D 53 -44.11 -17.67 30.56
N GLU D 54 -42.82 -17.60 30.18
CA GLU D 54 -42.25 -18.23 28.99
C GLU D 54 -42.38 -19.77 29.06
N ARG D 55 -42.23 -20.36 30.26
CA ARG D 55 -42.34 -21.80 30.51
C ARG D 55 -43.77 -22.30 30.27
N TRP D 56 -44.78 -21.49 30.64
CA TRP D 56 -46.20 -21.79 30.49
C TRP D 56 -46.62 -21.75 29.02
N ILE D 57 -46.06 -20.81 28.22
CA ILE D 57 -46.34 -20.63 26.79
C ILE D 57 -45.82 -21.88 26.03
N ASN D 58 -44.62 -22.38 26.41
CA ASN D 58 -43.98 -23.57 25.85
C ASN D 58 -44.86 -24.80 26.03
N ASN D 59 -45.58 -24.88 27.18
CA ASN D 59 -46.50 -25.97 27.50
C ASN D 59 -47.80 -25.85 26.69
N GLY D 60 -48.17 -24.63 26.31
CA GLY D 60 -49.36 -24.39 25.50
C GLY D 60 -50.24 -23.21 25.88
N LEU D 61 -49.72 -22.25 26.69
CA LEU D 61 -50.50 -21.07 27.07
C LEU D 61 -50.53 -20.07 25.92
N TRP D 62 -51.74 -19.63 25.54
CA TRP D 62 -51.89 -18.65 24.48
C TRP D 62 -51.79 -17.24 25.07
N VAL D 63 -50.66 -16.57 24.80
CA VAL D 63 -50.40 -15.19 25.22
C VAL D 63 -50.17 -14.39 23.93
N PRO D 64 -51.15 -13.58 23.48
CA PRO D 64 -50.96 -12.87 22.21
C PRO D 64 -49.96 -11.73 22.30
N ALA D 65 -49.18 -11.54 21.23
CA ALA D 65 -48.20 -10.48 21.16
C ALA D 65 -48.89 -9.19 20.69
N LEU D 66 -49.05 -8.25 21.62
CA LEU D 66 -49.67 -6.96 21.33
C LEU D 66 -48.57 -5.94 21.10
N GLU D 67 -48.48 -5.41 19.88
CA GLU D 67 -47.42 -4.47 19.51
C GLU D 67 -47.85 -3.01 19.57
N PHE D 68 -46.92 -2.15 20.01
CA PHE D 68 -47.07 -0.70 20.02
C PHE D 68 -46.68 -0.21 18.63
N ILE D 69 -47.66 0.22 17.84
CA ILE D 69 -47.49 0.65 16.45
C ILE D 69 -46.53 1.86 16.33
N ASN D 70 -46.71 2.87 17.18
CA ASN D 70 -45.92 4.10 17.12
C ASN D 70 -44.61 4.06 17.96
N VAL D 71 -44.24 2.90 18.53
CA VAL D 71 -43.01 2.82 19.32
C VAL D 71 -41.77 2.79 18.39
N VAL D 72 -40.68 3.40 18.85
CA VAL D 72 -39.41 3.48 18.13
C VAL D 72 -38.52 2.33 18.64
N GLY D 73 -38.43 1.28 17.83
CA GLY D 73 -37.69 0.07 18.16
C GLY D 73 -38.47 -0.84 19.08
N SER D 74 -37.77 -1.41 20.10
CA SER D 74 -38.38 -2.29 21.08
C SER D 74 -38.37 -1.62 22.47
N PRO D 75 -39.51 -1.60 23.20
CA PRO D 75 -39.53 -0.94 24.51
C PRO D 75 -38.89 -1.77 25.62
N ASP D 76 -38.45 -1.07 26.69
CA ASP D 76 -37.85 -1.69 27.87
C ASP D 76 -38.96 -2.23 28.77
N THR D 77 -39.22 -3.54 28.67
CA THR D 77 -40.26 -4.22 29.46
C THR D 77 -39.67 -4.61 30.81
N GLY D 78 -40.33 -4.16 31.87
CA GLY D 78 -39.92 -4.44 33.25
C GLY D 78 -40.44 -5.77 33.73
N ASN D 79 -41.10 -5.77 34.89
CA ASN D 79 -41.66 -6.98 35.49
C ASN D 79 -42.89 -7.45 34.72
N LYS D 80 -42.98 -8.75 34.45
CA LYS D 80 -44.09 -9.40 33.76
C LYS D 80 -44.90 -10.25 34.75
N ARG D 81 -46.23 -10.32 34.55
CA ARG D 81 -47.11 -11.06 35.45
C ARG D 81 -48.29 -11.68 34.69
N LEU D 82 -48.61 -12.93 35.01
CA LEU D 82 -49.76 -13.65 34.46
C LEU D 82 -50.61 -14.15 35.60
N MET D 83 -51.84 -13.64 35.72
CA MET D 83 -52.77 -14.05 36.76
C MET D 83 -53.81 -14.98 36.13
N LEU D 84 -53.64 -16.29 36.36
CA LEU D 84 -54.51 -17.32 35.81
C LEU D 84 -55.60 -17.66 36.82
N PHE D 85 -56.86 -17.49 36.41
CA PHE D 85 -58.03 -17.74 37.25
C PHE D 85 -58.66 -19.11 36.96
N PRO D 86 -59.30 -19.76 37.97
CA PRO D 86 -59.91 -21.08 37.72
C PRO D 86 -61.13 -21.02 36.80
N ASP D 87 -61.81 -19.86 36.72
CA ASP D 87 -62.99 -19.67 35.87
C ASP D 87 -62.59 -19.54 34.39
N GLY D 88 -61.32 -19.24 34.12
CA GLY D 88 -60.80 -19.16 32.77
C GLY D 88 -60.06 -17.91 32.38
N ARG D 89 -60.51 -16.75 32.89
CA ARG D 89 -59.94 -15.44 32.59
C ARG D 89 -58.44 -15.37 32.91
N VAL D 90 -57.68 -14.78 31.98
CA VAL D 90 -56.22 -14.62 32.05
C VAL D 90 -55.89 -13.12 32.03
N ILE D 91 -55.13 -12.65 33.03
CA ILE D 91 -54.73 -11.23 33.13
C ILE D 91 -53.22 -11.11 32.99
N TYR D 92 -52.78 -10.33 31.99
CA TYR D 92 -51.36 -10.07 31.73
C TYR D 92 -51.03 -8.64 32.18
N ASN D 93 -50.10 -8.50 33.13
CA ASN D 93 -49.66 -7.21 33.66
C ASN D 93 -48.15 -7.08 33.50
N ALA D 94 -47.70 -5.97 32.88
CA ALA D 94 -46.28 -5.72 32.66
C ALA D 94 -45.96 -4.23 32.59
N ARG D 95 -44.85 -3.82 33.24
CA ARG D 95 -44.38 -2.43 33.21
C ARG D 95 -43.60 -2.20 31.92
N PHE D 96 -43.78 -1.04 31.28
CA PHE D 96 -43.10 -0.72 30.03
C PHE D 96 -42.55 0.70 30.02
N LEU D 97 -41.48 0.89 29.23
CA LEU D 97 -40.84 2.18 28.95
C LEU D 97 -40.42 2.16 27.50
N GLY D 98 -41.03 3.03 26.71
CA GLY D 98 -40.75 3.11 25.28
C GLY D 98 -40.74 4.51 24.72
N SER D 99 -40.01 4.69 23.61
CA SER D 99 -39.91 5.95 22.88
C SER D 99 -40.97 5.92 21.79
N PHE D 100 -42.01 6.77 21.89
CA PHE D 100 -43.11 6.78 20.95
C PHE D 100 -43.05 7.96 20.00
N SER D 101 -43.47 7.73 18.73
CA SER D 101 -43.46 8.73 17.67
C SER D 101 -44.87 9.20 17.30
N ASN D 102 -44.98 10.48 16.92
CA ASN D 102 -46.21 11.16 16.50
C ASN D 102 -45.86 12.42 15.72
N ASP D 103 -46.73 12.83 14.75
CA ASP D 103 -46.52 14.04 13.96
C ASP D 103 -46.61 15.24 14.89
N MET D 104 -45.47 15.96 15.06
CA MET D 104 -45.40 17.08 15.98
C MET D 104 -44.97 18.37 15.26
N ASP D 105 -45.79 19.43 15.40
CA ASP D 105 -45.57 20.76 14.84
C ASP D 105 -45.03 21.68 15.93
N PHE D 106 -43.79 22.16 15.77
CA PHE D 106 -43.14 23.06 16.74
C PHE D 106 -42.91 24.45 16.11
N ARG D 107 -43.74 24.81 15.11
CA ARG D 107 -43.65 26.07 14.36
C ARG D 107 -43.87 27.31 15.24
N LEU D 108 -44.90 27.30 16.08
CA LEU D 108 -45.23 28.44 16.94
C LEU D 108 -44.67 28.23 18.38
N PHE D 109 -43.39 27.83 18.45
CA PHE D 109 -42.62 27.63 19.69
C PHE D 109 -42.34 29.00 20.34
N PRO D 110 -42.34 29.15 21.69
CA PRO D 110 -42.55 28.14 22.73
C PRO D 110 -44.03 27.95 23.12
N PHE D 111 -44.96 28.48 22.32
CA PHE D 111 -46.39 28.40 22.59
C PHE D 111 -47.02 27.22 21.80
N ASP D 112 -46.37 26.05 21.90
CA ASP D 112 -46.77 24.83 21.21
C ASP D 112 -47.99 24.16 21.80
N ARG D 113 -48.73 23.46 20.95
CA ARG D 113 -49.89 22.63 21.27
C ARG D 113 -49.59 21.25 20.72
N GLN D 114 -49.38 20.27 21.60
CA GLN D 114 -49.04 18.91 21.18
C GLN D 114 -49.90 17.86 21.88
N GLN D 115 -49.98 16.65 21.29
CA GLN D 115 -50.72 15.54 21.85
C GLN D 115 -49.89 14.27 21.79
N PHE D 116 -49.70 13.62 22.95
CA PHE D 116 -48.94 12.38 23.07
C PHE D 116 -49.87 11.21 22.78
N VAL D 117 -49.56 10.48 21.70
CA VAL D 117 -50.37 9.37 21.20
C VAL D 117 -49.71 8.01 21.53
N LEU D 118 -50.54 7.00 21.79
CA LEU D 118 -50.17 5.60 22.04
C LEU D 118 -51.07 4.72 21.19
N GLU D 119 -50.48 3.85 20.36
CA GLU D 119 -51.25 2.99 19.46
C GLU D 119 -50.94 1.51 19.72
N LEU D 120 -51.97 0.75 20.13
CA LEU D 120 -51.85 -0.69 20.40
C LEU D 120 -52.62 -1.48 19.36
N GLU D 121 -52.05 -2.61 18.92
CA GLU D 121 -52.64 -3.49 17.90
C GLU D 121 -52.03 -4.90 18.00
N PRO D 122 -52.82 -6.01 17.87
CA PRO D 122 -52.21 -7.34 17.90
C PRO D 122 -51.33 -7.56 16.67
N PHE D 123 -50.14 -8.13 16.89
CA PHE D 123 -49.14 -8.32 15.83
C PHE D 123 -49.52 -9.40 14.81
N SER D 124 -50.20 -10.48 15.23
CA SER D 124 -50.50 -11.60 14.33
C SER D 124 -51.98 -11.84 14.07
N TYR D 125 -52.82 -11.73 15.12
CA TYR D 125 -54.24 -12.03 15.04
C TYR D 125 -55.06 -10.82 14.59
N ASN D 126 -55.94 -11.04 13.58
CA ASN D 126 -56.80 -10.02 12.98
C ASN D 126 -58.07 -9.78 13.85
N ASN D 127 -58.97 -8.86 13.40
CA ASN D 127 -60.20 -8.48 14.10
C ASN D 127 -61.18 -9.64 14.30
N GLN D 128 -61.15 -10.65 13.39
CA GLN D 128 -62.01 -11.83 13.46
C GLN D 128 -61.46 -12.86 14.45
N GLN D 129 -60.15 -12.76 14.77
CA GLN D 129 -59.46 -13.66 15.71
C GLN D 129 -59.35 -12.99 17.09
N LEU D 130 -58.88 -11.73 17.13
CA LEU D 130 -58.70 -10.94 18.35
C LEU D 130 -59.37 -9.57 18.21
N ARG D 131 -60.25 -9.24 19.16
CA ARG D 131 -60.98 -7.98 19.18
C ARG D 131 -60.76 -7.25 20.52
N PHE D 132 -60.54 -5.93 20.46
CA PHE D 132 -60.37 -5.12 21.67
C PHE D 132 -61.75 -4.69 22.15
N SER D 133 -62.20 -5.29 23.27
CA SER D 133 -63.53 -5.05 23.86
C SER D 133 -63.67 -3.62 24.41
N ASP D 134 -62.75 -3.20 25.30
CA ASP D 134 -62.75 -1.87 25.92
C ASP D 134 -61.34 -1.45 26.37
N ILE D 135 -61.10 -0.13 26.45
CA ILE D 135 -59.83 0.42 26.88
C ILE D 135 -60.05 1.66 27.77
N GLN D 136 -59.28 1.73 28.87
CA GLN D 136 -59.33 2.84 29.82
C GLN D 136 -57.91 3.21 30.26
N VAL D 137 -57.59 4.51 30.17
CA VAL D 137 -56.28 5.06 30.52
C VAL D 137 -56.37 5.78 31.86
N TYR D 138 -55.32 5.64 32.68
CA TYR D 138 -55.26 6.28 33.99
C TYR D 138 -54.01 7.14 34.10
N THR D 139 -54.18 8.44 33.89
CA THR D 139 -53.12 9.43 33.99
C THR D 139 -53.18 10.00 35.39
N GLU D 140 -52.44 9.36 36.31
CA GLU D 140 -52.39 9.71 37.74
C GLU D 140 -51.44 10.91 37.98
N ASN D 141 -51.45 11.87 37.03
CA ASN D 141 -50.63 13.08 37.05
C ASN D 141 -51.54 14.28 37.37
N ILE D 142 -51.25 14.96 38.49
CA ILE D 142 -52.00 16.13 38.97
C ILE D 142 -51.11 17.03 39.82
N ASP D 143 -51.42 18.36 39.83
CA ASP D 143 -50.72 19.44 40.56
C ASP D 143 -49.27 19.65 40.09
N ASN D 144 -48.62 20.73 40.59
CA ASN D 144 -47.22 21.15 40.31
C ASN D 144 -47.00 21.32 38.79
N GLU D 145 -47.87 22.13 38.14
CA GLU D 145 -47.81 22.40 36.71
C GLU D 145 -46.63 23.33 36.36
N GLU D 146 -46.37 24.34 37.24
CA GLU D 146 -45.31 25.32 37.09
C GLU D 146 -43.89 24.71 37.19
N ILE D 147 -43.78 23.48 37.73
CA ILE D 147 -42.53 22.73 37.86
C ILE D 147 -42.30 21.88 36.59
N ASP D 148 -43.37 21.25 36.07
CA ASP D 148 -43.31 20.41 34.87
C ASP D 148 -43.20 21.26 33.60
N GLU D 149 -42.50 20.70 32.60
CA GLU D 149 -42.25 21.30 31.28
C GLU D 149 -43.55 21.48 30.48
N TRP D 150 -44.55 20.60 30.70
CA TRP D 150 -45.85 20.60 30.00
C TRP D 150 -47.05 20.62 30.94
N TRP D 151 -48.18 21.20 30.47
CA TRP D 151 -49.46 21.23 31.18
C TRP D 151 -50.49 20.39 30.42
N ILE D 152 -50.93 19.29 31.04
CA ILE D 152 -51.91 18.37 30.46
C ILE D 152 -53.31 19.00 30.56
N ARG D 153 -54.09 18.96 29.46
CA ARG D 153 -55.42 19.54 29.41
C ARG D 153 -56.51 18.51 29.78
N GLY D 154 -56.65 17.47 28.97
CA GLY D 154 -57.65 16.43 29.16
C GLY D 154 -57.23 15.30 30.08
N LYS D 155 -58.12 14.31 30.26
CA LYS D 155 -57.86 13.16 31.11
C LYS D 155 -57.11 12.10 30.31
N ALA D 156 -57.66 11.72 29.12
CA ALA D 156 -57.11 10.76 28.14
C ALA D 156 -58.18 10.39 27.11
N SER D 157 -57.94 10.72 25.85
CA SER D 157 -58.86 10.43 24.76
C SER D 157 -58.57 9.04 24.18
N THR D 158 -59.58 8.17 24.11
CA THR D 158 -59.42 6.81 23.60
C THR D 158 -60.26 6.56 22.35
N HIS D 159 -59.82 5.66 21.45
CA HIS D 159 -60.53 5.33 20.22
C HIS D 159 -60.15 3.94 19.70
N ILE D 160 -61.12 2.98 19.79
CA ILE D 160 -60.96 1.62 19.28
C ILE D 160 -61.55 1.61 17.87
N SER D 161 -60.72 1.27 16.87
CA SER D 161 -61.11 1.24 15.47
C SER D 161 -60.49 0.07 14.74
N ASP D 162 -61.12 -0.36 13.63
CA ASP D 162 -60.64 -1.45 12.79
C ASP D 162 -59.84 -0.86 11.63
N ILE D 163 -58.54 -1.17 11.57
CA ILE D 163 -57.62 -0.68 10.54
C ILE D 163 -57.51 -1.74 9.45
N ARG D 164 -57.75 -1.31 8.19
CA ARG D 164 -57.68 -2.14 7.00
C ARG D 164 -56.42 -1.79 6.22
N TYR D 165 -55.59 -2.81 5.92
CA TYR D 165 -54.34 -2.62 5.19
C TYR D 165 -54.54 -2.87 3.69
N ASP D 166 -53.92 -2.01 2.86
CA ASP D 166 -53.98 -2.06 1.40
C ASP D 166 -53.28 -3.32 0.86
N HIS D 167 -52.02 -3.55 1.29
CA HIS D 167 -51.09 -4.65 0.99
C HIS D 167 -50.90 -4.98 -0.52
N LEU D 168 -52.01 -5.08 -1.31
CA LEU D 168 -52.07 -5.42 -2.73
C LEU D 168 -51.75 -6.91 -2.96
N SER D 169 -52.71 -7.64 -3.56
CA SER D 169 -52.70 -9.08 -3.88
C SER D 169 -52.47 -9.96 -2.61
N SER D 170 -51.21 -10.40 -2.36
CA SER D 170 -50.76 -11.24 -1.23
C SER D 170 -51.52 -12.61 -1.16
N VAL D 171 -51.53 -13.25 0.02
CA VAL D 171 -52.19 -14.55 0.25
C VAL D 171 -53.53 -14.38 0.97
N GLN D 172 -53.61 -13.47 1.98
CA GLN D 172 -54.81 -13.21 2.76
C GLN D 172 -55.82 -12.36 1.94
N PRO D 173 -57.06 -12.87 1.68
CA PRO D 173 -58.01 -12.08 0.88
C PRO D 173 -58.81 -11.07 1.71
N ASN D 174 -59.93 -11.51 2.35
CA ASN D 174 -60.81 -10.67 3.15
C ASN D 174 -60.21 -10.33 4.52
N GLN D 175 -59.52 -11.30 5.16
CA GLN D 175 -58.88 -11.15 6.48
C GLN D 175 -57.67 -10.20 6.38
N ASN D 176 -57.95 -8.88 6.42
CA ASN D 176 -56.95 -7.81 6.34
C ASN D 176 -57.34 -6.63 7.25
N GLU D 177 -58.20 -6.89 8.26
CA GLU D 177 -58.69 -5.90 9.22
C GLU D 177 -58.22 -6.22 10.64
N PHE D 178 -57.64 -5.23 11.34
CA PHE D 178 -57.11 -5.38 12.69
C PHE D 178 -57.64 -4.31 13.65
N SER D 179 -58.04 -4.71 14.88
CA SER D 179 -58.53 -3.78 15.89
C SER D 179 -57.37 -3.02 16.51
N ARG D 180 -57.47 -1.67 16.56
CA ARG D 180 -56.41 -0.82 17.09
C ARG D 180 -56.92 0.19 18.12
N ILE D 181 -56.22 0.26 19.27
CA ILE D 181 -56.48 1.21 20.36
C ILE D 181 -55.61 2.44 20.13
N THR D 182 -56.23 3.63 20.13
CA THR D 182 -55.51 4.89 19.95
C THR D 182 -55.76 5.74 21.19
N VAL D 183 -54.69 6.05 21.93
CA VAL D 183 -54.73 6.85 23.16
C VAL D 183 -54.13 8.21 22.84
N ARG D 184 -54.84 9.30 23.17
CA ARG D 184 -54.37 10.67 22.93
C ARG D 184 -54.42 11.51 24.20
N ILE D 185 -53.26 12.09 24.59
CA ILE D 185 -53.14 12.94 25.77
C ILE D 185 -52.66 14.31 25.29
N ASP D 186 -53.60 15.27 25.19
CA ASP D 186 -53.37 16.65 24.75
C ASP D 186 -52.58 17.44 25.78
N ALA D 187 -51.64 18.28 25.33
CA ALA D 187 -50.79 19.07 26.21
C ALA D 187 -50.40 20.44 25.60
N VAL D 188 -50.09 21.42 26.49
CA VAL D 188 -49.66 22.79 26.14
C VAL D 188 -48.32 23.06 26.85
N ARG D 189 -47.34 23.62 26.12
CA ARG D 189 -45.99 23.92 26.62
C ARG D 189 -45.96 25.09 27.63
N ASN D 190 -45.12 24.96 28.69
CA ASN D 190 -44.90 26.01 29.70
C ASN D 190 -43.90 27.05 29.12
N PRO D 191 -44.36 28.27 28.77
CA PRO D 191 -43.44 29.24 28.14
C PRO D 191 -42.76 30.21 29.12
N SER D 192 -42.97 30.05 30.44
CA SER D 192 -42.43 30.90 31.50
C SER D 192 -40.90 31.08 31.43
N TYR D 193 -40.14 30.03 31.08
CA TYR D 193 -38.68 30.11 30.97
C TYR D 193 -38.28 30.88 29.70
N TYR D 194 -38.84 30.48 28.55
CA TYR D 194 -38.52 31.05 27.24
C TYR D 194 -39.00 32.50 27.09
N LEU D 195 -40.06 32.91 27.80
CA LEU D 195 -40.56 34.30 27.74
C LEU D 195 -39.64 35.25 28.50
N TRP D 196 -39.23 34.87 29.72
CA TRP D 196 -38.39 35.69 30.58
C TRP D 196 -36.89 35.61 30.22
N SER D 197 -36.38 34.42 29.86
CA SER D 197 -34.95 34.24 29.58
C SER D 197 -34.58 34.35 28.08
N PHE D 198 -35.57 34.35 27.16
CA PHE D 198 -35.24 34.43 25.73
C PHE D 198 -36.01 35.54 25.01
N ILE D 199 -37.34 35.66 25.21
CA ILE D 199 -38.16 36.68 24.53
C ILE D 199 -37.86 38.07 25.10
N LEU D 200 -37.98 38.24 26.44
CA LEU D 200 -37.74 39.50 27.15
C LEU D 200 -36.34 40.08 26.90
N PRO D 201 -35.18 39.36 27.06
CA PRO D 201 -33.89 40.02 26.82
C PRO D 201 -33.66 40.35 25.35
N LEU D 202 -34.18 39.52 24.42
CA LEU D 202 -34.08 39.74 22.98
C LEU D 202 -34.82 41.03 22.59
N GLY D 203 -35.99 41.24 23.20
CA GLY D 203 -36.80 42.43 22.99
C GLY D 203 -36.06 43.70 23.36
N LEU D 204 -35.26 43.64 24.45
CA LEU D 204 -34.44 44.74 24.95
C LEU D 204 -33.27 45.03 24.00
N ILE D 205 -32.71 43.98 23.33
CA ILE D 205 -31.62 44.11 22.36
C ILE D 205 -32.11 44.93 21.15
N ILE D 206 -33.28 44.58 20.60
CA ILE D 206 -33.91 45.24 19.45
C ILE D 206 -34.33 46.66 19.84
N ALA D 207 -34.83 46.84 21.09
CA ALA D 207 -35.26 48.15 21.59
C ALA D 207 -34.06 49.08 21.73
N ALA D 208 -32.92 48.56 22.25
CA ALA D 208 -31.67 49.31 22.40
C ALA D 208 -30.99 49.52 21.04
N SER D 209 -31.33 48.67 20.04
CA SER D 209 -30.80 48.76 18.67
C SER D 209 -31.30 50.03 17.98
N TRP D 210 -32.53 50.49 18.32
CA TRP D 210 -33.14 51.70 17.75
C TRP D 210 -32.57 52.97 18.39
N SER D 211 -31.86 52.84 19.53
CA SER D 211 -31.28 53.97 20.25
C SER D 211 -29.98 54.48 19.57
N VAL D 212 -29.60 53.87 18.43
CA VAL D 212 -28.41 54.22 17.65
C VAL D 212 -28.62 55.58 16.92
N PHE D 213 -29.88 55.99 16.68
CA PHE D 213 -30.22 57.24 16.01
C PHE D 213 -30.13 58.45 16.94
N TRP D 214 -30.06 58.21 18.27
CA TRP D 214 -29.94 59.27 19.26
C TRP D 214 -28.50 59.83 19.31
N LEU D 215 -27.55 59.16 18.61
CA LEU D 215 -26.14 59.59 18.50
C LEU D 215 -26.04 60.82 17.60
N GLU D 216 -25.06 61.69 17.88
CA GLU D 216 -24.86 62.95 17.15
C GLU D 216 -24.09 62.76 15.83
N SER D 217 -22.83 62.27 15.91
CA SER D 217 -21.95 62.07 14.76
C SER D 217 -22.34 60.86 13.91
N PHE D 218 -22.10 60.97 12.58
CA PHE D 218 -22.36 59.91 11.59
C PHE D 218 -21.44 58.71 11.84
N SER D 219 -20.16 58.99 12.20
CA SER D 219 -19.14 57.97 12.51
C SER D 219 -19.57 57.16 13.73
N GLU D 220 -20.18 57.84 14.74
CA GLU D 220 -20.70 57.23 15.97
C GLU D 220 -21.92 56.37 15.63
N ARG D 221 -22.84 56.89 14.79
CA ARG D 221 -24.07 56.24 14.34
C ARG D 221 -23.79 54.96 13.55
N LEU D 222 -22.72 54.94 12.74
CA LEU D 222 -22.36 53.79 11.91
C LEU D 222 -21.57 52.73 12.69
N GLN D 223 -20.52 53.12 13.42
CA GLN D 223 -19.65 52.21 14.18
C GLN D 223 -20.40 51.44 15.29
N THR D 224 -21.42 52.06 15.90
CA THR D 224 -22.24 51.46 16.96
C THR D 224 -23.15 50.36 16.38
N SER D 225 -23.66 50.54 15.15
CA SER D 225 -24.53 49.55 14.49
C SER D 225 -23.76 48.25 14.14
N PHE D 226 -22.42 48.32 14.05
CA PHE D 226 -21.58 47.15 13.81
C PHE D 226 -21.46 46.31 15.09
N THR D 227 -21.42 46.99 16.26
CA THR D 227 -21.38 46.37 17.58
C THR D 227 -22.76 45.75 17.84
N LEU D 228 -23.83 46.44 17.39
CA LEU D 228 -25.23 46.02 17.48
C LEU D 228 -25.46 44.73 16.68
N MET D 229 -24.82 44.65 15.48
CA MET D 229 -24.85 43.49 14.59
C MET D 229 -24.21 42.29 15.27
N LEU D 230 -23.04 42.52 15.91
CA LEU D 230 -22.26 41.53 16.66
C LEU D 230 -23.03 41.02 17.88
N THR D 231 -23.89 41.88 18.49
CA THR D 231 -24.69 41.54 19.67
C THR D 231 -25.78 40.51 19.28
N VAL D 232 -26.41 40.69 18.10
CA VAL D 232 -27.45 39.79 17.59
C VAL D 232 -26.79 38.44 17.19
N VAL D 233 -25.57 38.47 16.61
CA VAL D 233 -24.81 37.27 16.23
C VAL D 233 -24.51 36.45 17.51
N ALA D 234 -24.06 37.14 18.58
CA ALA D 234 -23.76 36.54 19.88
C ALA D 234 -25.02 35.99 20.53
N TYR D 235 -26.18 36.65 20.31
CA TYR D 235 -27.46 36.22 20.86
C TYR D 235 -28.03 35.05 20.06
N ALA D 236 -27.91 35.09 18.70
CA ALA D 236 -28.38 34.04 17.79
C ALA D 236 -27.70 32.71 18.12
N PHE D 237 -26.43 32.79 18.54
CA PHE D 237 -25.62 31.66 18.96
C PHE D 237 -26.09 31.15 20.32
N TYR D 238 -26.37 32.07 21.27
CA TYR D 238 -26.88 31.77 22.62
C TYR D 238 -28.25 31.08 22.53
N THR D 239 -29.10 31.51 21.57
CA THR D 239 -30.44 30.98 21.34
C THR D 239 -30.35 29.55 20.79
N SER D 240 -29.73 29.38 19.60
CA SER D 240 -29.59 28.12 18.87
C SER D 240 -28.91 26.98 19.67
N ASN D 241 -27.97 27.32 20.58
CA ASN D 241 -27.25 26.33 21.39
C ASN D 241 -28.13 25.71 22.49
N ILE D 242 -29.06 26.50 23.06
CA ILE D 242 -29.94 26.05 24.15
C ILE D 242 -31.29 25.56 23.59
N LEU D 243 -31.88 26.31 22.63
CA LEU D 243 -33.16 25.99 21.98
C LEU D 243 -33.12 24.66 21.21
N PRO D 244 -34.25 23.94 21.11
CA PRO D 244 -34.23 22.64 20.41
C PRO D 244 -33.96 22.75 18.91
N ARG D 245 -33.24 21.76 18.36
CA ARG D 245 -32.87 21.69 16.94
C ARG D 245 -34.09 21.29 16.12
N LEU D 246 -34.43 22.10 15.11
CA LEU D 246 -35.59 21.90 14.25
C LEU D 246 -35.30 22.18 12.75
N PRO D 247 -36.02 21.54 11.80
CA PRO D 247 -35.76 21.81 10.37
C PRO D 247 -36.57 23.00 9.82
N TYR D 248 -37.14 23.83 10.71
CA TYR D 248 -37.93 25.02 10.34
C TYR D 248 -37.77 26.12 11.41
N THR D 249 -37.99 27.39 11.00
CA THR D 249 -37.87 28.57 11.87
C THR D 249 -39.06 28.70 12.82
N THR D 250 -38.77 29.07 14.09
CA THR D 250 -39.77 29.28 15.15
C THR D 250 -40.04 30.79 15.31
N VAL D 251 -40.87 31.17 16.29
CA VAL D 251 -41.21 32.57 16.58
C VAL D 251 -39.95 33.30 17.08
N ILE D 252 -39.15 32.64 17.94
CA ILE D 252 -37.90 33.15 18.51
C ILE D 252 -36.87 33.28 17.37
N ASP D 253 -36.82 32.28 16.46
CA ASP D 253 -35.91 32.29 15.30
C ASP D 253 -36.25 33.44 14.35
N GLN D 254 -37.56 33.72 14.15
CA GLN D 254 -38.07 34.80 13.30
C GLN D 254 -37.73 36.18 13.90
N MET D 255 -37.73 36.28 15.25
CA MET D 255 -37.39 37.49 15.99
C MET D 255 -35.93 37.89 15.75
N ILE D 256 -35.04 36.88 15.64
CA ILE D 256 -33.60 37.03 15.38
C ILE D 256 -33.39 37.62 13.98
N ILE D 257 -34.13 37.11 12.96
CA ILE D 257 -34.08 37.57 11.56
C ILE D 257 -34.54 39.03 11.50
N ALA D 258 -35.59 39.37 12.29
CA ALA D 258 -36.14 40.72 12.40
C ALA D 258 -35.13 41.69 13.02
N GLY D 259 -34.29 41.17 13.91
CA GLY D 259 -33.21 41.91 14.57
C GLY D 259 -32.11 42.27 13.60
N TYR D 260 -31.70 41.30 12.74
CA TYR D 260 -30.69 41.47 11.69
C TYR D 260 -31.17 42.49 10.65
N GLY D 261 -32.46 42.41 10.31
CA GLY D 261 -33.13 43.30 9.36
C GLY D 261 -33.22 44.72 9.86
N SER D 262 -33.53 44.91 11.15
CA SER D 262 -33.65 46.21 11.80
C SER D 262 -32.31 46.95 11.81
N ILE D 263 -31.20 46.22 12.02
CA ILE D 263 -29.84 46.77 12.03
C ILE D 263 -29.41 47.07 10.59
N PHE D 264 -29.71 46.17 9.64
CA PHE D 264 -29.36 46.37 8.23
C PHE D 264 -30.14 47.53 7.62
N ALA D 265 -31.41 47.73 8.04
CA ALA D 265 -32.24 48.84 7.58
C ALA D 265 -31.68 50.16 8.12
N ALA D 266 -31.16 50.13 9.37
CA ALA D 266 -30.53 51.26 10.04
C ALA D 266 -29.23 51.65 9.35
N ILE D 267 -28.40 50.64 8.97
CA ILE D 267 -27.12 50.81 8.25
C ILE D 267 -27.36 51.58 6.95
N LEU D 268 -28.40 51.16 6.16
CA LEU D 268 -28.76 51.79 4.88
C LEU D 268 -29.25 53.23 5.08
N LEU D 269 -30.07 53.48 6.12
CA LEU D 269 -30.63 54.80 6.43
C LEU D 269 -29.56 55.78 6.92
N ILE D 270 -28.57 55.31 7.73
CA ILE D 270 -27.50 56.13 8.27
C ILE D 270 -26.58 56.59 7.11
N ILE D 271 -26.31 55.68 6.14
CA ILE D 271 -25.51 55.99 4.94
C ILE D 271 -26.28 56.97 4.05
N PHE D 272 -27.59 56.71 3.83
CA PHE D 272 -28.47 57.54 3.00
C PHE D 272 -28.61 58.96 3.56
N ALA D 273 -28.72 59.10 4.91
CA ALA D 273 -28.86 60.39 5.60
C ALA D 273 -27.67 61.31 5.34
N HIS D 274 -26.45 60.76 5.39
CA HIS D 274 -25.20 61.50 5.22
C HIS D 274 -24.83 61.77 3.76
N HIS D 275 -25.07 60.80 2.83
CA HIS D 275 -24.67 60.92 1.43
C HIS D 275 -25.75 61.51 0.50
N ARG D 276 -27.06 61.40 0.84
CA ARG D 276 -28.09 62.03 0.03
C ARG D 276 -28.20 63.46 0.56
N GLN D 277 -27.41 64.35 -0.04
CA GLN D 277 -27.26 65.74 0.36
C GLN D 277 -27.21 66.72 -0.83
N ALA D 278 -27.08 68.02 -0.52
CA ALA D 278 -26.98 69.12 -1.48
C ALA D 278 -25.64 69.86 -1.33
N ASN D 279 -24.88 69.57 -0.26
CA ASN D 279 -23.58 70.19 0.03
C ASN D 279 -22.49 69.16 0.35
N GLY D 280 -22.78 68.21 1.24
CA GLY D 280 -21.85 67.17 1.65
C GLY D 280 -22.21 66.49 2.96
N VAL D 281 -22.46 67.31 4.01
CA VAL D 281 -22.83 66.82 5.35
C VAL D 281 -24.29 67.27 5.67
N GLU D 282 -25.13 67.44 4.62
CA GLU D 282 -26.53 67.82 4.78
C GLU D 282 -27.34 66.58 5.19
N ASP D 283 -27.36 66.30 6.50
CA ASP D 283 -28.10 65.18 7.07
C ASP D 283 -29.56 65.59 7.20
N ASP D 284 -30.47 64.89 6.48
CA ASP D 284 -31.91 65.17 6.48
C ASP D 284 -32.45 65.11 7.91
N LEU D 285 -32.79 66.29 8.47
CA LEU D 285 -33.27 66.51 9.84
C LEU D 285 -34.45 65.62 10.26
N LEU D 286 -35.23 65.12 9.29
CA LEU D 286 -36.38 64.23 9.53
C LEU D 286 -35.97 62.76 9.47
N ILE D 287 -35.14 62.38 8.46
CA ILE D 287 -34.71 60.98 8.28
C ILE D 287 -33.66 60.60 9.35
N GLN D 288 -32.89 61.57 9.89
CA GLN D 288 -31.92 61.30 10.96
C GLN D 288 -32.67 61.13 12.29
N ARG D 289 -33.83 61.81 12.41
CA ARG D 289 -34.72 61.78 13.57
C ARG D 289 -35.82 60.74 13.35
N CYS D 290 -35.45 59.56 12.81
CA CYS D 290 -36.37 58.44 12.60
C CYS D 290 -36.37 57.55 13.86
N ARG D 291 -36.10 58.20 15.01
CA ARG D 291 -36.03 57.64 16.37
C ARG D 291 -37.40 57.12 16.83
N LEU D 292 -38.46 57.46 16.09
CA LEU D 292 -39.85 57.07 16.35
C LEU D 292 -40.55 56.58 15.07
N ALA D 293 -39.91 56.76 13.89
CA ALA D 293 -40.47 56.36 12.58
C ALA D 293 -40.54 54.83 12.41
N PHE D 294 -39.38 54.12 12.36
CA PHE D 294 -39.42 52.67 12.19
C PHE D 294 -39.50 51.91 13.55
N PRO D 295 -39.15 52.45 14.77
CA PRO D 295 -39.36 51.67 16.00
C PRO D 295 -40.81 51.21 16.18
N LEU D 296 -41.80 52.09 15.89
CA LEU D 296 -43.21 51.72 15.96
C LEU D 296 -43.62 50.98 14.68
N GLY D 297 -42.88 51.22 13.59
CA GLY D 297 -43.07 50.55 12.30
C GLY D 297 -42.69 49.09 12.39
N PHE D 298 -41.72 48.78 13.29
CA PHE D 298 -41.24 47.44 13.61
C PHE D 298 -42.35 46.69 14.35
N LEU D 299 -43.08 47.40 15.24
CA LEU D 299 -44.22 46.87 16.00
C LEU D 299 -45.38 46.54 15.06
N ALA D 300 -45.56 47.36 13.99
CA ALA D 300 -46.58 47.17 12.96
C ALA D 300 -46.28 45.91 12.13
N ILE D 301 -44.99 45.72 11.78
CA ILE D 301 -44.48 44.55 11.02
C ILE D 301 -44.54 43.33 11.95
N GLY D 302 -44.28 43.55 13.25
CA GLY D 302 -44.33 42.53 14.29
C GLY D 302 -45.73 41.99 14.54
N CYS D 303 -46.75 42.85 14.37
CA CYS D 303 -48.16 42.48 14.53
C CYS D 303 -48.68 41.71 13.32
N VAL D 304 -48.07 41.95 12.13
CA VAL D 304 -48.41 41.27 10.87
C VAL D 304 -47.93 39.80 10.95
N LEU D 305 -46.76 39.57 11.60
CA LEU D 305 -46.16 38.24 11.81
C LEU D 305 -47.06 37.33 12.66
N VAL D 306 -47.85 37.93 13.58
CA VAL D 306 -48.79 37.25 14.48
C VAL D 306 -49.98 36.70 13.65
N ILE D 307 -50.48 37.51 12.68
CA ILE D 307 -51.59 37.16 11.79
C ILE D 307 -51.13 36.11 10.78
N PRO E 1 -50.27 -14.18 55.49
CA PRO E 1 -49.43 -13.07 55.02
C PRO E 1 -47.95 -13.33 55.31
N VAL E 2 -47.14 -13.42 54.25
CA VAL E 2 -45.70 -13.69 54.33
C VAL E 2 -44.98 -12.43 54.81
N ASP E 3 -44.29 -12.53 55.96
CA ASP E 3 -43.53 -11.41 56.52
C ASP E 3 -42.14 -11.40 55.92
N VAL E 4 -41.81 -10.31 55.20
CA VAL E 4 -40.53 -10.15 54.51
C VAL E 4 -39.75 -8.99 55.13
N SER E 5 -38.53 -9.28 55.62
CA SER E 5 -37.61 -8.31 56.20
C SER E 5 -36.63 -7.85 55.13
N VAL E 6 -36.64 -6.54 54.82
CA VAL E 6 -35.81 -5.95 53.77
C VAL E 6 -34.69 -5.08 54.39
N SER E 7 -33.52 -5.05 53.73
CA SER E 7 -32.36 -4.27 54.12
C SER E 7 -31.66 -3.72 52.87
N ILE E 8 -31.63 -2.38 52.75
CA ILE E 8 -31.02 -1.69 51.60
C ILE E 8 -29.66 -1.12 52.02
N PHE E 9 -28.63 -1.36 51.20
CA PHE E 9 -27.28 -0.86 51.46
C PHE E 9 -26.88 0.10 50.35
N ILE E 10 -26.98 1.42 50.61
CA ILE E 10 -26.64 2.47 49.63
C ILE E 10 -25.12 2.59 49.53
N ASN E 11 -24.58 2.51 48.30
CA ASN E 11 -23.14 2.64 48.03
C ASN E 11 -22.81 4.00 47.43
N LYS E 12 -23.61 4.45 46.44
CA LYS E 12 -23.37 5.71 45.74
C LYS E 12 -24.65 6.30 45.13
N ILE E 13 -24.88 7.61 45.34
CA ILE E 13 -25.96 8.39 44.75
C ILE E 13 -25.27 9.44 43.88
N TYR E 14 -25.40 9.29 42.56
CA TYR E 14 -24.73 10.16 41.58
C TYR E 14 -25.61 10.37 40.33
N GLY E 15 -25.10 11.14 39.37
CA GLY E 15 -25.72 11.43 38.09
C GLY E 15 -27.12 11.98 38.15
N VAL E 16 -27.27 13.21 38.65
CA VAL E 16 -28.56 13.87 38.77
C VAL E 16 -28.94 14.52 37.43
N ASN E 17 -30.04 14.04 36.82
CA ASN E 17 -30.60 14.58 35.58
C ASN E 17 -31.69 15.57 35.96
N THR E 18 -31.41 16.86 35.83
CA THR E 18 -32.31 17.96 36.22
C THR E 18 -33.59 18.02 35.39
N LEU E 19 -33.50 17.81 34.06
CA LEU E 19 -34.68 17.86 33.18
C LEU E 19 -35.61 16.66 33.38
N GLU E 20 -35.04 15.45 33.51
CA GLU E 20 -35.81 14.23 33.70
C GLU E 20 -36.19 13.99 35.17
N GLN E 21 -35.57 14.75 36.13
CA GLN E 21 -35.77 14.63 37.58
C GLN E 21 -35.40 13.19 38.02
N THR E 22 -34.20 12.74 37.60
CA THR E 22 -33.65 11.40 37.80
C THR E 22 -32.28 11.45 38.50
N TYR E 23 -31.93 10.37 39.21
CA TYR E 23 -30.66 10.18 39.93
C TYR E 23 -30.32 8.70 39.97
N LYS E 24 -29.04 8.35 39.79
CA LYS E 24 -28.57 6.96 39.78
C LYS E 24 -28.18 6.50 41.19
N VAL E 25 -28.66 5.30 41.59
CA VAL E 25 -28.40 4.72 42.92
C VAL E 25 -27.82 3.30 42.77
N ASP E 26 -26.65 3.08 43.39
CA ASP E 26 -25.96 1.78 43.42
C ASP E 26 -26.04 1.22 44.83
N GLY E 27 -26.46 -0.04 44.96
CA GLY E 27 -26.59 -0.67 46.26
C GLY E 27 -26.87 -2.17 46.26
N TYR E 28 -27.36 -2.68 47.40
CA TYR E 28 -27.70 -4.09 47.61
C TYR E 28 -29.08 -4.25 48.27
N ILE E 29 -29.89 -5.22 47.81
CA ILE E 29 -31.19 -5.55 48.40
C ILE E 29 -31.07 -6.87 49.12
N VAL E 30 -31.52 -6.92 50.39
CA VAL E 30 -31.49 -8.15 51.19
C VAL E 30 -32.92 -8.42 51.70
N ALA E 31 -33.59 -9.42 51.10
CA ALA E 31 -34.96 -9.80 51.47
C ALA E 31 -34.95 -11.16 52.18
N GLN E 32 -35.64 -11.25 53.32
CA GLN E 32 -35.71 -12.48 54.11
C GLN E 32 -37.15 -12.84 54.49
N TRP E 33 -37.53 -14.10 54.24
CA TRP E 33 -38.84 -14.67 54.59
C TRP E 33 -38.66 -16.11 55.04
N THR E 34 -39.48 -16.56 56.01
CA THR E 34 -39.40 -17.92 56.54
C THR E 34 -40.43 -18.81 55.80
N GLY E 35 -39.92 -19.88 55.20
CA GLY E 35 -40.73 -20.85 54.46
C GLY E 35 -40.79 -22.20 55.13
N LYS E 36 -41.00 -23.26 54.34
CA LYS E 36 -41.08 -24.64 54.82
C LYS E 36 -39.66 -25.20 55.03
N PRO E 37 -39.40 -25.98 56.11
CA PRO E 37 -38.04 -26.50 56.33
C PRO E 37 -37.53 -27.37 55.19
N ARG E 38 -36.22 -27.22 54.88
CA ARG E 38 -35.53 -27.92 53.79
C ARG E 38 -34.45 -28.87 54.31
N LYS E 39 -33.96 -29.76 53.42
CA LYS E 39 -32.90 -30.71 53.72
C LYS E 39 -31.64 -30.30 52.95
N THR E 40 -30.87 -29.37 53.55
CA THR E 40 -29.64 -28.83 52.96
C THR E 40 -28.47 -29.84 53.09
N PRO E 41 -27.50 -29.88 52.14
CA PRO E 41 -26.36 -30.82 52.26
C PRO E 41 -25.65 -30.65 53.60
N GLY E 42 -25.54 -31.75 54.33
CA GLY E 42 -24.97 -31.78 55.67
C GLY E 42 -26.02 -31.27 56.63
N ASP E 43 -25.93 -29.97 56.98
CA ASP E 43 -26.86 -29.25 57.85
C ASP E 43 -26.67 -27.74 57.74
N LYS E 44 -25.53 -27.30 57.18
CA LYS E 44 -25.19 -25.89 56.99
C LYS E 44 -26.07 -25.26 55.88
N PRO E 45 -26.38 -23.94 55.95
CA PRO E 45 -27.23 -23.32 54.90
C PRO E 45 -26.63 -23.40 53.50
N LEU E 46 -27.47 -23.78 52.52
CA LEU E 46 -27.08 -23.93 51.12
C LEU E 46 -27.09 -22.58 50.39
N ILE E 47 -26.04 -22.33 49.60
CA ILE E 47 -25.87 -21.09 48.83
C ILE E 47 -26.16 -21.39 47.35
N VAL E 48 -27.04 -20.58 46.74
CA VAL E 48 -27.44 -20.67 45.33
C VAL E 48 -27.04 -19.35 44.65
N GLU E 49 -26.18 -19.41 43.62
CA GLU E 49 -25.70 -18.21 42.93
C GLU E 49 -26.21 -18.07 41.50
N ASN E 50 -26.49 -16.80 41.11
CA ASN E 50 -26.94 -16.27 39.82
C ASN E 50 -27.82 -17.22 38.98
N THR E 51 -27.23 -17.93 38.00
CA THR E 51 -27.89 -18.83 37.04
C THR E 51 -28.72 -19.93 37.73
N GLN E 52 -28.17 -20.51 38.81
CA GLN E 52 -28.81 -21.60 39.56
C GLN E 52 -30.09 -21.19 40.30
N ILE E 53 -30.29 -19.87 40.57
CA ILE E 53 -31.49 -19.34 41.24
C ILE E 53 -32.72 -19.61 40.34
N GLU E 54 -32.58 -19.35 39.03
CA GLU E 54 -33.63 -19.57 38.02
C GLU E 54 -34.01 -21.05 37.94
N ARG E 55 -33.02 -21.96 38.08
CA ARG E 55 -33.20 -23.42 38.05
C ARG E 55 -34.04 -23.91 39.22
N TRP E 56 -33.86 -23.31 40.41
CA TRP E 56 -34.57 -23.64 41.64
C TRP E 56 -36.04 -23.20 41.58
N ILE E 57 -36.31 -22.03 40.96
CA ILE E 57 -37.65 -21.47 40.79
C ILE E 57 -38.47 -22.40 39.87
N ASN E 58 -37.84 -22.91 38.78
CA ASN E 58 -38.42 -23.86 37.82
C ASN E 58 -38.88 -25.14 38.52
N ASN E 59 -38.12 -25.58 39.54
CA ASN E 59 -38.42 -26.77 40.34
C ASN E 59 -39.59 -26.50 41.30
N GLY E 60 -39.75 -25.24 41.73
CA GLY E 60 -40.84 -24.84 42.60
C GLY E 60 -40.50 -23.88 43.74
N LEU E 61 -39.35 -23.18 43.67
CA LEU E 61 -38.98 -22.22 44.70
C LEU E 61 -39.75 -20.92 44.52
N TRP E 62 -40.40 -20.45 45.60
CA TRP E 62 -41.15 -19.21 45.56
C TRP E 62 -40.24 -18.04 45.87
N VAL E 63 -39.90 -17.26 44.84
CA VAL E 63 -39.07 -16.06 44.96
C VAL E 63 -39.94 -14.90 44.44
N PRO E 64 -40.47 -14.06 45.36
CA PRO E 64 -41.37 -12.97 44.90
C PRO E 64 -40.63 -11.85 44.18
N ALA E 65 -41.27 -11.30 43.14
CA ALA E 65 -40.70 -10.19 42.37
C ALA E 65 -41.03 -8.88 43.06
N LEU E 66 -40.02 -8.26 43.67
CA LEU E 66 -40.15 -6.98 44.36
C LEU E 66 -39.72 -5.87 43.41
N GLU E 67 -40.66 -5.00 43.02
CA GLU E 67 -40.40 -3.94 42.05
C GLU E 67 -40.11 -2.59 42.70
N PHE E 68 -39.17 -1.84 42.09
CA PHE E 68 -38.83 -0.48 42.46
C PHE E 68 -39.82 0.42 41.71
N ILE E 69 -40.76 1.03 42.46
CA ILE E 69 -41.85 1.85 41.93
C ILE E 69 -41.33 3.08 41.17
N ASN E 70 -40.35 3.78 41.74
CA ASN E 70 -39.81 5.01 41.17
C ASN E 70 -38.62 4.79 40.20
N VAL E 71 -38.27 3.54 39.86
CA VAL E 71 -37.15 3.29 38.93
C VAL E 71 -37.58 3.60 37.48
N VAL E 72 -36.63 4.11 36.68
CA VAL E 72 -36.81 4.46 35.27
C VAL E 72 -36.34 3.25 34.44
N GLY E 73 -37.30 2.50 33.93
CA GLY E 73 -37.05 1.29 33.15
C GLY E 73 -36.72 0.11 34.04
N SER E 74 -35.73 -0.70 33.64
CA SER E 74 -35.29 -1.87 34.39
C SER E 74 -33.87 -1.65 34.94
N PRO E 75 -33.61 -1.91 36.23
CA PRO E 75 -32.27 -1.65 36.78
C PRO E 75 -31.25 -2.73 36.41
N ASP E 76 -29.96 -2.35 36.41
CA ASP E 76 -28.84 -3.25 36.13
C ASP E 76 -28.55 -4.09 37.38
N THR E 77 -29.06 -5.33 37.39
CA THR E 77 -28.88 -6.27 38.49
C THR E 77 -27.55 -6.98 38.31
N GLY E 78 -26.71 -6.92 39.35
CA GLY E 78 -25.41 -7.55 39.37
C GLY E 78 -25.50 -9.01 39.81
N ASN E 79 -24.67 -9.38 40.79
CA ASN E 79 -24.64 -10.74 41.33
C ASN E 79 -25.87 -11.03 42.17
N LYS E 80 -26.48 -12.21 41.97
CA LYS E 80 -27.66 -12.69 42.69
C LYS E 80 -27.27 -13.83 43.62
N ARG E 81 -27.93 -13.93 44.79
CA ARG E 81 -27.63 -14.95 45.78
C ARG E 81 -28.87 -15.38 46.55
N LEU E 82 -29.03 -16.70 46.74
CA LEU E 82 -30.10 -17.30 47.52
C LEU E 82 -29.50 -18.18 48.61
N MET E 83 -29.72 -17.80 49.87
CA MET E 83 -29.22 -18.56 51.00
C MET E 83 -30.38 -19.32 51.62
N LEU E 84 -30.46 -20.63 51.33
CA LEU E 84 -31.51 -21.51 51.80
C LEU E 84 -31.07 -22.20 53.09
N PHE E 85 -31.85 -22.01 54.17
CA PHE E 85 -31.57 -22.57 55.49
C PHE E 85 -32.40 -23.83 55.76
N PRO E 86 -31.88 -24.80 56.56
CA PRO E 86 -32.65 -26.03 56.85
C PRO E 86 -33.89 -25.78 57.71
N ASP E 87 -33.90 -24.70 58.51
CA ASP E 87 -35.03 -24.34 59.38
C ASP E 87 -36.20 -23.77 58.56
N GLY E 88 -35.93 -23.33 57.33
CA GLY E 88 -36.95 -22.81 56.42
C GLY E 88 -36.70 -21.46 55.80
N ARG E 89 -36.11 -20.51 56.58
CA ARG E 89 -35.85 -19.13 56.16
C ARG E 89 -35.01 -19.05 54.86
N VAL E 90 -35.42 -18.13 53.96
CA VAL E 90 -34.79 -17.91 52.66
C VAL E 90 -34.31 -16.44 52.59
N ILE E 91 -33.02 -16.24 52.26
CA ILE E 91 -32.43 -14.91 52.16
C ILE E 91 -31.99 -14.65 50.71
N TYR E 92 -32.54 -13.58 50.11
CA TYR E 92 -32.20 -13.17 48.75
C TYR E 92 -31.32 -11.92 48.80
N ASN E 93 -30.10 -12.02 48.25
CA ASN E 93 -29.14 -10.91 48.20
C ASN E 93 -28.73 -10.63 46.76
N ALA E 94 -28.84 -9.37 46.32
CA ALA E 94 -28.48 -8.97 44.96
C ALA E 94 -28.03 -7.52 44.88
N ARG E 95 -26.99 -7.25 44.08
CA ARG E 95 -26.49 -5.89 43.85
C ARG E 95 -27.33 -5.26 42.73
N PHE E 96 -27.65 -3.97 42.88
CA PHE E 96 -28.46 -3.26 41.89
C PHE E 96 -27.92 -1.87 41.58
N LEU E 97 -28.20 -1.40 40.36
CA LEU E 97 -27.90 -0.06 39.88
C LEU E 97 -29.08 0.38 39.01
N GLY E 98 -29.78 1.41 39.46
CA GLY E 98 -30.94 1.92 38.75
C GLY E 98 -31.07 3.43 38.77
N SER E 99 -31.79 3.95 37.77
CA SER E 99 -32.09 5.37 37.63
C SER E 99 -33.45 5.62 38.27
N PHE E 100 -33.47 6.35 39.40
CA PHE E 100 -34.70 6.58 40.14
C PHE E 100 -35.23 7.99 39.94
N SER E 101 -36.57 8.12 39.89
CA SER E 101 -37.27 9.40 39.69
C SER E 101 -37.98 9.86 40.96
N ASN E 102 -38.05 11.19 41.14
CA ASN E 102 -38.67 11.89 42.27
C ASN E 102 -38.95 13.34 41.89
N ASP E 103 -40.08 13.92 42.36
CA ASP E 103 -40.45 15.31 42.10
C ASP E 103 -39.38 16.21 42.71
N MET E 104 -38.59 16.86 41.84
CA MET E 104 -37.48 17.71 42.27
C MET E 104 -37.68 19.15 41.86
N ASP E 105 -37.45 20.07 42.83
CA ASP E 105 -37.56 21.50 42.65
C ASP E 105 -36.16 22.10 42.62
N PHE E 106 -35.76 22.67 41.48
CA PHE E 106 -34.45 23.30 41.31
C PHE E 106 -34.59 24.82 41.12
N ARG E 107 -35.69 25.41 41.66
CA ARG E 107 -36.03 26.83 41.54
C ARG E 107 -34.98 27.74 42.21
N LEU E 108 -34.57 27.41 43.45
CA LEU E 108 -33.61 28.21 44.21
C LEU E 108 -32.18 27.63 44.09
N PHE E 109 -31.77 27.33 42.83
CA PHE E 109 -30.45 26.82 42.46
C PHE E 109 -29.41 27.95 42.63
N PRO E 110 -28.15 27.69 43.07
CA PRO E 110 -27.53 26.39 43.41
C PRO E 110 -27.73 25.97 44.88
N PHE E 111 -28.65 26.64 45.61
CA PHE E 111 -28.91 26.36 47.01
C PHE E 111 -30.14 25.45 47.15
N ASP E 112 -30.16 24.35 46.40
CA ASP E 112 -31.26 23.39 46.38
C ASP E 112 -31.28 22.51 47.62
N ARG E 113 -32.47 22.02 47.96
CA ARG E 113 -32.75 21.10 49.05
C ARG E 113 -33.47 19.91 48.44
N GLN E 114 -32.72 18.84 48.11
CA GLN E 114 -33.29 17.68 47.45
C GLN E 114 -33.18 16.39 48.28
N GLN E 115 -34.20 15.52 48.16
CA GLN E 115 -34.22 14.24 48.87
C GLN E 115 -34.34 13.09 47.87
N PHE E 116 -33.39 12.13 47.95
CA PHE E 116 -33.34 10.96 47.09
C PHE E 116 -34.21 9.87 47.70
N VAL E 117 -35.29 9.52 46.99
CA VAL E 117 -36.31 8.57 47.42
C VAL E 117 -36.20 7.23 46.68
N LEU E 118 -36.42 6.12 47.42
CA LEU E 118 -36.44 4.74 46.93
C LEU E 118 -37.75 4.10 47.37
N GLU E 119 -38.52 3.56 46.43
CA GLU E 119 -39.82 2.96 46.75
C GLU E 119 -39.87 1.50 46.32
N LEU E 120 -40.04 0.58 47.30
CA LEU E 120 -40.13 -0.85 47.07
C LEU E 120 -41.53 -1.37 47.36
N GLU E 121 -42.04 -2.26 46.48
CA GLU E 121 -43.39 -2.84 46.58
C GLU E 121 -43.45 -4.18 45.82
N PRO E 122 -44.13 -5.23 46.35
CA PRO E 122 -44.24 -6.48 45.58
C PRO E 122 -45.09 -6.28 44.34
N PHE E 123 -44.64 -6.82 43.20
CA PHE E 123 -45.28 -6.63 41.91
C PHE E 123 -46.61 -7.37 41.76
N SER E 124 -46.75 -8.56 42.36
CA SER E 124 -47.96 -9.36 42.18
C SER E 124 -48.76 -9.60 43.46
N TYR E 125 -48.08 -9.87 44.58
CA TYR E 125 -48.74 -10.22 45.84
C TYR E 125 -49.11 -8.98 46.66
N ASN E 126 -50.37 -8.94 47.13
CA ASN E 126 -50.94 -7.84 47.91
C ASN E 126 -50.54 -7.94 49.40
N ASN E 127 -51.02 -6.99 50.25
CA ASN E 127 -50.72 -6.90 51.68
C ASN E 127 -51.20 -8.14 52.48
N GLN E 128 -52.25 -8.82 52.01
CA GLN E 128 -52.81 -10.01 52.64
C GLN E 128 -51.99 -11.25 52.28
N GLN E 129 -51.22 -11.18 51.18
CA GLN E 129 -50.35 -12.28 50.70
C GLN E 129 -48.90 -12.05 51.14
N LEU E 130 -48.37 -10.82 50.89
CA LEU E 130 -47.01 -10.43 51.24
C LEU E 130 -47.01 -9.12 52.02
N ARG E 131 -46.40 -9.14 53.22
CA ARG E 131 -46.30 -7.99 54.11
C ARG E 131 -44.85 -7.68 54.43
N PHE E 132 -44.46 -6.39 54.41
CA PHE E 132 -43.10 -5.98 54.75
C PHE E 132 -43.02 -5.79 56.26
N SER E 133 -42.33 -6.73 56.95
CA SER E 133 -42.20 -6.74 58.41
C SER E 133 -41.38 -5.56 58.93
N ASP E 134 -40.14 -5.36 58.42
CA ASP E 134 -39.25 -4.28 58.82
C ASP E 134 -38.25 -3.94 57.71
N ILE E 135 -37.75 -2.68 57.71
CA ILE E 135 -36.76 -2.20 56.75
C ILE E 135 -35.73 -1.30 57.42
N GLN E 136 -34.45 -1.49 57.07
CA GLN E 136 -33.32 -0.73 57.58
C GLN E 136 -32.34 -0.42 56.45
N VAL E 137 -31.96 0.87 56.32
CA VAL E 137 -31.05 1.37 55.29
C VAL E 137 -29.69 1.66 55.90
N TYR E 138 -28.62 1.35 55.16
CA TYR E 138 -27.25 1.57 55.61
C TYR E 138 -26.49 2.42 54.61
N THR E 139 -26.40 3.73 54.91
CA THR E 139 -25.67 4.69 54.08
C THR E 139 -24.26 4.81 54.66
N GLU E 140 -23.36 3.96 54.16
CA GLU E 140 -21.96 3.86 54.59
C GLU E 140 -21.10 4.97 53.95
N ASN E 141 -21.70 6.17 53.81
CA ASN E 141 -21.06 7.35 53.24
C ASN E 141 -20.73 8.34 54.36
N ILE E 142 -19.43 8.67 54.49
CA ILE E 142 -18.89 9.59 55.49
C ILE E 142 -17.60 10.25 55.00
N ASP E 143 -17.34 11.50 55.47
CA ASP E 143 -16.17 12.35 55.19
C ASP E 143 -16.08 12.75 53.69
N ASN E 144 -15.13 13.68 53.38
CA ASN E 144 -14.82 14.23 52.04
C ASN E 144 -16.08 14.84 51.38
N GLU E 145 -16.75 15.75 52.08
CA GLU E 145 -17.95 16.44 51.60
C GLU E 145 -17.60 17.47 50.51
N GLU E 146 -16.47 18.19 50.70
CA GLU E 146 -15.97 19.23 49.79
C GLU E 146 -15.55 18.68 48.40
N ILE E 147 -15.35 17.35 48.30
CA ILE E 147 -15.00 16.64 47.07
C ILE E 147 -16.28 16.20 46.33
N ASP E 148 -17.29 15.71 47.09
CA ASP E 148 -18.57 15.27 46.53
C ASP E 148 -19.46 16.45 46.14
N GLU E 149 -20.28 16.25 45.09
CA GLU E 149 -21.21 17.25 44.54
C GLU E 149 -22.36 17.55 45.51
N TRP E 150 -22.85 16.52 46.22
CA TRP E 150 -23.96 16.64 47.18
C TRP E 150 -23.53 16.30 48.60
N TRP E 151 -24.10 16.99 49.60
CA TRP E 151 -23.79 16.75 51.01
C TRP E 151 -24.97 16.07 51.72
N ILE E 152 -24.82 14.77 52.03
CA ILE E 152 -25.84 13.96 52.72
C ILE E 152 -25.98 14.46 54.16
N ARG E 153 -27.18 14.89 54.55
CA ARG E 153 -27.47 15.45 55.87
C ARG E 153 -27.93 14.36 56.86
N GLY E 154 -29.11 13.80 56.61
CA GLY E 154 -29.69 12.75 57.44
C GLY E 154 -29.09 11.38 57.22
N LYS E 155 -29.31 10.46 58.18
CA LYS E 155 -28.80 9.08 58.10
C LYS E 155 -29.58 8.30 57.04
N ALA E 156 -30.94 8.29 57.14
CA ALA E 156 -31.93 7.64 56.26
C ALA E 156 -33.30 7.63 56.90
N SER E 157 -34.34 8.04 56.15
CA SER E 157 -35.73 8.05 56.63
C SER E 157 -36.50 6.90 55.98
N THR E 158 -37.11 6.04 56.80
CA THR E 158 -37.88 4.87 56.31
C THR E 158 -39.34 4.95 56.72
N HIS E 159 -40.23 4.39 55.86
CA HIS E 159 -41.67 4.37 56.10
C HIS E 159 -42.33 3.20 55.36
N ILE E 160 -42.92 2.26 56.12
CA ILE E 160 -43.68 1.13 55.58
C ILE E 160 -45.15 1.50 55.70
N SER E 161 -45.85 1.54 54.56
CA SER E 161 -47.26 1.91 54.49
C SER E 161 -48.03 1.04 53.49
N ASP E 162 -49.35 0.93 53.66
CA ASP E 162 -50.21 0.18 52.77
C ASP E 162 -50.83 1.12 51.75
N ILE E 163 -50.51 0.91 50.46
CA ILE E 163 -50.99 1.73 49.35
C ILE E 163 -52.22 1.06 48.74
N ARG E 164 -53.32 1.82 48.64
CA ARG E 164 -54.59 1.38 48.06
C ARG E 164 -54.77 2.03 46.69
N TYR E 165 -55.02 1.21 45.67
CA TYR E 165 -55.20 1.67 44.30
C TYR E 165 -56.69 1.85 43.99
N ASP E 166 -57.03 2.96 43.30
CA ASP E 166 -58.42 3.31 42.91
C ASP E 166 -58.96 2.33 41.86
N HIS E 167 -58.19 2.13 40.75
CA HIS E 167 -58.39 1.25 39.59
C HIS E 167 -59.77 1.36 38.91
N LEU E 168 -60.90 1.34 39.66
CA LEU E 168 -62.29 1.37 39.21
C LEU E 168 -62.68 0.03 38.54
N SER E 169 -63.72 -0.64 39.10
CA SER E 169 -64.29 -1.93 38.69
C SER E 169 -63.23 -3.07 38.72
N SER E 170 -62.62 -3.43 37.56
CA SER E 170 -61.60 -4.49 37.36
C SER E 170 -62.09 -5.89 37.83
N VAL E 171 -61.16 -6.82 38.13
CA VAL E 171 -61.47 -8.18 38.57
C VAL E 171 -61.31 -8.35 40.10
N GLN E 172 -60.24 -7.76 40.68
CA GLN E 172 -59.96 -7.82 42.11
C GLN E 172 -60.90 -6.87 42.89
N PRO E 173 -61.72 -7.37 43.85
CA PRO E 173 -62.64 -6.47 44.56
C PRO E 173 -61.99 -5.78 45.79
N ASN E 174 -61.97 -6.44 46.96
CA ASN E 174 -61.40 -5.91 48.20
C ASN E 174 -59.86 -5.91 48.19
N GLN E 175 -59.24 -6.98 47.63
CA GLN E 175 -57.79 -7.15 47.53
C GLN E 175 -57.19 -6.12 46.55
N ASN E 176 -56.94 -4.89 47.05
CA ASN E 176 -56.40 -3.77 46.28
C ASN E 176 -55.42 -2.94 47.13
N GLU E 177 -54.88 -3.54 48.21
CA GLU E 177 -53.93 -2.91 49.13
C GLU E 177 -52.57 -3.61 49.08
N PHE E 178 -51.48 -2.84 48.92
CA PHE E 178 -50.10 -3.34 48.82
C PHE E 178 -49.16 -2.64 49.79
N SER E 179 -48.29 -3.41 50.49
CA SER E 179 -47.30 -2.85 51.43
C SER E 179 -46.14 -2.24 50.65
N ARG E 180 -45.78 -0.99 50.96
CA ARG E 180 -44.72 -0.27 50.26
C ARG E 180 -43.70 0.35 51.23
N ILE E 181 -42.41 0.12 50.93
CA ILE E 181 -41.27 0.67 51.66
C ILE E 181 -40.84 1.97 50.95
N THR E 182 -40.76 3.08 51.71
CA THR E 182 -40.34 4.35 51.16
C THR E 182 -39.10 4.81 51.92
N VAL E 183 -37.98 4.93 51.20
CA VAL E 183 -36.68 5.34 51.74
C VAL E 183 -36.39 6.76 51.28
N ARG E 184 -36.05 7.68 52.21
CA ARG E 184 -35.76 9.07 51.88
C ARG E 184 -34.41 9.49 52.46
N ILE E 185 -33.51 10.01 51.59
CA ILE E 185 -32.18 10.49 51.97
C ILE E 185 -32.06 11.97 51.56
N ASP E 186 -32.10 12.88 52.54
CA ASP E 186 -32.01 14.33 52.32
C ASP E 186 -30.57 14.77 52.03
N ALA E 187 -30.39 15.73 51.10
CA ALA E 187 -29.07 16.24 50.72
C ALA E 187 -29.13 17.70 50.21
N VAL E 188 -28.07 18.48 50.51
CA VAL E 188 -27.95 19.88 50.08
C VAL E 188 -26.79 19.97 49.08
N ARG E 189 -27.03 20.65 47.94
CA ARG E 189 -26.06 20.86 46.85
C ARG E 189 -24.87 21.71 47.32
N ASN E 190 -23.66 21.33 46.89
CA ASN E 190 -22.40 22.03 47.17
C ASN E 190 -22.37 23.32 46.31
N PRO E 191 -22.60 24.53 46.89
CA PRO E 191 -22.64 25.74 46.04
C PRO E 191 -21.27 26.42 45.87
N SER E 192 -20.18 25.84 46.41
CA SER E 192 -18.81 26.38 46.39
C SER E 192 -18.32 26.73 44.98
N TYR E 193 -18.66 25.90 43.96
CA TYR E 193 -18.24 26.16 42.59
C TYR E 193 -19.07 27.29 41.98
N TYR E 194 -20.40 27.20 42.07
CA TYR E 194 -21.34 28.15 41.48
C TYR E 194 -21.27 29.53 42.14
N LEU E 195 -20.89 29.63 43.43
CA LEU E 195 -20.78 30.92 44.10
C LEU E 195 -19.54 31.69 43.65
N TRP E 196 -18.40 30.98 43.60
CA TRP E 196 -17.08 31.49 43.24
C TRP E 196 -16.90 31.71 41.72
N SER E 197 -17.38 30.76 40.87
CA SER E 197 -17.21 30.81 39.42
C SER E 197 -18.41 31.36 38.63
N PHE E 198 -19.57 31.56 39.27
CA PHE E 198 -20.73 32.09 38.54
C PHE E 198 -21.38 33.29 39.23
N ILE E 199 -21.63 33.24 40.55
CA ILE E 199 -22.27 34.34 41.30
C ILE E 199 -21.32 35.53 41.42
N LEU E 200 -20.10 35.29 41.96
CA LEU E 200 -19.05 36.29 42.19
C LEU E 200 -18.64 37.03 40.90
N PRO E 201 -18.29 36.39 39.75
CA PRO E 201 -17.90 37.18 38.57
C PRO E 201 -19.07 37.94 37.97
N LEU E 202 -20.30 37.38 38.01
CA LEU E 202 -21.51 38.03 37.49
C LEU E 202 -21.79 39.31 38.29
N GLY E 203 -21.59 39.25 39.60
CA GLY E 203 -21.77 40.39 40.50
C GLY E 203 -20.85 41.55 40.12
N LEU E 204 -19.61 41.23 39.71
CA LEU E 204 -18.59 42.19 39.28
C LEU E 204 -18.98 42.82 37.94
N ILE E 205 -19.66 42.05 37.03
CA ILE E 205 -20.11 42.53 35.72
C ILE E 205 -21.15 43.64 35.93
N ILE E 206 -22.16 43.39 36.81
CA ILE E 206 -23.24 44.33 37.12
C ILE E 206 -22.67 45.54 37.88
N ALA E 207 -21.69 45.31 38.77
CA ALA E 207 -21.05 46.38 39.53
C ALA E 207 -20.26 47.31 38.60
N ALA E 208 -19.51 46.73 37.62
CA ALA E 208 -18.76 47.49 36.62
C ALA E 208 -19.70 48.12 35.59
N SER E 209 -20.93 47.59 35.45
CA SER E 209 -21.95 48.11 34.54
C SER E 209 -22.42 49.50 34.98
N TRP E 210 -22.42 49.75 36.32
CA TRP E 210 -22.83 51.03 36.91
C TRP E 210 -21.73 52.10 36.80
N SER E 211 -20.50 51.68 36.46
CA SER E 211 -19.35 52.59 36.33
C SER E 211 -19.38 53.35 34.98
N VAL E 212 -20.43 53.14 34.17
CA VAL E 212 -20.63 53.78 32.86
C VAL E 212 -21.01 55.28 33.05
N PHE E 213 -21.57 55.65 34.23
CA PHE E 213 -21.98 57.02 34.53
C PHE E 213 -20.79 57.91 34.93
N TRP E 214 -19.64 57.29 35.24
CA TRP E 214 -18.42 58.02 35.61
C TRP E 214 -17.72 58.62 34.37
N LEU E 215 -18.21 58.27 33.15
CA LEU E 215 -17.70 58.80 31.88
C LEU E 215 -18.18 60.25 31.69
N GLU E 216 -17.36 61.07 31.02
CA GLU E 216 -17.64 62.50 30.82
C GLU E 216 -18.61 62.76 29.64
N SER E 217 -18.23 62.36 28.41
CA SER E 217 -19.01 62.58 27.19
C SER E 217 -20.21 61.64 27.09
N PHE E 218 -21.32 62.14 26.46
CA PHE E 218 -22.56 61.40 26.22
C PHE E 218 -22.32 60.25 25.23
N SER E 219 -21.48 60.49 24.20
CA SER E 219 -21.09 59.50 23.19
C SER E 219 -20.35 58.34 23.84
N GLU E 220 -19.48 58.65 24.82
CA GLU E 220 -18.72 57.69 25.61
C GLU E 220 -19.66 56.87 26.49
N ARG E 221 -20.60 57.56 27.18
CA ARG E 221 -21.59 56.98 28.09
C ARG E 221 -22.54 56.01 27.36
N LEU E 222 -22.90 56.31 26.11
CA LEU E 222 -23.82 55.48 25.33
C LEU E 222 -23.12 54.29 24.66
N GLN E 223 -21.98 54.52 23.98
CA GLN E 223 -21.24 53.47 23.25
C GLN E 223 -20.70 52.37 24.18
N THR E 224 -20.34 52.72 25.43
CA THR E 224 -19.81 51.78 26.43
C THR E 224 -20.93 50.83 26.91
N SER E 225 -22.18 51.34 27.04
CA SER E 225 -23.33 50.53 27.48
C SER E 225 -23.70 49.45 26.44
N PHE E 226 -23.30 49.63 25.17
CA PHE E 226 -23.52 48.64 24.12
C PHE E 226 -22.54 47.47 24.27
N THR E 227 -21.30 47.77 24.72
CA THR E 227 -20.24 46.79 25.00
C THR E 227 -20.67 46.04 26.27
N LEU E 228 -21.27 46.76 27.24
CA LEU E 228 -21.79 46.24 28.50
C LEU E 228 -22.92 45.24 28.25
N MET E 229 -23.80 45.55 27.26
CA MET E 229 -24.92 44.72 26.82
C MET E 229 -24.38 43.41 26.23
N LEU E 230 -23.34 43.51 25.39
CA LEU E 230 -22.65 42.40 24.73
C LEU E 230 -21.94 41.50 25.76
N THR E 231 -21.48 42.08 26.89
CA THR E 231 -20.79 41.36 27.96
C THR E 231 -21.78 40.43 28.68
N VAL E 232 -23.01 40.91 28.93
CA VAL E 232 -24.07 40.14 29.59
C VAL E 232 -24.55 39.02 28.64
N VAL E 233 -24.63 39.29 27.31
CA VAL E 233 -25.02 38.31 26.29
C VAL E 233 -23.97 37.18 26.27
N ALA E 234 -22.67 37.55 26.29
CA ALA E 234 -21.55 36.62 26.33
C ALA E 234 -21.53 35.81 27.64
N TYR E 235 -21.97 36.43 28.75
CA TYR E 235 -22.03 35.78 30.06
C TYR E 235 -23.24 34.86 30.15
N ALA E 236 -24.42 35.30 29.62
CA ALA E 236 -25.67 34.53 29.61
C ALA E 236 -25.48 33.22 28.86
N PHE E 237 -24.64 33.26 27.82
CA PHE E 237 -24.28 32.12 26.99
C PHE E 237 -23.33 31.19 27.78
N TYR E 238 -22.33 31.78 28.48
CA TYR E 238 -21.37 31.05 29.32
C TYR E 238 -22.10 30.33 30.46
N THR E 239 -23.14 30.96 31.03
CA THR E 239 -23.94 30.43 32.13
C THR E 239 -24.77 29.23 31.63
N SER E 240 -25.68 29.46 30.67
CA SER E 240 -26.61 28.48 30.10
C SER E 240 -25.95 27.22 29.51
N ASN E 241 -24.72 27.35 28.98
CA ASN E 241 -23.99 26.22 28.37
C ASN E 241 -23.45 25.23 29.44
N ILE E 242 -23.04 25.75 30.62
CA ILE E 242 -22.48 24.94 31.70
C ILE E 242 -23.58 24.54 32.71
N LEU E 243 -24.45 25.50 33.08
CA LEU E 243 -25.55 25.28 34.04
C LEU E 243 -26.56 24.24 33.54
N PRO E 244 -27.23 23.49 34.45
CA PRO E 244 -28.18 22.46 34.01
C PRO E 244 -29.42 23.02 33.32
N ARG E 245 -29.91 22.27 32.30
CA ARG E 245 -31.09 22.63 31.53
C ARG E 245 -32.36 22.40 32.35
N LEU E 246 -33.20 23.44 32.48
CA LEU E 246 -34.43 23.41 33.27
C LEU E 246 -35.60 24.13 32.58
N PRO E 247 -36.87 23.75 32.86
CA PRO E 247 -38.00 24.44 32.21
C PRO E 247 -38.48 25.69 32.99
N TYR E 248 -37.67 26.18 33.94
CA TYR E 248 -37.96 27.36 34.77
C TYR E 248 -36.67 28.12 35.12
N THR E 249 -36.80 29.44 35.41
CA THR E 249 -35.67 30.32 35.75
C THR E 249 -35.18 30.10 37.19
N THR E 250 -33.85 30.09 37.37
CA THR E 250 -33.17 29.93 38.66
C THR E 250 -32.75 31.30 39.21
N VAL E 251 -32.04 31.33 40.37
CA VAL E 251 -31.54 32.55 41.00
C VAL E 251 -30.49 33.19 40.09
N ILE E 252 -29.59 32.37 39.50
CA ILE E 252 -28.53 32.79 38.59
C ILE E 252 -29.17 33.31 37.29
N ASP E 253 -30.24 32.63 36.80
CA ASP E 253 -30.96 33.03 35.59
C ASP E 253 -31.65 34.38 35.81
N GLN E 254 -32.21 34.62 37.01
CA GLN E 254 -32.89 35.87 37.39
C GLN E 254 -31.89 37.04 37.49
N MET E 255 -30.64 36.75 37.92
CA MET E 255 -29.55 37.71 38.04
C MET E 255 -29.16 38.25 36.67
N ILE E 256 -29.20 37.39 35.64
CA ILE E 256 -28.89 37.70 34.23
C ILE E 256 -29.94 38.69 33.69
N ILE E 257 -31.24 38.46 33.97
CA ILE E 257 -32.37 39.31 33.56
C ILE E 257 -32.22 40.69 34.21
N ALA E 258 -31.80 40.71 35.49
CA ALA E 258 -31.55 41.93 36.26
C ALA E 258 -30.39 42.74 35.66
N GLY E 259 -29.41 42.04 35.07
CA GLY E 259 -28.26 42.63 34.39
C GLY E 259 -28.66 43.33 33.11
N TYR E 260 -29.54 42.68 32.31
CA TYR E 260 -30.09 43.23 31.06
C TYR E 260 -30.93 44.47 31.35
N GLY E 261 -31.70 44.41 32.43
CA GLY E 261 -32.57 45.49 32.88
C GLY E 261 -31.79 46.71 33.35
N SER E 262 -30.68 46.48 34.09
CA SER E 262 -29.79 47.53 34.61
C SER E 262 -29.14 48.32 33.49
N ILE E 263 -28.75 47.63 32.39
CA ILE E 263 -28.12 48.24 31.22
C ILE E 263 -29.18 48.98 30.41
N PHE E 264 -30.39 48.39 30.24
CA PHE E 264 -31.47 49.01 29.49
C PHE E 264 -32.00 50.25 30.21
N ALA E 265 -32.02 50.24 31.57
CA ALA E 265 -32.43 51.38 32.39
C ALA E 265 -31.42 52.51 32.26
N ALA E 266 -30.12 52.14 32.15
CA ALA E 266 -28.99 53.07 31.97
C ALA E 266 -29.07 53.73 30.60
N ILE E 267 -29.38 52.94 29.53
CA ILE E 267 -29.53 53.38 28.14
C ILE E 267 -30.60 54.50 28.08
N LEU E 268 -31.77 54.27 28.72
CA LEU E 268 -32.89 55.21 28.76
C LEU E 268 -32.52 56.49 29.52
N LEU E 269 -31.80 56.36 30.67
CA LEU E 269 -31.38 57.49 31.50
C LEU E 269 -30.32 58.35 30.82
N ILE E 270 -29.37 57.73 30.08
CA ILE E 270 -28.28 58.44 29.36
C ILE E 270 -28.91 59.28 28.22
N ILE E 271 -29.91 58.72 27.52
CA ILE E 271 -30.63 59.41 26.44
C ILE E 271 -31.44 60.57 27.04
N PHE E 272 -32.18 60.31 28.15
CA PHE E 272 -33.01 61.28 28.86
C PHE E 272 -32.17 62.45 29.42
N ALA E 273 -30.98 62.16 30.01
CA ALA E 273 -30.09 63.17 30.59
C ALA E 273 -29.66 64.20 29.55
N HIS E 274 -29.32 63.74 28.34
CA HIS E 274 -28.84 64.56 27.24
C HIS E 274 -29.94 65.30 26.47
N HIS E 275 -31.10 64.65 26.21
CA HIS E 275 -32.17 65.25 25.42
C HIS E 275 -33.22 66.02 26.23
N ARG E 276 -33.41 65.71 27.53
CA ARG E 276 -34.32 66.50 28.37
C ARG E 276 -33.48 67.68 28.89
N GLN E 277 -33.47 68.76 28.11
CA GLN E 277 -32.67 69.95 28.35
C GLN E 277 -33.44 71.26 28.07
N ALA E 278 -32.77 72.40 28.30
CA ALA E 278 -33.28 73.75 28.08
C ALA E 278 -32.45 74.50 27.02
N ASN E 279 -31.28 73.93 26.63
CA ASN E 279 -30.37 74.52 25.64
C ASN E 279 -29.96 73.51 24.56
N GLY E 280 -29.53 72.31 24.96
CA GLY E 280 -29.09 71.27 24.04
C GLY E 280 -28.25 70.19 24.69
N VAL E 281 -27.19 70.61 25.42
CA VAL E 281 -26.27 69.71 26.14
C VAL E 281 -26.42 69.94 27.66
N GLU E 282 -27.62 70.35 28.12
CA GLU E 282 -27.92 70.56 29.54
C GLU E 282 -28.18 69.18 30.17
N ASP E 283 -27.07 68.48 30.47
CA ASP E 283 -27.09 67.18 31.11
C ASP E 283 -27.38 67.40 32.58
N ASP E 284 -28.57 66.97 33.05
CA ASP E 284 -29.03 67.16 34.43
C ASP E 284 -28.00 66.63 35.42
N LEU E 285 -27.34 67.56 36.13
CA LEU E 285 -26.27 67.35 37.11
C LEU E 285 -26.54 66.17 38.06
N LEU E 286 -27.78 66.07 38.60
CA LEU E 286 -28.16 65.00 39.53
C LEU E 286 -28.45 63.67 38.82
N ILE E 287 -29.14 63.71 37.66
CA ILE E 287 -29.49 62.51 36.91
C ILE E 287 -28.26 61.92 36.20
N GLN E 288 -27.26 62.74 35.82
CA GLN E 288 -26.02 62.25 35.19
C GLN E 288 -25.12 61.63 36.26
N ARG E 289 -25.22 62.17 37.51
CA ARG E 289 -24.49 61.73 38.69
C ARG E 289 -25.40 60.81 39.53
N CYS E 290 -26.03 59.82 38.84
CA CYS E 290 -26.88 58.80 39.46
C CYS E 290 -25.99 57.57 39.74
N ARG E 291 -24.67 57.83 39.87
CA ARG E 291 -23.56 56.92 40.15
C ARG E 291 -23.74 56.19 41.49
N LEU E 292 -24.67 56.68 42.32
CA LEU E 292 -25.01 56.12 43.63
C LEU E 292 -26.54 55.99 43.80
N ALA E 293 -27.33 56.58 42.87
CA ALA E 293 -28.81 56.55 42.93
C ALA E 293 -29.37 55.14 42.66
N PHE E 294 -29.21 54.59 41.44
CA PHE E 294 -29.74 53.25 41.18
C PHE E 294 -28.76 52.09 41.56
N PRO E 295 -27.40 52.25 41.67
CA PRO E 295 -26.57 51.11 42.12
C PRO E 295 -27.04 50.53 43.47
N LEU E 296 -27.40 51.40 44.45
CA LEU E 296 -27.94 50.92 45.74
C LEU E 296 -29.43 50.57 45.58
N GLY E 297 -30.09 51.19 44.59
CA GLY E 297 -31.48 50.94 44.25
C GLY E 297 -31.65 49.55 43.68
N PHE E 298 -30.59 49.04 43.01
CA PHE E 298 -30.50 47.69 42.45
C PHE E 298 -30.42 46.69 43.60
N LEU E 299 -29.69 47.05 44.69
CA LEU E 299 -29.55 46.24 45.90
C LEU E 299 -30.89 46.16 46.63
N ALA E 300 -31.69 47.25 46.59
CA ALA E 300 -33.03 47.33 47.19
C ALA E 300 -34.00 46.41 46.44
N ILE E 301 -33.92 46.39 45.09
CA ILE E 301 -34.71 45.53 44.20
C ILE E 301 -34.21 44.08 44.36
N GLY E 302 -32.91 43.91 44.59
CA GLY E 302 -32.26 42.63 44.80
C GLY E 302 -32.67 41.97 46.11
N CYS E 303 -32.94 42.80 47.14
CA CYS E 303 -33.39 42.34 48.46
C CYS E 303 -34.87 41.92 48.41
N VAL E 304 -35.68 42.55 47.52
CA VAL E 304 -37.09 42.25 47.30
C VAL E 304 -37.20 40.87 46.62
N LEU E 305 -36.21 40.53 45.75
CA LEU E 305 -36.11 39.26 45.03
C LEU E 305 -35.92 38.06 45.99
N VAL E 306 -35.22 38.29 47.13
CA VAL E 306 -34.97 37.26 48.15
C VAL E 306 -36.23 37.11 49.02
N ILE E 307 -36.78 38.24 49.52
CA ILE E 307 -37.97 38.27 50.37
C ILE E 307 -39.21 38.48 49.48
N PRO F 1 65.18 8.16 -7.52
CA PRO F 1 64.19 7.70 -8.52
C PRO F 1 64.53 6.30 -9.01
N VAL F 2 63.63 5.34 -8.76
CA VAL F 2 63.79 3.94 -9.13
C VAL F 2 63.55 3.81 -10.64
N ASP F 3 64.58 3.32 -11.38
CA ASP F 3 64.48 3.12 -12.82
C ASP F 3 63.90 1.73 -13.09
N VAL F 4 62.71 1.70 -13.74
CA VAL F 4 62.00 0.45 -14.02
C VAL F 4 61.93 0.22 -15.54
N SER F 5 62.47 -0.91 -16.01
CA SER F 5 62.47 -1.33 -17.41
C SER F 5 61.29 -2.27 -17.64
N VAL F 6 60.36 -1.86 -18.53
CA VAL F 6 59.13 -2.60 -18.82
C VAL F 6 59.21 -3.23 -20.22
N SER F 7 58.58 -4.42 -20.39
CA SER F 7 58.50 -5.17 -21.64
C SER F 7 57.13 -5.83 -21.74
N ILE F 8 56.34 -5.42 -22.75
CA ILE F 8 54.99 -5.93 -23.00
C ILE F 8 55.01 -6.92 -24.17
N PHE F 9 54.40 -8.10 -23.99
CA PHE F 9 54.34 -9.14 -25.00
C PHE F 9 52.87 -9.37 -25.40
N ILE F 10 52.44 -8.78 -26.53
CA ILE F 10 51.06 -8.90 -27.03
C ILE F 10 50.87 -10.29 -27.67
N ASN F 11 49.84 -11.02 -27.21
CA ASN F 11 49.50 -12.35 -27.74
C ASN F 11 48.30 -12.30 -28.65
N LYS F 12 47.23 -11.57 -28.24
CA LYS F 12 45.98 -11.50 -29.00
C LYS F 12 45.20 -10.22 -28.69
N ILE F 13 44.73 -9.54 -29.75
CA ILE F 13 43.86 -8.36 -29.67
C ILE F 13 42.57 -8.80 -30.36
N TYR F 14 41.50 -8.95 -29.56
CA TYR F 14 40.21 -9.44 -30.03
C TYR F 14 39.05 -8.77 -29.28
N GLY F 15 37.81 -9.15 -29.64
CA GLY F 15 36.58 -8.68 -29.02
C GLY F 15 36.40 -7.19 -28.97
N VAL F 16 36.23 -6.55 -30.14
CA VAL F 16 36.04 -5.11 -30.24
C VAL F 16 34.57 -4.76 -29.98
N ASN F 17 34.31 -4.00 -28.90
CA ASN F 17 32.98 -3.51 -28.55
C ASN F 17 32.86 -2.10 -29.13
N THR F 18 32.08 -1.97 -30.22
CA THR F 18 31.90 -0.72 -30.96
C THR F 18 31.19 0.37 -30.14
N LEU F 19 30.14 0.01 -29.38
CA LEU F 19 29.39 0.97 -28.58
C LEU F 19 30.19 1.49 -27.38
N GLU F 20 30.90 0.58 -26.66
CA GLU F 20 31.69 0.92 -25.48
C GLU F 20 33.09 1.43 -25.84
N GLN F 21 33.53 1.25 -27.12
CA GLN F 21 34.85 1.62 -27.65
C GLN F 21 35.94 0.88 -26.81
N THR F 22 35.76 -0.44 -26.71
CA THR F 22 36.59 -1.36 -25.91
C THR F 22 37.13 -2.50 -26.79
N TYR F 23 38.28 -3.08 -26.40
CA TYR F 23 38.97 -4.20 -27.05
C TYR F 23 39.74 -5.01 -26.00
N LYS F 24 39.69 -6.35 -26.13
CA LYS F 24 40.37 -7.26 -25.20
C LYS F 24 41.80 -7.54 -25.65
N VAL F 25 42.76 -7.42 -24.71
CA VAL F 25 44.20 -7.64 -24.98
C VAL F 25 44.76 -8.69 -24.00
N ASP F 26 45.37 -9.76 -24.55
CA ASP F 26 46.03 -10.83 -23.80
C ASP F 26 47.53 -10.72 -24.00
N GLY F 27 48.28 -10.73 -22.90
CA GLY F 27 49.73 -10.62 -22.96
C GLY F 27 50.49 -10.85 -21.66
N TYR F 28 51.75 -10.38 -21.61
CA TYR F 28 52.65 -10.50 -20.46
C TYR F 28 53.34 -9.17 -20.14
N ILE F 29 53.45 -8.83 -18.83
CA ILE F 29 54.15 -7.63 -18.35
C ILE F 29 55.45 -8.08 -17.69
N VAL F 30 56.58 -7.47 -18.07
CA VAL F 30 57.88 -7.77 -17.49
C VAL F 30 58.49 -6.47 -16.97
N ALA F 31 58.49 -6.29 -15.63
CA ALA F 31 59.04 -5.10 -14.99
C ALA F 31 60.34 -5.47 -14.26
N GLN F 32 61.39 -4.64 -14.45
CA GLN F 32 62.70 -4.88 -13.83
C GLN F 32 63.24 -3.61 -13.19
N TRP F 33 63.67 -3.73 -11.92
CA TRP F 33 64.28 -2.66 -11.13
C TRP F 33 65.40 -3.24 -10.26
N THR F 34 66.48 -2.47 -10.05
CA THR F 34 67.61 -2.92 -9.24
C THR F 34 67.43 -2.44 -7.81
N GLY F 35 67.39 -3.41 -6.89
CA GLY F 35 67.24 -3.18 -5.47
C GLY F 35 68.52 -3.48 -4.70
N LYS F 36 68.40 -3.63 -3.37
CA LYS F 36 69.52 -3.92 -2.48
C LYS F 36 69.94 -5.38 -2.65
N PRO F 37 71.27 -5.69 -2.64
CA PRO F 37 71.70 -7.10 -2.84
C PRO F 37 71.12 -8.07 -1.81
N ARG F 38 70.77 -9.28 -2.28
CA ARG F 38 70.15 -10.34 -1.48
C ARG F 38 71.06 -11.57 -1.38
N LYS F 39 70.75 -12.47 -0.44
CA LYS F 39 71.47 -13.72 -0.24
C LYS F 39 70.56 -14.88 -0.67
N THR F 40 70.56 -15.19 -1.99
CA THR F 40 69.75 -16.23 -2.61
C THR F 40 70.35 -17.62 -2.32
N PRO F 41 69.52 -18.70 -2.19
CA PRO F 41 70.08 -20.05 -1.92
C PRO F 41 71.14 -20.42 -2.95
N GLY F 42 72.32 -20.77 -2.45
CA GLY F 42 73.48 -21.06 -3.27
C GLY F 42 74.08 -19.75 -3.74
N ASP F 43 73.72 -19.35 -4.98
CA ASP F 43 74.14 -18.09 -5.60
C ASP F 43 73.29 -17.77 -6.83
N LYS F 44 72.58 -18.79 -7.35
CA LYS F 44 71.71 -18.65 -8.54
C LYS F 44 70.44 -17.83 -8.19
N PRO F 45 69.85 -17.08 -9.16
CA PRO F 45 68.65 -16.28 -8.84
C PRO F 45 67.46 -17.11 -8.35
N LEU F 46 66.82 -16.64 -7.27
CA LEU F 46 65.68 -17.29 -6.65
C LEU F 46 64.37 -16.94 -7.37
N ILE F 47 63.53 -17.96 -7.61
CA ILE F 47 62.24 -17.83 -8.29
C ILE F 47 61.12 -17.93 -7.24
N VAL F 48 60.20 -16.95 -7.26
CA VAL F 48 59.05 -16.86 -6.37
C VAL F 48 57.78 -16.88 -7.25
N GLU F 49 56.90 -17.87 -7.03
CA GLU F 49 55.68 -18.03 -7.85
C GLU F 49 54.39 -17.76 -7.08
N ASN F 50 53.43 -17.14 -7.78
CA ASN F 50 52.06 -16.77 -7.41
C ASN F 50 51.84 -16.42 -5.91
N THR F 51 51.34 -17.39 -5.12
CA THR F 51 51.00 -17.26 -3.69
C THR F 51 52.17 -16.76 -2.83
N GLN F 52 53.38 -17.27 -3.10
CA GLN F 52 54.59 -16.93 -2.36
C GLN F 52 55.04 -15.46 -2.54
N ILE F 53 54.62 -14.79 -3.63
CA ILE F 53 54.94 -13.38 -3.91
C ILE F 53 54.35 -12.49 -2.79
N GLU F 54 53.08 -12.76 -2.41
CA GLU F 54 52.35 -12.06 -1.36
C GLU F 54 53.04 -12.23 0.01
N ARG F 55 53.60 -13.43 0.27
CA ARG F 55 54.32 -13.77 1.50
C ARG F 55 55.60 -12.95 1.65
N TRP F 56 56.31 -12.70 0.54
CA TRP F 56 57.56 -11.94 0.49
C TRP F 56 57.31 -10.44 0.72
N ILE F 57 56.19 -9.91 0.21
CA ILE F 57 55.77 -8.50 0.36
C ILE F 57 55.48 -8.23 1.84
N ASN F 58 54.80 -9.18 2.53
CA ASN F 58 54.46 -9.12 3.96
C ASN F 58 55.74 -9.01 4.81
N ASN F 59 56.82 -9.69 4.39
CA ASN F 59 58.12 -9.67 5.05
C ASN F 59 58.83 -8.33 4.82
N GLY F 60 58.55 -7.68 3.69
CA GLY F 60 59.13 -6.38 3.36
C GLY F 60 59.61 -6.16 1.93
N LEU F 61 59.16 -7.00 0.98
CA LEU F 61 59.56 -6.84 -0.42
C LEU F 61 58.76 -5.71 -1.06
N TRP F 62 59.47 -4.76 -1.68
CA TRP F 62 58.84 -3.65 -2.36
C TRP F 62 58.49 -4.04 -3.79
N VAL F 63 57.20 -4.25 -4.06
CA VAL F 63 56.68 -4.59 -5.37
C VAL F 63 55.68 -3.47 -5.73
N PRO F 64 56.05 -2.53 -6.62
CA PRO F 64 55.14 -1.41 -6.93
C PRO F 64 53.93 -1.82 -7.76
N ALA F 65 52.78 -1.23 -7.46
CA ALA F 65 51.55 -1.48 -8.20
C ALA F 65 51.50 -0.60 -9.44
N LEU F 66 51.67 -1.22 -10.61
CA LEU F 66 51.65 -0.53 -11.90
C LEU F 66 50.27 -0.72 -12.50
N GLU F 67 49.52 0.38 -12.65
CA GLU F 67 48.15 0.34 -13.14
C GLU F 67 48.02 0.65 -14.63
N PHE F 68 47.09 -0.06 -15.29
CA PHE F 68 46.71 0.17 -16.68
C PHE F 68 45.64 1.26 -16.66
N ILE F 69 46.02 2.47 -17.12
CA ILE F 69 45.16 3.66 -17.11
C ILE F 69 43.88 3.47 -17.94
N ASN F 70 44.00 2.90 -19.16
CA ASN F 70 42.87 2.73 -20.06
C ASN F 70 42.11 1.39 -19.89
N VAL F 71 42.43 0.58 -18.86
CA VAL F 71 41.72 -0.69 -18.65
C VAL F 71 40.33 -0.43 -18.04
N VAL F 72 39.36 -1.27 -18.42
CA VAL F 72 37.98 -1.22 -17.96
C VAL F 72 37.86 -2.20 -16.79
N GLY F 73 37.84 -1.65 -15.59
CA GLY F 73 37.77 -2.41 -14.34
C GLY F 73 39.12 -2.98 -13.95
N SER F 74 39.14 -4.24 -13.49
CA SER F 74 40.36 -4.93 -13.08
C SER F 74 40.67 -6.08 -14.06
N PRO F 75 41.92 -6.20 -14.56
CA PRO F 75 42.22 -7.27 -15.53
C PRO F 75 42.41 -8.63 -14.88
N ASP F 76 42.20 -9.70 -15.66
CA ASP F 76 42.37 -11.09 -15.24
C ASP F 76 43.86 -11.43 -15.28
N THR F 77 44.51 -11.38 -14.10
CA THR F 77 45.93 -11.69 -13.96
C THR F 77 46.09 -13.21 -13.81
N GLY F 78 46.92 -13.79 -14.67
CA GLY F 78 47.21 -15.22 -14.68
C GLY F 78 48.33 -15.56 -13.70
N ASN F 79 49.34 -16.28 -14.19
CA ASN F 79 50.49 -16.70 -13.38
C ASN F 79 51.40 -15.50 -13.08
N LYS F 80 51.83 -15.39 -11.81
CA LYS F 80 52.73 -14.35 -11.32
C LYS F 80 54.11 -14.94 -11.02
N ARG F 81 55.18 -14.17 -11.24
CA ARG F 81 56.55 -14.63 -11.03
C ARG F 81 57.46 -13.50 -10.57
N LEU F 82 58.30 -13.78 -9.56
CA LEU F 82 59.30 -12.86 -9.04
C LEU F 82 60.66 -13.52 -9.10
N MET F 83 61.56 -12.97 -9.92
CA MET F 83 62.92 -13.50 -10.04
C MET F 83 63.86 -12.57 -9.28
N LEU F 84 64.26 -13.00 -8.08
CA LEU F 84 65.15 -12.25 -7.20
C LEU F 84 66.59 -12.67 -7.41
N PHE F 85 67.45 -11.69 -7.77
CA PHE F 85 68.86 -11.91 -8.05
C PHE F 85 69.74 -11.52 -6.86
N PRO F 86 70.91 -12.19 -6.66
CA PRO F 86 71.78 -11.84 -5.52
C PRO F 86 72.43 -10.46 -5.65
N ASP F 87 72.59 -9.94 -6.89
CA ASP F 87 73.19 -8.63 -7.15
C ASP F 87 72.22 -7.48 -6.78
N GLY F 88 70.93 -7.80 -6.65
CA GLY F 88 69.91 -6.82 -6.25
C GLY F 88 68.69 -6.69 -7.13
N ARG F 89 68.87 -6.83 -8.47
CA ARG F 89 67.81 -6.67 -9.47
C ARG F 89 66.64 -7.64 -9.25
N VAL F 90 65.41 -7.11 -9.40
CA VAL F 90 64.15 -7.83 -9.20
C VAL F 90 63.35 -7.78 -10.51
N ILE F 91 62.93 -8.97 -11.01
CA ILE F 91 62.15 -9.08 -12.25
C ILE F 91 60.76 -9.64 -11.93
N TYR F 92 59.71 -8.88 -12.28
CA TYR F 92 58.32 -9.28 -12.09
C TYR F 92 57.71 -9.64 -13.44
N ASN F 93 57.25 -10.90 -13.57
CA ASN F 93 56.63 -11.42 -14.79
C ASN F 93 55.24 -11.97 -14.47
N ALA F 94 54.22 -11.49 -15.21
CA ALA F 94 52.83 -11.93 -15.03
C ALA F 94 52.02 -11.84 -16.31
N ARG F 95 51.17 -12.86 -16.55
CA ARG F 95 50.28 -12.87 -17.70
C ARG F 95 49.03 -12.06 -17.36
N PHE F 96 48.50 -11.30 -18.33
CA PHE F 96 47.33 -10.48 -18.12
C PHE F 96 46.34 -10.56 -19.28
N LEU F 97 45.06 -10.34 -18.97
CA LEU F 97 43.96 -10.24 -19.92
C LEU F 97 43.02 -9.15 -19.42
N GLY F 98 42.93 -8.08 -20.18
CA GLY F 98 42.09 -6.94 -19.82
C GLY F 98 41.36 -6.31 -20.98
N SER F 99 40.23 -5.63 -20.66
CA SER F 99 39.41 -4.89 -21.62
C SER F 99 39.88 -3.44 -21.60
N PHE F 100 40.49 -2.99 -22.69
CA PHE F 100 41.04 -1.64 -22.76
C PHE F 100 40.18 -0.70 -23.60
N SER F 101 40.11 0.58 -23.18
CA SER F 101 39.34 1.62 -23.84
C SER F 101 40.22 2.64 -24.55
N ASN F 102 39.72 3.16 -25.69
CA ASN F 102 40.35 4.18 -26.54
C ASN F 102 39.30 4.84 -27.43
N ASP F 103 39.50 6.12 -27.79
CA ASP F 103 38.62 6.86 -28.68
C ASP F 103 38.64 6.20 -30.06
N MET F 104 37.51 5.62 -30.47
CA MET F 104 37.42 4.88 -31.73
C MET F 104 36.33 5.46 -32.63
N ASP F 105 36.72 5.81 -33.87
CA ASP F 105 35.85 6.35 -34.91
C ASP F 105 35.50 5.24 -35.90
N PHE F 106 34.21 4.88 -35.96
CA PHE F 106 33.71 3.84 -36.87
C PHE F 106 32.79 4.45 -37.94
N ARG F 107 32.99 5.75 -38.26
CA ARG F 107 32.20 6.52 -39.22
C ARG F 107 32.30 5.97 -40.64
N LEU F 108 33.53 5.68 -41.13
CA LEU F 108 33.76 5.18 -42.49
C LEU F 108 33.86 3.64 -42.52
N PHE F 109 32.94 2.96 -41.81
CA PHE F 109 32.81 1.50 -41.73
C PHE F 109 32.36 0.95 -43.10
N PRO F 110 32.83 -0.23 -43.57
CA PRO F 110 33.75 -1.20 -42.94
C PRO F 110 35.24 -0.94 -43.22
N PHE F 111 35.56 0.27 -43.73
CA PHE F 111 36.93 0.68 -44.07
C PHE F 111 37.52 1.59 -42.96
N ASP F 112 37.00 1.44 -41.72
CA ASP F 112 37.41 2.20 -40.53
C ASP F 112 38.85 1.86 -40.12
N ARG F 113 39.61 2.91 -39.74
CA ARG F 113 40.99 2.80 -39.28
C ARG F 113 41.03 2.97 -37.77
N GLN F 114 41.59 1.98 -37.04
CA GLN F 114 41.66 2.00 -35.59
C GLN F 114 43.04 1.64 -35.04
N GLN F 115 43.41 2.22 -33.89
CA GLN F 115 44.67 1.94 -33.21
C GLN F 115 44.41 1.49 -31.77
N PHE F 116 44.94 0.32 -31.41
CA PHE F 116 44.79 -0.26 -30.08
C PHE F 116 45.89 0.29 -29.18
N VAL F 117 45.49 1.03 -28.14
CA VAL F 117 46.38 1.71 -27.20
C VAL F 117 46.42 1.00 -25.84
N LEU F 118 47.60 1.04 -25.19
CA LEU F 118 47.89 0.51 -23.86
C LEU F 118 48.63 1.57 -23.06
N GLU F 119 48.10 1.94 -21.89
CA GLU F 119 48.72 2.98 -21.06
C GLU F 119 49.09 2.46 -19.68
N LEU F 120 50.39 2.48 -19.35
CA LEU F 120 50.92 2.02 -18.07
C LEU F 120 51.47 3.17 -17.25
N GLU F 121 51.18 3.20 -15.95
CA GLU F 121 51.59 4.26 -15.01
C GLU F 121 51.60 3.72 -13.56
N PRO F 122 52.61 4.07 -12.71
CA PRO F 122 52.58 3.61 -11.31
C PRO F 122 51.42 4.26 -10.56
N PHE F 123 50.70 3.46 -9.77
CA PHE F 123 49.50 3.90 -9.05
C PHE F 123 49.79 4.86 -7.89
N SER F 124 50.91 4.68 -7.17
CA SER F 124 51.18 5.49 -5.99
C SER F 124 52.44 6.37 -6.08
N TYR F 125 53.53 5.84 -6.68
CA TYR F 125 54.82 6.52 -6.74
C TYR F 125 54.91 7.43 -7.97
N ASN F 126 55.33 8.69 -7.74
CA ASN F 126 55.47 9.73 -8.77
C ASN F 126 56.80 9.57 -9.55
N ASN F 127 57.06 10.49 -10.52
CA ASN F 127 58.25 10.48 -11.38
C ASN F 127 59.57 10.62 -10.60
N GLN F 128 59.54 11.29 -9.42
CA GLN F 128 60.72 11.48 -8.58
C GLN F 128 60.99 10.23 -7.73
N GLN F 129 59.97 9.37 -7.55
CA GLN F 129 60.08 8.12 -6.78
C GLN F 129 60.29 6.94 -7.72
N LEU F 130 59.47 6.82 -8.78
CA LEU F 130 59.52 5.76 -9.78
C LEU F 130 59.55 6.34 -11.19
N ARG F 131 60.56 5.95 -11.98
CA ARG F 131 60.75 6.41 -13.34
C ARG F 131 60.83 5.22 -14.31
N PHE F 132 60.16 5.33 -15.47
CA PHE F 132 60.21 4.28 -16.48
C PHE F 132 61.43 4.53 -17.37
N SER F 133 62.47 3.69 -17.22
CA SER F 133 63.73 3.81 -17.95
C SER F 133 63.57 3.55 -19.46
N ASP F 134 62.99 2.38 -19.83
CA ASP F 134 62.77 2.00 -21.23
C ASP F 134 61.61 1.00 -21.36
N ILE F 135 60.96 0.97 -22.53
CA ILE F 135 59.85 0.05 -22.82
C ILE F 135 59.93 -0.47 -24.26
N GLN F 136 59.73 -1.79 -24.43
CA GLN F 136 59.75 -2.47 -25.73
C GLN F 136 58.58 -3.47 -25.81
N VAL F 137 57.81 -3.40 -26.91
CA VAL F 137 56.63 -4.24 -27.17
C VAL F 137 56.97 -5.29 -28.22
N TYR F 138 56.46 -6.52 -28.01
CA TYR F 138 56.71 -7.63 -28.92
C TYR F 138 55.38 -8.22 -29.42
N THR F 139 54.97 -7.82 -30.63
CA THR F 139 53.74 -8.31 -31.28
C THR F 139 54.13 -9.46 -32.19
N GLU F 140 54.13 -10.68 -31.62
CA GLU F 140 54.51 -11.94 -32.28
C GLU F 140 53.36 -12.48 -33.16
N ASN F 141 52.67 -11.56 -33.85
CA ASN F 141 51.54 -11.84 -34.73
C ASN F 141 51.99 -11.68 -36.19
N ILE F 142 51.86 -12.78 -36.99
CA ILE F 142 52.24 -12.82 -38.40
C ILE F 142 51.42 -13.88 -39.16
N ASP F 143 51.22 -13.66 -40.49
CA ASP F 143 50.49 -14.50 -41.45
C ASP F 143 48.99 -14.68 -41.10
N ASN F 144 48.23 -15.30 -42.04
CA ASN F 144 46.80 -15.61 -41.96
C ASN F 144 45.96 -14.34 -41.67
N GLU F 145 46.16 -13.28 -42.47
CA GLU F 145 45.42 -12.02 -42.33
C GLU F 145 43.97 -12.17 -42.80
N GLU F 146 43.75 -12.93 -43.89
CA GLU F 146 42.44 -13.20 -44.51
C GLU F 146 41.49 -13.98 -43.58
N ILE F 147 42.04 -14.65 -42.54
CA ILE F 147 41.30 -15.43 -41.54
C ILE F 147 40.90 -14.50 -40.37
N ASP F 148 41.82 -13.63 -39.93
CA ASP F 148 41.61 -12.70 -38.82
C ASP F 148 40.71 -11.53 -39.24
N GLU F 149 39.93 -11.00 -38.28
CA GLU F 149 39.00 -9.88 -38.45
C GLU F 149 39.74 -8.56 -38.72
N TRP F 150 40.89 -8.36 -38.04
CA TRP F 150 41.70 -7.15 -38.15
C TRP F 150 43.08 -7.44 -38.74
N TRP F 151 43.60 -6.47 -39.51
CA TRP F 151 44.91 -6.55 -40.14
C TRP F 151 45.87 -5.58 -39.49
N ILE F 152 46.76 -6.10 -38.62
CA ILE F 152 47.78 -5.31 -37.93
C ILE F 152 48.77 -4.82 -38.98
N ARG F 153 48.94 -3.49 -39.10
CA ARG F 153 49.83 -2.90 -40.10
C ARG F 153 51.22 -2.64 -39.52
N GLY F 154 51.46 -1.41 -39.05
CA GLY F 154 52.76 -1.02 -38.49
C GLY F 154 53.10 -1.70 -37.18
N LYS F 155 54.41 -1.72 -36.86
CA LYS F 155 54.92 -2.28 -35.60
C LYS F 155 54.52 -1.35 -34.45
N ALA F 156 54.39 -1.90 -33.23
CA ALA F 156 53.97 -1.18 -32.03
C ALA F 156 54.79 0.09 -31.78
N SER F 157 54.08 1.22 -31.55
CA SER F 157 54.65 2.55 -31.28
C SER F 157 54.71 2.79 -29.78
N THR F 158 55.88 3.19 -29.25
CA THR F 158 56.09 3.42 -27.82
C THR F 158 56.48 4.86 -27.49
N HIS F 159 55.94 5.39 -26.37
CA HIS F 159 56.22 6.75 -25.91
C HIS F 159 56.16 6.84 -24.37
N ILE F 160 57.30 7.18 -23.75
CA ILE F 160 57.42 7.40 -22.30
C ILE F 160 57.37 8.91 -22.09
N SER F 161 56.39 9.37 -21.31
CA SER F 161 56.18 10.80 -21.03
C SER F 161 55.77 11.03 -19.59
N ASP F 162 56.01 12.24 -19.07
CA ASP F 162 55.64 12.63 -17.72
C ASP F 162 54.30 13.36 -17.75
N ILE F 163 53.28 12.77 -17.10
CA ILE F 163 51.93 13.30 -17.05
C ILE F 163 51.76 14.10 -15.75
N ARG F 164 51.32 15.37 -15.89
CA ARG F 164 51.08 16.29 -14.79
C ARG F 164 49.58 16.45 -14.57
N TYR F 165 49.12 16.22 -13.33
CA TYR F 165 47.71 16.32 -12.97
C TYR F 165 47.39 17.69 -12.41
N ASP F 166 46.23 18.25 -12.81
CA ASP F 166 45.73 19.57 -12.41
C ASP F 166 45.40 19.61 -10.92
N HIS F 167 44.55 18.65 -10.46
CA HIS F 167 44.04 18.40 -9.10
C HIS F 167 43.43 19.63 -8.37
N LEU F 168 44.12 20.80 -8.39
CA LEU F 168 43.76 22.07 -7.75
C LEU F 168 43.93 21.98 -6.22
N SER F 169 44.80 22.85 -5.66
CA SER F 169 45.18 22.99 -4.24
C SER F 169 45.77 21.67 -3.67
N SER F 170 44.94 20.84 -2.97
CA SER F 170 45.27 19.55 -2.35
C SER F 170 46.43 19.68 -1.30
N VAL F 171 47.12 18.55 -0.99
CA VAL F 171 48.22 18.51 -0.02
C VAL F 171 49.59 18.45 -0.73
N GLN F 172 49.70 17.67 -1.83
CA GLN F 172 50.94 17.54 -2.60
C GLN F 172 51.19 18.79 -3.47
N PRO F 173 52.32 19.51 -3.29
CA PRO F 173 52.55 20.74 -4.07
C PRO F 173 53.19 20.46 -5.44
N ASN F 174 54.54 20.36 -5.49
CA ASN F 174 55.30 20.12 -6.72
C ASN F 174 55.18 18.68 -7.22
N GLN F 175 55.18 17.70 -6.29
CA GLN F 175 55.08 16.27 -6.60
C GLN F 175 53.67 15.92 -7.13
N ASN F 176 53.47 16.15 -8.44
CA ASN F 176 52.21 15.91 -9.16
C ASN F 176 52.49 15.42 -10.59
N GLU F 177 53.71 14.89 -10.84
CA GLU F 177 54.15 14.38 -12.14
C GLU F 177 54.42 12.88 -12.07
N PHE F 178 53.85 12.12 -13.03
CA PHE F 178 53.98 10.65 -13.10
C PHE F 178 54.44 10.19 -14.48
N SER F 179 55.41 9.24 -14.52
CA SER F 179 55.91 8.68 -15.79
C SER F 179 54.89 7.68 -16.35
N ARG F 180 54.53 7.83 -17.64
CA ARG F 180 53.52 6.99 -18.29
C ARG F 180 54.01 6.43 -19.63
N ILE F 181 53.84 5.10 -19.80
CA ILE F 181 54.16 4.36 -21.03
C ILE F 181 52.88 4.31 -21.89
N THR F 182 52.97 4.75 -23.16
CA THR F 182 51.84 4.77 -24.10
C THR F 182 52.18 3.91 -25.34
N VAL F 183 51.53 2.72 -25.45
CA VAL F 183 51.74 1.75 -26.53
C VAL F 183 50.61 1.87 -27.56
N ARG F 184 50.96 2.00 -28.86
CA ARG F 184 49.98 2.14 -29.95
C ARG F 184 50.21 1.13 -31.06
N ILE F 185 49.18 0.34 -31.40
CA ILE F 185 49.21 -0.68 -32.45
C ILE F 185 48.09 -0.38 -33.47
N ASP F 186 48.48 0.11 -34.67
CA ASP F 186 47.55 0.47 -35.76
C ASP F 186 47.02 -0.76 -36.49
N ALA F 187 45.72 -0.76 -36.80
CA ALA F 187 45.05 -1.86 -37.49
C ALA F 187 44.05 -1.37 -38.56
N VAL F 188 43.77 -2.24 -39.53
CA VAL F 188 42.82 -2.02 -40.63
C VAL F 188 41.83 -3.19 -40.65
N ARG F 189 40.51 -2.87 -40.65
CA ARG F 189 39.45 -3.87 -40.68
C ARG F 189 39.41 -4.61 -42.02
N ASN F 190 39.14 -5.93 -41.98
CA ASN F 190 39.00 -6.80 -43.16
C ASN F 190 37.61 -6.54 -43.77
N PRO F 191 37.50 -5.88 -44.95
CA PRO F 191 36.16 -5.57 -45.48
C PRO F 191 35.60 -6.60 -46.48
N SER F 192 36.33 -7.73 -46.71
CA SER F 192 35.98 -8.80 -47.65
C SER F 192 34.56 -9.36 -47.43
N TYR F 193 34.11 -9.49 -46.17
CA TYR F 193 32.78 -10.00 -45.87
C TYR F 193 31.71 -8.94 -46.18
N TYR F 194 31.90 -7.73 -45.63
CA TYR F 194 30.96 -6.61 -45.76
C TYR F 194 30.83 -6.09 -47.21
N LEU F 195 31.89 -6.22 -48.03
CA LEU F 195 31.84 -5.76 -49.42
C LEU F 195 31.01 -6.71 -50.29
N TRP F 196 31.24 -8.03 -50.14
CA TRP F 196 30.56 -9.05 -50.93
C TRP F 196 29.17 -9.41 -50.40
N SER F 197 28.97 -9.46 -49.07
CA SER F 197 27.68 -9.85 -48.48
C SER F 197 26.78 -8.66 -48.09
N PHE F 198 27.28 -7.41 -48.11
CA PHE F 198 26.43 -6.27 -47.75
C PHE F 198 26.45 -5.15 -48.78
N ILE F 199 27.64 -4.73 -49.28
CA ILE F 199 27.75 -3.64 -50.25
C ILE F 199 27.23 -4.10 -51.63
N LEU F 200 27.78 -5.22 -52.15
CA LEU F 200 27.44 -5.80 -53.46
C LEU F 200 25.94 -6.12 -53.60
N PRO F 201 25.24 -6.87 -52.68
CA PRO F 201 23.82 -7.14 -52.89
C PRO F 201 22.95 -5.89 -52.78
N LEU F 202 23.31 -4.94 -51.88
CA LEU F 202 22.60 -3.67 -51.70
C LEU F 202 22.66 -2.85 -52.98
N GLY F 203 23.82 -2.84 -53.63
CA GLY F 203 24.03 -2.15 -54.90
C GLY F 203 23.10 -2.64 -55.99
N LEU F 204 22.86 -3.98 -56.01
CA LEU F 204 21.97 -4.63 -56.96
C LEU F 204 20.50 -4.28 -56.69
N ILE F 205 20.13 -4.06 -55.40
CA ILE F 205 18.77 -3.68 -54.98
C ILE F 205 18.44 -2.30 -55.57
N ILE F 206 19.37 -1.31 -55.39
CA ILE F 206 19.22 0.06 -55.88
C ILE F 206 19.26 0.09 -57.41
N ALA F 207 20.10 -0.76 -58.03
CA ALA F 207 20.20 -0.86 -59.48
C ALA F 207 18.89 -1.40 -60.08
N ALA F 208 18.30 -2.44 -59.44
CA ALA F 208 17.03 -3.03 -59.86
C ALA F 208 15.85 -2.11 -59.52
N SER F 209 16.05 -1.18 -58.55
CA SER F 209 15.04 -0.19 -58.14
C SER F 209 14.76 0.79 -59.27
N TRP F 210 15.78 1.11 -60.10
CA TRP F 210 15.66 2.03 -61.23
C TRP F 210 14.98 1.39 -62.44
N SER F 211 14.86 0.04 -62.44
CA SER F 211 14.24 -0.72 -63.53
C SER F 211 12.71 -0.65 -63.49
N VAL F 212 12.14 0.11 -62.52
CA VAL F 212 10.70 0.30 -62.34
C VAL F 212 10.12 1.20 -63.46
N PHE F 213 10.97 2.05 -64.09
CA PHE F 213 10.56 2.97 -65.15
C PHE F 213 10.43 2.27 -66.51
N TRP F 214 10.97 1.04 -66.62
CA TRP F 214 10.89 0.25 -67.85
C TRP F 214 9.48 -0.37 -68.02
N LEU F 215 8.62 -0.27 -66.97
CA LEU F 215 7.24 -0.77 -66.98
C LEU F 215 6.37 0.14 -67.85
N GLU F 216 5.34 -0.43 -68.50
CA GLU F 216 4.46 0.31 -69.41
C GLU F 216 3.33 1.07 -68.68
N SER F 217 2.47 0.36 -67.93
CA SER F 217 1.32 0.93 -67.22
C SER F 217 1.73 1.69 -65.95
N PHE F 218 0.96 2.75 -65.63
CA PHE F 218 1.12 3.61 -64.44
C PHE F 218 0.85 2.80 -63.16
N SER F 219 -0.16 1.91 -63.21
CA SER F 219 -0.55 1.02 -62.09
C SER F 219 0.59 0.06 -61.78
N GLU F 220 1.26 -0.45 -62.84
CA GLU F 220 2.42 -1.35 -62.75
C GLU F 220 3.62 -0.61 -62.15
N ARG F 221 3.91 0.61 -62.65
CA ARG F 221 5.01 1.47 -62.21
C ARG F 221 4.89 1.86 -60.73
N LEU F 222 3.65 2.11 -60.26
CA LEU F 222 3.39 2.52 -58.88
C LEU F 222 3.40 1.35 -57.90
N GLN F 223 2.67 0.25 -58.19
CA GLN F 223 2.56 -0.92 -57.32
C GLN F 223 3.90 -1.64 -57.11
N THR F 224 4.79 -1.63 -58.10
CA THR F 224 6.12 -2.26 -58.04
C THR F 224 7.04 -1.48 -57.08
N SER F 225 6.94 -0.13 -57.06
CA SER F 225 7.75 0.73 -56.18
C SER F 225 7.41 0.51 -54.69
N PHE F 226 6.21 -0.02 -54.39
CA PHE F 226 5.79 -0.34 -53.02
C PHE F 226 6.49 -1.61 -52.55
N THR F 227 6.68 -2.58 -53.48
CA THR F 227 7.39 -3.84 -53.25
C THR F 227 8.88 -3.51 -53.08
N LEU F 228 9.37 -2.54 -53.88
CA LEU F 228 10.74 -2.02 -53.86
C LEU F 228 11.06 -1.37 -52.51
N MET F 229 10.08 -0.63 -51.95
CA MET F 229 10.14 0.05 -50.65
C MET F 229 10.28 -1.00 -49.55
N LEU F 230 9.46 -2.08 -49.64
CA LEU F 230 9.42 -3.21 -48.71
C LEU F 230 10.73 -4.00 -48.75
N THR F 231 11.41 -4.03 -49.92
CA THR F 231 12.68 -4.74 -50.10
C THR F 231 13.79 -4.04 -49.33
N VAL F 232 13.82 -2.68 -49.35
CA VAL F 232 14.80 -1.87 -48.65
C VAL F 232 14.55 -1.97 -47.13
N VAL F 233 13.26 -2.02 -46.69
CA VAL F 233 12.87 -2.17 -45.27
C VAL F 233 13.39 -3.52 -44.76
N ALA F 234 13.19 -4.60 -45.56
CA ALA F 234 13.65 -5.95 -45.26
C ALA F 234 15.17 -6.02 -45.24
N TYR F 235 15.85 -5.23 -46.09
CA TYR F 235 17.30 -5.18 -46.16
C TYR F 235 17.88 -4.35 -45.01
N ALA F 236 17.24 -3.20 -44.68
CA ALA F 236 17.65 -2.31 -43.57
C ALA F 236 17.65 -3.06 -42.25
N PHE F 237 16.70 -3.99 -42.10
CA PHE F 237 16.54 -4.86 -40.95
C PHE F 237 17.64 -5.91 -40.93
N TYR F 238 17.94 -6.52 -42.10
CA TYR F 238 19.00 -7.52 -42.29
C TYR F 238 20.37 -6.92 -41.98
N THR F 239 20.58 -5.65 -42.36
CA THR F 239 21.82 -4.90 -42.15
C THR F 239 22.02 -4.62 -40.65
N SER F 240 21.10 -3.86 -40.03
CA SER F 240 21.13 -3.42 -38.63
C SER F 240 21.23 -4.57 -37.60
N ASN F 241 20.66 -5.75 -37.91
CA ASN F 241 20.69 -6.91 -37.00
C ASN F 241 22.08 -7.57 -36.94
N ILE F 242 22.82 -7.58 -38.05
CA ILE F 242 24.15 -8.21 -38.14
C ILE F 242 25.27 -7.17 -37.89
N LEU F 243 25.15 -5.96 -38.49
CA LEU F 243 26.11 -4.86 -38.36
C LEU F 243 26.24 -4.36 -36.89
N PRO F 244 27.44 -3.86 -36.48
CA PRO F 244 27.59 -3.42 -35.09
C PRO F 244 26.77 -2.19 -34.72
N ARG F 245 26.28 -2.15 -33.47
CA ARG F 245 25.46 -1.06 -32.93
C ARG F 245 26.34 0.17 -32.67
N LEU F 246 25.96 1.31 -33.25
CA LEU F 246 26.70 2.57 -33.16
C LEU F 246 25.78 3.79 -32.96
N PRO F 247 26.26 4.88 -32.32
CA PRO F 247 25.39 6.06 -32.14
C PRO F 247 25.44 7.05 -33.32
N TYR F 248 26.00 6.62 -34.48
CA TYR F 248 26.13 7.42 -35.69
C TYR F 248 26.01 6.54 -36.96
N THR F 249 25.62 7.15 -38.09
CA THR F 249 25.44 6.47 -39.38
C THR F 249 26.78 6.17 -40.06
N THR F 250 26.89 4.96 -40.65
CA THR F 250 28.07 4.48 -41.37
C THR F 250 27.85 4.65 -42.89
N VAL F 251 28.81 4.19 -43.72
CA VAL F 251 28.73 4.26 -45.19
C VAL F 251 27.58 3.35 -45.67
N ILE F 252 27.46 2.15 -45.07
CA ILE F 252 26.42 1.16 -45.37
C ILE F 252 25.05 1.72 -44.93
N ASP F 253 25.00 2.39 -43.76
CA ASP F 253 23.78 3.02 -43.22
C ASP F 253 23.31 4.14 -44.14
N GLN F 254 24.26 4.93 -44.68
CA GLN F 254 23.99 6.05 -45.61
C GLN F 254 23.46 5.56 -46.95
N MET F 255 23.94 4.38 -47.39
CA MET F 255 23.51 3.71 -48.63
C MET F 255 22.04 3.32 -48.56
N ILE F 256 21.57 2.89 -47.37
CA ILE F 256 20.20 2.50 -47.06
C ILE F 256 19.27 3.72 -47.20
N ILE F 257 19.69 4.89 -46.64
CA ILE F 257 18.94 6.16 -46.69
C ILE F 257 18.80 6.60 -48.15
N ALA F 258 19.88 6.43 -48.94
CA ALA F 258 19.94 6.74 -50.38
C ALA F 258 18.96 5.86 -51.17
N GLY F 259 18.77 4.63 -50.70
CA GLY F 259 17.85 3.66 -51.28
C GLY F 259 16.40 4.06 -51.08
N TYR F 260 16.06 4.52 -49.85
CA TYR F 260 14.72 5.00 -49.48
C TYR F 260 14.38 6.26 -50.28
N GLY F 261 15.37 7.15 -50.44
CA GLY F 261 15.26 8.39 -51.18
C GLY F 261 15.01 8.20 -52.66
N SER F 262 15.73 7.23 -53.26
CA SER F 262 15.62 6.88 -54.69
C SER F 262 14.21 6.37 -55.02
N ILE F 263 13.63 5.55 -54.12
CA ILE F 263 12.28 4.98 -54.28
C ILE F 263 11.24 6.09 -54.05
N PHE F 264 11.44 6.94 -53.02
CA PHE F 264 10.50 8.04 -52.73
C PHE F 264 10.51 9.09 -53.85
N ALA F 265 11.69 9.34 -54.48
CA ALA F 265 11.82 10.26 -55.60
C ALA F 265 11.09 9.69 -56.83
N ALA F 266 11.16 8.36 -57.00
CA ALA F 266 10.50 7.61 -58.07
C ALA F 266 8.98 7.66 -57.90
N ILE F 267 8.48 7.49 -56.66
CA ILE F 267 7.07 7.55 -56.28
C ILE F 267 6.48 8.90 -56.70
N LEU F 268 7.17 10.01 -56.38
CA LEU F 268 6.77 11.38 -56.71
C LEU F 268 6.74 11.62 -58.23
N LEU F 269 7.77 11.11 -58.94
CA LEU F 269 7.90 11.26 -60.39
C LEU F 269 6.84 10.47 -61.17
N ILE F 270 6.49 9.24 -60.69
CA ILE F 270 5.48 8.38 -61.33
C ILE F 270 4.09 9.04 -61.19
N ILE F 271 3.80 9.65 -60.02
CA ILE F 271 2.53 10.36 -59.76
C ILE F 271 2.49 11.63 -60.63
N PHE F 272 3.60 12.39 -60.70
CA PHE F 272 3.74 13.63 -61.47
C PHE F 272 3.57 13.40 -62.97
N ALA F 273 4.10 12.27 -63.50
CA ALA F 273 4.01 11.92 -64.91
C ALA F 273 2.56 11.71 -65.38
N HIS F 274 1.76 11.05 -64.55
CA HIS F 274 0.37 10.69 -64.85
C HIS F 274 -0.65 11.81 -64.57
N HIS F 275 -0.46 12.58 -63.47
CA HIS F 275 -1.44 13.61 -63.07
C HIS F 275 -1.13 15.00 -63.62
N ARG F 276 0.13 15.33 -63.97
CA ARG F 276 0.45 16.62 -64.59
C ARG F 276 0.30 16.39 -66.10
N GLN F 277 -0.94 16.55 -66.57
CA GLN F 277 -1.38 16.32 -67.95
C GLN F 277 -2.23 17.48 -68.49
N ALA F 278 -2.67 17.36 -69.76
CA ALA F 278 -3.52 18.32 -70.46
C ALA F 278 -4.86 17.68 -70.86
N ASN F 279 -4.97 16.33 -70.73
CA ASN F 279 -6.18 15.57 -71.08
C ASN F 279 -6.62 14.61 -69.95
N GLY F 280 -5.68 13.82 -69.42
CA GLY F 280 -5.94 12.87 -68.35
C GLY F 280 -4.88 11.79 -68.19
N VAL F 281 -4.55 11.10 -69.29
CA VAL F 281 -3.55 10.02 -69.32
C VAL F 281 -2.30 10.46 -70.13
N GLU F 282 -2.05 11.79 -70.22
CA GLU F 282 -0.90 12.33 -70.94
C GLU F 282 0.36 12.21 -70.08
N ASP F 283 1.04 11.04 -70.18
CA ASP F 283 2.28 10.76 -69.46
C ASP F 283 3.44 11.35 -70.26
N ASP F 284 4.21 12.27 -69.64
CA ASP F 284 5.33 12.96 -70.27
C ASP F 284 6.38 11.94 -70.74
N LEU F 285 6.47 11.77 -72.08
CA LEU F 285 7.34 10.83 -72.81
C LEU F 285 8.82 10.92 -72.41
N LEU F 286 9.27 12.08 -71.89
CA LEU F 286 10.64 12.30 -71.44
C LEU F 286 10.80 12.00 -69.94
N ILE F 287 9.83 12.45 -69.10
CA ILE F 287 9.88 12.24 -67.65
C ILE F 287 9.57 10.77 -67.30
N GLN F 288 8.78 10.05 -68.14
CA GLN F 288 8.49 8.63 -67.90
C GLN F 288 9.68 7.79 -68.34
N ARG F 289 10.54 8.35 -69.23
CA ARG F 289 11.75 7.72 -69.76
C ARG F 289 12.99 8.28 -69.04
N CYS F 290 12.87 8.51 -67.72
CA CYS F 290 13.96 8.97 -66.86
C CYS F 290 14.78 7.76 -66.39
N ARG F 291 14.78 6.70 -67.23
CA ARG F 291 15.46 5.40 -67.08
C ARG F 291 16.98 5.57 -67.05
N LEU F 292 17.48 6.76 -67.43
CA LEU F 292 18.90 7.11 -67.46
C LEU F 292 19.15 8.49 -66.83
N ALA F 293 18.08 9.26 -66.53
CA ALA F 293 18.17 10.61 -65.95
C ALA F 293 18.67 10.58 -64.49
N PHE F 294 17.90 10.00 -63.54
CA PHE F 294 18.35 9.97 -62.15
C PHE F 294 19.25 8.73 -61.82
N PRO F 295 19.25 7.57 -62.55
CA PRO F 295 20.19 6.48 -62.18
C PRO F 295 21.65 6.95 -62.18
N LEU F 296 22.08 7.79 -63.16
CA LEU F 296 23.44 8.34 -63.17
C LEU F 296 23.51 9.56 -62.24
N GLY F 297 22.36 10.19 -61.99
CA GLY F 297 22.21 11.32 -61.08
C GLY F 297 22.39 10.87 -59.65
N PHE F 298 22.04 9.59 -59.38
CA PHE F 298 22.20 8.91 -58.10
C PHE F 298 23.70 8.69 -57.84
N LEU F 299 24.48 8.43 -58.92
CA LEU F 299 25.92 8.25 -58.87
C LEU F 299 26.60 9.60 -58.58
N ALA F 300 25.99 10.70 -59.05
CA ALA F 300 26.46 12.07 -58.82
C ALA F 300 26.21 12.48 -57.36
N ILE F 301 25.01 12.14 -56.82
CA ILE F 301 24.63 12.41 -55.43
C ILE F 301 25.42 11.45 -54.50
N GLY F 302 25.64 10.22 -54.97
CA GLY F 302 26.39 9.20 -54.27
C GLY F 302 27.86 9.55 -54.06
N CYS F 303 28.47 10.24 -55.05
CA CYS F 303 29.86 10.70 -55.01
C CYS F 303 30.01 11.87 -54.03
N VAL F 304 28.95 12.71 -53.87
CA VAL F 304 28.90 13.86 -52.98
C VAL F 304 28.90 13.36 -51.51
N LEU F 305 28.21 12.23 -51.25
CA LEU F 305 28.10 11.58 -49.93
C LEU F 305 29.48 11.10 -49.42
N VAL F 306 30.39 10.74 -50.35
CA VAL F 306 31.75 10.27 -50.07
C VAL F 306 32.59 11.47 -49.54
N ILE F 307 32.43 12.65 -50.16
CA ILE F 307 33.12 13.90 -49.80
C ILE F 307 32.57 14.43 -48.48
N PRO G 1 68.15 -31.09 -14.45
CA PRO G 1 66.86 -30.93 -15.14
C PRO G 1 65.82 -31.90 -14.59
N VAL G 2 64.74 -31.35 -14.01
CA VAL G 2 63.65 -32.13 -13.41
C VAL G 2 62.79 -32.73 -14.54
N ASP G 3 62.69 -34.07 -14.58
CA ASP G 3 61.89 -34.77 -15.58
C ASP G 3 60.45 -34.88 -15.07
N VAL G 4 59.51 -34.24 -15.80
CA VAL G 4 58.09 -34.21 -15.43
C VAL G 4 57.26 -34.97 -16.47
N SER G 5 56.53 -36.01 -16.02
CA SER G 5 55.64 -36.83 -16.84
C SER G 5 54.22 -36.28 -16.71
N VAL G 6 53.64 -35.83 -17.84
CA VAL G 6 52.31 -35.23 -17.88
C VAL G 6 51.31 -36.19 -18.56
N SER G 7 50.04 -36.14 -18.11
CA SER G 7 48.92 -36.93 -18.63
C SER G 7 47.65 -36.10 -18.60
N ILE G 8 47.09 -35.83 -19.79
CA ILE G 8 45.88 -35.02 -19.98
C ILE G 8 44.70 -35.94 -20.26
N PHE G 9 43.58 -35.73 -19.54
CA PHE G 9 42.36 -36.53 -19.71
C PHE G 9 41.22 -35.62 -20.20
N ILE G 10 40.95 -35.63 -21.52
CA ILE G 10 39.91 -34.80 -22.13
C ILE G 10 38.52 -35.41 -21.82
N ASN G 11 37.61 -34.57 -21.26
CA ASN G 11 36.25 -34.98 -20.94
C ASN G 11 35.24 -34.44 -21.94
N LYS G 12 35.37 -33.14 -22.30
CA LYS G 12 34.44 -32.48 -23.22
C LYS G 12 35.08 -31.28 -23.93
N ILE G 13 34.88 -31.20 -25.26
CA ILE G 13 35.29 -30.09 -26.11
C ILE G 13 33.99 -29.52 -26.67
N TYR G 14 33.62 -28.31 -26.23
CA TYR G 14 32.37 -27.65 -26.58
C TYR G 14 32.55 -26.12 -26.69
N GLY G 15 31.46 -25.42 -27.01
CA GLY G 15 31.38 -23.97 -27.10
C GLY G 15 32.41 -23.31 -28.01
N VAL G 16 32.28 -23.54 -29.32
CA VAL G 16 33.20 -22.98 -30.31
C VAL G 16 32.76 -21.56 -30.67
N ASN G 17 33.64 -20.58 -30.38
CA ASN G 17 33.43 -19.17 -30.72
C ASN G 17 34.16 -18.90 -32.03
N THR G 18 33.39 -18.76 -33.13
CA THR G 18 33.91 -18.59 -34.49
C THR G 18 34.67 -17.27 -34.69
N LEU G 19 34.16 -16.16 -34.13
CA LEU G 19 34.79 -14.86 -34.28
C LEU G 19 36.09 -14.74 -33.47
N GLU G 20 36.08 -15.25 -32.22
CA GLU G 20 37.24 -15.19 -31.32
C GLU G 20 38.22 -16.35 -31.58
N GLN G 21 37.80 -17.39 -32.34
CA GLN G 21 38.57 -18.60 -32.66
C GLN G 21 38.95 -19.30 -31.34
N THR G 22 37.93 -19.53 -30.49
CA THR G 22 38.03 -20.10 -29.15
C THR G 22 37.12 -21.33 -28.99
N TYR G 23 37.48 -22.26 -28.07
CA TYR G 23 36.76 -23.49 -27.75
C TYR G 23 37.02 -23.86 -26.28
N LYS G 24 35.97 -24.33 -25.57
CA LYS G 24 36.04 -24.70 -24.15
C LYS G 24 36.44 -26.18 -24.01
N VAL G 25 37.43 -26.45 -23.14
CA VAL G 25 37.94 -27.81 -22.88
C VAL G 25 37.90 -28.13 -21.38
N ASP G 26 37.23 -29.24 -21.01
CA ASP G 26 37.13 -29.74 -19.64
C ASP G 26 37.94 -31.02 -19.52
N GLY G 27 38.79 -31.10 -18.51
CA GLY G 27 39.64 -32.26 -18.29
C GLY G 27 40.42 -32.30 -17.00
N TYR G 28 41.47 -33.15 -16.95
CA TYR G 28 42.35 -33.34 -15.79
C TYR G 28 43.83 -33.31 -16.20
N ILE G 29 44.68 -32.65 -15.38
CA ILE G 29 46.14 -32.60 -15.59
C ILE G 29 46.79 -33.46 -14.52
N VAL G 30 47.70 -34.37 -14.95
CA VAL G 30 48.42 -35.25 -14.02
C VAL G 30 49.92 -35.06 -14.27
N ALA G 31 50.61 -34.35 -13.36
CA ALA G 31 52.04 -34.09 -13.46
C ALA G 31 52.79 -34.91 -12.40
N GLN G 32 53.88 -35.59 -12.81
CA GLN G 32 54.66 -36.42 -11.91
C GLN G 32 56.16 -36.13 -12.05
N TRP G 33 56.84 -35.90 -10.91
CA TRP G 33 58.28 -35.65 -10.82
C TRP G 33 58.81 -36.33 -9.56
N THR G 34 60.05 -36.85 -9.62
CA THR G 34 60.66 -37.53 -8.47
C THR G 34 61.54 -36.52 -7.72
N GLY G 35 61.25 -36.35 -6.44
CA GLY G 35 61.99 -35.44 -5.55
C GLY G 35 62.79 -36.17 -4.50
N LYS G 36 63.03 -35.51 -3.36
CA LYS G 36 63.78 -36.07 -2.24
C LYS G 36 62.88 -37.00 -1.42
N PRO G 37 63.37 -38.17 -0.93
CA PRO G 37 62.49 -39.07 -0.15
C PRO G 37 61.91 -38.42 1.11
N ARG G 38 60.64 -38.75 1.40
CA ARG G 38 59.87 -38.20 2.52
C ARG G 38 59.51 -39.28 3.54
N LYS G 39 59.08 -38.85 4.74
CA LYS G 39 58.63 -39.75 5.80
C LYS G 39 57.12 -39.58 5.98
N THR G 40 56.35 -40.32 5.15
CA THR G 40 54.88 -40.29 5.13
C THR G 40 54.30 -41.07 6.33
N PRO G 41 53.12 -40.67 6.89
CA PRO G 41 52.54 -41.43 8.03
C PRO G 41 52.40 -42.91 7.70
N GLY G 42 52.99 -43.74 8.56
CA GLY G 42 53.04 -45.18 8.37
C GLY G 42 54.13 -45.48 7.36
N ASP G 43 53.73 -45.67 6.09
CA ASP G 43 54.63 -45.91 4.95
C ASP G 43 53.88 -45.71 3.63
N LYS G 44 52.54 -45.71 3.66
CA LYS G 44 51.68 -45.53 2.50
C LYS G 44 51.74 -44.07 1.98
N PRO G 45 51.56 -43.82 0.65
CA PRO G 45 51.64 -42.44 0.14
C PRO G 45 50.61 -41.49 0.74
N LEU G 46 51.06 -40.29 1.15
CA LEU G 46 50.23 -39.26 1.77
C LEU G 46 49.48 -38.45 0.72
N ILE G 47 48.17 -38.22 0.97
CA ILE G 47 47.29 -37.45 0.09
C ILE G 47 47.05 -36.07 0.69
N VAL G 48 47.29 -35.01 -0.11
CA VAL G 48 47.11 -33.61 0.28
C VAL G 48 46.07 -33.00 -0.68
N GLU G 49 44.92 -32.54 -0.15
CA GLU G 49 43.81 -32.00 -0.94
C GLU G 49 43.63 -30.50 -0.80
N ASN G 50 43.27 -29.86 -1.94
CA ASN G 50 42.95 -28.45 -2.19
C ASN G 50 43.72 -27.43 -1.30
N THR G 51 43.08 -26.95 -0.22
CA THR G 51 43.58 -25.93 0.72
C THR G 51 44.94 -26.30 1.33
N GLN G 52 45.12 -27.57 1.70
CA GLN G 52 46.33 -28.08 2.34
C GLN G 52 47.56 -28.06 1.41
N ILE G 53 47.36 -28.04 0.07
CA ILE G 53 48.46 -27.99 -0.92
C ILE G 53 49.24 -26.68 -0.74
N GLU G 54 48.52 -25.55 -0.57
CA GLU G 54 49.08 -24.21 -0.35
C GLU G 54 49.91 -24.16 0.94
N ARG G 55 49.45 -24.87 2.00
CA ARG G 55 50.11 -24.94 3.31
C ARG G 55 51.46 -25.64 3.22
N TRP G 56 51.55 -26.69 2.38
CA TRP G 56 52.76 -27.49 2.16
C TRP G 56 53.82 -26.69 1.38
N ILE G 57 53.39 -25.86 0.40
CA ILE G 57 54.26 -25.01 -0.43
C ILE G 57 54.93 -23.96 0.47
N ASN G 58 54.14 -23.37 1.41
CA ASN G 58 54.60 -22.37 2.39
C ASN G 58 55.72 -22.95 3.27
N ASN G 59 55.64 -24.25 3.60
CA ASN G 59 56.64 -24.97 4.39
C ASN G 59 57.90 -25.24 3.58
N GLY G 60 57.76 -25.37 2.25
CA GLY G 60 58.88 -25.59 1.35
C GLY G 60 58.70 -26.60 0.24
N LEU G 61 57.44 -26.98 -0.09
CA LEU G 61 57.18 -27.94 -1.17
C LEU G 61 57.31 -27.24 -2.52
N TRP G 62 58.10 -27.82 -3.42
CA TRP G 62 58.28 -27.26 -4.76
C TRP G 62 57.21 -27.81 -5.68
N VAL G 63 56.24 -26.96 -6.04
CA VAL G 63 55.16 -27.29 -6.97
C VAL G 63 55.27 -26.29 -8.13
N PRO G 64 55.79 -26.73 -9.31
CA PRO G 64 55.98 -25.78 -10.41
C PRO G 64 54.68 -25.35 -11.07
N ALA G 65 54.62 -24.07 -11.46
CA ALA G 65 53.45 -23.52 -12.12
C ALA G 65 53.54 -23.80 -13.62
N LEU G 66 52.69 -24.72 -14.10
CA LEU G 66 52.64 -25.10 -15.50
C LEU G 66 51.50 -24.32 -16.15
N GLU G 67 51.83 -23.45 -17.10
CA GLU G 67 50.84 -22.59 -17.76
C GLU G 67 50.37 -23.11 -19.11
N PHE G 68 49.07 -22.91 -19.39
CA PHE G 68 48.45 -23.21 -20.68
C PHE G 68 48.67 -22.00 -21.56
N ILE G 69 49.56 -22.13 -22.56
CA ILE G 69 49.98 -21.06 -23.47
C ILE G 69 48.78 -20.49 -24.27
N ASN G 70 47.94 -21.37 -24.82
CA ASN G 70 46.82 -20.96 -25.67
C ASN G 70 45.50 -20.69 -24.91
N VAL G 71 45.51 -20.70 -23.55
CA VAL G 71 44.29 -20.44 -22.79
C VAL G 71 43.96 -18.93 -22.80
N VAL G 72 42.67 -18.61 -22.82
CA VAL G 72 42.12 -17.24 -22.82
C VAL G 72 41.82 -16.89 -21.35
N GLY G 73 42.70 -16.08 -20.77
CA GLY G 73 42.59 -15.67 -19.37
C GLY G 73 43.09 -16.74 -18.43
N SER G 74 42.37 -16.94 -17.31
CA SER G 74 42.72 -17.94 -16.30
C SER G 74 41.66 -19.05 -16.29
N PRO G 75 42.05 -20.34 -16.32
CA PRO G 75 41.04 -21.42 -16.33
C PRO G 75 40.44 -21.69 -14.97
N ASP G 76 39.22 -22.27 -14.98
CA ASP G 76 38.48 -22.66 -13.77
C ASP G 76 39.05 -23.99 -13.27
N THR G 77 39.93 -23.91 -12.25
CA THR G 77 40.54 -25.08 -11.64
C THR G 77 39.60 -25.62 -10.56
N GLY G 78 39.29 -26.90 -10.68
CA GLY G 78 38.41 -27.61 -9.75
C GLY G 78 39.16 -28.14 -8.56
N ASN G 79 38.97 -29.43 -8.26
CA ASN G 79 39.64 -30.09 -7.14
C ASN G 79 41.13 -30.30 -7.42
N LYS G 80 41.97 -29.99 -6.43
CA LYS G 80 43.43 -30.14 -6.49
C LYS G 80 43.86 -31.30 -5.59
N ARG G 81 44.90 -32.03 -5.99
CA ARG G 81 45.41 -33.18 -5.23
C ARG G 81 46.92 -33.33 -5.37
N LEU G 82 47.59 -33.60 -4.24
CA LEU G 82 49.02 -33.87 -4.17
C LEU G 82 49.24 -35.21 -3.51
N MET G 83 49.79 -36.17 -4.27
CA MET G 83 50.08 -37.49 -3.73
C MET G 83 51.59 -37.59 -3.51
N LEU G 84 52.00 -37.47 -2.24
CA LEU G 84 53.39 -37.51 -1.83
C LEU G 84 53.77 -38.92 -1.42
N PHE G 85 54.78 -39.48 -2.09
CA PHE G 85 55.27 -40.84 -1.86
C PHE G 85 56.52 -40.86 -0.98
N PRO G 86 56.75 -41.92 -0.17
CA PRO G 86 57.96 -41.96 0.69
C PRO G 86 59.26 -42.11 -0.11
N ASP G 87 59.21 -42.67 -1.33
CA ASP G 87 60.37 -42.87 -2.18
C ASP G 87 60.84 -41.53 -2.81
N GLY G 88 59.97 -40.51 -2.80
CA GLY G 88 60.31 -39.19 -3.31
C GLY G 88 59.36 -38.59 -4.32
N ARG G 89 58.82 -39.43 -5.24
CA ARG G 89 57.93 -39.01 -6.34
C ARG G 89 56.69 -38.25 -5.84
N VAL G 90 56.36 -37.16 -6.55
CA VAL G 90 55.23 -36.27 -6.25
C VAL G 90 54.28 -36.25 -7.45
N ILE G 91 52.99 -36.52 -7.21
CA ILE G 91 51.97 -36.54 -8.27
C ILE G 91 50.94 -35.44 -8.00
N TYR G 92 50.78 -34.52 -8.96
CA TYR G 92 49.82 -33.42 -8.88
C TYR G 92 48.66 -33.71 -9.82
N ASN G 93 47.44 -33.81 -9.28
CA ASN G 93 46.21 -34.07 -10.03
C ASN G 93 45.20 -32.96 -9.77
N ALA G 94 44.69 -32.33 -10.86
CA ALA G 94 43.71 -31.26 -10.76
C ALA G 94 42.78 -31.19 -11.97
N ARG G 95 41.47 -30.97 -11.73
CA ARG G 95 40.49 -30.83 -12.80
C ARG G 95 40.53 -29.39 -13.29
N PHE G 96 40.39 -29.20 -14.62
CA PHE G 96 40.44 -27.88 -15.22
C PHE G 96 39.36 -27.68 -16.28
N LEU G 97 38.96 -26.43 -16.47
CA LEU G 97 38.03 -25.97 -17.51
C LEU G 97 38.52 -24.61 -17.99
N GLY G 98 38.94 -24.55 -19.25
CA GLY G 98 39.44 -23.33 -19.84
C GLY G 98 39.02 -23.10 -21.28
N SER G 99 39.02 -21.83 -21.69
CA SER G 99 38.72 -21.40 -23.06
C SER G 99 40.05 -21.30 -23.81
N PHE G 100 40.27 -22.18 -24.80
CA PHE G 100 41.53 -22.24 -25.52
C PHE G 100 41.40 -21.65 -26.93
N SER G 101 42.47 -20.98 -27.40
CA SER G 101 42.54 -20.34 -28.71
C SER G 101 43.48 -21.09 -29.66
N ASN G 102 43.13 -21.07 -30.97
CA ASN G 102 43.86 -21.69 -32.07
C ASN G 102 43.42 -21.07 -33.39
N ASP G 103 44.33 -21.01 -34.40
CA ASP G 103 44.03 -20.50 -35.73
C ASP G 103 42.97 -21.41 -36.38
N MET G 104 41.77 -20.88 -36.61
CA MET G 104 40.67 -21.66 -37.15
C MET G 104 40.12 -21.05 -38.44
N ASP G 105 40.09 -21.89 -39.50
CA ASP G 105 39.60 -21.55 -40.83
C ASP G 105 38.18 -22.11 -41.00
N PHE G 106 37.19 -21.21 -41.14
CA PHE G 106 35.79 -21.58 -41.32
C PHE G 106 35.30 -21.19 -42.73
N ARG G 107 36.23 -21.11 -43.70
CA ARG G 107 35.97 -20.71 -45.09
C ARG G 107 35.01 -21.66 -45.81
N LEU G 108 35.26 -22.98 -45.71
CA LEU G 108 34.44 -24.00 -46.37
C LEU G 108 33.37 -24.59 -45.42
N PHE G 109 32.66 -23.70 -44.73
CA PHE G 109 31.56 -24.00 -43.81
C PHE G 109 30.33 -24.48 -44.62
N PRO G 110 29.52 -25.46 -44.16
CA PRO G 110 29.56 -26.19 -42.89
C PRO G 110 30.39 -27.49 -42.94
N PHE G 111 31.28 -27.61 -43.94
CA PHE G 111 32.14 -28.78 -44.11
C PHE G 111 33.56 -28.46 -43.60
N ASP G 112 33.62 -27.94 -42.37
CA ASP G 112 34.86 -27.54 -41.70
C ASP G 112 35.67 -28.71 -41.20
N ARG G 113 37.00 -28.53 -41.22
CA ARG G 113 37.99 -29.46 -40.69
C ARG G 113 38.81 -28.66 -39.71
N GLN G 114 38.54 -28.83 -38.41
CA GLN G 114 39.20 -28.07 -37.34
C GLN G 114 39.92 -28.97 -36.35
N GLN G 115 41.05 -28.48 -35.81
CA GLN G 115 41.82 -29.23 -34.81
C GLN G 115 41.93 -28.43 -33.52
N PHE G 116 41.50 -29.05 -32.41
CA PHE G 116 41.53 -28.45 -31.08
C PHE G 116 42.91 -28.71 -30.46
N VAL G 117 43.66 -27.63 -30.21
CA VAL G 117 45.03 -27.67 -29.71
C VAL G 117 45.09 -27.26 -28.22
N LEU G 118 46.03 -27.88 -27.49
CA LEU G 118 46.34 -27.62 -26.08
C LEU G 118 47.85 -27.48 -25.95
N GLU G 119 48.32 -26.34 -25.41
CA GLU G 119 49.76 -26.09 -25.27
C GLU G 119 50.16 -25.87 -23.81
N LEU G 120 51.02 -26.77 -23.29
CA LEU G 120 51.52 -26.71 -21.91
C LEU G 120 53.00 -26.38 -21.88
N GLU G 121 53.40 -25.49 -20.95
CA GLU G 121 54.78 -25.03 -20.79
C GLU G 121 55.01 -24.50 -19.36
N PRO G 122 56.16 -24.78 -18.70
CA PRO G 122 56.40 -24.23 -17.35
C PRO G 122 56.55 -22.70 -17.43
N PHE G 123 55.90 -21.99 -16.50
CA PHE G 123 55.88 -20.52 -16.49
C PHE G 123 57.22 -19.88 -16.11
N SER G 124 57.99 -20.50 -15.19
CA SER G 124 59.23 -19.89 -14.72
C SER G 124 60.51 -20.67 -15.05
N TYR G 125 60.47 -22.01 -14.93
CA TYR G 125 61.64 -22.86 -15.13
C TYR G 125 61.83 -23.24 -16.60
N ASN G 126 63.08 -23.06 -17.09
CA ASN G 126 63.48 -23.34 -18.48
C ASN G 126 63.76 -24.84 -18.69
N ASN G 127 64.17 -25.24 -19.92
CA ASN G 127 64.45 -26.63 -20.31
C ASN G 127 65.60 -27.26 -19.51
N GLN G 128 66.55 -26.45 -19.02
CA GLN G 128 67.69 -26.92 -18.24
C GLN G 128 67.29 -27.14 -16.78
N GLN G 129 66.18 -26.50 -16.33
CA GLN G 129 65.65 -26.61 -14.97
C GLN G 129 64.51 -27.65 -14.92
N LEU G 130 63.54 -27.54 -15.86
CA LEU G 130 62.38 -28.41 -15.96
C LEU G 130 62.24 -28.93 -17.39
N ARG G 131 62.19 -30.26 -17.52
CA ARG G 131 62.04 -30.94 -18.81
C ARG G 131 60.81 -31.86 -18.80
N PHE G 132 60.04 -31.86 -19.90
CA PHE G 132 58.88 -32.73 -20.03
C PHE G 132 59.35 -34.07 -20.59
N SER G 133 59.38 -35.11 -19.73
CA SER G 133 59.85 -36.46 -20.08
C SER G 133 58.94 -37.14 -21.11
N ASP G 134 57.62 -37.23 -20.82
CA ASP G 134 56.63 -37.86 -21.71
C ASP G 134 55.22 -37.31 -21.46
N ILE G 135 54.35 -37.39 -22.50
CA ILE G 135 52.97 -36.93 -22.42
C ILE G 135 52.04 -37.90 -23.16
N GLN G 136 50.88 -38.19 -22.54
CA GLN G 136 49.86 -39.08 -23.10
C GLN G 136 48.46 -38.50 -22.82
N VAL G 137 47.64 -38.40 -23.88
CA VAL G 137 46.28 -37.85 -23.82
C VAL G 137 45.26 -38.98 -23.89
N TYR G 138 44.18 -38.87 -23.12
CA TYR G 138 43.13 -39.87 -23.08
C TYR G 138 41.77 -39.23 -23.40
N THR G 139 41.35 -39.38 -24.67
CA THR G 139 40.06 -38.86 -25.15
C THR G 139 39.07 -40.01 -25.04
N GLU G 140 38.41 -40.12 -23.88
CA GLU G 140 37.44 -41.18 -23.55
C GLU G 140 36.07 -40.88 -24.19
N ASN G 141 36.08 -40.31 -25.41
CA ASN G 141 34.89 -39.95 -26.18
C ASN G 141 34.71 -40.95 -27.32
N ILE G 142 33.56 -41.64 -27.34
CA ILE G 142 33.18 -42.65 -28.34
C ILE G 142 31.67 -42.75 -28.48
N ASP G 143 31.18 -43.11 -29.69
CA ASP G 143 29.76 -43.28 -30.09
C ASP G 143 28.94 -41.97 -30.00
N ASN G 144 27.68 -42.03 -30.51
CA ASN G 144 26.69 -40.94 -30.56
C ASN G 144 27.26 -39.69 -31.27
N GLU G 145 27.81 -39.88 -32.48
CA GLU G 145 28.37 -38.80 -33.29
C GLU G 145 27.27 -37.91 -33.89
N GLU G 146 26.15 -38.53 -34.32
CA GLU G 146 24.98 -37.87 -34.92
C GLU G 146 24.26 -36.92 -33.95
N ILE G 147 24.50 -37.08 -32.63
CA ILE G 147 23.93 -36.25 -31.56
C ILE G 147 24.85 -35.05 -31.29
N ASP G 148 26.18 -35.28 -31.28
CA ASP G 148 27.17 -34.23 -31.02
C ASP G 148 27.37 -33.33 -32.25
N GLU G 149 27.71 -32.04 -31.99
CA GLU G 149 27.95 -31.01 -33.01
C GLU G 149 29.20 -31.30 -33.84
N TRP G 150 30.26 -31.82 -33.18
CA TRP G 150 31.54 -32.14 -33.81
C TRP G 150 31.86 -33.63 -33.79
N TRP G 151 32.54 -34.10 -34.83
CA TRP G 151 32.93 -35.49 -34.98
C TRP G 151 34.45 -35.64 -34.82
N ILE G 152 34.89 -36.10 -33.62
CA ILE G 152 36.29 -36.35 -33.31
C ILE G 152 36.76 -37.52 -34.17
N ARG G 153 37.83 -37.31 -34.94
CA ARG G 153 38.35 -38.34 -35.84
C ARG G 153 39.59 -39.05 -35.24
N GLY G 154 40.68 -38.32 -35.06
CA GLY G 154 41.91 -38.86 -34.49
C GLY G 154 41.81 -39.16 -33.01
N LYS G 155 42.71 -40.03 -32.50
CA LYS G 155 42.75 -40.39 -31.08
C LYS G 155 43.29 -39.21 -30.26
N ALA G 156 44.46 -38.65 -30.66
CA ALA G 156 45.16 -37.49 -30.09
C ALA G 156 46.61 -37.45 -30.60
N SER G 157 47.05 -36.28 -31.07
CA SER G 157 48.40 -36.06 -31.58
C SER G 157 49.21 -35.27 -30.55
N THR G 158 50.38 -35.79 -30.15
CA THR G 158 51.24 -35.13 -29.16
C THR G 158 52.60 -34.77 -29.74
N HIS G 159 53.20 -33.68 -29.21
CA HIS G 159 54.52 -33.21 -29.63
C HIS G 159 55.21 -32.43 -28.50
N ILE G 160 56.35 -32.95 -28.00
CA ILE G 160 57.18 -32.29 -26.99
C ILE G 160 58.35 -31.66 -27.75
N SER G 161 58.49 -30.33 -27.64
CA SER G 161 59.53 -29.56 -28.32
C SER G 161 60.07 -28.45 -27.45
N ASP G 162 61.30 -28.00 -27.74
CA ASP G 162 61.94 -26.90 -27.01
C ASP G 162 61.72 -25.60 -27.78
N ILE G 163 61.02 -24.64 -27.16
CA ILE G 163 60.69 -23.34 -27.75
C ILE G 163 61.72 -22.32 -27.27
N ARG G 164 62.35 -21.60 -28.23
CA ARG G 164 63.36 -20.58 -27.93
C ARG G 164 62.78 -19.21 -28.22
N TYR G 165 62.81 -18.33 -27.22
CA TYR G 165 62.28 -16.97 -27.34
C TYR G 165 63.37 -16.00 -27.79
N ASP G 166 63.03 -15.13 -28.78
CA ASP G 166 63.92 -14.14 -29.38
C ASP G 166 64.38 -13.11 -28.35
N HIS G 167 63.42 -12.45 -27.66
CA HIS G 167 63.52 -11.42 -26.60
C HIS G 167 64.43 -10.21 -26.93
N LEU G 168 65.65 -10.44 -27.47
CA LEU G 168 66.68 -9.45 -27.82
C LEU G 168 67.32 -8.86 -26.55
N SER G 169 68.66 -9.01 -26.42
CA SER G 169 69.54 -8.58 -25.32
C SER G 169 69.09 -9.17 -23.95
N SER G 170 68.33 -8.39 -23.13
CA SER G 170 67.81 -8.75 -21.79
C SER G 170 68.94 -9.14 -20.80
N VAL G 171 68.61 -9.89 -19.72
CA VAL G 171 69.55 -10.33 -18.70
C VAL G 171 69.97 -11.80 -18.89
N GLN G 172 69.01 -12.69 -19.24
CA GLN G 172 69.27 -14.12 -19.47
C GLN G 172 69.96 -14.33 -20.83
N PRO G 173 71.19 -14.91 -20.88
CA PRO G 173 71.87 -15.07 -22.18
C PRO G 173 71.44 -16.37 -22.91
N ASN G 174 72.08 -17.52 -22.59
CA ASN G 174 71.81 -18.81 -23.22
C ASN G 174 70.49 -19.42 -22.75
N GLN G 175 70.16 -19.28 -21.45
CA GLN G 175 68.93 -19.82 -20.83
C GLN G 175 67.69 -19.05 -21.33
N ASN G 176 67.17 -19.46 -22.51
CA ASN G 176 65.99 -18.86 -23.15
C ASN G 176 65.14 -19.95 -23.88
N GLU G 177 65.40 -21.24 -23.55
CA GLU G 177 64.73 -22.39 -24.15
C GLU G 177 63.81 -23.06 -23.13
N PHE G 178 62.55 -23.33 -23.51
CA PHE G 178 61.53 -23.95 -22.66
C PHE G 178 60.87 -25.14 -23.33
N SER G 179 60.67 -26.26 -22.58
CA SER G 179 60.02 -27.47 -23.10
C SER G 179 58.51 -27.25 -23.15
N ARG G 180 57.88 -27.53 -24.31
CA ARG G 180 56.44 -27.31 -24.52
C ARG G 180 55.75 -28.55 -25.08
N ILE G 181 54.63 -28.93 -24.45
CA ILE G 181 53.75 -30.02 -24.87
C ILE G 181 52.65 -29.44 -25.76
N THR G 182 52.47 -29.99 -26.97
CA THR G 182 51.43 -29.54 -27.90
C THR G 182 50.54 -30.73 -28.20
N VAL G 183 49.26 -30.62 -27.82
CA VAL G 183 48.23 -31.66 -28.00
C VAL G 183 47.30 -31.22 -29.12
N ARG G 184 47.05 -32.09 -30.11
CA ARG G 184 46.17 -31.77 -31.24
C ARG G 184 45.10 -32.85 -31.43
N ILE G 185 43.82 -32.43 -31.43
CA ILE G 185 42.66 -33.32 -31.62
C ILE G 185 41.88 -32.85 -32.84
N ASP G 186 41.98 -33.61 -33.95
CA ASP G 186 41.30 -33.28 -35.21
C ASP G 186 39.82 -33.63 -35.15
N ALA G 187 38.97 -32.75 -35.72
CA ALA G 187 37.52 -32.92 -35.72
C ALA G 187 36.86 -32.39 -37.01
N VAL G 188 35.69 -32.97 -37.35
CA VAL G 188 34.86 -32.61 -38.52
C VAL G 188 33.48 -32.15 -38.02
N ARG G 189 32.97 -31.03 -38.58
CA ARG G 189 31.65 -30.49 -38.24
C ARG G 189 30.54 -31.36 -38.83
N ASN G 190 29.45 -31.56 -38.06
CA ASN G 190 28.27 -32.30 -38.47
C ASN G 190 27.43 -31.40 -39.41
N PRO G 191 27.36 -31.68 -40.74
CA PRO G 191 26.63 -30.77 -41.63
C PRO G 191 25.16 -31.14 -41.89
N SER G 192 24.65 -32.19 -41.21
CA SER G 192 23.28 -32.71 -41.36
C SER G 192 22.19 -31.63 -41.18
N TYR G 193 22.38 -30.69 -40.24
CA TYR G 193 21.40 -29.62 -40.02
C TYR G 193 21.47 -28.58 -41.14
N TYR G 194 22.68 -28.07 -41.42
CA TYR G 194 22.93 -27.03 -42.41
C TYR G 194 22.64 -27.48 -43.85
N LEU G 195 22.78 -28.79 -44.16
CA LEU G 195 22.50 -29.30 -45.50
C LEU G 195 21.00 -29.35 -45.77
N TRP G 196 20.23 -29.88 -44.81
CA TRP G 196 18.79 -30.04 -44.95
C TRP G 196 17.99 -28.76 -44.66
N SER G 197 18.41 -27.95 -43.66
CA SER G 197 17.68 -26.74 -43.27
C SER G 197 18.21 -25.45 -43.92
N PHE G 198 19.39 -25.47 -44.57
CA PHE G 198 19.92 -24.25 -45.18
C PHE G 198 20.33 -24.42 -46.65
N ILE G 199 21.06 -25.51 -47.00
CA ILE G 199 21.52 -25.75 -48.37
C ILE G 199 20.33 -26.15 -49.26
N LEU G 200 19.59 -27.21 -48.86
CA LEU G 200 18.44 -27.76 -49.58
C LEU G 200 17.33 -26.71 -49.85
N PRO G 201 16.79 -25.93 -48.85
CA PRO G 201 15.74 -24.97 -49.19
C PRO G 201 16.23 -23.81 -50.06
N LEU G 202 17.50 -23.37 -49.87
CA LEU G 202 18.11 -22.30 -50.66
C LEU G 202 18.21 -22.73 -52.13
N GLY G 203 18.58 -23.99 -52.35
CA GLY G 203 18.68 -24.58 -53.69
C GLY G 203 17.37 -24.52 -54.44
N LEU G 204 16.25 -24.73 -53.73
CA LEU G 204 14.89 -24.68 -54.26
C LEU G 204 14.49 -23.25 -54.62
N ILE G 205 14.96 -22.24 -53.84
CA ILE G 205 14.69 -20.83 -54.08
C ILE G 205 15.29 -20.41 -55.44
N ILE G 206 16.58 -20.74 -55.69
CA ILE G 206 17.29 -20.40 -56.93
C ILE G 206 16.72 -21.19 -58.10
N ALA G 207 16.30 -22.46 -57.87
CA ALA G 207 15.69 -23.30 -58.90
C ALA G 207 14.33 -22.72 -59.33
N ALA G 208 13.52 -22.26 -58.36
CA ALA G 208 12.22 -21.63 -58.61
C ALA G 208 12.40 -20.22 -59.17
N SER G 209 13.57 -19.59 -58.95
CA SER G 209 13.91 -18.26 -59.45
C SER G 209 14.02 -18.27 -60.98
N TRP G 210 14.44 -19.41 -61.56
CA TRP G 210 14.61 -19.61 -63.00
C TRP G 210 13.27 -19.87 -63.70
N SER G 211 12.20 -20.16 -62.92
CA SER G 211 10.86 -20.45 -63.44
C SER G 211 10.09 -19.15 -63.82
N VAL G 212 10.75 -17.98 -63.67
CA VAL G 212 10.19 -16.66 -63.99
C VAL G 212 10.07 -16.47 -65.53
N PHE G 213 10.87 -17.21 -66.32
CA PHE G 213 10.86 -17.11 -67.79
C PHE G 213 9.71 -17.88 -68.42
N TRP G 214 9.07 -18.79 -67.66
CA TRP G 214 7.94 -19.56 -68.16
C TRP G 214 6.64 -18.69 -68.22
N LEU G 215 6.68 -17.45 -67.64
CA LEU G 215 5.58 -16.49 -67.67
C LEU G 215 5.40 -15.92 -69.08
N GLU G 216 4.17 -15.58 -69.47
CA GLU G 216 3.84 -15.10 -70.81
C GLU G 216 4.11 -13.59 -70.98
N SER G 217 3.44 -12.73 -70.18
CA SER G 217 3.56 -11.27 -70.26
C SER G 217 4.89 -10.75 -69.67
N PHE G 218 5.41 -9.64 -70.25
CA PHE G 218 6.63 -8.96 -69.82
C PHE G 218 6.43 -8.34 -68.43
N SER G 219 5.24 -7.78 -68.17
CA SER G 219 4.85 -7.18 -66.89
C SER G 219 4.87 -8.25 -65.79
N GLU G 220 4.41 -9.47 -66.12
CA GLU G 220 4.39 -10.63 -65.22
C GLU G 220 5.82 -11.09 -64.95
N ARG G 221 6.65 -11.18 -66.00
CA ARG G 221 8.05 -11.60 -65.96
C ARG G 221 8.92 -10.66 -65.11
N LEU G 222 8.64 -9.35 -65.15
CA LEU G 222 9.40 -8.35 -64.40
C LEU G 222 8.95 -8.23 -62.94
N GLN G 223 7.63 -8.11 -62.68
CA GLN G 223 7.07 -7.95 -61.34
C GLN G 223 7.34 -9.14 -60.41
N THR G 224 7.42 -10.37 -60.97
CA THR G 224 7.67 -11.61 -60.24
C THR G 224 9.14 -11.66 -59.76
N SER G 225 10.09 -11.15 -60.58
CA SER G 225 11.51 -11.12 -60.23
C SER G 225 11.81 -10.16 -59.06
N PHE G 226 10.90 -9.20 -58.78
CA PHE G 226 11.02 -8.28 -57.64
C PHE G 226 10.65 -9.01 -56.35
N THR G 227 9.65 -9.92 -56.43
CA THR G 227 9.19 -10.78 -55.32
C THR G 227 10.30 -11.80 -55.05
N LEU G 228 10.94 -12.30 -56.13
CA LEU G 228 12.05 -13.24 -56.11
C LEU G 228 13.27 -12.63 -55.39
N MET G 229 13.52 -11.33 -55.65
CA MET G 229 14.60 -10.53 -55.05
C MET G 229 14.36 -10.42 -53.54
N LEU G 230 13.10 -10.12 -53.16
CA LEU G 230 12.64 -9.98 -51.77
C LEU G 230 12.74 -11.32 -51.02
N THR G 231 12.58 -12.46 -51.73
CA THR G 231 12.66 -13.81 -51.16
C THR G 231 14.11 -14.10 -50.72
N VAL G 232 15.10 -13.72 -51.55
CA VAL G 232 16.52 -13.92 -51.28
C VAL G 232 16.94 -12.99 -50.11
N VAL G 233 16.40 -11.74 -50.06
CA VAL G 233 16.68 -10.77 -48.98
C VAL G 233 16.17 -11.36 -47.65
N ALA G 234 14.95 -11.93 -47.67
CA ALA G 234 14.31 -12.57 -46.51
C ALA G 234 15.09 -13.82 -46.09
N TYR G 235 15.67 -14.54 -47.06
CA TYR G 235 16.46 -15.75 -46.79
C TYR G 235 17.86 -15.38 -46.28
N ALA G 236 18.50 -14.34 -46.87
CA ALA G 236 19.83 -13.85 -46.48
C ALA G 236 19.83 -13.41 -45.01
N PHE G 237 18.70 -12.86 -44.55
CA PHE G 237 18.46 -12.42 -43.19
C PHE G 237 18.29 -13.64 -42.28
N TYR G 238 17.51 -14.66 -42.74
CA TYR G 238 17.27 -15.91 -42.03
C TYR G 238 18.58 -16.69 -41.83
N THR G 239 19.47 -16.65 -42.84
CA THR G 239 20.77 -17.31 -42.85
C THR G 239 21.71 -16.66 -41.83
N SER G 240 22.02 -15.35 -42.04
CA SER G 240 22.94 -14.54 -41.23
C SER G 240 22.59 -14.47 -39.73
N ASN G 241 21.29 -14.53 -39.38
CA ASN G 241 20.84 -14.46 -37.99
C ASN G 241 21.13 -15.76 -37.20
N ILE G 242 21.06 -16.92 -37.87
CA ILE G 242 21.28 -18.23 -37.24
C ILE G 242 22.75 -18.68 -37.42
N LEU G 243 23.31 -18.50 -38.64
CA LEU G 243 24.70 -18.87 -38.98
C LEU G 243 25.74 -18.10 -38.14
N PRO G 244 26.92 -18.70 -37.85
CA PRO G 244 27.92 -18.00 -37.03
C PRO G 244 28.52 -16.77 -37.70
N ARG G 245 28.81 -15.74 -36.89
CA ARG G 245 29.39 -14.47 -37.33
C ARG G 245 30.88 -14.67 -37.67
N LEU G 246 31.26 -14.29 -38.90
CA LEU G 246 32.63 -14.46 -39.40
C LEU G 246 33.10 -13.24 -40.22
N PRO G 247 34.43 -12.95 -40.28
CA PRO G 247 34.91 -11.80 -41.07
C PRO G 247 35.17 -12.13 -42.55
N TYR G 248 34.68 -13.29 -43.03
CA TYR G 248 34.83 -13.76 -44.41
C TYR G 248 33.60 -14.57 -44.86
N THR G 249 33.36 -14.62 -46.19
CA THR G 249 32.22 -15.33 -46.80
C THR G 249 32.44 -16.85 -46.82
N THR G 250 31.36 -17.60 -46.50
CA THR G 250 31.34 -19.07 -46.49
C THR G 250 30.71 -19.59 -47.78
N VAL G 251 30.55 -20.93 -47.91
CA VAL G 251 29.93 -21.59 -49.08
C VAL G 251 28.45 -21.17 -49.17
N ILE G 252 27.76 -21.13 -48.01
CA ILE G 252 26.35 -20.75 -47.90
C ILE G 252 26.21 -19.25 -48.22
N ASP G 253 27.17 -18.41 -47.74
CA ASP G 253 27.19 -16.98 -48.01
C ASP G 253 27.39 -16.71 -49.50
N GLN G 254 28.25 -17.51 -50.17
CA GLN G 254 28.54 -17.41 -51.61
C GLN G 254 27.32 -17.80 -52.45
N MET G 255 26.52 -18.77 -51.96
CA MET G 255 25.29 -19.24 -52.60
C MET G 255 24.24 -18.14 -52.66
N ILE G 256 24.19 -17.30 -51.60
CA ILE G 256 23.28 -16.16 -51.45
C ILE G 256 23.62 -15.10 -52.52
N ILE G 257 24.93 -14.79 -52.71
CA ILE G 257 25.43 -13.83 -53.69
C ILE G 257 25.07 -14.30 -55.10
N ALA G 258 25.19 -15.63 -55.34
CA ALA G 258 24.87 -16.29 -56.61
C ALA G 258 23.37 -16.16 -56.91
N GLY G 259 22.55 -16.17 -55.86
CA GLY G 259 21.11 -16.01 -55.97
C GLY G 259 20.73 -14.61 -56.41
N TYR G 260 21.36 -13.58 -55.78
CA TYR G 260 21.17 -12.16 -56.10
C TYR G 260 21.57 -11.88 -57.55
N GLY G 261 22.68 -12.49 -57.98
CA GLY G 261 23.22 -12.39 -59.32
C GLY G 261 22.32 -12.99 -60.38
N SER G 262 21.73 -14.17 -60.07
CA SER G 262 20.80 -14.91 -60.94
C SER G 262 19.52 -14.12 -61.21
N ILE G 263 19.03 -13.38 -60.20
CA ILE G 263 17.83 -12.54 -60.31
C ILE G 263 18.18 -11.25 -61.06
N PHE G 264 19.35 -10.65 -60.76
CA PHE G 264 19.78 -9.42 -61.43
C PHE G 264 20.09 -9.66 -62.91
N ALA G 265 20.63 -10.85 -63.25
CA ALA G 265 20.91 -11.24 -64.63
C ALA G 265 19.59 -11.43 -65.39
N ALA G 266 18.57 -11.97 -64.69
CA ALA G 266 17.22 -12.19 -65.22
C ALA G 266 16.52 -10.85 -65.49
N ILE G 267 16.66 -9.88 -64.55
CA ILE G 267 16.10 -8.52 -64.64
C ILE G 267 16.61 -7.85 -65.93
N LEU G 268 17.94 -7.92 -66.19
CA LEU G 268 18.58 -7.34 -67.36
C LEU G 268 18.12 -8.01 -68.66
N LEU G 269 17.98 -9.35 -68.66
CA LEU G 269 17.56 -10.13 -69.82
C LEU G 269 16.09 -9.91 -70.18
N ILE G 270 15.21 -9.76 -69.17
CA ILE G 270 13.77 -9.51 -69.36
C ILE G 270 13.57 -8.11 -69.99
N ILE G 271 14.36 -7.10 -69.53
CA ILE G 271 14.34 -5.73 -70.06
C ILE G 271 14.89 -5.73 -71.50
N PHE G 272 15.99 -6.46 -71.74
CA PHE G 272 16.64 -6.59 -73.06
C PHE G 272 15.75 -7.29 -74.08
N ALA G 273 14.90 -8.25 -73.65
CA ALA G 273 13.98 -8.98 -74.52
C ALA G 273 12.90 -8.05 -75.09
N HIS G 274 12.31 -7.21 -74.22
CA HIS G 274 11.23 -6.28 -74.56
C HIS G 274 11.70 -5.07 -75.40
N HIS G 275 12.79 -4.39 -74.97
CA HIS G 275 13.26 -3.15 -75.62
C HIS G 275 14.27 -3.35 -76.77
N ARG G 276 15.09 -4.43 -76.79
CA ARG G 276 15.98 -4.65 -77.94
C ARG G 276 15.15 -5.39 -78.98
N GLN G 277 14.50 -4.61 -79.84
CA GLN G 277 13.56 -5.08 -80.86
C GLN G 277 13.86 -4.55 -82.26
N ALA G 278 13.19 -5.14 -83.27
CA ALA G 278 13.29 -4.77 -84.67
C ALA G 278 11.89 -4.41 -85.22
N ASN G 279 10.97 -3.96 -84.32
CA ASN G 279 9.60 -3.56 -84.66
C ASN G 279 8.91 -2.77 -83.53
N GLY G 280 9.21 -3.09 -82.27
CA GLY G 280 8.64 -2.41 -81.12
C GLY G 280 8.28 -3.33 -79.98
N VAL G 281 7.43 -4.34 -80.25
CA VAL G 281 6.99 -5.32 -79.26
C VAL G 281 7.64 -6.69 -79.58
N GLU G 282 8.82 -6.66 -80.24
CA GLU G 282 9.57 -7.86 -80.61
C GLU G 282 10.25 -8.46 -79.37
N ASP G 283 9.49 -9.27 -78.62
CA ASP G 283 10.03 -9.97 -77.47
C ASP G 283 10.67 -11.24 -78.02
N ASP G 284 12.00 -11.20 -78.21
CA ASP G 284 12.82 -12.27 -78.79
C ASP G 284 12.41 -13.63 -78.23
N LEU G 285 11.62 -14.36 -79.05
CA LEU G 285 11.04 -15.69 -78.79
C LEU G 285 12.08 -16.72 -78.31
N LEU G 286 13.38 -16.49 -78.62
CA LEU G 286 14.49 -17.35 -78.23
C LEU G 286 15.12 -16.90 -76.91
N ILE G 287 15.39 -15.58 -76.74
CA ILE G 287 16.00 -15.06 -75.51
C ILE G 287 14.98 -15.07 -74.35
N GLN G 288 13.66 -15.04 -74.65
CA GLN G 288 12.62 -15.12 -73.62
C GLN G 288 12.48 -16.60 -73.21
N ARG G 289 12.93 -17.51 -74.10
CA ARG G 289 12.93 -18.96 -73.91
C ARG G 289 14.31 -19.45 -73.44
N CYS G 290 14.99 -18.63 -72.58
CA CYS G 290 16.28 -18.96 -71.98
C CYS G 290 16.05 -19.76 -70.67
N ARG G 291 14.92 -20.51 -70.66
CA ARG G 291 14.40 -21.38 -69.61
C ARG G 291 15.36 -22.53 -69.30
N LEU G 292 16.34 -22.76 -70.20
CA LEU G 292 17.35 -23.81 -70.09
C LEU G 292 18.76 -23.26 -70.41
N ALA G 293 18.86 -22.00 -70.89
CA ALA G 293 20.13 -21.37 -71.25
C ALA G 293 21.00 -21.07 -70.03
N PHE G 294 20.59 -20.16 -69.11
CA PHE G 294 21.41 -19.87 -67.94
C PHE G 294 21.11 -20.82 -66.73
N PRO G 295 19.95 -21.53 -66.57
CA PRO G 295 19.82 -22.46 -65.43
C PRO G 295 20.96 -23.49 -65.38
N LEU G 296 21.37 -24.06 -66.54
CA LEU G 296 22.51 -24.98 -66.60
C LEU G 296 23.83 -24.20 -66.61
N GLY G 297 23.76 -22.93 -67.05
CA GLY G 297 24.90 -22.01 -67.07
C GLY G 297 25.29 -21.60 -65.66
N PHE G 298 24.30 -21.61 -64.74
CA PHE G 298 24.45 -21.33 -63.31
C PHE G 298 25.18 -22.51 -62.66
N LEU G 299 24.87 -23.74 -63.13
CA LEU G 299 25.49 -24.99 -62.69
C LEU G 299 26.96 -25.03 -63.13
N ALA G 300 27.26 -24.44 -64.32
CA ALA G 300 28.62 -24.32 -64.87
C ALA G 300 29.45 -23.36 -64.01
N ILE G 301 28.84 -22.25 -63.55
CA ILE G 301 29.44 -21.25 -62.66
C ILE G 301 29.61 -21.89 -61.26
N GLY G 302 28.65 -22.75 -60.89
CA GLY G 302 28.65 -23.49 -59.62
C GLY G 302 29.76 -24.51 -59.54
N CYS G 303 30.14 -25.11 -60.68
CA CYS G 303 31.22 -26.10 -60.78
C CYS G 303 32.59 -25.42 -60.75
N VAL G 304 32.66 -24.14 -61.20
CA VAL G 304 33.89 -23.32 -61.20
C VAL G 304 34.23 -22.95 -59.73
N LEU G 305 33.20 -22.69 -58.89
CA LEU G 305 33.33 -22.36 -57.46
C LEU G 305 33.97 -23.51 -56.66
N VAL G 306 33.76 -24.77 -57.11
CA VAL G 306 34.30 -25.99 -56.50
C VAL G 306 35.83 -26.04 -56.75
N ILE G 307 36.27 -25.68 -57.97
CA ILE G 307 37.68 -25.64 -58.38
C ILE G 307 38.42 -24.48 -57.67
N PRO H 1 38.17 -49.57 4.87
CA PRO H 1 37.32 -48.82 3.96
C PRO H 1 36.28 -47.99 4.72
N VAL H 2 36.34 -46.66 4.57
CA VAL H 2 35.44 -45.72 5.24
C VAL H 2 34.07 -45.76 4.54
N ASP H 3 33.02 -46.12 5.30
CA ASP H 3 31.66 -46.17 4.78
C ASP H 3 31.03 -44.78 4.88
N VAL H 4 30.67 -44.19 3.72
CA VAL H 4 30.09 -42.86 3.65
C VAL H 4 28.65 -42.93 3.13
N SER H 5 27.70 -42.42 3.92
CA SER H 5 26.27 -42.36 3.58
C SER H 5 25.97 -40.98 3.01
N VAL H 6 25.51 -40.94 1.75
CA VAL H 6 25.21 -39.70 1.03
C VAL H 6 23.70 -39.51 0.85
N SER H 7 23.23 -38.25 0.88
CA SER H 7 21.84 -37.85 0.69
C SER H 7 21.79 -36.56 -0.10
N ILE H 8 21.18 -36.61 -1.31
CA ILE H 8 21.06 -35.47 -2.21
C ILE H 8 19.63 -34.93 -2.16
N PHE H 9 19.47 -33.61 -2.00
CA PHE H 9 18.18 -32.95 -1.94
C PHE H 9 18.04 -31.99 -3.12
N ILE H 10 17.33 -32.43 -4.18
CA ILE H 10 17.12 -31.61 -5.39
C ILE H 10 16.06 -30.54 -5.10
N ASN H 11 16.40 -29.27 -5.39
CA ASN H 11 15.50 -28.12 -5.21
C ASN H 11 14.94 -27.64 -6.53
N LYS H 12 15.81 -27.50 -7.56
CA LYS H 12 15.41 -26.99 -8.88
C LYS H 12 16.33 -27.50 -10.00
N ILE H 13 15.72 -27.97 -11.10
CA ILE H 13 16.41 -28.38 -12.32
C ILE H 13 15.90 -27.42 -13.40
N TYR H 14 16.77 -26.52 -13.86
CA TYR H 14 16.43 -25.48 -14.83
C TYR H 14 17.60 -25.19 -15.78
N GLY H 15 17.39 -24.25 -16.69
CA GLY H 15 18.38 -23.77 -17.67
C GLY H 15 19.03 -24.85 -18.51
N VAL H 16 18.24 -25.47 -19.39
CA VAL H 16 18.73 -26.53 -20.27
C VAL H 16 19.39 -25.90 -21.50
N ASN H 17 20.71 -26.14 -21.67
CA ASN H 17 21.49 -25.68 -22.82
C ASN H 17 21.52 -26.82 -23.82
N THR H 18 20.75 -26.70 -24.92
CA THR H 18 20.59 -27.72 -25.95
C THR H 18 21.88 -28.00 -26.73
N LEU H 19 22.64 -26.96 -27.09
CA LEU H 19 23.88 -27.12 -27.85
C LEU H 19 25.00 -27.74 -27.00
N GLU H 20 25.16 -27.30 -25.75
CA GLU H 20 26.19 -27.79 -24.83
C GLU H 20 25.78 -29.07 -24.12
N GLN H 21 24.47 -29.44 -24.17
CA GLN H 21 23.87 -30.62 -23.50
C GLN H 21 24.13 -30.51 -21.97
N THR H 22 23.76 -29.33 -21.42
CA THR H 22 23.96 -28.93 -20.02
C THR H 22 22.62 -28.52 -19.37
N TYR H 23 22.53 -28.67 -18.04
CA TYR H 23 21.37 -28.31 -17.20
C TYR H 23 21.85 -27.90 -15.80
N LYS H 24 21.23 -26.85 -15.23
CA LYS H 24 21.59 -26.33 -13.91
C LYS H 24 20.78 -27.04 -12.82
N VAL H 25 21.47 -27.50 -11.75
CA VAL H 25 20.85 -28.23 -10.63
C VAL H 25 21.23 -27.53 -9.30
N ASP H 26 20.20 -27.16 -8.50
CA ASP H 26 20.36 -26.55 -7.18
C ASP H 26 19.91 -27.55 -6.14
N GLY H 27 20.74 -27.76 -5.11
CA GLY H 27 20.42 -28.71 -4.05
C GLY H 27 21.35 -28.70 -2.85
N TYR H 28 21.31 -29.80 -2.07
CA TYR H 28 22.13 -30.00 -0.86
C TYR H 28 22.78 -31.39 -0.84
N ILE H 29 24.06 -31.46 -0.42
CA ILE H 29 24.79 -32.73 -0.26
C ILE H 29 24.95 -33.00 1.22
N VAL H 30 24.59 -34.23 1.66
CA VAL H 30 24.73 -34.62 3.07
C VAL H 30 25.57 -35.91 3.11
N ALA H 31 26.84 -35.80 3.53
CA ALA H 31 27.76 -36.93 3.64
C ALA H 31 28.02 -37.26 5.12
N GLN H 32 27.92 -38.54 5.47
CA GLN H 32 28.12 -39.00 6.85
C GLN H 32 29.07 -40.20 6.91
N TRP H 33 30.08 -40.10 7.79
CA TRP H 33 31.07 -41.15 8.05
C TRP H 33 31.42 -41.19 9.53
N THR H 34 31.69 -42.39 10.07
CA THR H 34 32.03 -42.57 11.47
C THR H 34 33.55 -42.53 11.62
N GLY H 35 34.03 -41.65 12.49
CA GLY H 35 35.44 -41.49 12.79
C GLY H 35 35.78 -41.86 14.22
N LYS H 36 36.88 -41.26 14.74
CA LYS H 36 37.33 -41.50 16.12
C LYS H 36 36.51 -40.64 17.09
N PRO H 37 36.12 -41.16 18.28
CA PRO H 37 35.31 -40.35 19.22
C PRO H 37 36.00 -39.05 19.63
N ARG H 38 35.20 -37.98 19.76
CA ARG H 38 35.64 -36.63 20.12
C ARG H 38 35.06 -36.18 21.45
N LYS H 39 35.63 -35.09 22.03
CA LYS H 39 35.16 -34.51 23.28
C LYS H 39 34.54 -33.14 22.96
N THR H 40 33.24 -33.16 22.59
CA THR H 40 32.48 -31.97 22.23
C THR H 40 32.08 -31.15 23.48
N PRO H 41 31.96 -29.80 23.38
CA PRO H 41 31.56 -29.00 24.57
C PRO H 41 30.25 -29.52 25.18
N GLY H 42 30.33 -29.83 26.47
CA GLY H 42 29.21 -30.43 27.20
C GLY H 42 29.17 -31.91 26.87
N ASP H 43 28.30 -32.27 25.91
CA ASP H 43 28.14 -33.64 25.38
C ASP H 43 27.33 -33.63 24.08
N LYS H 44 26.63 -32.52 23.81
CA LYS H 44 25.81 -32.36 22.60
C LYS H 44 26.71 -32.19 21.34
N PRO H 45 26.26 -32.62 20.13
CA PRO H 45 27.11 -32.49 18.93
C PRO H 45 27.49 -31.05 18.59
N LEU H 46 28.78 -30.84 18.27
CA LEU H 46 29.35 -29.54 17.94
C LEU H 46 29.11 -29.19 16.46
N ILE H 47 28.69 -27.94 16.20
CA ILE H 47 28.41 -27.42 14.86
C ILE H 47 29.56 -26.50 14.42
N VAL H 48 30.10 -26.75 13.22
CA VAL H 48 31.18 -25.96 12.60
C VAL H 48 30.65 -25.39 11.29
N GLU H 49 30.65 -24.05 11.14
CA GLU H 49 30.12 -23.38 9.95
C GLU H 49 31.18 -22.70 9.09
N ASN H 50 30.97 -22.78 7.76
CA ASN H 50 31.72 -22.21 6.63
C ASN H 50 33.26 -22.07 6.85
N THR H 51 33.72 -20.86 7.22
CA THR H 51 35.13 -20.49 7.41
C THR H 51 35.84 -21.39 8.42
N GLN H 52 35.16 -21.73 9.53
CA GLN H 52 35.71 -22.54 10.61
C GLN H 52 36.00 -24.01 10.19
N ILE H 53 35.34 -24.51 9.12
CA ILE H 53 35.55 -25.88 8.61
C ILE H 53 37.01 -26.02 8.13
N GLU H 54 37.51 -25.01 7.39
CA GLU H 54 38.89 -24.94 6.88
C GLU H 54 39.92 -24.94 8.03
N ARG H 55 39.59 -24.25 9.15
CA ARG H 55 40.43 -24.17 10.35
C ARG H 55 40.60 -25.52 11.03
N TRP H 56 39.53 -26.34 11.05
CA TRP H 56 39.51 -27.68 11.64
C TRP H 56 40.34 -28.67 10.82
N ILE H 57 40.30 -28.56 9.48
CA ILE H 57 41.05 -29.41 8.54
C ILE H 57 42.56 -29.17 8.75
N ASN H 58 42.97 -27.89 8.92
CA ASN H 58 44.35 -27.46 9.18
C ASN H 58 44.90 -28.10 10.45
N ASN H 59 44.03 -28.28 11.47
CA ASN H 59 44.36 -28.91 12.75
C ASN H 59 44.51 -30.42 12.59
N GLY H 60 43.79 -31.00 11.63
CA GLY H 60 43.86 -32.44 11.33
C GLY H 60 42.56 -33.16 11.07
N LEU H 61 41.47 -32.43 10.76
CA LEU H 61 40.18 -33.06 10.46
C LEU H 61 40.19 -33.63 9.05
N TRP H 62 39.82 -34.90 8.91
CA TRP H 62 39.77 -35.55 7.61
C TRP H 62 38.39 -35.30 6.98
N VAL H 63 38.35 -34.44 5.96
CA VAL H 63 37.15 -34.12 5.21
C VAL H 63 37.47 -34.50 3.74
N PRO H 64 36.93 -35.63 3.24
CA PRO H 64 37.26 -36.05 1.87
C PRO H 64 36.60 -35.18 0.80
N ALA H 65 37.34 -34.93 -0.28
CA ALA H 65 36.83 -34.13 -1.39
C ALA H 65 36.03 -35.02 -2.34
N LEU H 66 34.71 -34.86 -2.33
CA LEU H 66 33.80 -35.63 -3.19
C LEU H 66 33.49 -34.79 -4.42
N GLU H 67 33.92 -35.26 -5.60
CA GLU H 67 33.75 -34.51 -6.85
C GLU H 67 32.55 -34.97 -7.66
N PHE H 68 31.87 -33.99 -8.30
CA PHE H 68 30.78 -34.22 -9.25
C PHE H 68 31.43 -34.46 -10.61
N ILE H 69 31.39 -35.71 -11.08
CA ILE H 69 32.02 -36.17 -12.32
C ILE H 69 31.47 -35.43 -13.55
N ASN H 70 30.13 -35.29 -13.65
CA ASN H 70 29.49 -34.67 -14.81
C ASN H 70 29.30 -33.14 -14.70
N VAL H 71 29.86 -32.49 -13.66
CA VAL H 71 29.71 -31.03 -13.52
C VAL H 71 30.65 -30.30 -14.51
N VAL H 72 30.17 -29.16 -15.02
CA VAL H 72 30.89 -28.29 -15.96
C VAL H 72 31.60 -27.20 -15.14
N GLY H 73 32.92 -27.39 -14.97
CA GLY H 73 33.76 -26.51 -14.18
C GLY H 73 33.63 -26.77 -12.70
N SER H 74 33.56 -25.68 -11.89
CA SER H 74 33.41 -25.78 -10.43
C SER H 74 32.04 -25.24 -10.02
N PRO H 75 31.27 -25.97 -9.16
CA PRO H 75 29.94 -25.49 -8.78
C PRO H 75 29.97 -24.40 -7.73
N ASP H 76 28.90 -23.59 -7.68
CA ASP H 76 28.71 -22.51 -6.71
C ASP H 76 28.25 -23.12 -5.38
N THR H 77 29.20 -23.30 -4.45
CA THR H 77 28.93 -23.86 -3.13
C THR H 77 28.47 -22.74 -2.21
N GLY H 78 27.31 -22.95 -1.60
CA GLY H 78 26.71 -22.01 -0.67
C GLY H 78 27.24 -22.18 0.74
N ASN H 79 26.32 -22.29 1.70
CA ASN H 79 26.67 -22.48 3.12
C ASN H 79 27.19 -23.90 3.37
N LYS H 80 28.29 -24.00 4.14
CA LYS H 80 28.94 -25.26 4.52
C LYS H 80 28.71 -25.52 6.00
N ARG H 81 28.57 -26.79 6.40
CA ARG H 81 28.31 -27.18 7.79
C ARG H 81 28.96 -28.53 8.13
N LEU H 82 29.59 -28.59 9.30
CA LEU H 82 30.19 -29.80 9.85
C LEU H 82 29.61 -30.07 11.23
N MET H 83 28.89 -31.19 11.36
CA MET H 83 28.30 -31.58 12.64
C MET H 83 29.12 -32.72 13.22
N LEU H 84 29.96 -32.39 14.20
CA LEU H 84 30.86 -33.33 14.88
C LEU H 84 30.19 -33.88 16.13
N PHE H 85 30.04 -35.22 16.18
CA PHE H 85 29.41 -35.92 17.29
C PHE H 85 30.44 -36.51 18.27
N PRO H 86 30.11 -36.62 19.58
CA PRO H 86 31.09 -37.18 20.53
C PRO H 86 31.36 -38.68 20.33
N ASP H 87 30.40 -39.42 19.72
CA ASP H 87 30.54 -40.85 19.45
C ASP H 87 31.52 -41.11 18.29
N GLY H 88 31.79 -40.08 17.49
CA GLY H 88 32.73 -40.15 16.37
C GLY H 88 32.22 -39.69 15.02
N ARG H 89 30.95 -40.03 14.68
CA ARG H 89 30.31 -39.72 13.39
C ARG H 89 30.40 -38.23 13.03
N VAL H 90 30.74 -37.96 11.75
CA VAL H 90 30.91 -36.62 11.19
C VAL H 90 29.91 -36.44 10.03
N ILE H 91 29.10 -35.35 10.08
CA ILE H 91 28.11 -35.06 9.05
C ILE H 91 28.47 -33.74 8.35
N TYR H 92 28.66 -33.81 7.03
CA TYR H 92 28.98 -32.65 6.20
C TYR H 92 27.74 -32.26 5.38
N ASN H 93 27.24 -31.02 5.57
CA ASN H 93 26.07 -30.50 4.87
C ASN H 93 26.45 -29.20 4.15
N ALA H 94 26.18 -29.13 2.83
CA ALA H 94 26.49 -27.94 2.03
C ALA H 94 25.53 -27.78 0.85
N ARG H 95 25.08 -26.53 0.60
CA ARG H 95 24.21 -26.21 -0.54
C ARG H 95 25.09 -26.04 -1.78
N PHE H 96 24.60 -26.54 -2.93
CA PHE H 96 25.35 -26.46 -4.18
C PHE H 96 24.46 -26.05 -5.36
N LEU H 97 25.09 -25.42 -6.36
CA LEU H 97 24.50 -25.04 -7.64
C LEU H 97 25.56 -25.26 -8.70
N GLY H 98 25.30 -26.21 -9.59
CA GLY H 98 26.22 -26.54 -10.66
C GLY H 98 25.57 -26.84 -11.99
N SER H 99 26.33 -26.65 -13.07
CA SER H 99 25.91 -26.94 -14.45
C SER H 99 26.38 -28.36 -14.77
N PHE H 100 25.44 -29.29 -14.93
CA PHE H 100 25.78 -30.69 -15.17
C PHE H 100 25.55 -31.09 -16.62
N SER H 101 26.43 -31.98 -17.13
CA SER H 101 26.39 -32.47 -18.51
C SER H 101 25.95 -33.93 -18.57
N ASN H 102 25.23 -34.28 -19.66
CA ASN H 102 24.71 -35.62 -19.97
C ASN H 102 24.38 -35.69 -21.46
N ASP H 103 24.49 -36.91 -22.07
CA ASP H 103 24.15 -37.14 -23.47
C ASP H 103 22.65 -36.91 -23.65
N MET H 104 22.30 -35.86 -24.42
CA MET H 104 20.91 -35.48 -24.62
C MET H 104 20.51 -35.48 -26.09
N ASP H 105 19.44 -36.23 -26.42
CA ASP H 105 18.87 -36.37 -27.75
C ASP H 105 17.63 -35.48 -27.86
N PHE H 106 17.69 -34.45 -28.74
CA PHE H 106 16.58 -33.53 -28.95
C PHE H 106 16.01 -33.69 -30.38
N ARG H 107 16.17 -34.90 -30.97
CA ARG H 107 15.75 -35.24 -32.33
C ARG H 107 14.24 -35.15 -32.52
N LEU H 108 13.45 -35.71 -31.58
CA LEU H 108 11.99 -35.72 -31.68
C LEU H 108 11.37 -34.59 -30.83
N PHE H 109 11.92 -33.36 -31.00
CA PHE H 109 11.46 -32.12 -30.37
C PHE H 109 10.12 -31.69 -30.97
N PRO H 110 9.15 -31.13 -30.21
CA PRO H 110 9.19 -30.78 -28.78
C PRO H 110 8.74 -31.91 -27.83
N PHE H 111 8.64 -33.13 -28.35
CA PHE H 111 8.19 -34.30 -27.57
C PHE H 111 9.41 -35.08 -27.04
N ASP H 112 10.31 -34.35 -26.35
CA ASP H 112 11.56 -34.85 -25.77
C ASP H 112 11.35 -35.74 -24.56
N ARG H 113 12.27 -36.71 -24.39
CA ARG H 113 12.35 -37.62 -23.26
C ARG H 113 13.79 -37.55 -22.76
N GLN H 114 14.03 -36.68 -21.75
CA GLN H 114 15.37 -36.45 -21.22
C GLN H 114 15.50 -36.85 -19.76
N GLN H 115 16.69 -37.34 -19.37
CA GLN H 115 16.96 -37.72 -17.98
C GLN H 115 18.15 -36.91 -17.45
N PHE H 116 17.92 -36.21 -16.32
CA PHE H 116 18.92 -35.40 -15.65
C PHE H 116 19.72 -36.29 -14.71
N VAL H 117 21.02 -36.44 -15.01
CA VAL H 117 21.94 -37.32 -14.28
C VAL H 117 22.89 -36.50 -13.37
N LEU H 118 23.24 -37.09 -12.21
CA LEU H 118 24.18 -36.56 -11.22
C LEU H 118 25.15 -37.68 -10.85
N GLU H 119 26.46 -37.45 -11.00
CA GLU H 119 27.46 -38.47 -10.71
C GLU H 119 28.45 -38.00 -9.64
N LEU H 120 28.47 -38.72 -8.49
CA LEU H 120 29.35 -38.41 -7.36
C LEU H 120 30.40 -39.49 -7.18
N GLU H 121 31.65 -39.08 -6.91
CA GLU H 121 32.79 -39.97 -6.74
C GLU H 121 33.91 -39.29 -5.92
N PRO H 122 34.60 -39.98 -4.98
CA PRO H 122 35.69 -39.33 -4.24
C PRO H 122 36.87 -39.03 -5.18
N PHE H 123 37.42 -37.82 -5.07
CA PHE H 123 38.49 -37.34 -5.95
C PHE H 123 39.83 -38.03 -5.73
N SER H 124 40.18 -38.40 -4.48
CA SER H 124 41.50 -38.99 -4.20
C SER H 124 41.47 -40.42 -3.68
N TYR H 125 40.52 -40.74 -2.79
CA TYR H 125 40.45 -42.06 -2.15
C TYR H 125 39.65 -43.07 -2.98
N ASN H 126 40.24 -44.27 -3.18
CA ASN H 126 39.68 -45.37 -3.97
C ASN H 126 38.64 -46.17 -3.15
N ASN H 127 38.05 -47.23 -3.75
CA ASN H 127 37.02 -48.09 -3.15
C ASN H 127 37.50 -48.83 -1.88
N GLN H 128 38.82 -49.11 -1.79
CA GLN H 128 39.42 -49.78 -0.64
C GLN H 128 39.66 -48.79 0.51
N GLN H 129 39.71 -47.49 0.21
CA GLN H 129 39.91 -46.42 1.19
C GLN H 129 38.56 -45.79 1.58
N LEU H 130 37.74 -45.42 0.57
CA LEU H 130 36.42 -44.80 0.75
C LEU H 130 35.37 -45.55 -0.05
N ARG H 131 34.31 -45.99 0.64
CA ARG H 131 33.19 -46.72 0.04
C ARG H 131 31.87 -46.01 0.32
N PHE H 132 31.00 -45.93 -0.70
CA PHE H 132 29.69 -45.32 -0.54
C PHE H 132 28.71 -46.39 -0.06
N SER H 133 28.32 -46.31 1.24
CA SER H 133 27.44 -47.28 1.89
C SER H 133 26.02 -47.26 1.31
N ASP H 134 25.37 -46.07 1.28
CA ASP H 134 24.01 -45.91 0.76
C ASP H 134 23.76 -44.47 0.27
N ILE H 135 22.80 -44.31 -0.67
CA ILE H 135 22.43 -43.01 -1.21
C ILE H 135 20.91 -42.92 -1.43
N GLN H 136 20.33 -41.77 -1.04
CA GLN H 136 18.90 -41.49 -1.18
C GLN H 136 18.69 -40.04 -1.66
N VAL H 137 17.88 -39.87 -2.71
CA VAL H 137 17.57 -38.57 -3.33
C VAL H 137 16.16 -38.14 -2.94
N TYR H 138 15.99 -36.83 -2.68
CA TYR H 138 14.71 -36.27 -2.30
C TYR H 138 14.32 -35.14 -3.24
N THR H 139 13.47 -35.46 -4.22
CA THR H 139 12.95 -34.50 -5.19
C THR H 139 11.62 -34.00 -4.65
N GLU H 140 11.67 -32.91 -3.87
CA GLU H 140 10.52 -32.29 -3.21
C GLU H 140 9.74 -31.40 -4.19
N ASN H 141 9.65 -31.85 -5.45
CA ASN H 141 8.95 -31.15 -6.54
C ASN H 141 7.63 -31.88 -6.84
N ILE H 142 6.50 -31.16 -6.70
CA ILE H 142 5.15 -31.67 -6.93
C ILE H 142 4.19 -30.56 -7.33
N ASP H 143 3.15 -30.91 -8.14
CA ASP H 143 2.08 -30.03 -8.66
C ASP H 143 2.60 -28.91 -9.60
N ASN H 144 1.66 -28.19 -10.25
CA ASN H 144 1.87 -27.06 -11.18
C ASN H 144 2.81 -27.47 -12.34
N GLU H 145 2.47 -28.58 -13.02
CA GLU H 145 3.23 -29.10 -14.16
C GLU H 145 3.05 -28.22 -15.40
N GLU H 146 1.82 -27.71 -15.62
CA GLU H 146 1.43 -26.86 -16.75
C GLU H 146 2.16 -25.49 -16.74
N ILE H 147 2.71 -25.09 -15.57
CA ILE H 147 3.45 -23.84 -15.39
C ILE H 147 4.95 -24.07 -15.67
N ASP H 148 5.49 -25.21 -15.23
CA ASP H 148 6.90 -25.58 -15.43
C ASP H 148 7.17 -26.04 -16.86
N GLU H 149 8.40 -25.79 -17.35
CA GLU H 149 8.87 -26.15 -18.70
C GLU H 149 9.00 -27.67 -18.87
N TRP H 150 9.45 -28.37 -17.82
CA TRP H 150 9.65 -29.82 -17.82
C TRP H 150 8.74 -30.54 -16.83
N TRP H 151 8.32 -31.75 -17.20
CA TRP H 151 7.45 -32.58 -16.36
C TRP H 151 8.23 -33.76 -15.81
N ILE H 152 8.63 -33.68 -14.52
CA ILE H 152 9.36 -34.73 -13.81
C ILE H 152 8.40 -35.92 -13.65
N ARG H 153 8.81 -37.10 -14.11
CA ARG H 153 7.96 -38.28 -14.07
C ARG H 153 8.31 -39.20 -12.89
N GLY H 154 9.49 -39.82 -12.93
CA GLY H 154 9.95 -40.71 -11.87
C GLY H 154 10.32 -39.97 -10.59
N LYS H 155 10.41 -40.72 -9.46
CA LYS H 155 10.76 -40.14 -8.17
C LYS H 155 12.25 -39.77 -8.15
N ALA H 156 13.13 -40.76 -8.48
CA ALA H 156 14.61 -40.69 -8.58
C ALA H 156 15.20 -42.09 -8.68
N SER H 157 16.12 -42.29 -9.64
CA SER H 157 16.80 -43.58 -9.83
C SER H 157 18.24 -43.47 -9.33
N THR H 158 18.64 -44.36 -8.42
CA THR H 158 19.98 -44.38 -7.85
C THR H 158 20.73 -45.67 -8.15
N HIS H 159 22.07 -45.57 -8.25
CA HIS H 159 22.95 -46.71 -8.54
C HIS H 159 24.37 -46.47 -8.02
N ILE H 160 24.82 -47.29 -7.06
CA ILE H 160 26.18 -47.26 -6.51
C ILE H 160 26.96 -48.37 -7.20
N SER H 161 28.04 -48.01 -7.90
CA SER H 161 28.86 -48.96 -8.65
C SER H 161 30.34 -48.63 -8.53
N ASP H 162 31.21 -49.63 -8.73
CA ASP H 162 32.66 -49.46 -8.69
C ASP H 162 33.19 -49.26 -10.11
N ILE H 163 33.77 -48.09 -10.37
CA ILE H 163 34.31 -47.72 -11.68
C ILE H 163 35.81 -48.00 -11.69
N ARG H 164 36.27 -48.76 -12.70
CA ARG H 164 37.66 -49.14 -12.90
C ARG H 164 38.24 -48.34 -14.07
N TYR H 165 39.36 -47.65 -13.84
CA TYR H 165 40.02 -46.83 -14.85
C TYR H 165 41.14 -47.61 -15.55
N ASP H 166 41.24 -47.45 -16.88
CA ASP H 166 42.25 -48.10 -17.73
C ASP H 166 43.65 -47.56 -17.43
N HIS H 167 43.81 -46.21 -17.44
CA HIS H 167 44.99 -45.37 -17.18
C HIS H 167 46.27 -45.77 -17.95
N LEU H 168 46.63 -47.08 -18.01
CA LEU H 168 47.81 -47.66 -18.67
C LEU H 168 49.09 -47.33 -17.87
N SER H 169 49.80 -48.40 -17.42
CA SER H 169 51.03 -48.41 -16.62
C SER H 169 50.87 -47.63 -15.28
N SER H 170 51.30 -46.34 -15.22
CA SER H 170 51.24 -45.43 -14.06
C SER H 170 52.00 -46.01 -12.82
N VAL H 171 51.68 -45.51 -11.60
CA VAL H 171 52.31 -45.94 -10.35
C VAL H 171 51.40 -46.91 -9.56
N GLN H 172 50.08 -46.63 -9.52
CA GLN H 172 49.09 -47.46 -8.82
C GLN H 172 48.79 -48.76 -9.61
N PRO H 173 49.03 -49.96 -9.03
CA PRO H 173 48.79 -51.21 -9.78
C PRO H 173 47.33 -51.68 -9.69
N ASN H 174 46.96 -52.43 -8.62
CA ASN H 174 45.61 -52.98 -8.41
C ASN H 174 44.61 -51.90 -7.98
N GLN H 175 45.04 -50.94 -7.13
CA GLN H 175 44.21 -49.85 -6.61
C GLN H 175 43.88 -48.85 -7.74
N ASN H 176 42.83 -49.19 -8.52
CA ASN H 176 42.35 -48.39 -9.64
C ASN H 176 40.81 -48.46 -9.75
N GLU H 177 40.13 -48.80 -8.64
CA GLU H 177 38.67 -48.91 -8.56
C GLU H 177 38.11 -47.87 -7.59
N PHE H 178 37.08 -47.12 -8.03
CA PHE H 178 36.43 -46.05 -7.24
C PHE H 178 34.92 -46.22 -7.19
N SER H 179 34.32 -46.04 -5.99
CA SER H 179 32.87 -46.14 -5.80
C SER H 179 32.19 -44.87 -6.34
N ARG H 180 31.16 -45.02 -7.19
CA ARG H 180 30.47 -43.89 -7.81
C ARG H 180 28.95 -43.98 -7.66
N ILE H 181 28.33 -42.87 -7.22
CA ILE H 181 26.89 -42.71 -7.08
C ILE H 181 26.36 -42.09 -8.37
N THR H 182 25.35 -42.72 -8.99
CA THR H 182 24.73 -42.21 -10.21
C THR H 182 23.25 -42.00 -9.95
N VAL H 183 22.81 -40.73 -10.04
CA VAL H 183 21.43 -40.31 -9.80
C VAL H 183 20.79 -39.96 -11.15
N ARG H 184 19.61 -40.52 -11.45
CA ARG H 184 18.89 -40.28 -12.71
C ARG H 184 17.46 -39.83 -12.44
N ILE H 185 17.07 -38.67 -13.00
CA ILE H 185 15.72 -38.09 -12.88
C ILE H 185 15.14 -37.91 -14.28
N ASP H 186 14.18 -38.77 -14.66
CA ASP H 186 13.54 -38.75 -15.97
C ASP H 186 12.50 -37.62 -16.06
N ALA H 187 12.45 -36.93 -17.22
CA ALA H 187 11.52 -35.83 -17.46
C ALA H 187 11.06 -35.73 -18.92
N VAL H 188 9.83 -35.20 -19.12
CA VAL H 188 9.20 -35.01 -20.43
C VAL H 188 8.94 -33.51 -20.63
N ARG H 189 9.28 -32.98 -21.81
CA ARG H 189 9.09 -31.57 -22.16
C ARG H 189 7.61 -31.23 -22.35
N ASN H 190 7.19 -30.03 -21.89
CA ASN H 190 5.82 -29.52 -22.03
C ASN H 190 5.64 -29.01 -23.48
N PRO H 191 4.85 -29.70 -24.33
CA PRO H 191 4.75 -29.27 -25.75
C PRO H 191 3.57 -28.33 -26.04
N SER H 192 2.80 -27.92 -25.00
CA SER H 192 1.61 -27.06 -25.12
C SER H 192 1.87 -25.76 -25.89
N TYR H 193 3.04 -25.13 -25.70
CA TYR H 193 3.38 -23.89 -26.40
C TYR H 193 3.72 -24.16 -27.86
N TYR H 194 4.64 -25.11 -28.10
CA TYR H 194 5.13 -25.46 -29.43
C TYR H 194 4.04 -26.09 -30.33
N LEU H 195 3.04 -26.78 -29.74
CA LEU H 195 1.98 -27.39 -30.53
C LEU H 195 1.00 -26.34 -31.05
N TRP H 196 0.58 -25.41 -30.17
CA TRP H 196 -0.39 -24.37 -30.51
C TRP H 196 0.23 -23.18 -31.24
N SER H 197 1.45 -22.74 -30.87
CA SER H 197 2.09 -21.57 -31.48
C SER H 197 3.06 -21.90 -32.61
N PHE H 198 3.43 -23.17 -32.83
CA PHE H 198 4.35 -23.51 -33.92
C PHE H 198 3.85 -24.62 -34.84
N ILE H 199 3.33 -25.73 -34.29
CA ILE H 199 2.83 -26.87 -35.10
C ILE H 199 1.51 -26.48 -35.80
N LEU H 200 0.51 -26.03 -35.03
CA LEU H 200 -0.82 -25.64 -35.51
C LEU H 200 -0.78 -24.54 -36.59
N PRO H 201 -0.09 -23.36 -36.42
CA PRO H 201 -0.11 -22.36 -37.50
C PRO H 201 0.64 -22.81 -38.75
N LEU H 202 1.74 -23.59 -38.58
CA LEU H 202 2.52 -24.12 -39.69
C LEU H 202 1.67 -25.07 -40.54
N GLY H 203 0.85 -25.89 -39.87
CA GLY H 203 -0.07 -26.81 -40.52
C GLY H 203 -1.06 -26.10 -41.43
N LEU H 204 -1.53 -24.93 -40.99
CA LEU H 204 -2.47 -24.08 -41.73
C LEU H 204 -1.79 -23.44 -42.95
N ILE H 205 -0.48 -23.13 -42.86
CA ILE H 205 0.32 -22.55 -43.96
C ILE H 205 0.39 -23.57 -45.12
N ILE H 206 0.73 -24.85 -44.80
CA ILE H 206 0.84 -25.94 -45.77
C ILE H 206 -0.54 -26.28 -46.34
N ALA H 207 -1.58 -26.24 -45.49
CA ALA H 207 -2.96 -26.51 -45.92
C ALA H 207 -3.44 -25.43 -46.90
N ALA H 208 -3.14 -24.15 -46.61
CA ALA H 208 -3.49 -23.02 -47.49
C ALA H 208 -2.59 -22.99 -48.73
N SER H 209 -1.40 -23.64 -48.66
CA SER H 209 -0.46 -23.75 -49.78
C SER H 209 -1.05 -24.57 -50.93
N TRP H 210 -1.90 -25.58 -50.59
CA TRP H 210 -2.55 -26.47 -51.55
C TRP H 210 -3.75 -25.79 -52.23
N SER H 211 -4.23 -24.67 -51.67
CA SER H 211 -5.37 -23.92 -52.20
C SER H 211 -5.00 -23.07 -53.43
N VAL H 212 -3.73 -23.15 -53.88
CA VAL H 212 -3.20 -22.43 -55.04
C VAL H 212 -3.76 -23.03 -56.36
N PHE H 213 -4.19 -24.30 -56.34
CA PHE H 213 -4.73 -24.99 -57.52
C PHE H 213 -6.19 -24.62 -57.79
N TRP H 214 -6.86 -23.98 -56.81
CA TRP H 214 -8.25 -23.55 -56.96
C TRP H 214 -8.35 -22.26 -57.80
N LEU H 215 -7.18 -21.64 -58.14
CA LEU H 215 -7.09 -20.45 -59.00
C LEU H 215 -7.37 -20.84 -60.46
N GLU H 216 -7.96 -19.92 -61.24
CA GLU H 216 -8.34 -20.16 -62.63
C GLU H 216 -7.16 -19.99 -63.61
N SER H 217 -6.56 -18.78 -63.67
CA SER H 217 -5.45 -18.45 -64.59
C SER H 217 -4.12 -19.05 -64.15
N PHE H 218 -3.26 -19.40 -65.14
CA PHE H 218 -1.91 -19.94 -64.94
C PHE H 218 -1.02 -18.90 -64.28
N SER H 219 -1.13 -17.63 -64.72
CA SER H 219 -0.38 -16.49 -64.19
C SER H 219 -0.69 -16.30 -62.70
N GLU H 220 -1.96 -16.48 -62.32
CA GLU H 220 -2.46 -16.41 -60.94
C GLU H 220 -1.90 -17.58 -60.13
N ARG H 221 -1.96 -18.81 -60.69
CA ARG H 221 -1.48 -20.05 -60.08
C ARG H 221 0.03 -20.02 -59.80
N LEU H 222 0.81 -19.39 -60.70
CA LEU H 222 2.27 -19.32 -60.56
C LEU H 222 2.72 -18.21 -59.62
N GLN H 223 2.20 -16.96 -59.80
CA GLN H 223 2.59 -15.80 -58.99
C GLN H 223 2.24 -15.95 -57.50
N THR H 224 1.15 -16.69 -57.18
CA THR H 224 0.70 -16.92 -55.80
C THR H 224 1.65 -17.88 -55.09
N SER H 225 2.20 -18.89 -55.81
CA SER H 225 3.13 -19.86 -55.24
C SER H 225 4.48 -19.22 -54.84
N PHE H 226 4.81 -18.04 -55.42
CA PHE H 226 6.01 -17.28 -55.07
C PHE H 226 5.81 -16.58 -53.73
N THR H 227 4.57 -16.11 -53.47
CA THR H 227 4.16 -15.47 -52.22
C THR H 227 4.12 -16.55 -51.14
N LEU H 228 3.67 -17.77 -51.52
CA LEU H 228 3.59 -18.97 -50.67
C LEU H 228 4.99 -19.40 -50.22
N MET H 229 5.97 -19.31 -51.15
CA MET H 229 7.38 -19.63 -50.93
C MET H 229 7.97 -18.65 -49.90
N LEU H 230 7.66 -17.35 -50.06
CA LEU H 230 8.08 -16.26 -49.20
C LEU H 230 7.47 -16.39 -47.79
N THR H 231 6.26 -16.98 -47.68
CA THR H 231 5.56 -17.20 -46.41
C THR H 231 6.31 -18.25 -45.57
N VAL H 232 6.78 -19.33 -46.22
CA VAL H 232 7.52 -20.40 -45.56
C VAL H 232 8.92 -19.88 -45.14
N VAL H 233 9.56 -19.02 -45.97
CA VAL H 233 10.86 -18.39 -45.66
C VAL H 233 10.70 -17.51 -44.41
N ALA H 234 9.61 -16.71 -44.36
CA ALA H 234 9.28 -15.84 -43.22
C ALA H 234 8.96 -16.67 -41.97
N TYR H 235 8.36 -17.86 -42.15
CA TYR H 235 8.03 -18.75 -41.04
C TYR H 235 9.25 -19.51 -40.55
N ALA H 236 10.12 -19.98 -41.50
CA ALA H 236 11.37 -20.70 -41.18
C ALA H 236 12.29 -19.84 -40.33
N PHE H 237 12.26 -18.52 -40.56
CA PHE H 237 13.02 -17.52 -39.84
C PHE H 237 12.40 -17.32 -38.44
N TYR H 238 11.05 -17.24 -38.36
CA TYR H 238 10.29 -17.11 -37.12
C TYR H 238 10.53 -18.33 -36.21
N THR H 239 10.63 -19.52 -36.80
CA THR H 239 10.85 -20.79 -36.10
C THR H 239 12.26 -20.82 -35.51
N SER H 240 13.30 -20.76 -36.37
CA SER H 240 14.72 -20.85 -36.04
C SER H 240 15.20 -19.80 -35.02
N ASN H 241 14.61 -18.59 -35.00
CA ASN H 241 14.98 -17.52 -34.08
C ASN H 241 14.52 -17.79 -32.64
N ILE H 242 13.35 -18.44 -32.46
CA ILE H 242 12.78 -18.73 -31.14
C ILE H 242 13.18 -20.14 -30.67
N LEU H 243 13.12 -21.14 -31.58
CA LEU H 243 13.46 -22.54 -31.31
C LEU H 243 14.95 -22.72 -30.90
N PRO H 244 15.28 -23.72 -30.04
CA PRO H 244 16.68 -23.89 -29.60
C PRO H 244 17.63 -24.30 -30.71
N ARG H 245 18.88 -23.81 -30.63
CA ARG H 245 19.95 -24.08 -31.61
C ARG H 245 20.47 -25.51 -31.41
N LEU H 246 20.43 -26.31 -32.49
CA LEU H 246 20.84 -27.71 -32.49
C LEU H 246 21.65 -28.10 -33.74
N PRO H 247 22.55 -29.12 -33.67
CA PRO H 247 23.31 -29.51 -34.86
C PRO H 247 22.60 -30.56 -35.73
N TYR H 248 21.29 -30.77 -35.51
CA TYR H 248 20.47 -31.73 -36.25
C TYR H 248 19.02 -31.22 -36.38
N THR H 249 18.30 -31.70 -37.42
CA THR H 249 16.91 -31.31 -37.72
C THR H 249 15.91 -31.99 -36.77
N THR H 250 14.91 -31.22 -36.32
CA THR H 250 13.83 -31.67 -35.42
C THR H 250 12.56 -31.97 -36.25
N VAL H 251 11.45 -32.33 -35.56
CA VAL H 251 10.17 -32.63 -36.21
C VAL H 251 9.62 -31.35 -36.86
N ILE H 252 9.73 -30.21 -36.15
CA ILE H 252 9.30 -28.88 -36.61
C ILE H 252 10.19 -28.45 -37.80
N ASP H 253 11.51 -28.71 -37.72
CA ASP H 253 12.46 -28.39 -38.79
C ASP H 253 12.15 -29.20 -40.06
N GLN H 254 11.76 -30.49 -39.89
CA GLN H 254 11.40 -31.40 -40.98
C GLN H 254 10.11 -30.96 -41.67
N MET H 255 9.16 -30.39 -40.89
CA MET H 255 7.88 -29.87 -41.37
C MET H 255 8.09 -28.70 -42.32
N ILE H 256 9.11 -27.85 -42.03
CA ILE H 256 9.50 -26.67 -42.82
C ILE H 256 10.02 -27.13 -44.19
N ILE H 257 10.88 -28.18 -44.23
CA ILE H 257 11.46 -28.77 -45.44
C ILE H 257 10.32 -29.32 -46.32
N ALA H 258 9.32 -29.97 -45.67
CA ALA H 258 8.14 -30.54 -46.32
C ALA H 258 7.29 -29.44 -46.96
N GLY H 259 7.29 -28.26 -46.35
CA GLY H 259 6.58 -27.07 -46.83
C GLY H 259 7.20 -26.52 -48.09
N TYR H 260 8.55 -26.42 -48.11
CA TYR H 260 9.34 -25.98 -49.26
C TYR H 260 9.16 -26.93 -50.44
N GLY H 261 9.14 -28.23 -50.15
CA GLY H 261 8.97 -29.30 -51.12
C GLY H 261 7.60 -29.29 -51.76
N SER H 262 6.54 -29.04 -50.95
CA SER H 262 5.15 -28.98 -51.39
C SER H 262 4.93 -27.82 -52.38
N ILE H 263 5.58 -26.67 -52.13
CA ILE H 263 5.50 -25.48 -52.98
C ILE H 263 6.32 -25.71 -54.27
N PHE H 264 7.52 -26.31 -54.14
CA PHE H 264 8.38 -26.59 -55.29
C PHE H 264 7.75 -27.65 -56.21
N ALA H 265 7.04 -28.65 -55.64
CA ALA H 265 6.34 -29.68 -56.40
C ALA H 265 5.17 -29.05 -57.15
N ALA H 266 4.50 -28.06 -56.53
CA ALA H 266 3.38 -27.30 -57.10
C ALA H 266 3.87 -26.44 -58.26
N ILE H 267 5.04 -25.77 -58.11
CA ILE H 267 5.69 -24.92 -59.12
C ILE H 267 5.93 -25.74 -60.39
N LEU H 268 6.49 -26.96 -60.25
CA LEU H 268 6.78 -27.89 -61.35
C LEU H 268 5.51 -28.36 -62.05
N LEU H 269 4.46 -28.69 -61.27
CA LEU H 269 3.17 -29.18 -61.79
C LEU H 269 2.39 -28.09 -62.53
N ILE H 270 2.44 -26.82 -62.04
CA ILE H 270 1.75 -25.68 -62.65
C ILE H 270 2.39 -25.37 -64.03
N ILE H 271 3.74 -25.43 -64.12
CA ILE H 271 4.50 -25.21 -65.37
C ILE H 271 4.19 -26.37 -66.34
N PHE H 272 4.24 -27.63 -65.84
CA PHE H 272 3.98 -28.85 -66.61
C PHE H 272 2.57 -28.86 -67.20
N ALA H 273 1.55 -28.45 -66.41
CA ALA H 273 0.15 -28.40 -66.84
C ALA H 273 -0.04 -27.45 -68.02
N HIS H 274 0.62 -26.27 -67.98
CA HIS H 274 0.53 -25.23 -68.99
C HIS H 274 1.33 -25.54 -70.27
N HIS H 275 2.57 -26.07 -70.14
CA HIS H 275 3.43 -26.31 -71.30
C HIS H 275 3.30 -27.72 -71.90
N ARG H 276 2.77 -28.71 -71.15
CA ARG H 276 2.53 -30.03 -71.74
C ARG H 276 1.12 -29.94 -72.32
N GLN H 277 1.07 -29.53 -73.61
CA GLN H 277 -0.15 -29.24 -74.35
C GLN H 277 -0.09 -29.69 -75.82
N ALA H 278 -1.15 -29.37 -76.57
CA ALA H 278 -1.31 -29.64 -78.00
C ALA H 278 -1.49 -28.33 -78.79
N ASN H 279 -1.72 -27.20 -78.07
CA ASN H 279 -1.92 -25.87 -78.67
C ASN H 279 -1.05 -24.78 -78.02
N GLY H 280 -1.08 -24.66 -76.69
CA GLY H 280 -0.32 -23.66 -75.94
C GLY H 280 -0.79 -23.48 -74.52
N VAL H 281 -2.12 -23.29 -74.33
CA VAL H 281 -2.76 -23.09 -73.03
C VAL H 281 -3.68 -24.31 -72.72
N GLU H 282 -3.32 -25.52 -73.23
CA GLU H 282 -4.10 -26.74 -72.99
C GLU H 282 -3.66 -27.36 -71.66
N ASP H 283 -4.34 -26.95 -70.57
CA ASP H 283 -4.11 -27.44 -69.22
C ASP H 283 -4.88 -28.74 -69.04
N ASP H 284 -4.18 -29.82 -68.62
CA ASP H 284 -4.78 -31.14 -68.40
C ASP H 284 -5.79 -31.05 -67.24
N LEU H 285 -7.08 -31.23 -67.57
CA LEU H 285 -8.24 -31.12 -66.67
C LEU H 285 -8.12 -31.99 -65.40
N LEU H 286 -7.28 -33.03 -65.41
CA LEU H 286 -7.05 -33.91 -64.26
C LEU H 286 -5.83 -33.44 -63.44
N ILE H 287 -4.72 -33.05 -64.11
CA ILE H 287 -3.49 -32.61 -63.44
C ILE H 287 -3.66 -31.18 -62.87
N GLN H 288 -4.55 -30.35 -63.48
CA GLN H 288 -4.83 -29.00 -62.98
C GLN H 288 -5.78 -29.09 -61.77
N ARG H 289 -6.54 -30.22 -61.69
CA ARG H 289 -7.47 -30.53 -60.62
C ARG H 289 -6.82 -31.52 -59.66
N CYS H 290 -5.54 -31.27 -59.31
CA CYS H 290 -4.79 -32.09 -58.35
C CYS H 290 -4.98 -31.52 -56.93
N ARG H 291 -6.15 -30.86 -56.72
CA ARG H 291 -6.61 -30.22 -55.49
C ARG H 291 -6.86 -31.24 -54.37
N LEU H 292 -6.83 -32.54 -54.73
CA LEU H 292 -7.02 -33.67 -53.81
C LEU H 292 -5.98 -34.76 -54.06
N ALA H 293 -5.20 -34.68 -55.16
CA ALA H 293 -4.17 -35.67 -55.52
C ALA H 293 -2.98 -35.67 -54.55
N PHE H 294 -2.18 -34.58 -54.50
CA PHE H 294 -1.04 -34.56 -53.58
C PHE H 294 -1.41 -34.03 -52.16
N PRO H 295 -2.50 -33.26 -51.87
CA PRO H 295 -2.79 -32.90 -50.47
C PRO H 295 -2.90 -34.11 -49.56
N LEU H 296 -3.56 -35.22 -50.02
CA LEU H 296 -3.65 -36.46 -49.24
C LEU H 296 -2.35 -37.27 -49.40
N GLY H 297 -1.65 -37.03 -50.52
CA GLY H 297 -0.36 -37.65 -50.83
C GLY H 297 0.71 -37.14 -49.89
N PHE H 298 0.55 -35.87 -49.42
CA PHE H 298 1.40 -35.20 -48.45
C PHE H 298 1.23 -35.86 -47.08
N LEU H 299 -0.03 -36.26 -46.75
CA LEU H 299 -0.39 -36.96 -45.53
C LEU H 299 0.21 -38.37 -45.52
N ALA H 300 0.28 -39.01 -46.72
CA ALA H 300 0.87 -40.33 -46.92
C ALA H 300 2.38 -40.28 -46.70
N ILE H 301 3.06 -39.20 -47.20
CA ILE H 301 4.49 -38.95 -47.04
C ILE H 301 4.75 -38.57 -45.57
N GLY H 302 3.79 -37.87 -44.96
CA GLY H 302 3.82 -37.46 -43.56
C GLY H 302 3.74 -38.63 -42.59
N CYS H 303 3.01 -39.70 -42.98
CA CYS H 303 2.86 -40.92 -42.19
C CYS H 303 4.11 -41.81 -42.30
N VAL H 304 4.86 -41.69 -43.42
CA VAL H 304 6.10 -42.42 -43.69
C VAL H 304 7.21 -41.86 -42.76
N LEU H 305 7.20 -40.54 -42.52
CA LEU H 305 8.14 -39.82 -41.64
C LEU H 305 8.04 -40.30 -40.18
N VAL H 306 6.83 -40.74 -39.75
CA VAL H 306 6.53 -41.26 -38.41
C VAL H 306 7.22 -42.63 -38.23
N ILE H 307 7.17 -43.49 -39.28
CA ILE H 307 7.77 -44.83 -39.30
C ILE H 307 9.30 -44.70 -39.39
N PRO I 1 16.96 -21.62 23.65
CA PRO I 1 16.63 -21.14 22.30
C PRO I 1 16.95 -19.65 22.14
N VAL I 2 17.89 -19.34 21.24
CA VAL I 2 18.35 -17.97 20.97
C VAL I 2 17.27 -17.23 20.17
N ASP I 3 16.75 -16.12 20.73
CA ASP I 3 15.73 -15.30 20.07
C ASP I 3 16.43 -14.28 19.17
N VAL I 4 16.18 -14.37 17.85
CA VAL I 4 16.80 -13.51 16.84
C VAL I 4 15.73 -12.63 16.18
N SER I 5 15.93 -11.30 16.26
CA SER I 5 15.08 -10.27 15.66
C SER I 5 15.66 -9.92 14.30
N VAL I 6 14.87 -10.11 13.22
CA VAL I 6 15.31 -9.85 11.85
C VAL I 6 14.53 -8.65 11.27
N SER I 7 15.21 -7.85 10.41
CA SER I 7 14.64 -6.68 9.73
C SER I 7 15.20 -6.61 8.31
N ILE I 8 14.31 -6.74 7.30
CA ILE I 8 14.67 -6.71 5.88
C ILE I 8 14.29 -5.35 5.28
N PHE I 9 15.22 -4.73 4.56
CA PHE I 9 15.00 -3.43 3.91
C PHE I 9 15.09 -3.59 2.40
N ILE I 10 13.93 -3.69 1.71
CA ILE I 10 13.87 -3.86 0.26
C ILE I 10 14.17 -2.52 -0.43
N ASN I 11 15.14 -2.51 -1.35
CA ASN I 11 15.53 -1.32 -2.11
C ASN I 11 14.99 -1.36 -3.53
N LYS I 12 15.11 -2.54 -4.21
CA LYS I 12 14.69 -2.70 -5.59
C LYS I 12 14.37 -4.15 -5.92
N ILE I 13 13.22 -4.38 -6.60
CA ILE I 13 12.78 -5.67 -7.13
C ILE I 13 12.72 -5.46 -8.64
N TYR I 14 13.65 -6.10 -9.36
CA TYR I 14 13.80 -5.96 -10.81
C TYR I 14 14.25 -7.27 -11.46
N GLY I 15 14.42 -7.24 -12.78
CA GLY I 15 14.88 -8.36 -13.60
C GLY I 15 14.12 -9.66 -13.43
N VAL I 16 12.86 -9.67 -13.89
CA VAL I 16 12.01 -10.85 -13.79
C VAL I 16 12.33 -11.80 -14.96
N ASN I 17 12.83 -13.02 -14.64
CA ASN I 17 13.13 -14.06 -15.62
C ASN I 17 11.91 -14.98 -15.67
N THR I 18 11.13 -14.87 -16.75
CA THR I 18 9.88 -15.60 -16.94
C THR I 18 10.08 -17.13 -17.07
N LEU I 19 11.11 -17.57 -17.82
CA LEU I 19 11.37 -19.00 -18.01
C LEU I 19 11.89 -19.66 -16.73
N GLU I 20 12.82 -19.00 -16.02
CA GLU I 20 13.42 -19.54 -14.80
C GLU I 20 12.55 -19.28 -13.55
N GLN I 21 11.53 -18.38 -13.67
CA GLN I 21 10.63 -17.95 -12.59
C GLN I 21 11.48 -17.35 -11.45
N THR I 22 12.34 -16.38 -11.83
CA THR I 22 13.31 -15.70 -10.96
C THR I 22 13.13 -14.17 -11.03
N TYR I 23 13.54 -13.48 -9.95
CA TYR I 23 13.50 -12.02 -9.79
C TYR I 23 14.65 -11.58 -8.89
N LYS I 24 15.32 -10.46 -9.25
CA LYS I 24 16.46 -9.93 -8.49
C LYS I 24 15.97 -8.97 -7.40
N VAL I 25 16.47 -9.15 -6.16
CA VAL I 25 16.11 -8.33 -5.00
C VAL I 25 17.37 -7.75 -4.34
N ASP I 26 17.42 -6.41 -4.20
CA ASP I 26 18.50 -5.68 -3.55
C ASP I 26 18.00 -5.13 -2.23
N GLY I 27 18.75 -5.35 -1.15
CA GLY I 27 18.35 -4.90 0.18
C GLY I 27 19.38 -5.05 1.27
N TYR I 28 18.92 -4.98 2.54
CA TYR I 28 19.75 -5.10 3.75
C TYR I 28 19.13 -6.08 4.77
N ILE I 29 19.95 -6.93 5.39
CA ILE I 29 19.51 -7.86 6.45
C ILE I 29 20.04 -7.34 7.78
N VAL I 30 19.16 -7.25 8.80
CA VAL I 30 19.56 -6.80 10.13
C VAL I 30 19.13 -7.88 11.12
N ALA I 31 20.09 -8.66 11.62
CA ALA I 31 19.84 -9.74 12.58
C ALA I 31 20.43 -9.39 13.94
N GLN I 32 19.61 -9.50 15.00
CA GLN I 32 20.03 -9.15 16.35
C GLN I 32 19.74 -10.28 17.35
N TRP I 33 20.76 -10.67 18.13
CA TRP I 33 20.66 -11.68 19.18
C TRP I 33 21.39 -11.18 20.43
N THR I 34 20.77 -11.33 21.60
CA THR I 34 21.38 -10.87 22.86
C THR I 34 22.20 -12.01 23.45
N GLY I 35 23.51 -11.92 23.28
CA GLY I 35 24.45 -12.90 23.78
C GLY I 35 24.87 -12.65 25.22
N LYS I 36 26.18 -12.75 25.48
CA LYS I 36 26.74 -12.53 26.81
C LYS I 36 27.38 -11.14 26.90
N PRO I 37 27.33 -10.45 28.07
CA PRO I 37 27.92 -9.10 28.15
C PRO I 37 29.41 -9.05 27.84
N ARG I 38 29.82 -8.00 27.10
CA ARG I 38 31.19 -7.78 26.65
C ARG I 38 31.79 -6.50 27.27
N LYS I 39 33.13 -6.36 27.16
CA LYS I 39 33.85 -5.19 27.65
C LYS I 39 34.37 -4.41 26.43
N THR I 40 33.50 -3.54 25.87
CA THR I 40 33.79 -2.72 24.69
C THR I 40 34.71 -1.54 25.05
N PRO I 41 35.60 -1.07 24.14
CA PRO I 41 36.48 0.08 24.46
C PRO I 41 35.67 1.28 24.95
N GLY I 42 36.02 1.75 26.14
CA GLY I 42 35.31 2.83 26.83
C GLY I 42 34.05 2.25 27.45
N ASP I 43 32.92 2.39 26.74
CA ASP I 43 31.61 1.85 27.14
C ASP I 43 30.63 1.87 25.95
N LYS I 44 30.98 2.65 24.90
CA LYS I 44 30.19 2.80 23.67
C LYS I 44 30.20 1.49 22.84
N PRO I 45 29.10 1.13 22.10
CA PRO I 45 29.13 -0.11 21.32
C PRO I 45 30.22 -0.14 20.26
N LEU I 46 30.95 -1.27 20.18
CA LEU I 46 32.06 -1.48 19.25
C LEU I 46 31.55 -1.90 17.86
N ILE I 47 32.10 -1.29 16.81
CA ILE I 47 31.75 -1.56 15.42
C ILE I 47 32.87 -2.40 14.77
N VAL I 48 32.48 -3.51 14.13
CA VAL I 48 33.36 -4.44 13.42
C VAL I 48 32.94 -4.48 11.95
N GLU I 49 33.84 -4.12 11.02
CA GLU I 49 33.52 -4.05 9.59
C GLU I 49 34.23 -5.12 8.75
N ASN I 50 33.49 -5.64 7.75
CA ASN I 50 33.84 -6.62 6.71
C ASN I 50 34.87 -7.70 7.14
N THR I 51 36.15 -7.51 6.78
CA THR I 51 37.27 -8.43 7.01
C THR I 51 37.44 -8.79 8.50
N GLN I 52 37.30 -7.80 9.39
CA GLN I 52 37.47 -7.97 10.83
C GLN I 52 36.40 -8.88 11.48
N ILE I 53 35.22 -9.05 10.83
CA ILE I 53 34.14 -9.91 11.32
C ILE I 53 34.63 -11.37 11.38
N GLU I 54 35.33 -11.81 10.31
CA GLU I 54 35.91 -13.16 10.19
C GLU I 54 36.96 -13.41 11.28
N ARG I 55 37.76 -12.37 11.63
CA ARG I 55 38.79 -12.42 12.67
C ARG I 55 38.19 -12.66 14.06
N TRP I 56 37.03 -12.05 14.34
CA TRP I 56 36.31 -12.16 15.60
C TRP I 56 35.70 -13.56 15.79
N ILE I 57 35.20 -14.16 14.69
CA ILE I 57 34.59 -15.50 14.68
C ILE I 57 35.68 -16.54 15.03
N ASN I 58 36.90 -16.37 14.45
CA ASN I 58 38.09 -17.21 14.69
C ASN I 58 38.45 -17.22 16.17
N ASN I 59 38.29 -16.07 16.85
CA ASN I 59 38.57 -15.90 18.29
C ASN I 59 37.50 -16.58 19.14
N GLY I 60 36.27 -16.67 18.61
CA GLY I 60 35.16 -17.32 19.30
C GLY I 60 33.81 -16.64 19.25
N LEU I 61 33.59 -15.70 18.30
CA LEU I 61 32.30 -15.03 18.17
C LEU I 61 31.30 -15.92 17.46
N TRP I 62 30.11 -16.05 18.03
CA TRP I 62 29.05 -16.85 17.44
C TRP I 62 28.19 -15.99 16.50
N VAL I 63 28.38 -16.18 15.19
CA VAL I 63 27.62 -15.48 14.16
C VAL I 63 26.90 -16.57 13.34
N PRO I 64 25.59 -16.83 13.62
CA PRO I 64 24.89 -17.90 12.91
C PRO I 64 24.64 -17.60 11.43
N ALA I 65 24.82 -18.63 10.59
CA ALA I 65 24.63 -18.54 9.15
C ALA I 65 23.16 -18.67 8.81
N LEU I 66 22.54 -17.55 8.41
CA LEU I 66 21.13 -17.50 8.03
C LEU I 66 21.04 -17.58 6.51
N GLU I 67 20.44 -18.66 5.99
CA GLU I 67 20.35 -18.89 4.56
C GLU I 67 19.00 -18.48 3.95
N PHE I 68 19.05 -17.93 2.71
CA PHE I 68 17.89 -17.60 1.90
C PHE I 68 17.49 -18.87 1.17
N ILE I 69 16.37 -19.48 1.57
CA ILE I 69 15.87 -20.75 1.05
C ILE I 69 15.57 -20.67 -0.46
N ASN I 70 14.89 -19.61 -0.90
CA ASN I 70 14.47 -19.45 -2.30
C ASN I 70 15.51 -18.74 -3.20
N VAL I 71 16.73 -18.47 -2.70
CA VAL I 71 17.75 -17.79 -3.52
C VAL I 71 18.37 -18.81 -4.52
N VAL I 72 18.71 -18.31 -5.72
CA VAL I 72 19.33 -19.07 -6.80
C VAL I 72 20.85 -18.88 -6.68
N GLY I 73 21.51 -19.91 -6.15
CA GLY I 73 22.94 -19.93 -5.91
C GLY I 73 23.31 -19.18 -4.65
N SER I 74 24.39 -18.38 -4.72
CA SER I 74 24.86 -17.56 -3.60
C SER I 74 24.66 -16.07 -3.92
N PRO I 75 24.08 -15.27 -3.00
CA PRO I 75 23.86 -13.84 -3.30
C PRO I 75 25.12 -13.00 -3.16
N ASP I 76 25.13 -11.85 -3.87
CA ASP I 76 26.21 -10.88 -3.85
C ASP I 76 26.10 -10.04 -2.59
N THR I 77 26.89 -10.40 -1.56
CA THR I 77 26.91 -9.71 -0.27
C THR I 77 27.86 -8.52 -0.37
N GLY I 78 27.34 -7.34 -0.04
CA GLY I 78 28.09 -6.09 -0.05
C GLY I 78 28.85 -5.89 1.24
N ASN I 79 28.69 -4.70 1.85
CA ASN I 79 29.35 -4.36 3.10
C ASN I 79 28.73 -5.10 4.28
N LYS I 80 29.59 -5.65 5.16
CA LYS I 80 29.21 -6.39 6.36
C LYS I 80 29.53 -5.56 7.60
N ARG I 81 28.70 -5.67 8.65
CA ARG I 81 28.88 -4.91 9.88
C ARG I 81 28.42 -5.69 11.11
N LEU I 82 29.21 -5.65 12.19
CA LEU I 82 28.90 -6.26 13.48
C LEU I 82 28.96 -5.19 14.56
N MET I 83 27.81 -4.90 15.18
CA MET I 83 27.75 -3.92 16.25
C MET I 83 27.63 -4.65 17.58
N LEU I 84 28.75 -4.73 18.31
CA LEU I 84 28.82 -5.42 19.59
C LEU I 84 28.59 -4.44 20.72
N PHE I 85 27.57 -4.71 21.56
CA PHE I 85 27.19 -3.86 22.68
C PHE I 85 27.71 -4.41 24.01
N PRO I 86 28.01 -3.53 25.00
CA PRO I 86 28.54 -4.03 26.29
C PRO I 86 27.50 -4.82 27.11
N ASP I 87 26.19 -4.56 26.88
CA ASP I 87 25.12 -5.24 27.59
C ASP I 87 24.93 -6.69 27.09
N GLY I 88 25.49 -7.01 25.92
CA GLY I 88 25.44 -8.37 25.36
C GLY I 88 24.92 -8.51 23.95
N ARG I 89 23.91 -7.69 23.57
CA ARG I 89 23.24 -7.73 22.26
C ARG I 89 24.24 -7.51 21.10
N VAL I 90 24.09 -8.34 20.05
CA VAL I 90 24.94 -8.34 18.85
C VAL I 90 24.04 -8.07 17.63
N ILE I 91 24.39 -7.05 16.83
CA ILE I 91 23.62 -6.67 15.64
C ILE I 91 24.48 -6.90 14.38
N TYR I 92 23.99 -7.73 13.45
CA TYR I 92 24.64 -8.01 12.18
C TYR I 92 23.89 -7.30 11.05
N ASN I 93 24.59 -6.40 10.34
CA ASN I 93 24.03 -5.63 9.22
C ASN I 93 24.86 -5.87 7.97
N ALA I 94 24.20 -6.27 6.87
CA ALA I 94 24.87 -6.52 5.59
C ALA I 94 23.95 -6.26 4.39
N ARG I 95 24.49 -5.62 3.34
CA ARG I 95 23.76 -5.38 2.10
C ARG I 95 23.81 -6.65 1.24
N PHE I 96 22.70 -6.99 0.57
CA PHE I 96 22.63 -8.18 -0.26
C PHE I 96 21.92 -7.92 -1.59
N LEU I 97 22.30 -8.70 -2.60
CA LEU I 97 21.69 -8.73 -3.93
C LEU I 97 21.66 -10.18 -4.37
N GLY I 98 20.45 -10.72 -4.52
CA GLY I 98 20.26 -12.11 -4.92
C GLY I 98 19.11 -12.34 -5.87
N SER I 99 19.21 -13.43 -6.64
CA SER I 99 18.19 -13.86 -7.57
C SER I 99 17.30 -14.86 -6.84
N PHE I 100 16.03 -14.50 -6.59
CA PHE I 100 15.12 -15.34 -5.84
C PHE I 100 14.09 -16.01 -6.73
N SER I 101 13.72 -17.26 -6.38
CA SER I 101 12.76 -18.07 -7.11
C SER I 101 11.44 -18.23 -6.37
N ASN I 102 10.34 -18.31 -7.14
CA ASN I 102 8.96 -18.49 -6.68
C ASN I 102 8.09 -18.99 -7.82
N ASP I 103 7.03 -19.78 -7.51
CA ASP I 103 6.09 -20.30 -8.50
C ASP I 103 5.36 -19.13 -9.13
N MET I 104 5.59 -18.90 -10.44
CA MET I 104 5.00 -17.77 -11.15
C MET I 104 4.18 -18.21 -12.39
N ASP I 105 2.91 -17.79 -12.42
CA ASP I 105 1.95 -18.06 -13.50
C ASP I 105 1.85 -16.83 -14.41
N PHE I 106 2.27 -16.96 -15.67
CA PHE I 106 2.22 -15.88 -16.65
C PHE I 106 1.22 -16.19 -17.78
N ARG I 107 0.21 -17.02 -17.47
CA ARG I 107 -0.83 -17.48 -18.43
C ARG I 107 -1.67 -16.34 -18.99
N LEU I 108 -2.17 -15.44 -18.11
CA LEU I 108 -3.02 -14.32 -18.51
C LEU I 108 -2.20 -13.02 -18.69
N PHE I 109 -1.07 -13.14 -19.41
CA PHE I 109 -0.17 -12.04 -19.77
C PHE I 109 -0.85 -11.12 -20.80
N PRO I 110 -0.68 -9.78 -20.77
CA PRO I 110 0.15 -8.97 -19.87
C PRO I 110 -0.55 -8.52 -18.58
N PHE I 111 -1.70 -9.13 -18.26
CA PHE I 111 -2.48 -8.78 -17.07
C PHE I 111 -2.15 -9.76 -15.91
N ASP I 112 -0.85 -9.92 -15.61
CA ASP I 112 -0.30 -10.80 -14.57
C ASP I 112 -0.58 -10.32 -13.16
N ARG I 113 -0.62 -11.28 -12.21
CA ARG I 113 -0.77 -11.07 -10.78
C ARG I 113 0.30 -11.93 -10.08
N GLN I 114 1.45 -11.32 -9.76
CA GLN I 114 2.60 -12.04 -9.19
C GLN I 114 3.01 -11.52 -7.82
N GLN I 115 3.51 -12.41 -6.95
CA GLN I 115 3.97 -12.03 -5.62
C GLN I 115 5.44 -12.42 -5.42
N PHE I 116 6.28 -11.45 -5.03
CA PHE I 116 7.71 -11.64 -4.80
C PHE I 116 7.91 -12.11 -3.36
N VAL I 117 8.42 -13.33 -3.21
CA VAL I 117 8.62 -14.00 -1.91
C VAL I 117 10.12 -14.04 -1.53
N LEU I 118 10.39 -13.94 -0.21
CA LEU I 118 11.70 -14.04 0.42
C LEU I 118 11.60 -15.00 1.60
N GLU I 119 12.44 -16.04 1.63
CA GLU I 119 12.39 -17.04 2.70
C GLU I 119 13.73 -17.13 3.44
N LEU I 120 13.72 -16.83 4.74
CA LEU I 120 14.91 -16.88 5.61
C LEU I 120 14.79 -18.00 6.64
N GLU I 121 15.89 -18.74 6.85
CA GLU I 121 15.95 -19.88 7.78
C GLU I 121 17.40 -20.14 8.22
N PRO I 122 17.68 -20.45 9.51
CA PRO I 122 19.06 -20.76 9.92
C PRO I 122 19.53 -22.06 9.27
N PHE I 123 20.76 -22.06 8.73
CA PHE I 123 21.32 -23.19 8.01
C PHE I 123 21.66 -24.39 8.90
N SER I 124 22.11 -24.17 10.15
CA SER I 124 22.54 -25.28 10.99
C SER I 124 21.72 -25.48 12.26
N TYR I 125 21.33 -24.39 12.93
CA TYR I 125 20.62 -24.45 14.21
C TYR I 125 19.10 -24.56 14.02
N ASN I 126 18.48 -25.53 14.73
CA ASN I 126 17.05 -25.83 14.69
C ASN I 126 16.25 -24.84 15.57
N ASN I 127 14.90 -25.01 15.64
CA ASN I 127 13.97 -24.16 16.40
C ASN I 127 14.25 -24.16 17.92
N GLN I 128 14.82 -25.27 18.45
CA GLN I 128 15.16 -25.41 19.86
C GLN I 128 16.49 -24.72 20.19
N GLN I 129 17.33 -24.47 19.16
CA GLN I 129 18.62 -23.80 19.28
C GLN I 129 18.50 -22.32 18.91
N LEU I 130 17.87 -22.03 17.74
CA LEU I 130 17.67 -20.68 17.22
C LEU I 130 16.21 -20.47 16.83
N ARG I 131 15.59 -19.41 17.39
CA ARG I 131 14.20 -19.06 17.14
C ARG I 131 14.10 -17.62 16.62
N PHE I 132 13.25 -17.39 15.61
CA PHE I 132 13.02 -16.05 15.07
C PHE I 132 11.93 -15.39 15.89
N SER I 133 12.31 -14.41 16.73
CA SER I 133 11.41 -13.69 17.63
C SER I 133 10.41 -12.82 16.87
N ASP I 134 10.88 -11.92 15.98
CA ASP I 134 10.04 -11.03 15.18
C ASP I 134 10.74 -10.59 13.89
N ILE I 135 9.94 -10.24 12.88
CA ILE I 135 10.44 -9.78 11.58
C ILE I 135 9.58 -8.63 11.05
N GLN I 136 10.25 -7.60 10.51
CA GLN I 136 9.61 -6.41 9.92
C GLN I 136 10.33 -6.01 8.63
N VAL I 137 9.56 -5.82 7.55
CA VAL I 137 10.05 -5.47 6.22
C VAL I 137 9.75 -4.00 5.95
N TYR I 138 10.71 -3.30 5.31
CA TYR I 138 10.56 -1.90 4.98
C TYR I 138 10.74 -1.68 3.48
N THR I 139 9.62 -1.59 2.75
CA THR I 139 9.58 -1.36 1.32
C THR I 139 9.44 0.16 1.13
N GLU I 140 10.58 0.86 1.06
CA GLU I 140 10.66 2.31 0.92
C GLU I 140 10.41 2.75 -0.54
N ASN I 141 9.50 2.03 -1.23
CA ASN I 141 9.11 2.28 -2.62
C ASN I 141 7.71 2.89 -2.65
N ILE I 142 7.61 4.11 -3.23
CA ILE I 142 6.35 4.86 -3.34
C ILE I 142 6.37 5.81 -4.54
N ASP I 143 5.18 6.06 -5.15
CA ASP I 143 4.94 6.95 -6.31
C ASP I 143 5.63 6.46 -7.61
N ASN I 144 5.35 7.14 -8.74
CA ASN I 144 5.87 6.89 -10.10
C ASN I 144 5.60 5.44 -10.55
N GLU I 145 4.33 5.02 -10.47
CA GLU I 145 3.88 3.68 -10.84
C GLU I 145 3.89 3.50 -12.37
N GLU I 146 3.48 4.54 -13.12
CA GLU I 146 3.41 4.56 -14.59
C GLU I 146 4.80 4.46 -15.26
N ILE I 147 5.88 4.73 -14.50
CA ILE I 147 7.27 4.64 -14.95
C ILE I 147 7.80 3.21 -14.72
N ASP I 148 7.47 2.62 -13.56
CA ASP I 148 7.90 1.27 -13.19
C ASP I 148 7.11 0.20 -13.95
N GLU I 149 7.77 -0.93 -14.23
CA GLU I 149 7.22 -2.09 -14.94
C GLU I 149 6.14 -2.80 -14.12
N TRP I 150 6.31 -2.86 -12.79
CA TRP I 150 5.39 -3.53 -11.87
C TRP I 150 4.75 -2.56 -10.87
N TRP I 151 3.46 -2.78 -10.50
CA TRP I 151 2.71 -1.99 -9.51
C TRP I 151 2.52 -2.80 -8.23
N ILE I 152 3.17 -2.38 -7.12
CA ILE I 152 3.09 -3.07 -5.83
C ILE I 152 1.77 -2.71 -5.13
N ARG I 153 1.00 -3.74 -4.70
CA ARG I 153 -0.31 -3.59 -4.06
C ARG I 153 -0.19 -3.41 -2.54
N GLY I 154 0.37 -4.40 -1.86
CA GLY I 154 0.52 -4.40 -0.40
C GLY I 154 1.84 -3.86 0.09
N LYS I 155 1.86 -3.41 1.36
CA LYS I 155 3.03 -2.84 2.03
C LYS I 155 4.14 -3.89 2.15
N ALA I 156 3.86 -5.03 2.82
CA ALA I 156 4.76 -6.17 3.04
C ALA I 156 4.12 -7.16 4.00
N SER I 157 3.76 -8.35 3.50
CA SER I 157 3.15 -9.40 4.30
C SER I 157 4.22 -10.38 4.79
N THR I 158 4.18 -10.73 6.09
CA THR I 158 5.16 -11.63 6.70
C THR I 158 4.51 -12.81 7.41
N HIS I 159 5.33 -13.85 7.73
CA HIS I 159 4.89 -15.07 8.41
C HIS I 159 6.08 -15.86 8.97
N ILE I 160 6.14 -16.00 10.31
CA ILE I 160 7.15 -16.80 11.00
C ILE I 160 6.49 -18.14 11.33
N SER I 161 7.06 -19.24 10.83
CA SER I 161 6.52 -20.59 11.02
C SER I 161 7.63 -21.61 11.23
N ASP I 162 7.29 -22.73 11.88
CA ASP I 162 8.23 -23.82 12.12
C ASP I 162 8.05 -24.88 11.04
N ILE I 163 9.11 -25.09 10.24
CA ILE I 163 9.12 -26.04 9.13
C ILE I 163 9.72 -27.36 9.62
N ARG I 164 8.99 -28.45 9.43
CA ARG I 164 9.39 -29.80 9.80
C ARG I 164 9.76 -30.58 8.55
N TYR I 165 10.97 -31.16 8.53
CA TYR I 165 11.49 -31.93 7.40
C TYR I 165 11.20 -33.42 7.60
N ASP I 166 10.77 -34.10 6.53
CA ASP I 166 10.44 -35.53 6.51
C ASP I 166 11.68 -36.39 6.72
N HIS I 167 12.74 -36.15 5.91
CA HIS I 167 14.08 -36.78 5.86
C HIS I 167 14.09 -38.33 5.84
N LEU I 168 13.30 -39.02 6.70
CA LEU I 168 13.18 -40.47 6.88
C LEU I 168 14.45 -41.04 7.55
N SER I 169 14.26 -41.69 8.72
CA SER I 169 15.27 -42.32 9.60
C SER I 169 16.35 -41.31 10.06
N SER I 170 17.53 -41.27 9.38
CA SER I 170 18.69 -40.40 9.66
C SER I 170 19.24 -40.57 11.11
N VAL I 171 19.97 -39.56 11.63
CA VAL I 171 20.57 -39.58 12.97
C VAL I 171 19.75 -38.73 13.96
N GLN I 172 19.27 -37.54 13.53
CA GLN I 172 18.47 -36.64 14.36
C GLN I 172 17.02 -37.15 14.50
N PRO I 173 16.53 -37.42 15.74
CA PRO I 173 15.17 -37.96 15.89
C PRO I 173 14.10 -36.86 15.93
N ASN I 174 13.83 -36.26 17.12
CA ASN I 174 12.83 -35.21 17.33
C ASN I 174 13.27 -33.86 16.76
N GLN I 175 14.57 -33.51 16.91
CA GLN I 175 15.15 -32.25 16.43
C GLN I 175 15.19 -32.22 14.89
N ASN I 176 14.06 -31.86 14.27
CA ASN I 176 13.88 -31.77 12.81
C ASN I 176 12.95 -30.59 12.43
N GLU I 177 12.82 -29.61 13.35
CA GLU I 177 11.97 -28.43 13.17
C GLU I 177 12.83 -27.16 13.14
N PHE I 178 12.63 -26.30 12.12
CA PHE I 178 13.37 -25.05 11.92
C PHE I 178 12.44 -23.84 11.75
N SER I 179 12.75 -22.71 12.41
CA SER I 179 11.96 -21.49 12.30
C SER I 179 12.28 -20.79 10.96
N ARG I 180 11.24 -20.42 10.19
CA ARG I 180 11.40 -19.80 8.87
C ARG I 180 10.55 -18.54 8.72
N ILE I 181 11.20 -17.46 8.24
CA ILE I 181 10.57 -16.18 7.93
C ILE I 181 10.18 -16.19 6.45
N THR I 182 8.91 -15.89 6.16
CA THR I 182 8.42 -15.84 4.78
C THR I 182 7.87 -14.43 4.54
N VAL I 183 8.48 -13.71 3.60
CA VAL I 183 8.12 -12.35 3.21
C VAL I 183 7.44 -12.38 1.84
N ARG I 184 6.24 -11.78 1.73
CA ARG I 184 5.45 -11.75 0.49
C ARG I 184 5.10 -10.32 0.09
N ILE I 185 5.45 -9.94 -1.15
CA ILE I 185 5.19 -8.62 -1.72
C ILE I 185 4.39 -8.84 -3.01
N ASP I 186 3.08 -8.55 -2.98
CA ASP I 186 2.19 -8.75 -4.12
C ASP I 186 2.31 -7.61 -5.13
N ALA I 187 2.24 -7.92 -6.43
CA ALA I 187 2.38 -6.94 -7.52
C ALA I 187 1.49 -7.23 -8.74
N VAL I 188 1.22 -6.18 -9.54
CA VAL I 188 0.42 -6.23 -10.78
C VAL I 188 1.26 -5.63 -11.94
N ARG I 189 1.33 -6.33 -13.09
CA ARG I 189 2.10 -5.87 -14.27
C ARG I 189 1.40 -4.67 -14.96
N ASN I 190 2.21 -3.69 -15.40
CA ASN I 190 1.76 -2.50 -16.13
C ASN I 190 1.50 -2.90 -17.60
N PRO I 191 0.22 -2.94 -18.06
CA PRO I 191 -0.05 -3.41 -19.44
C PRO I 191 -0.12 -2.30 -20.50
N SER I 192 0.14 -1.03 -20.12
CA SER I 192 0.08 0.15 -20.99
C SER I 192 0.91 0.01 -22.28
N TYR I 193 2.10 -0.63 -22.21
CA TYR I 193 2.94 -0.82 -23.41
C TYR I 193 2.36 -1.91 -24.31
N TYR I 194 2.07 -3.08 -23.73
CA TYR I 194 1.56 -4.26 -24.44
C TYR I 194 0.16 -4.05 -25.03
N LEU I 195 -0.67 -3.18 -24.41
CA LEU I 195 -2.02 -2.92 -24.92
C LEU I 195 -1.98 -2.02 -26.17
N TRP I 196 -1.17 -0.96 -26.13
CA TRP I 196 -1.05 0.01 -27.22
C TRP I 196 -0.11 -0.46 -28.34
N SER I 197 1.02 -1.11 -28.01
CA SER I 197 2.00 -1.54 -29.02
C SER I 197 1.85 -3.00 -29.49
N PHE I 198 1.01 -3.82 -28.83
CA PHE I 198 0.85 -5.21 -29.26
C PHE I 198 -0.62 -5.62 -29.45
N ILE I 199 -1.51 -5.30 -28.50
CA ILE I 199 -2.93 -5.68 -28.58
C ILE I 199 -3.63 -4.84 -29.66
N LEU I 200 -3.55 -3.49 -29.55
CA LEU I 200 -4.17 -2.53 -30.47
C LEU I 200 -3.75 -2.74 -31.94
N PRO I 201 -2.45 -2.82 -32.33
CA PRO I 201 -2.14 -3.00 -33.77
C PRO I 201 -2.55 -4.37 -34.29
N LEU I 202 -2.48 -5.44 -33.45
CA LEU I 202 -2.89 -6.79 -33.81
C LEU I 202 -4.39 -6.82 -34.11
N GLY I 203 -5.17 -6.11 -33.31
CA GLY I 203 -6.61 -5.98 -33.47
C GLY I 203 -6.98 -5.39 -34.83
N LEU I 204 -6.18 -4.40 -35.29
CA LEU I 204 -6.35 -3.73 -36.59
C LEU I 204 -6.01 -4.67 -37.74
N ILE I 205 -5.03 -5.59 -37.54
CA ILE I 205 -4.62 -6.59 -38.55
C ILE I 205 -5.80 -7.54 -38.82
N ILE I 206 -6.42 -8.08 -37.76
CA ILE I 206 -7.56 -9.00 -37.82
C ILE I 206 -8.80 -8.28 -38.38
N ALA I 207 -8.98 -6.99 -38.00
CA ALA I 207 -10.10 -6.18 -38.48
C ALA I 207 -9.98 -5.92 -39.97
N ALA I 208 -8.74 -5.61 -40.46
CA ALA I 208 -8.46 -5.39 -41.87
C ALA I 208 -8.46 -6.72 -42.64
N SER I 209 -8.28 -7.86 -41.94
CA SER I 209 -8.30 -9.20 -42.51
C SER I 209 -9.70 -9.55 -43.03
N TRP I 210 -10.75 -9.03 -42.36
CA TRP I 210 -12.16 -9.26 -42.72
C TRP I 210 -12.59 -8.40 -43.91
N SER I 211 -11.78 -7.38 -44.27
CA SER I 211 -12.07 -6.47 -45.39
C SER I 211 -11.76 -7.10 -46.76
N VAL I 212 -11.31 -8.38 -46.76
CA VAL I 212 -10.98 -9.16 -47.96
C VAL I 212 -12.28 -9.53 -48.74
N PHE I 213 -13.43 -9.54 -48.03
CA PHE I 213 -14.74 -9.90 -48.58
C PHE I 213 -15.41 -8.74 -49.34
N TRP I 214 -14.88 -7.51 -49.22
CA TRP I 214 -15.40 -6.36 -49.94
C TRP I 214 -14.86 -6.33 -51.38
N LEU I 215 -13.87 -7.19 -51.72
CA LEU I 215 -13.28 -7.33 -53.07
C LEU I 215 -14.32 -7.94 -54.01
N GLU I 216 -14.27 -7.56 -55.30
CA GLU I 216 -15.23 -8.01 -56.31
C GLU I 216 -14.87 -9.39 -56.89
N SER I 217 -13.69 -9.51 -57.52
CA SER I 217 -13.23 -10.75 -58.17
C SER I 217 -12.77 -11.81 -57.17
N PHE I 218 -12.98 -13.11 -57.53
CA PHE I 218 -12.58 -14.28 -56.74
C PHE I 218 -11.05 -14.37 -56.65
N SER I 219 -10.35 -14.05 -57.77
CA SER I 219 -8.90 -14.04 -57.87
C SER I 219 -8.31 -13.01 -56.92
N GLU I 220 -8.98 -11.83 -56.81
CA GLU I 220 -8.61 -10.74 -55.91
C GLU I 220 -8.82 -11.16 -54.46
N ARG I 221 -9.99 -11.78 -54.17
CA ARG I 221 -10.39 -12.27 -52.85
C ARG I 221 -9.44 -13.34 -52.30
N LEU I 222 -8.91 -14.22 -53.18
CA LEU I 222 -8.03 -15.30 -52.78
C LEU I 222 -6.57 -14.85 -52.63
N GLN I 223 -6.02 -14.12 -53.62
CA GLN I 223 -4.63 -13.66 -53.62
C GLN I 223 -4.31 -12.70 -52.46
N THR I 224 -5.30 -11.89 -52.04
CA THR I 224 -5.14 -10.91 -50.94
C THR I 224 -5.03 -11.64 -49.59
N SER I 225 -5.78 -12.77 -49.41
CA SER I 225 -5.75 -13.56 -48.17
C SER I 225 -4.39 -14.24 -47.95
N PHE I 226 -3.58 -14.41 -49.03
CA PHE I 226 -2.23 -14.98 -48.93
C PHE I 226 -1.26 -13.92 -48.37
N THR I 227 -1.48 -12.64 -48.74
CA THR I 227 -0.72 -11.49 -48.26
C THR I 227 -1.09 -11.27 -46.78
N LEU I 228 -2.39 -11.47 -46.45
CA LEU I 228 -2.96 -11.38 -45.10
C LEU I 228 -2.33 -12.43 -44.18
N MET I 229 -2.11 -13.64 -44.72
CA MET I 229 -1.48 -14.78 -44.02
C MET I 229 -0.04 -14.43 -43.68
N LEU I 230 0.68 -13.83 -44.65
CA LEU I 230 2.08 -13.40 -44.54
C LEU I 230 2.23 -12.25 -43.52
N THR I 231 1.18 -11.41 -43.37
CA THR I 231 1.16 -10.28 -42.43
C THR I 231 1.12 -10.80 -40.98
N VAL I 232 0.33 -11.86 -40.72
CA VAL I 232 0.20 -12.48 -39.39
C VAL I 232 1.52 -13.21 -39.06
N VAL I 233 2.17 -13.85 -40.06
CA VAL I 233 3.46 -14.56 -39.89
C VAL I 233 4.52 -13.52 -39.48
N ALA I 234 4.54 -12.36 -40.17
CA ALA I 234 5.45 -11.26 -39.89
C ALA I 234 5.19 -10.64 -38.51
N TYR I 235 3.91 -10.62 -38.08
CA TYR I 235 3.52 -10.09 -36.78
C TYR I 235 3.83 -11.09 -35.66
N ALA I 236 3.57 -12.41 -35.90
CA ALA I 236 3.85 -13.50 -34.94
C ALA I 236 5.32 -13.53 -34.57
N PHE I 237 6.18 -13.20 -35.55
CA PHE I 237 7.63 -13.11 -35.40
C PHE I 237 7.98 -11.87 -34.59
N TYR I 238 7.34 -10.71 -34.89
CA TYR I 238 7.53 -9.44 -34.19
C TYR I 238 7.13 -9.57 -32.69
N THR I 239 6.05 -10.34 -32.42
CA THR I 239 5.54 -10.59 -31.08
C THR I 239 6.52 -11.45 -30.27
N SER I 240 6.78 -12.68 -30.73
CA SER I 240 7.64 -13.68 -30.10
C SER I 240 9.08 -13.22 -29.81
N ASN I 241 9.64 -12.33 -30.67
CA ASN I 241 11.00 -11.82 -30.51
C ASN I 241 11.13 -10.81 -29.35
N ILE I 242 10.08 -10.01 -29.10
CA ILE I 242 10.08 -8.98 -28.03
C ILE I 242 9.45 -9.54 -26.74
N LEU I 243 8.32 -10.26 -26.86
CA LEU I 243 7.59 -10.86 -25.73
C LEU I 243 8.43 -11.91 -24.97
N PRO I 244 8.21 -12.08 -23.64
CA PRO I 244 9.03 -13.04 -22.88
C PRO I 244 8.80 -14.49 -23.28
N ARG I 245 9.88 -15.29 -23.25
CA ARG I 245 9.88 -16.72 -23.59
C ARG I 245 9.20 -17.52 -22.47
N LEU I 246 8.18 -18.30 -22.83
CA LEU I 246 7.39 -19.10 -21.88
C LEU I 246 7.05 -20.50 -22.43
N PRO I 247 6.85 -21.53 -21.55
CA PRO I 247 6.50 -22.87 -22.06
C PRO I 247 5.01 -23.09 -22.26
N TYR I 248 4.21 -21.99 -22.26
CA TYR I 248 2.75 -22.03 -22.45
C TYR I 248 2.26 -20.77 -23.19
N THR I 249 1.11 -20.87 -23.88
CA THR I 249 0.52 -19.79 -24.66
C THR I 249 -0.15 -18.73 -23.76
N THR I 250 0.03 -17.45 -24.11
CA THR I 250 -0.53 -16.30 -23.39
C THR I 250 -1.78 -15.80 -24.15
N VAL I 251 -2.39 -14.69 -23.67
CA VAL I 251 -3.57 -14.07 -24.29
C VAL I 251 -3.19 -13.52 -25.69
N ILE I 252 -2.01 -12.89 -25.78
CA ILE I 252 -1.46 -12.32 -27.02
C ILE I 252 -1.12 -13.47 -27.99
N ASP I 253 -0.57 -14.58 -27.47
CA ASP I 253 -0.23 -15.77 -28.27
C ASP I 253 -1.49 -16.41 -28.84
N GLN I 254 -2.59 -16.45 -28.04
CA GLN I 254 -3.89 -17.00 -28.44
C GLN I 254 -4.56 -16.14 -29.51
N MET I 255 -4.34 -14.81 -29.46
CA MET I 255 -4.86 -13.84 -30.43
C MET I 255 -4.25 -14.08 -31.82
N ILE I 256 -2.97 -14.48 -31.86
CA ILE I 256 -2.20 -14.79 -33.08
C ILE I 256 -2.81 -16.03 -33.76
N ILE I 257 -3.12 -17.09 -32.96
CA ILE I 257 -3.73 -18.35 -33.43
C ILE I 257 -5.12 -18.05 -34.02
N ALA I 258 -5.88 -17.15 -33.37
CA ALA I 258 -7.20 -16.69 -33.80
C ALA I 258 -7.11 -15.95 -35.13
N GLY I 259 -6.00 -15.24 -35.36
CA GLY I 259 -5.71 -14.52 -36.61
C GLY I 259 -5.48 -15.46 -37.77
N TYR I 260 -4.69 -16.54 -37.53
CA TYR I 260 -4.40 -17.59 -38.52
C TYR I 260 -5.68 -18.33 -38.90
N GLY I 261 -6.52 -18.59 -37.90
CA GLY I 261 -7.81 -19.27 -38.04
C GLY I 261 -8.80 -18.47 -38.85
N SER I 262 -8.85 -17.14 -38.61
CA SER I 262 -9.74 -16.19 -39.31
C SER I 262 -9.43 -16.14 -40.81
N ILE I 263 -8.13 -16.17 -41.17
CA ILE I 263 -7.66 -16.15 -42.55
C ILE I 263 -7.92 -17.52 -43.21
N PHE I 264 -7.66 -18.61 -42.47
CA PHE I 264 -7.88 -19.97 -42.99
C PHE I 264 -9.37 -20.24 -43.19
N ALA I 265 -10.25 -19.70 -42.32
CA ALA I 265 -11.70 -19.83 -42.44
C ALA I 265 -12.19 -19.05 -43.67
N ALA I 266 -11.56 -17.89 -43.94
CA ALA I 266 -11.84 -17.03 -45.09
C ALA I 266 -11.44 -17.73 -46.39
N ILE I 267 -10.25 -18.39 -46.41
CA ILE I 267 -9.71 -19.15 -47.54
C ILE I 267 -10.72 -20.23 -47.96
N LEU I 268 -11.25 -21.00 -46.98
CA LEU I 268 -12.23 -22.07 -47.20
C LEU I 268 -13.56 -21.53 -47.73
N LEU I 269 -14.04 -20.39 -47.19
CA LEU I 269 -15.29 -19.77 -47.59
C LEU I 269 -15.23 -19.16 -48.99
N ILE I 270 -14.08 -18.56 -49.38
CA ILE I 270 -13.86 -17.94 -50.70
C ILE I 270 -13.85 -19.06 -51.78
N ILE I 271 -13.25 -20.23 -51.48
CA ILE I 271 -13.20 -21.40 -52.36
C ILE I 271 -14.61 -22.02 -52.48
N PHE I 272 -15.33 -22.14 -51.34
CA PHE I 272 -16.68 -22.70 -51.27
C PHE I 272 -17.69 -21.86 -52.04
N ALA I 273 -17.59 -20.52 -51.99
CA ALA I 273 -18.48 -19.60 -52.70
C ALA I 273 -18.37 -19.76 -54.22
N HIS I 274 -17.15 -19.95 -54.72
CA HIS I 274 -16.84 -20.07 -56.14
C HIS I 274 -17.15 -21.45 -56.74
N HIS I 275 -16.95 -22.54 -55.97
CA HIS I 275 -17.15 -23.90 -56.50
C HIS I 275 -18.48 -24.57 -56.08
N ARG I 276 -19.15 -24.12 -55.00
CA ARG I 276 -20.47 -24.67 -54.66
C ARG I 276 -21.48 -23.81 -55.44
N GLN I 277 -21.76 -24.26 -56.67
CA GLN I 277 -22.59 -23.55 -57.64
C GLN I 277 -23.54 -24.48 -58.43
N ALA I 278 -24.34 -23.88 -59.34
CA ALA I 278 -25.29 -24.55 -60.21
C ALA I 278 -24.94 -24.34 -61.70
N ASN I 279 -23.98 -23.43 -61.99
CA ASN I 279 -23.53 -23.11 -63.34
C ASN I 279 -22.00 -23.14 -63.47
N GLY I 280 -21.29 -22.47 -62.56
CA GLY I 280 -19.83 -22.41 -62.56
C GLY I 280 -19.26 -21.29 -61.71
N VAL I 281 -19.76 -20.05 -61.93
CA VAL I 281 -19.33 -18.85 -61.20
C VAL I 281 -20.53 -18.31 -60.37
N GLU I 282 -21.43 -19.21 -59.94
CA GLU I 282 -22.59 -18.85 -59.11
C GLU I 282 -22.12 -18.69 -57.66
N ASP I 283 -21.62 -17.50 -57.31
CA ASP I 283 -21.16 -17.18 -55.96
C ASP I 283 -22.37 -16.84 -55.11
N ASP I 284 -22.62 -17.63 -54.03
CA ASP I 284 -23.76 -17.47 -53.12
C ASP I 284 -23.79 -16.04 -52.55
N LEU I 285 -24.80 -15.25 -52.97
CA LEU I 285 -25.03 -13.85 -52.63
C LEU I 285 -24.92 -13.57 -51.12
N LEU I 286 -25.41 -14.49 -50.27
CA LEU I 286 -25.38 -14.37 -48.81
C LEU I 286 -24.03 -14.80 -48.23
N ILE I 287 -23.41 -15.86 -48.76
CA ILE I 287 -22.12 -16.34 -48.24
C ILE I 287 -20.96 -15.43 -48.72
N GLN I 288 -21.13 -14.73 -49.88
CA GLN I 288 -20.11 -13.79 -50.38
C GLN I 288 -20.20 -12.48 -49.60
N ARG I 289 -21.41 -12.18 -49.06
CA ARG I 289 -21.68 -10.99 -48.26
C ARG I 289 -21.63 -11.37 -46.77
N CYS I 290 -20.61 -12.16 -46.39
CA CYS I 290 -20.38 -12.54 -45.00
C CYS I 290 -19.47 -11.50 -44.33
N ARG I 291 -19.54 -10.24 -44.84
CA ARG I 291 -18.83 -9.04 -44.43
C ARG I 291 -19.22 -8.61 -43.01
N LEU I 292 -20.28 -9.21 -42.47
CA LEU I 292 -20.81 -8.94 -41.13
C LEU I 292 -21.14 -10.24 -40.39
N ALA I 293 -21.13 -11.41 -41.10
CA ALA I 293 -21.44 -12.72 -40.51
C ALA I 293 -20.38 -13.20 -39.51
N PHE I 294 -19.12 -13.45 -39.95
CA PHE I 294 -18.11 -13.90 -39.00
C PHE I 294 -17.32 -12.72 -38.33
N PRO I 295 -17.24 -11.45 -38.85
CA PRO I 295 -16.54 -10.39 -38.09
C PRO I 295 -17.11 -10.22 -36.67
N LEU I 296 -18.45 -10.32 -36.50
CA LEU I 296 -19.07 -10.25 -35.16
C LEU I 296 -19.04 -11.64 -34.50
N GLY I 297 -18.97 -12.69 -35.34
CA GLY I 297 -18.89 -14.09 -34.91
C GLY I 297 -17.55 -14.36 -34.26
N PHE I 298 -16.51 -13.63 -34.70
CA PHE I 298 -15.15 -13.67 -34.17
C PHE I 298 -15.15 -13.06 -32.76
N LEU I 299 -15.96 -12.00 -32.56
CA LEU I 299 -16.15 -11.32 -31.28
C LEU I 299 -16.86 -12.23 -30.30
N ALA I 300 -17.82 -13.06 -30.80
CA ALA I 300 -18.58 -14.04 -30.03
C ALA I 300 -17.65 -15.17 -29.56
N ILE I 301 -16.73 -15.63 -30.44
CA ILE I 301 -15.73 -16.67 -30.15
C ILE I 301 -14.67 -16.05 -29.19
N GLY I 302 -14.40 -14.77 -29.36
CA GLY I 302 -13.48 -13.99 -28.53
C GLY I 302 -13.97 -13.82 -27.11
N CYS I 303 -15.31 -13.73 -26.92
CA CYS I 303 -15.94 -13.59 -25.62
C CYS I 303 -16.00 -14.94 -24.88
N VAL I 304 -16.00 -16.06 -25.65
CA VAL I 304 -16.01 -17.43 -25.12
C VAL I 304 -14.62 -17.74 -24.51
N LEU I 305 -13.54 -17.21 -25.13
CA LEU I 305 -12.15 -17.35 -24.68
C LEU I 305 -11.92 -16.71 -23.30
N VAL I 306 -12.69 -15.65 -22.98
CA VAL I 306 -12.64 -14.91 -21.70
C VAL I 306 -13.22 -15.81 -20.58
N ILE I 307 -14.33 -16.53 -20.88
CA ILE I 307 -15.02 -17.44 -19.95
C ILE I 307 -14.17 -18.70 -19.75
N PRO J 1 33.28 14.12 15.92
CA PRO J 1 32.89 13.85 14.53
C PRO J 1 34.07 13.98 13.58
N VAL J 2 34.44 12.86 12.92
CA VAL J 2 35.57 12.80 12.00
C VAL J 2 35.18 13.49 10.68
N ASP J 3 35.92 14.54 10.30
CA ASP J 3 35.68 15.28 9.06
C ASP J 3 36.43 14.58 7.93
N VAL J 4 35.68 14.09 6.93
CA VAL J 4 36.24 13.36 5.79
C VAL J 4 36.01 14.16 4.49
N SER J 5 37.11 14.49 3.79
CA SER J 5 37.09 15.20 2.52
C SER J 5 37.17 14.19 1.39
N VAL J 6 36.13 14.16 0.54
CA VAL J 6 36.02 13.21 -0.57
C VAL J 6 36.23 13.91 -1.92
N SER J 7 36.83 13.19 -2.89
CA SER J 7 37.09 13.66 -4.25
C SER J 7 36.87 12.51 -5.23
N ILE J 8 35.88 12.67 -6.13
CA ILE J 8 35.52 11.65 -7.13
C ILE J 8 36.06 12.09 -8.50
N PHE J 9 36.73 11.18 -9.21
CA PHE J 9 37.29 11.44 -10.53
C PHE J 9 36.61 10.53 -11.55
N ILE J 10 35.62 11.07 -12.29
CA ILE J 10 34.87 10.32 -13.32
C ILE J 10 35.73 10.15 -14.58
N ASN J 11 35.90 8.89 -15.03
CA ASN J 11 36.68 8.56 -16.23
C ASN J 11 35.76 8.25 -17.41
N LYS J 12 34.71 7.43 -17.17
CA LYS J 12 33.79 6.99 -18.22
C LYS J 12 32.41 6.61 -17.66
N ILE J 13 31.35 7.11 -18.31
CA ILE J 13 29.95 6.77 -18.03
C ILE J 13 29.45 6.11 -19.31
N TYR J 14 29.20 4.79 -19.24
CA TYR J 14 28.79 3.97 -20.38
C TYR J 14 27.81 2.87 -19.95
N GLY J 15 27.37 2.06 -20.92
CA GLY J 15 26.49 0.91 -20.74
C GLY J 15 25.19 1.21 -20.01
N VAL J 16 24.30 1.97 -20.66
CA VAL J 16 23.01 2.34 -20.08
C VAL J 16 22.00 1.21 -20.32
N ASN J 17 21.52 0.59 -19.24
CA ASN J 17 20.49 -0.46 -19.27
C ASN J 17 19.14 0.22 -19.05
N THR J 18 18.35 0.35 -20.12
CA THR J 18 17.05 1.04 -20.12
C THR J 18 16.01 0.35 -19.24
N LEU J 19 15.92 -0.99 -19.29
CA LEU J 19 14.94 -1.75 -18.51
C LEU J 19 15.26 -1.74 -17.01
N GLU J 20 16.53 -1.94 -16.66
CA GLU J 20 16.99 -1.97 -15.26
C GLU J 20 17.23 -0.57 -14.68
N GLN J 21 17.29 0.47 -15.55
CA GLN J 21 17.56 1.89 -15.20
C GLN J 21 18.94 1.96 -14.50
N THR J 22 19.95 1.36 -15.17
CA THR J 22 21.33 1.22 -14.70
C THR J 22 22.33 1.81 -15.71
N TYR J 23 23.51 2.25 -15.21
CA TYR J 23 24.62 2.82 -15.99
C TYR J 23 25.94 2.50 -15.29
N LYS J 24 26.97 2.15 -16.08
CA LYS J 24 28.30 1.80 -15.56
C LYS J 24 29.18 3.05 -15.44
N VAL J 25 29.84 3.23 -14.27
CA VAL J 25 30.70 4.38 -13.98
C VAL J 25 32.09 3.90 -13.53
N ASP J 26 33.15 4.37 -14.23
CA ASP J 26 34.54 4.07 -13.91
C ASP J 26 35.20 5.34 -13.38
N GLY J 27 35.88 5.22 -12.24
CA GLY J 27 36.54 6.36 -11.63
C GLY J 27 37.43 6.05 -10.45
N TYR J 28 37.75 7.09 -9.66
CA TYR J 28 38.61 7.02 -8.46
C TYR J 28 37.98 7.73 -7.26
N ILE J 29 38.08 7.13 -6.06
CA ILE J 29 37.59 7.72 -4.80
C ILE J 29 38.80 8.15 -3.99
N VAL J 30 38.81 9.40 -3.50
CA VAL J 30 39.89 9.92 -2.68
C VAL J 30 39.28 10.45 -1.37
N ALA J 31 39.45 9.68 -0.27
CA ALA J 31 38.93 10.04 1.05
C ALA J 31 40.08 10.46 1.98
N GLN J 32 39.94 11.62 2.65
CA GLN J 32 40.97 12.14 3.54
C GLN J 32 40.40 12.53 4.89
N TRP J 33 41.04 12.06 5.97
CA TRP J 33 40.69 12.37 7.35
C TRP J 33 41.96 12.51 8.19
N THR J 34 41.97 13.43 9.16
CA THR J 34 43.14 13.66 10.01
C THR J 34 42.98 12.84 11.30
N GLY J 35 43.97 11.97 11.55
CA GLY J 35 44.00 11.11 12.72
C GLY J 35 45.10 11.49 13.69
N LYS J 36 45.59 10.50 14.47
CA LYS J 36 46.66 10.69 15.45
C LYS J 36 48.02 10.70 14.74
N PRO J 37 48.98 11.59 15.12
CA PRO J 37 50.29 11.62 14.44
C PRO J 37 51.03 10.27 14.50
N ARG J 38 51.71 9.92 13.40
CA ARG J 38 52.46 8.68 13.23
C ARG J 38 53.95 8.94 13.06
N LYS J 39 54.78 7.89 13.20
CA LYS J 39 56.22 7.98 13.01
C LYS J 39 56.58 7.19 11.74
N THR J 40 56.48 7.87 10.58
CA THR J 40 56.74 7.31 9.26
C THR J 40 58.27 7.16 9.02
N PRO J 41 58.73 6.13 8.24
CA PRO J 41 60.17 5.99 7.97
C PRO J 41 60.78 7.29 7.42
N GLY J 42 61.81 7.77 8.09
CA GLY J 42 62.45 9.04 7.77
C GLY J 42 61.59 10.15 8.32
N ASP J 43 60.75 10.74 7.45
CA ASP J 43 59.79 11.81 7.79
C ASP J 43 58.77 11.98 6.66
N LYS J 44 59.07 11.45 5.46
CA LYS J 44 58.21 11.53 4.28
C LYS J 44 56.97 10.61 4.45
N PRO J 45 55.80 10.96 3.86
CA PRO J 45 54.60 10.12 4.04
C PRO J 45 54.76 8.69 3.52
N LEU J 46 54.31 7.71 4.33
CA LEU J 46 54.39 6.28 4.02
C LEU J 46 53.24 5.83 3.12
N ILE J 47 53.57 5.05 2.08
CA ILE J 47 52.60 4.53 1.11
C ILE J 47 52.34 3.04 1.40
N VAL J 48 51.04 2.67 1.51
CA VAL J 48 50.57 1.30 1.75
C VAL J 48 49.70 0.88 0.55
N GLU J 49 50.08 -0.21 -0.15
CA GLU J 49 49.36 -0.67 -1.35
C GLU J 49 48.63 -1.99 -1.15
N ASN J 50 47.44 -2.09 -1.77
CA ASN J 50 46.49 -3.19 -1.87
C ASN J 50 46.45 -4.15 -0.65
N THR J 51 47.15 -5.30 -0.73
CA THR J 51 47.20 -6.37 0.27
C THR J 51 47.63 -5.87 1.65
N GLN J 52 48.63 -4.98 1.70
CA GLN J 52 49.20 -4.43 2.94
C GLN J 52 48.20 -3.54 3.72
N ILE J 53 47.17 -2.98 3.04
CA ILE J 53 46.15 -2.13 3.68
C ILE J 53 45.38 -2.96 4.73
N GLU J 54 45.01 -4.21 4.36
CA GLU J 54 44.29 -5.16 5.21
C GLU J 54 45.13 -5.52 6.45
N ARG J 55 46.46 -5.65 6.29
CA ARG J 55 47.42 -5.97 7.35
C ARG J 55 47.49 -4.87 8.41
N TRP J 56 47.41 -3.59 7.96
CA TRP J 56 47.46 -2.42 8.82
C TRP J 56 46.17 -2.27 9.65
N ILE J 57 45.01 -2.62 9.07
CA ILE J 57 43.68 -2.57 9.72
C ILE J 57 43.66 -3.59 10.87
N ASN J 58 44.23 -4.80 10.64
CA ASN J 58 44.34 -5.89 11.61
C ASN J 58 45.14 -5.44 12.84
N ASN J 59 46.18 -4.59 12.62
CA ASN J 59 47.03 -4.03 13.67
C ASN J 59 46.28 -2.96 14.46
N GLY J 60 45.33 -2.27 13.81
CA GLY J 60 44.52 -1.23 14.44
C GLY J 60 44.27 0.04 13.67
N LEU J 61 44.47 0.02 12.33
CA LEU J 61 44.22 1.21 11.50
C LEU J 61 42.72 1.35 11.26
N TRP J 62 42.17 2.54 11.53
CA TRP J 62 40.75 2.80 11.31
C TRP J 62 40.55 3.28 9.88
N VAL J 63 39.97 2.41 9.04
CA VAL J 63 39.63 2.72 7.65
C VAL J 63 38.11 2.51 7.53
N PRO J 64 37.33 3.61 7.47
CA PRO J 64 35.86 3.46 7.43
C PRO J 64 35.36 2.94 6.09
N ALA J 65 34.33 2.09 6.14
CA ALA J 65 33.72 1.53 4.93
C ALA J 65 32.68 2.51 4.40
N LEU J 66 32.99 3.15 3.28
CA LEU J 66 32.10 4.11 2.63
C LEU J 66 31.36 3.39 1.51
N GLU J 67 30.03 3.26 1.64
CA GLU J 67 29.22 2.53 0.68
C GLU J 67 28.53 3.42 -0.35
N PHE J 68 28.46 2.92 -1.61
CA PHE J 68 27.73 3.54 -2.70
C PHE J 68 26.28 3.07 -2.58
N ILE J 69 25.39 3.99 -2.18
CA ILE J 69 23.97 3.72 -1.92
C ILE J 69 23.25 3.21 -3.19
N ASN J 70 23.48 3.86 -4.34
CA ASN J 70 22.80 3.52 -5.59
C ASN J 70 23.52 2.46 -6.45
N VAL J 71 24.60 1.83 -5.93
CA VAL J 71 25.31 0.80 -6.71
C VAL J 71 24.49 -0.52 -6.71
N VAL J 72 24.57 -1.26 -7.83
CA VAL J 72 23.90 -2.54 -8.06
C VAL J 72 24.92 -3.64 -7.71
N GLY J 73 24.75 -4.23 -6.53
CA GLY J 73 25.63 -5.26 -6.00
C GLY J 73 26.91 -4.68 -5.43
N SER J 74 28.05 -5.31 -5.72
CA SER J 74 29.37 -4.87 -5.25
C SER J 74 30.21 -4.39 -6.43
N PRO J 75 30.85 -3.19 -6.34
CA PRO J 75 31.65 -2.70 -7.48
C PRO J 75 33.02 -3.36 -7.59
N ASP J 76 33.57 -3.35 -8.81
CA ASP J 76 34.90 -3.89 -9.11
C ASP J 76 35.95 -2.87 -8.69
N THR J 77 36.53 -3.10 -7.50
CA THR J 77 37.57 -2.24 -6.94
C THR J 77 38.92 -2.67 -7.50
N GLY J 78 39.62 -1.70 -8.09
CA GLY J 78 40.95 -1.92 -8.67
C GLY J 78 42.03 -1.80 -7.63
N ASN J 79 43.06 -0.97 -7.94
CA ASN J 79 44.18 -0.75 -7.05
C ASN J 79 43.78 0.11 -5.85
N LYS J 80 44.22 -0.29 -4.65
CA LYS J 80 43.96 0.39 -3.38
C LYS J 80 45.25 1.04 -2.89
N ARG J 81 45.14 2.21 -2.23
CA ARG J 81 46.30 2.94 -1.73
C ARG J 81 45.99 3.69 -0.44
N LEU J 82 46.90 3.61 0.53
CA LEU J 82 46.81 4.33 1.80
C LEU J 82 48.07 5.17 1.99
N MET J 83 47.90 6.49 2.01
CA MET J 83 49.02 7.40 2.21
C MET J 83 48.96 7.94 3.62
N LEU J 84 49.82 7.39 4.50
CA LEU J 84 49.89 7.75 5.91
C LEU J 84 50.94 8.83 6.11
N PHE J 85 50.51 9.98 6.67
CA PHE J 85 51.37 11.14 6.91
C PHE J 85 51.83 11.22 8.37
N PRO J 86 53.04 11.77 8.65
CA PRO J 86 53.49 11.85 10.05
C PRO J 86 52.68 12.83 10.92
N ASP J 87 52.03 13.83 10.28
CA ASP J 87 51.21 14.82 10.99
C ASP J 87 49.87 14.22 11.45
N GLY J 88 49.48 13.08 10.89
CA GLY J 88 48.27 12.38 11.26
C GLY J 88 47.30 12.03 10.16
N ARG J 89 47.14 12.93 9.15
CA ARG J 89 46.22 12.79 8.03
C ARG J 89 46.44 11.49 7.24
N VAL J 90 45.32 10.82 6.90
CA VAL J 90 45.28 9.55 6.18
C VAL J 90 44.51 9.74 4.87
N ILE J 91 45.12 9.38 3.73
CA ILE J 91 44.49 9.51 2.42
C ILE J 91 44.29 8.12 1.80
N TYR J 92 43.02 7.79 1.49
CA TYR J 92 42.65 6.52 0.87
C TYR J 92 42.30 6.77 -0.60
N ASN J 93 43.04 6.14 -1.52
CA ASN J 93 42.83 6.26 -2.96
C ASN J 93 42.61 4.87 -3.57
N ALA J 94 41.50 4.71 -4.31
CA ALA J 94 41.17 3.43 -4.96
C ALA J 94 40.34 3.62 -6.23
N ARG J 95 40.69 2.85 -7.29
CA ARG J 95 39.94 2.88 -8.56
C ARG J 95 38.71 2.00 -8.42
N PHE J 96 37.58 2.43 -8.98
CA PHE J 96 36.33 1.68 -8.90
C PHE J 96 35.59 1.64 -10.24
N LEU J 97 34.81 0.58 -10.43
CA LEU J 97 33.92 0.37 -11.56
C LEU J 97 32.66 -0.30 -11.02
N GLY J 98 31.55 0.41 -11.11
CA GLY J 98 30.28 -0.09 -10.61
C GLY J 98 29.08 0.26 -11.47
N SER J 99 28.03 -0.56 -11.36
CA SER J 99 26.76 -0.37 -12.05
C SER J 99 25.84 0.40 -11.11
N PHE J 100 25.52 1.66 -11.45
CA PHE J 100 24.71 2.51 -10.59
C PHE J 100 23.28 2.66 -11.11
N SER J 101 22.31 2.73 -10.17
CA SER J 101 20.89 2.87 -10.48
C SER J 101 20.36 4.26 -10.13
N ASN J 102 19.39 4.73 -10.93
CA ASN J 102 18.70 6.02 -10.78
C ASN J 102 17.39 5.98 -11.56
N ASP J 103 16.37 6.73 -11.08
CA ASP J 103 15.06 6.83 -11.75
C ASP J 103 15.27 7.50 -13.10
N MET J 104 15.04 6.74 -14.19
CA MET J 104 15.27 7.23 -15.55
C MET J 104 14.01 7.16 -16.40
N ASP J 105 13.64 8.30 -16.99
CA ASP J 105 12.47 8.47 -17.86
C ASP J 105 12.94 8.49 -19.32
N PHE J 106 12.53 7.47 -20.09
CA PHE J 106 12.89 7.34 -21.50
C PHE J 106 11.64 7.50 -22.40
N ARG J 107 10.63 8.24 -21.89
CA ARG J 107 9.35 8.47 -22.57
C ARG J 107 9.50 9.25 -23.89
N LEU J 108 10.29 10.34 -23.87
CA LEU J 108 10.49 11.19 -25.06
C LEU J 108 11.81 10.81 -25.79
N PHE J 109 12.01 9.50 -26.01
CA PHE J 109 13.15 8.92 -26.74
C PHE J 109 13.01 9.25 -28.24
N PRO J 110 14.11 9.53 -29.00
CA PRO J 110 15.53 9.53 -28.61
C PRO J 110 16.03 10.87 -28.08
N PHE J 111 15.12 11.79 -27.73
CA PHE J 111 15.48 13.12 -27.22
C PHE J 111 15.43 13.12 -25.69
N ASP J 112 16.14 12.15 -25.07
CA ASP J 112 16.21 11.93 -23.63
C ASP J 112 17.07 12.96 -22.90
N ARG J 113 16.64 13.31 -21.69
CA ARG J 113 17.32 14.18 -20.74
C ARG J 113 17.52 13.37 -19.47
N GLN J 114 18.71 12.79 -19.32
CA GLN J 114 19.03 11.93 -18.18
C GLN J 114 20.19 12.45 -17.35
N GLN J 115 20.13 12.22 -16.03
CA GLN J 115 21.19 12.63 -15.11
C GLN J 115 21.75 11.41 -14.38
N PHE J 116 23.08 11.23 -14.48
CA PHE J 116 23.80 10.13 -13.83
C PHE J 116 24.16 10.54 -12.42
N VAL J 117 23.59 9.84 -11.44
CA VAL J 117 23.74 10.13 -10.01
C VAL J 117 24.68 9.12 -9.33
N LEU J 118 25.43 9.61 -8.34
CA LEU J 118 26.34 8.86 -7.48
C LEU J 118 26.07 9.24 -6.03
N GLU J 119 25.77 8.26 -5.17
CA GLU J 119 25.44 8.52 -3.78
C GLU J 119 26.41 7.79 -2.84
N LEU J 120 27.16 8.57 -2.03
CA LEU J 120 28.12 8.05 -1.07
C LEU J 120 27.67 8.32 0.35
N GLU J 121 27.82 7.31 1.24
CA GLU J 121 27.42 7.39 2.65
C GLU J 121 28.20 6.36 3.48
N PRO J 122 28.67 6.70 4.72
CA PRO J 122 29.37 5.69 5.55
C PRO J 122 28.42 4.58 5.96
N PHE J 123 28.88 3.33 5.85
CA PHE J 123 28.06 2.15 6.12
C PHE J 123 27.72 1.94 7.60
N SER J 124 28.64 2.29 8.52
CA SER J 124 28.42 2.03 9.95
C SER J 124 28.34 3.27 10.83
N TYR J 125 29.21 4.27 10.58
CA TYR J 125 29.31 5.47 11.40
C TYR J 125 28.32 6.55 10.96
N ASN J 126 27.57 7.10 11.95
CA ASN J 126 26.56 8.14 11.75
C ASN J 126 27.19 9.55 11.63
N ASN J 127 26.36 10.60 11.46
CA ASN J 127 26.79 12.00 11.29
C ASN J 127 27.56 12.54 12.51
N GLN J 128 27.30 12.02 13.72
CA GLN J 128 27.97 12.44 14.94
C GLN J 128 29.33 11.75 15.08
N GLN J 129 29.54 10.62 14.36
CA GLN J 129 30.80 9.87 14.36
C GLN J 129 31.65 10.24 13.13
N LEU J 130 31.04 10.23 11.93
CA LEU J 130 31.68 10.56 10.65
C LEU J 130 30.87 11.60 9.90
N ARG J 131 31.52 12.71 9.52
CA ARG J 131 30.90 13.81 8.79
C ARG J 131 31.67 14.09 7.50
N PHE J 132 30.95 14.32 6.38
CA PHE J 132 31.58 14.66 5.11
C PHE J 132 31.79 16.16 5.06
N SER J 133 33.07 16.60 5.18
CA SER J 133 33.45 18.01 5.22
C SER J 133 33.21 18.70 3.87
N ASP J 134 33.77 18.16 2.76
CA ASP J 134 33.61 18.73 1.42
C ASP J 134 33.78 17.65 0.34
N ILE J 135 33.18 17.88 -0.84
CA ILE J 135 33.27 16.96 -1.98
C ILE J 135 33.40 17.75 -3.30
N GLN J 136 34.30 17.27 -4.18
CA GLN J 136 34.56 17.85 -5.49
C GLN J 136 34.73 16.74 -6.53
N VAL J 137 34.00 16.87 -7.65
CA VAL J 137 34.01 15.91 -8.76
C VAL J 137 34.79 16.47 -9.93
N TYR J 138 35.56 15.61 -10.61
CA TYR J 138 36.37 16.00 -11.75
C TYR J 138 36.02 15.15 -12.97
N THR J 139 35.18 15.71 -13.84
CA THR J 139 34.75 15.08 -15.09
C THR J 139 35.69 15.57 -16.18
N GLU J 140 36.80 14.84 -16.37
CA GLU J 140 37.86 15.16 -17.34
C GLU J 140 37.45 14.73 -18.77
N ASN J 141 36.16 14.88 -19.09
CA ASN J 141 35.57 14.54 -20.38
C ASN J 141 35.27 15.82 -21.15
N ILE J 142 35.89 15.97 -22.34
CA ILE J 142 35.74 17.13 -23.22
C ILE J 142 35.98 16.75 -24.69
N ASP J 143 35.29 17.46 -25.62
CA ASP J 143 35.35 17.31 -27.10
C ASP J 143 34.85 15.92 -27.58
N ASN J 144 34.71 15.77 -28.92
CA ASN J 144 34.27 14.56 -29.64
C ASN J 144 32.89 14.09 -29.14
N GLU J 145 31.90 15.02 -29.12
CA GLU J 145 30.53 14.73 -28.69
C GLU J 145 29.79 13.89 -29.72
N GLU J 146 30.02 14.17 -31.03
CA GLU J 146 29.40 13.49 -32.16
C GLU J 146 29.80 12.00 -32.27
N ILE J 147 30.91 11.60 -31.59
CA ILE J 147 31.42 10.23 -31.54
C ILE J 147 30.77 9.47 -30.36
N ASP J 148 30.63 10.15 -29.20
CA ASP J 148 30.04 9.57 -27.99
C ASP J 148 28.51 9.48 -28.10
N GLU J 149 27.92 8.46 -27.44
CA GLU J 149 26.48 8.20 -27.41
C GLU J 149 25.72 9.27 -26.62
N TRP J 150 26.32 9.77 -25.52
CA TRP J 150 25.72 10.78 -24.65
C TRP J 150 26.52 12.08 -24.65
N TRP J 151 25.81 13.21 -24.50
CA TRP J 151 26.41 14.54 -24.48
C TRP J 151 26.31 15.16 -23.09
N ILE J 152 27.44 15.23 -22.37
CA ILE J 152 27.52 15.82 -21.02
C ILE J 152 27.44 17.35 -21.17
N ARG J 153 26.51 17.98 -20.43
CA ARG J 153 26.30 19.42 -20.51
C ARG J 153 26.88 20.15 -19.29
N GLY J 154 26.45 19.75 -18.09
CA GLY J 154 26.94 20.35 -16.85
C GLY J 154 28.30 19.82 -16.44
N LYS J 155 29.03 20.58 -15.60
CA LYS J 155 30.36 20.18 -15.13
C LYS J 155 30.23 19.01 -14.13
N ALA J 156 29.39 19.21 -13.07
CA ALA J 156 29.05 18.26 -11.99
C ALA J 156 28.29 18.99 -10.88
N SER J 157 27.17 18.41 -10.42
CA SER J 157 26.37 18.97 -9.33
C SER J 157 26.57 18.15 -8.06
N THR J 158 26.98 18.80 -6.96
CA THR J 158 27.23 18.13 -5.68
C THR J 158 26.31 18.63 -4.58
N HIS J 159 25.99 17.75 -3.61
CA HIS J 159 25.13 18.07 -2.48
C HIS J 159 25.42 17.14 -1.29
N ILE J 160 25.89 17.73 -0.16
CA ILE J 160 26.14 17.02 1.09
C ILE J 160 24.94 17.31 1.99
N SER J 161 24.24 16.25 2.41
CA SER J 161 23.04 16.36 3.25
C SER J 161 22.99 15.25 4.29
N ASP J 162 22.26 15.50 5.40
CA ASP J 162 22.08 14.52 6.47
C ASP J 162 20.77 13.78 6.25
N ILE J 163 20.87 12.45 6.03
CA ILE J 163 19.73 11.58 5.78
C ILE J 163 19.32 10.93 7.11
N ARG J 164 18.04 11.07 7.47
CA ARG J 164 17.48 10.47 8.68
C ARG J 164 16.58 9.31 8.29
N TYR J 165 16.82 8.15 8.90
CA TYR J 165 16.06 6.93 8.64
C TYR J 165 14.91 6.80 9.64
N ASP J 166 13.72 6.38 9.13
CA ASP J 166 12.50 6.21 9.93
C ASP J 166 12.64 5.05 10.92
N HIS J 167 13.05 3.86 10.43
CA HIS J 167 13.30 2.58 11.10
C HIS J 167 12.17 2.08 12.04
N LEU J 168 11.61 2.95 12.92
CA LEU J 168 10.56 2.68 13.92
C LEU J 168 11.12 1.83 15.07
N SER J 169 11.05 2.36 16.32
CA SER J 169 11.51 1.80 17.59
C SER J 169 13.02 1.46 17.56
N SER J 170 13.42 0.19 17.30
CA SER J 170 14.79 -0.35 17.22
C SER J 170 15.59 -0.10 18.55
N VAL J 171 16.95 -0.12 18.47
CA VAL J 171 17.83 0.07 19.63
C VAL J 171 18.41 1.50 19.68
N GLN J 172 18.82 2.05 18.51
CA GLN J 172 19.38 3.41 18.39
C GLN J 172 18.26 4.47 18.49
N PRO J 173 18.31 5.40 19.49
CA PRO J 173 17.23 6.39 19.61
C PRO J 173 17.45 7.63 18.72
N ASN J 174 18.23 8.63 19.19
CA ASN J 174 18.51 9.88 18.47
C ASN J 174 19.50 9.68 17.32
N GLN J 175 20.54 8.83 17.52
CA GLN J 175 21.57 8.53 16.53
C GLN J 175 20.98 7.72 15.35
N ASN J 176 20.37 8.43 14.39
CA ASN J 176 19.73 7.85 13.21
C ASN J 176 19.92 8.76 11.99
N GLU J 177 20.92 9.65 12.04
CA GLU J 177 21.24 10.61 10.98
C GLU J 177 22.62 10.31 10.39
N PHE J 178 22.72 10.23 9.05
CA PHE J 178 23.96 9.92 8.31
C PHE J 178 24.23 10.95 7.22
N SER J 179 25.50 11.41 7.10
CA SER J 179 25.90 12.37 6.08
C SER J 179 26.04 11.66 4.72
N ARG J 180 25.40 12.21 3.66
CA ARG J 180 25.41 11.60 2.33
C ARG J 180 25.81 12.60 1.24
N ILE J 181 26.75 12.18 0.37
CA ILE J 181 27.21 12.92 -0.79
C ILE J 181 26.38 12.49 -2.00
N THR J 182 25.78 13.45 -2.71
CA THR J 182 24.99 13.16 -3.90
C THR J 182 25.61 13.92 -5.07
N VAL J 183 26.10 13.17 -6.07
CA VAL J 183 26.73 13.69 -7.28
C VAL J 183 25.78 13.52 -8.45
N ARG J 184 25.52 14.60 -9.21
CA ARG J 184 24.62 14.57 -10.36
C ARG J 184 25.30 15.11 -11.61
N ILE J 185 25.31 14.32 -12.69
CA ILE J 185 25.90 14.70 -13.98
C ILE J 185 24.80 14.62 -15.05
N ASP J 186 24.32 15.79 -15.51
CA ASP J 186 23.26 15.89 -16.52
C ASP J 186 23.80 15.59 -17.92
N ALA J 187 23.01 14.86 -18.73
CA ALA J 187 23.37 14.48 -20.10
C ALA J 187 22.17 14.44 -21.05
N VAL J 188 22.45 14.62 -22.35
CA VAL J 188 21.46 14.58 -23.43
C VAL J 188 21.91 13.52 -24.45
N ARG J 189 20.98 12.65 -24.87
CA ARG J 189 21.24 11.58 -25.84
C ARG J 189 21.48 12.15 -27.24
N ASN J 190 22.43 11.55 -27.99
CA ASN J 190 22.77 11.92 -29.37
C ASN J 190 21.68 11.33 -30.30
N PRO J 191 20.79 12.15 -30.90
CA PRO J 191 19.71 11.57 -31.72
C PRO J 191 20.02 11.48 -33.22
N SER J 192 21.26 11.81 -33.64
CA SER J 192 21.73 11.80 -35.05
C SER J 192 21.50 10.46 -35.75
N TYR J 193 21.68 9.32 -35.05
CA TYR J 193 21.48 7.99 -35.64
C TYR J 193 19.98 7.70 -35.79
N TYR J 194 19.21 7.87 -34.70
CA TYR J 194 17.78 7.59 -34.64
C TYR J 194 16.95 8.53 -35.53
N LEU J 195 17.40 9.77 -35.77
CA LEU J 195 16.67 10.71 -36.62
C LEU J 195 16.80 10.34 -38.10
N TRP J 196 18.03 10.03 -38.54
CA TRP J 196 18.32 9.71 -39.94
C TRP J 196 18.00 8.25 -40.30
N SER J 197 18.26 7.27 -39.39
CA SER J 197 18.03 5.86 -39.68
C SER J 197 16.68 5.31 -39.18
N PHE J 198 15.92 6.06 -38.36
CA PHE J 198 14.64 5.56 -37.88
C PHE J 198 13.49 6.54 -38.10
N ILE J 199 13.65 7.84 -37.76
CA ILE J 199 12.59 8.85 -37.92
C ILE J 199 12.36 9.16 -39.41
N LEU J 200 13.44 9.56 -40.12
CA LEU J 200 13.42 9.92 -41.55
C LEU J 200 12.86 8.80 -42.45
N PRO J 201 13.33 7.51 -42.41
CA PRO J 201 12.74 6.51 -43.32
C PRO J 201 11.29 6.18 -42.98
N LEU J 202 10.91 6.19 -41.67
CA LEU J 202 9.55 5.92 -41.22
C LEU J 202 8.61 6.99 -41.76
N GLY J 203 9.05 8.25 -41.76
CA GLY J 203 8.31 9.38 -42.28
C GLY J 203 7.97 9.22 -43.74
N LEU J 204 8.91 8.64 -44.53
CA LEU J 204 8.76 8.37 -45.96
C LEU J 204 7.76 7.23 -46.19
N ILE J 205 7.69 6.23 -45.27
CA ILE J 205 6.75 5.10 -45.33
C ILE J 205 5.31 5.63 -45.23
N ILE J 206 5.04 6.50 -44.22
CA ILE J 206 3.74 7.11 -43.97
C ILE J 206 3.38 8.07 -45.11
N ALA J 207 4.39 8.80 -45.66
CA ALA J 207 4.22 9.74 -46.77
C ALA J 207 3.83 9.00 -48.05
N ALA J 208 4.47 7.83 -48.31
CA ALA J 208 4.17 6.98 -49.46
C ALA J 208 2.88 6.20 -49.24
N SER J 209 2.45 6.02 -47.97
CA SER J 209 1.21 5.34 -47.59
C SER J 209 -0.01 6.12 -48.08
N TRP J 210 0.09 7.45 -48.11
CA TRP J 210 -0.97 8.36 -48.53
C TRP J 210 -1.09 8.44 -50.06
N SER J 211 -0.08 7.91 -50.81
CA SER J 211 -0.06 7.90 -52.27
C SER J 211 -0.93 6.76 -52.87
N VAL J 212 -1.61 5.99 -52.00
CA VAL J 212 -2.49 4.88 -52.38
C VAL J 212 -3.80 5.42 -53.03
N PHE J 213 -4.18 6.68 -52.74
CA PHE J 213 -5.39 7.30 -53.28
C PHE J 213 -5.19 7.81 -54.71
N TRP J 214 -3.93 7.90 -55.18
CA TRP J 214 -3.62 8.32 -56.54
C TRP J 214 -3.88 7.21 -57.56
N LEU J 215 -4.19 5.97 -57.08
CA LEU J 215 -4.53 4.82 -57.91
C LEU J 215 -5.94 4.99 -58.49
N GLU J 216 -6.18 4.45 -59.71
CA GLU J 216 -7.46 4.60 -60.41
C GLU J 216 -8.51 3.58 -59.95
N SER J 217 -8.24 2.27 -60.08
CA SER J 217 -9.17 1.19 -59.73
C SER J 217 -9.28 0.97 -58.22
N PHE J 218 -10.48 0.56 -57.75
CA PHE J 218 -10.78 0.25 -56.35
C PHE J 218 -9.99 -0.98 -55.88
N SER J 219 -9.86 -1.99 -56.77
CA SER J 219 -9.10 -3.22 -56.53
C SER J 219 -7.63 -2.91 -56.30
N GLU J 220 -7.10 -1.94 -57.07
CA GLU J 220 -5.71 -1.46 -56.97
C GLU J 220 -5.52 -0.70 -55.66
N ARG J 221 -6.48 0.19 -55.32
CA ARG J 221 -6.50 1.01 -54.11
C ARG J 221 -6.54 0.17 -52.83
N LEU J 222 -7.27 -0.97 -52.85
CA LEU J 222 -7.41 -1.84 -51.69
C LEU J 222 -6.23 -2.80 -51.52
N GLN J 223 -5.82 -3.51 -52.61
CA GLN J 223 -4.72 -4.49 -52.57
C GLN J 223 -3.36 -3.87 -52.20
N THR J 224 -3.12 -2.61 -52.59
CA THR J 224 -1.87 -1.88 -52.30
C THR J 224 -1.79 -1.54 -50.80
N SER J 225 -2.93 -1.21 -50.16
CA SER J 225 -2.97 -0.88 -48.72
C SER J 225 -2.64 -2.10 -47.83
N PHE J 226 -2.78 -3.33 -48.38
CA PHE J 226 -2.43 -4.57 -47.66
C PHE J 226 -0.91 -4.73 -47.65
N THR J 227 -0.24 -4.33 -48.76
CA THR J 227 1.22 -4.35 -48.90
C THR J 227 1.79 -3.25 -48.00
N LEU J 228 1.08 -2.10 -47.90
CA LEU J 228 1.40 -0.95 -47.06
C LEU J 228 1.36 -1.34 -45.58
N MET J 229 0.35 -2.17 -45.20
CA MET J 229 0.14 -2.70 -43.86
C MET J 229 1.33 -3.60 -43.48
N LEU J 230 1.74 -4.48 -44.42
CA LEU J 230 2.86 -5.41 -44.30
C LEU J 230 4.20 -4.67 -44.17
N THR J 231 4.31 -3.47 -44.79
CA THR J 231 5.52 -2.64 -44.75
C THR J 231 5.73 -2.08 -43.33
N VAL J 232 4.63 -1.64 -42.67
CA VAL J 232 4.67 -1.10 -41.32
C VAL J 232 4.97 -2.24 -40.32
N VAL J 233 4.43 -3.46 -40.56
CA VAL J 233 4.68 -4.64 -39.72
C VAL J 233 6.17 -4.99 -39.80
N ALA J 234 6.75 -4.97 -41.01
CA ALA J 234 8.17 -5.23 -41.27
C ALA J 234 9.05 -4.15 -40.64
N TYR J 235 8.55 -2.89 -40.60
CA TYR J 235 9.27 -1.77 -40.01
C TYR J 235 9.17 -1.79 -38.48
N ALA J 236 7.98 -2.10 -37.92
CA ALA J 236 7.73 -2.19 -36.47
C ALA J 236 8.64 -3.23 -35.84
N PHE J 237 8.93 -4.31 -36.60
CA PHE J 237 9.82 -5.39 -36.21
C PHE J 237 11.28 -4.90 -36.26
N TYR J 238 11.66 -4.16 -37.34
CA TYR J 238 12.99 -3.57 -37.53
C TYR J 238 13.30 -2.58 -36.41
N THR J 239 12.29 -1.81 -35.97
CA THR J 239 12.40 -0.80 -34.92
C THR J 239 12.64 -1.47 -33.56
N SER J 240 11.67 -2.30 -33.11
CA SER J 240 11.66 -3.00 -31.82
C SER J 240 12.89 -3.90 -31.56
N ASN J 241 13.48 -4.48 -32.62
CA ASN J 241 14.65 -5.37 -32.50
C ASN J 241 15.94 -4.60 -32.19
N ILE J 242 16.08 -3.37 -32.73
CA ILE J 242 17.28 -2.54 -32.54
C ILE J 242 17.09 -1.57 -31.35
N LEU J 243 15.91 -0.92 -31.26
CA LEU J 243 15.56 0.04 -30.21
C LEU J 243 15.55 -0.61 -28.80
N PRO J 244 15.89 0.17 -27.74
CA PRO J 244 15.94 -0.42 -26.39
C PRO J 244 14.58 -0.87 -25.85
N ARG J 245 14.58 -1.98 -25.09
CA ARG J 245 13.39 -2.58 -24.47
C ARG J 245 12.94 -1.72 -23.29
N LEU J 246 11.66 -1.31 -23.31
CA LEU J 246 11.07 -0.44 -22.28
C LEU J 246 9.64 -0.86 -21.91
N PRO J 247 9.16 -0.58 -20.67
CA PRO J 247 7.79 -0.96 -20.31
C PRO J 247 6.74 0.10 -20.67
N TYR J 248 7.11 1.07 -21.53
CA TYR J 248 6.23 2.16 -22.00
C TYR J 248 6.58 2.57 -23.43
N THR J 249 5.59 3.16 -24.15
CA THR J 249 5.74 3.60 -25.55
C THR J 249 6.53 4.91 -25.66
N THR J 250 7.43 4.97 -26.66
CA THR J 250 8.27 6.13 -26.96
C THR J 250 7.66 6.94 -28.12
N VAL J 251 8.34 8.01 -28.57
CA VAL J 251 7.90 8.86 -29.68
C VAL J 251 7.91 8.03 -30.99
N ILE J 252 8.97 7.21 -31.18
CA ILE J 252 9.14 6.33 -32.34
C ILE J 252 8.07 5.22 -32.29
N ASP J 253 7.77 4.69 -31.09
CA ASP J 253 6.74 3.65 -30.89
C ASP J 253 5.35 4.21 -31.22
N GLN J 254 5.08 5.48 -30.85
CA GLN J 254 3.82 6.18 -31.11
C GLN J 254 3.63 6.44 -32.61
N MET J 255 4.74 6.71 -33.33
CA MET J 255 4.77 6.94 -34.78
C MET J 255 4.32 5.69 -35.55
N ILE J 256 4.70 4.51 -35.03
CA ILE J 256 4.39 3.18 -35.57
C ILE J 256 2.86 2.96 -35.49
N ILE J 257 2.25 3.29 -34.32
CA ILE J 257 0.81 3.16 -34.06
C ILE J 257 0.03 4.08 -35.02
N ALA J 258 0.57 5.30 -35.23
CA ALA J 258 0.01 6.31 -36.13
C ALA J 258 0.03 5.82 -37.59
N GLY J 259 1.04 5.03 -37.93
CA GLY J 259 1.20 4.42 -39.25
C GLY J 259 0.15 3.36 -39.53
N TYR J 260 -0.12 2.50 -38.52
CA TYR J 260 -1.14 1.45 -38.56
C TYR J 260 -2.53 2.07 -38.70
N GLY J 261 -2.76 3.17 -37.96
CA GLY J 261 -4.01 3.92 -37.95
C GLY J 261 -4.30 4.59 -39.28
N SER J 262 -3.25 5.18 -39.90
CA SER J 262 -3.32 5.85 -41.20
C SER J 262 -3.76 4.88 -42.30
N ILE J 263 -3.23 3.64 -42.28
CA ILE J 263 -3.53 2.60 -43.26
C ILE J 263 -4.94 2.05 -42.98
N PHE J 264 -5.29 1.83 -41.70
CA PHE J 264 -6.62 1.32 -41.33
C PHE J 264 -7.72 2.33 -41.65
N ALA J 265 -7.42 3.65 -41.51
CA ALA J 265 -8.37 4.72 -41.85
C ALA J 265 -8.58 4.77 -43.36
N ALA J 266 -7.50 4.50 -44.13
CA ALA J 266 -7.50 4.45 -45.60
C ALA J 266 -8.33 3.26 -46.08
N ILE J 267 -8.17 2.08 -45.43
CA ILE J 267 -8.90 0.83 -45.73
C ILE J 267 -10.41 1.09 -45.62
N LEU J 268 -10.86 1.75 -44.52
CA LEU J 268 -12.26 2.08 -44.26
C LEU J 268 -12.80 3.07 -45.30
N LEU J 269 -12.01 4.10 -45.66
CA LEU J 269 -12.40 5.13 -46.63
C LEU J 269 -12.50 4.59 -48.06
N ILE J 270 -11.60 3.67 -48.45
CA ILE J 270 -11.58 3.05 -49.79
C ILE J 270 -12.83 2.18 -49.95
N ILE J 271 -13.23 1.44 -48.89
CA ILE J 271 -14.43 0.59 -48.87
C ILE J 271 -15.68 1.49 -48.93
N PHE J 272 -15.70 2.57 -48.11
CA PHE J 272 -16.81 3.53 -48.02
C PHE J 272 -17.02 4.26 -49.36
N ALA J 273 -15.93 4.64 -50.05
CA ALA J 273 -15.98 5.36 -51.34
C ALA J 273 -16.69 4.53 -52.43
N HIS J 274 -16.41 3.22 -52.47
CA HIS J 274 -16.95 2.29 -53.47
C HIS J 274 -18.36 1.78 -53.14
N HIS J 275 -18.67 1.54 -51.84
CA HIS J 275 -19.96 0.98 -51.45
C HIS J 275 -21.02 2.02 -51.07
N ARG J 276 -20.63 3.24 -50.64
CA ARG J 276 -21.62 4.30 -50.38
C ARG J 276 -21.84 4.99 -51.72
N GLN J 277 -22.82 4.46 -52.48
CA GLN J 277 -23.13 4.88 -53.84
C GLN J 277 -24.64 4.96 -54.10
N ALA J 278 -25.01 5.35 -55.34
CA ALA J 278 -26.38 5.48 -55.82
C ALA J 278 -26.64 4.54 -57.01
N ASN J 279 -25.56 3.92 -57.57
CA ASN J 279 -25.64 3.01 -58.71
C ASN J 279 -24.88 1.69 -58.44
N GLY J 280 -23.63 1.78 -57.97
CA GLY J 280 -22.78 0.62 -57.69
C GLY J 280 -21.31 0.95 -57.59
N VAL J 281 -20.78 1.65 -58.62
CA VAL J 281 -19.36 2.05 -58.68
C VAL J 281 -19.27 3.61 -58.62
N GLU J 282 -20.26 4.25 -57.95
CA GLU J 282 -20.29 5.71 -57.77
C GLU J 282 -19.32 6.09 -56.67
N ASP J 283 -18.04 6.25 -57.04
CA ASP J 283 -16.98 6.65 -56.13
C ASP J 283 -17.05 8.16 -55.97
N ASP J 284 -17.36 8.63 -54.74
CA ASP J 284 -17.49 10.05 -54.40
C ASP J 284 -16.21 10.80 -54.78
N LEU J 285 -16.30 11.63 -55.84
CA LEU J 285 -15.22 12.42 -56.44
C LEU J 285 -14.42 13.26 -55.44
N LEU J 286 -15.01 13.58 -54.26
CA LEU J 286 -14.37 14.35 -53.20
C LEU J 286 -13.68 13.43 -52.18
N ILE J 287 -14.37 12.33 -51.77
CA ILE J 287 -13.83 11.40 -50.78
C ILE J 287 -12.74 10.49 -51.41
N GLN J 288 -12.79 10.25 -52.74
CA GLN J 288 -11.77 9.45 -53.43
C GLN J 288 -10.53 10.32 -53.68
N ARG J 289 -10.71 11.65 -53.69
CA ARG J 289 -9.66 12.65 -53.87
C ARG J 289 -9.27 13.24 -52.51
N CYS J 290 -9.17 12.38 -51.47
CA CYS J 290 -8.78 12.77 -50.12
C CYS J 290 -7.23 12.72 -50.01
N ARG J 291 -6.55 12.94 -51.15
CA ARG J 291 -5.10 12.96 -51.35
C ARG J 291 -4.44 14.11 -50.58
N LEU J 292 -5.26 15.06 -50.09
CA LEU J 292 -4.82 16.22 -49.31
C LEU J 292 -5.69 16.42 -48.06
N ALA J 293 -6.82 15.69 -47.94
CA ALA J 293 -7.76 15.80 -46.81
C ALA J 293 -7.16 15.29 -45.49
N PHE J 294 -6.87 13.96 -45.37
CA PHE J 294 -6.30 13.43 -44.13
C PHE J 294 -4.74 13.52 -44.09
N PRO J 295 -3.95 13.58 -45.22
CA PRO J 295 -2.48 13.72 -45.07
C PRO J 295 -2.07 14.92 -44.21
N LEU J 296 -2.78 16.09 -44.34
CA LEU J 296 -2.52 17.27 -43.51
C LEU J 296 -3.25 17.11 -42.15
N GLY J 297 -4.27 16.26 -42.11
CA GLY J 297 -5.02 15.94 -40.90
C GLY J 297 -4.18 15.09 -39.96
N PHE J 298 -3.24 14.31 -40.54
CA PHE J 298 -2.26 13.47 -39.82
C PHE J 298 -1.25 14.39 -39.13
N LEU J 299 -0.90 15.52 -39.79
CA LEU J 299 0.00 16.55 -39.28
C LEU J 299 -0.65 17.30 -38.11
N ALA J 300 -2.00 17.45 -38.15
CA ALA J 300 -2.79 18.07 -37.08
C ALA J 300 -2.76 17.18 -35.84
N ILE J 301 -2.82 15.83 -36.05
CA ILE J 301 -2.73 14.80 -35.00
C ILE J 301 -1.27 14.77 -34.50
N GLY J 302 -0.32 15.01 -35.42
CA GLY J 302 1.11 15.08 -35.14
C GLY J 302 1.47 16.26 -34.24
N CYS J 303 0.73 17.38 -34.39
CA CYS J 303 0.89 18.61 -33.59
C CYS J 303 0.28 18.44 -32.21
N VAL J 304 -0.76 17.58 -32.08
CA VAL J 304 -1.46 17.26 -30.82
C VAL J 304 -0.51 16.43 -29.93
N LEU J 305 0.30 15.54 -30.54
CA LEU J 305 1.30 14.68 -29.86
C LEU J 305 2.42 15.51 -29.20
N VAL J 306 2.71 16.71 -29.74
CA VAL J 306 3.72 17.66 -29.23
C VAL J 306 3.19 18.30 -27.92
N ILE J 307 1.89 18.65 -27.88
CA ILE J 307 1.21 19.25 -26.73
C ILE J 307 1.04 18.20 -25.64
#